data_1SEJ
#
_entry.id   1SEJ
#
_cell.length_a   214.900
_cell.length_b   116.300
_cell.length_c   219.700
_cell.angle_alpha   90.00
_cell.angle_beta   95.23
_cell.angle_gamma   90.00
#
_symmetry.space_group_name_H-M   'C 1 2 1'
#
loop_
_entity.id
_entity.type
_entity.pdbx_description
1 polymer 'bifunctional dihydrofolate reductase-thymidylate synthase'
2 non-polymer "2'-DEOXYURIDINE 5'-MONOPHOSPHATE"
3 non-polymer 'S)-2-(5(((1,2-DIHYDRO-3-METHYL-1-OXOBENZO(F)QUINAZOLIN-9-YL)METHYL)AMINO)1-OXO-2-ISOINDOLINYL)GLUTARIC ACID'
4 non-polymer 'NADPH DIHYDRO-NICOTINAMIDE-ADENINE-DINUCLEOTIDE PHOSPHATE'
5 water water
#
_entity_poly.entity_id   1
_entity_poly.type   'polypeptide(L)'
_entity_poly.pdbx_seq_one_letter_code
;MSEKNVSIVVAASVLSSGIGINGQLPWSISEDLKFFSKITNNKCDSNKKNALIMGRKTWDSIGRRPLKNRIIVVISSSLP
QDEADPNVVVFRNLEDSIENLMNDDSIENIFVCGGESIYRDALKDNFVDRIYLTRVALEDIEFDTYFPEIPETFLPVYMS
QTFCTKNISYDFMIFEKQEKKTLQNCDPARGQLKSIDDTVDLLGEIFGIRKMGNRHKFPKEEIYNTPSIRFGREHYEFQY
LDLLSRVLENGAYRENRTGISTYSIFGQMMRFDMRESFPLLTTKKVAIRSIFEELIWFIKGDTNGNHLIEKKVYIWSGNG
SKEYLERIGLGHREENDLGPIYGFQWRHYNGEYKTMHDDYTGVGVDQLAKLIETLKNNPKDRRHILTAWNPSALSQMALP
PCHVLSQYYVTNDNCLSCNLYQRSCDLGLGSPFNIASYAILTMMLAQVCGYEPGELAIFIGDAHIYENHLTQLKEQLSRT
PRPFPQLKFKRKVENIEDFKWEDIELIGYYPYPTIKMDMAV
;
_entity_poly.pdbx_strand_id   A,B,C,D,E
#
# COMPACT_ATOMS: atom_id res chain seq x y z
N GLU A 3 -19.68 23.20 -21.99
CA GLU A 3 -18.32 23.32 -21.37
C GLU A 3 -17.54 22.00 -21.45
N LYS A 4 -16.57 21.96 -22.36
CA LYS A 4 -15.72 20.78 -22.54
C LYS A 4 -14.40 20.99 -21.80
N ASN A 5 -13.61 19.94 -21.67
CA ASN A 5 -12.34 20.06 -20.99
C ASN A 5 -11.15 20.15 -21.94
N VAL A 6 -10.21 21.03 -21.63
CA VAL A 6 -9.02 21.20 -22.46
C VAL A 6 -7.77 20.90 -21.66
N SER A 7 -7.08 19.82 -22.01
CA SER A 7 -5.87 19.43 -21.31
C SER A 7 -4.64 19.43 -22.19
N ILE A 8 -3.52 19.86 -21.62
CA ILE A 8 -2.29 19.86 -22.36
C ILE A 8 -1.58 18.54 -22.07
N VAL A 9 -0.93 17.99 -23.08
CA VAL A 9 -0.17 16.77 -22.90
C VAL A 9 1.20 17.07 -23.49
N VAL A 10 2.25 16.93 -22.67
CA VAL A 10 3.59 17.22 -23.13
C VAL A 10 4.64 16.51 -22.30
N ALA A 11 5.81 16.30 -22.90
CA ALA A 11 6.94 15.68 -22.22
C ALA A 11 8.10 16.64 -22.45
N ALA A 12 8.70 17.13 -21.36
CA ALA A 12 9.82 18.06 -21.47
C ALA A 12 10.94 17.71 -20.49
N SER A 13 12.17 18.03 -20.84
CA SER A 13 13.30 17.77 -19.96
C SER A 13 13.06 18.45 -18.60
N VAL A 14 13.50 17.79 -17.55
CA VAL A 14 13.32 18.27 -16.19
C VAL A 14 13.81 19.68 -15.87
N LEU A 15 14.96 20.08 -16.42
CA LEU A 15 15.49 21.40 -16.10
C LEU A 15 15.16 22.56 -17.05
N SER A 16 15.31 22.36 -18.35
CA SER A 16 15.03 23.46 -19.26
C SER A 16 13.75 23.31 -20.06
N SER A 17 13.01 22.26 -19.78
CA SER A 17 11.75 22.01 -20.47
C SER A 17 11.91 21.84 -21.98
N GLY A 18 12.98 21.17 -22.40
CA GLY A 18 13.16 20.95 -23.82
C GLY A 18 12.18 19.89 -24.27
N ILE A 19 11.55 20.10 -25.42
CA ILE A 19 10.58 19.13 -25.92
C ILE A 19 10.83 18.68 -27.35
N GLY A 20 11.73 19.36 -28.04
CA GLY A 20 12.00 18.98 -29.41
C GLY A 20 13.36 19.38 -29.95
N ILE A 21 13.80 18.68 -30.98
CA ILE A 21 15.06 18.93 -31.63
C ILE A 21 14.98 18.45 -33.08
N ASN A 22 15.23 19.37 -34.01
CA ASN A 22 15.18 19.10 -35.44
C ASN A 22 13.94 18.29 -35.81
N GLY A 23 12.78 18.81 -35.40
CA GLY A 23 11.51 18.17 -35.71
C GLY A 23 11.26 16.79 -35.12
N GLN A 24 11.96 16.45 -34.05
CA GLN A 24 11.79 15.15 -33.43
C GLN A 24 11.83 15.34 -31.93
N LEU A 25 11.49 14.29 -31.19
CA LEU A 25 11.56 14.36 -29.74
C LEU A 25 13.05 14.21 -29.46
N PRO A 26 13.53 14.76 -28.35
CA PRO A 26 14.96 14.60 -28.09
C PRO A 26 15.31 13.32 -27.35
N TRP A 27 14.44 12.33 -27.43
CA TRP A 27 14.63 11.05 -26.76
C TRP A 27 13.60 10.05 -27.29
N SER A 28 13.78 8.79 -26.97
CA SER A 28 12.84 7.77 -27.40
C SER A 28 12.40 6.88 -26.25
N ILE A 29 11.25 7.21 -25.65
CA ILE A 29 10.71 6.43 -24.53
C ILE A 29 9.32 5.93 -24.93
N SER A 30 9.20 4.65 -25.24
CA SER A 30 7.91 4.11 -25.67
C SER A 30 6.82 4.15 -24.63
N GLU A 31 7.14 3.89 -23.38
CA GLU A 31 6.11 3.94 -22.36
C GLU A 31 5.43 5.31 -22.38
N ASP A 32 6.17 6.35 -22.74
CA ASP A 32 5.59 7.68 -22.78
C ASP A 32 4.71 7.86 -24.01
N LEU A 33 5.07 7.25 -25.12
CA LEU A 33 4.22 7.37 -26.31
C LEU A 33 2.98 6.59 -25.94
N LYS A 34 3.19 5.47 -25.28
CA LYS A 34 2.10 4.62 -24.83
C LYS A 34 1.19 5.42 -23.89
N PHE A 35 1.79 6.22 -23.02
CA PHE A 35 1.00 7.04 -22.11
C PHE A 35 0.20 8.05 -22.92
N PHE A 36 0.91 8.82 -23.75
CA PHE A 36 0.27 9.82 -24.57
C PHE A 36 -0.95 9.26 -25.25
N SER A 37 -0.83 8.03 -25.75
CA SER A 37 -1.93 7.40 -26.44
C SER A 37 -3.07 7.10 -25.50
N LYS A 38 -2.77 6.50 -24.36
CA LYS A 38 -3.79 6.15 -23.38
C LYS A 38 -4.58 7.37 -22.92
N ILE A 39 -3.87 8.39 -22.47
CA ILE A 39 -4.51 9.58 -21.98
C ILE A 39 -5.37 10.32 -23.01
N THR A 40 -4.86 10.49 -24.23
CA THR A 40 -5.62 11.21 -25.26
C THR A 40 -6.71 10.39 -25.91
N ASN A 41 -6.81 9.13 -25.54
CA ASN A 41 -7.83 8.24 -26.09
C ASN A 41 -8.92 8.05 -25.05
N ASN A 42 -8.51 8.14 -23.80
CA ASN A 42 -9.36 8.01 -22.64
C ASN A 42 -10.62 8.87 -22.71
N LYS A 43 -11.78 8.22 -22.80
CA LYS A 43 -13.05 8.94 -22.87
C LYS A 43 -14.18 8.12 -22.23
N CYS A 44 -15.29 8.78 -21.91
CA CYS A 44 -16.43 8.09 -21.30
C CYS A 44 -17.47 7.61 -22.31
N ASP A 45 -17.79 8.47 -23.28
CA ASP A 45 -18.81 8.16 -24.28
C ASP A 45 -18.27 7.47 -25.54
N SER A 46 -18.54 6.19 -25.67
CA SER A 46 -18.07 5.43 -26.83
C SER A 46 -18.53 6.03 -28.15
N ASN A 47 -19.59 6.82 -28.11
CA ASN A 47 -20.12 7.44 -29.31
C ASN A 47 -19.55 8.79 -29.63
N LYS A 48 -18.58 9.23 -28.84
CA LYS A 48 -17.94 10.50 -29.09
C LYS A 48 -16.47 10.21 -29.37
N LYS A 49 -15.66 11.25 -29.47
CA LYS A 49 -14.23 11.12 -29.72
C LYS A 49 -13.50 12.29 -29.08
N ASN A 50 -12.20 12.15 -28.89
CA ASN A 50 -11.43 13.25 -28.33
C ASN A 50 -10.74 13.95 -29.50
N ALA A 51 -10.43 15.23 -29.33
CA ALA A 51 -9.76 15.99 -30.38
C ALA A 51 -8.38 16.43 -29.92
N LEU A 52 -7.38 16.24 -30.78
CA LEU A 52 -6.03 16.62 -30.46
C LEU A 52 -5.59 17.78 -31.34
N ILE A 53 -5.41 18.94 -30.72
CA ILE A 53 -4.99 20.13 -31.42
C ILE A 53 -3.47 20.12 -31.49
N MET A 54 -2.90 20.54 -32.61
CA MET A 54 -1.45 20.58 -32.74
C MET A 54 -1.00 21.49 -33.86
N GLY A 55 0.19 22.06 -33.70
CA GLY A 55 0.73 22.94 -34.72
C GLY A 55 1.05 22.16 -35.98
N ARG A 56 1.20 22.84 -37.10
CA ARG A 56 1.50 22.17 -38.34
C ARG A 56 2.78 21.36 -38.28
N LYS A 57 3.82 21.95 -37.72
CA LYS A 57 5.09 21.26 -37.62
C LYS A 57 4.96 19.96 -36.86
N THR A 58 4.17 19.96 -35.79
CA THR A 58 3.98 18.72 -35.03
C THR A 58 3.23 17.72 -35.90
N TRP A 59 2.28 18.22 -36.69
CA TRP A 59 1.50 17.40 -37.62
C TRP A 59 2.51 16.74 -38.56
N ASP A 60 3.54 17.48 -38.95
CA ASP A 60 4.56 16.93 -39.83
C ASP A 60 5.30 15.82 -39.09
N SER A 61 5.50 16.01 -37.79
CA SER A 61 6.20 15.03 -36.96
C SER A 61 5.50 13.70 -36.97
N ILE A 62 4.18 13.74 -36.94
CA ILE A 62 3.35 12.54 -36.93
C ILE A 62 3.32 11.88 -38.30
N GLY A 63 3.92 12.52 -39.28
CA GLY A 63 3.94 11.99 -40.62
C GLY A 63 2.61 12.21 -41.31
N ARG A 64 1.91 13.27 -40.90
CA ARG A 64 0.61 13.62 -41.45
C ARG A 64 -0.28 12.42 -41.67
N ARG A 65 -0.45 11.63 -40.61
CA ARG A 65 -1.29 10.45 -40.62
C ARG A 65 -2.11 10.48 -39.33
N PRO A 66 -3.43 10.27 -39.44
CA PRO A 66 -4.35 10.28 -38.30
C PRO A 66 -4.01 9.33 -37.16
N LEU A 67 -4.43 9.69 -35.95
CA LEU A 67 -4.21 8.88 -34.76
C LEU A 67 -5.52 8.16 -34.48
N LYS A 68 -5.49 6.83 -34.60
CA LYS A 68 -6.67 5.99 -34.41
C LYS A 68 -7.64 6.44 -33.31
N ASN A 69 -8.94 6.38 -33.61
CA ASN A 69 -10.01 6.73 -32.68
C ASN A 69 -10.12 8.19 -32.27
N ARG A 70 -9.19 9.01 -32.75
CA ARG A 70 -9.21 10.42 -32.40
C ARG A 70 -9.34 11.32 -33.61
N ILE A 71 -9.50 12.61 -33.36
CA ILE A 71 -9.61 13.57 -34.44
C ILE A 71 -8.53 14.60 -34.29
N ILE A 72 -7.67 14.72 -35.30
CA ILE A 72 -6.58 15.68 -35.24
C ILE A 72 -6.97 17.02 -35.81
N VAL A 73 -6.70 18.07 -35.04
CA VAL A 73 -7.01 19.44 -35.43
C VAL A 73 -5.69 20.19 -35.63
N VAL A 74 -5.36 20.48 -36.89
CA VAL A 74 -4.11 21.16 -37.18
C VAL A 74 -4.30 22.66 -37.28
N ILE A 75 -3.41 23.40 -36.64
CA ILE A 75 -3.47 24.85 -36.72
C ILE A 75 -2.39 25.26 -37.73
N SER A 76 -2.83 25.81 -38.87
CA SER A 76 -1.89 26.26 -39.88
C SER A 76 -2.51 27.41 -40.65
N SER A 77 -1.67 28.30 -41.17
CA SER A 77 -2.16 29.42 -41.94
C SER A 77 -2.20 29.04 -43.41
N SER A 78 -1.38 28.05 -43.79
CA SER A 78 -1.31 27.60 -45.17
C SER A 78 -2.11 26.34 -45.46
N LEU A 79 -1.79 25.26 -44.76
CA LEU A 79 -2.47 23.99 -44.96
C LEU A 79 -3.93 24.10 -45.40
N PRO A 80 -4.28 23.45 -46.52
CA PRO A 80 -5.62 23.47 -47.10
C PRO A 80 -6.66 22.85 -46.21
N GLN A 81 -7.79 23.52 -46.06
CA GLN A 81 -8.89 23.01 -45.25
C GLN A 81 -9.64 21.96 -46.07
N ASP A 82 -9.02 20.79 -46.21
CA ASP A 82 -9.59 19.68 -46.97
C ASP A 82 -10.90 19.14 -46.39
N GLU A 83 -11.45 18.15 -47.08
CA GLU A 83 -12.67 17.50 -46.65
C GLU A 83 -12.34 16.04 -46.71
N ALA A 84 -11.22 15.74 -47.36
CA ALA A 84 -10.73 14.38 -47.54
C ALA A 84 -10.81 13.58 -46.24
N ASP A 85 -9.75 13.62 -45.45
CA ASP A 85 -9.72 12.90 -44.18
C ASP A 85 -10.70 13.52 -43.21
N PRO A 86 -11.65 12.72 -42.72
CA PRO A 86 -12.66 13.18 -41.77
C PRO A 86 -12.12 13.21 -40.35
N ASN A 87 -10.96 12.60 -40.14
CA ASN A 87 -10.34 12.55 -38.83
C ASN A 87 -9.28 13.62 -38.65
N VAL A 88 -9.06 14.40 -39.70
CA VAL A 88 -8.09 15.48 -39.66
C VAL A 88 -8.81 16.73 -40.17
N VAL A 89 -8.70 17.80 -39.40
CA VAL A 89 -9.35 19.04 -39.77
C VAL A 89 -8.38 20.19 -39.50
N VAL A 90 -8.40 21.20 -40.37
CA VAL A 90 -7.50 22.35 -40.26
C VAL A 90 -8.21 23.64 -39.85
N PHE A 91 -7.50 24.48 -39.08
CA PHE A 91 -8.03 25.75 -38.61
C PHE A 91 -6.95 26.82 -38.75
N ARG A 92 -7.37 28.06 -39.04
CA ARG A 92 -6.42 29.15 -39.24
C ARG A 92 -5.77 29.76 -38.01
N ASN A 93 -6.46 29.70 -36.87
CA ASN A 93 -5.90 30.23 -35.63
C ASN A 93 -6.37 29.31 -34.50
N LEU A 94 -5.65 29.32 -33.39
CA LEU A 94 -5.99 28.46 -32.27
C LEU A 94 -7.37 28.72 -31.69
N GLU A 95 -7.75 29.98 -31.54
CA GLU A 95 -9.05 30.29 -30.95
C GLU A 95 -10.21 29.70 -31.73
N ASP A 96 -10.26 29.96 -33.02
CA ASP A 96 -11.36 29.43 -33.83
C ASP A 96 -11.47 27.93 -33.67
N SER A 97 -10.35 27.23 -33.64
CA SER A 97 -10.35 25.78 -33.49
C SER A 97 -11.07 25.40 -32.21
N ILE A 98 -10.77 26.10 -31.13
CA ILE A 98 -11.44 25.82 -29.87
C ILE A 98 -12.88 26.36 -29.88
N GLU A 99 -13.69 25.62 -30.62
CA GLU A 99 -15.11 25.86 -30.79
C GLU A 99 -15.58 24.41 -30.74
N ASN A 100 -14.58 23.51 -30.63
CA ASN A 100 -14.81 22.08 -30.51
C ASN A 100 -15.80 22.03 -29.36
N LEU A 101 -15.63 22.98 -28.44
CA LEU A 101 -16.50 23.12 -27.30
C LEU A 101 -17.88 23.45 -27.84
N MET A 102 -17.97 24.65 -28.41
CA MET A 102 -19.21 25.22 -28.97
C MET A 102 -19.99 24.38 -29.96
N ASN A 103 -19.68 23.09 -30.04
CA ASN A 103 -20.38 22.21 -30.96
C ASN A 103 -19.79 20.82 -30.88
N ASP A 104 -19.78 20.16 -32.04
CA ASP A 104 -19.25 18.82 -32.16
C ASP A 104 -19.42 18.18 -30.79
N ASP A 105 -20.68 18.01 -30.40
CA ASP A 105 -20.99 17.37 -29.14
C ASP A 105 -20.47 15.95 -29.28
N SER A 106 -19.93 15.69 -30.46
CA SER A 106 -19.33 14.41 -30.81
C SER A 106 -17.92 14.37 -30.23
N ILE A 107 -17.39 15.56 -29.92
CA ILE A 107 -16.06 15.69 -29.34
C ILE A 107 -16.24 15.79 -27.83
N GLU A 108 -15.81 14.76 -27.12
CA GLU A 108 -15.96 14.74 -25.67
C GLU A 108 -14.92 15.53 -24.91
N ASN A 109 -13.65 15.39 -25.28
CA ASN A 109 -12.56 16.10 -24.61
C ASN A 109 -11.55 16.70 -25.58
N ILE A 110 -10.86 17.75 -25.16
CA ILE A 110 -9.89 18.39 -26.02
C ILE A 110 -8.50 18.30 -25.42
N PHE A 111 -7.52 18.11 -26.30
CA PHE A 111 -6.12 18.00 -25.88
C PHE A 111 -5.23 18.88 -26.74
N VAL A 112 -4.48 19.75 -26.09
CA VAL A 112 -3.54 20.60 -26.82
C VAL A 112 -2.28 19.74 -26.88
N CYS A 113 -2.03 19.18 -28.06
CA CYS A 113 -0.92 18.27 -28.27
C CYS A 113 0.42 18.80 -28.75
N GLY A 114 0.68 20.08 -28.67
CA GLY A 114 1.99 20.46 -29.08
C GLY A 114 2.34 21.47 -30.13
N GLY A 115 3.59 21.88 -29.97
CA GLY A 115 4.22 22.88 -30.78
C GLY A 115 4.48 23.94 -29.73
N GLU A 116 5.73 24.31 -29.53
CA GLU A 116 6.03 25.33 -28.55
C GLU A 116 5.05 26.47 -28.78
N SER A 117 4.88 26.85 -30.04
CA SER A 117 3.98 27.95 -30.38
C SER A 117 2.56 27.72 -29.89
N ILE A 118 1.99 26.57 -30.20
CA ILE A 118 0.63 26.27 -29.78
C ILE A 118 0.51 26.14 -28.27
N TYR A 119 1.53 25.60 -27.60
CA TYR A 119 1.46 25.48 -26.16
C TYR A 119 1.40 26.88 -25.56
N ARG A 120 2.43 27.68 -25.88
CA ARG A 120 2.56 29.04 -25.41
C ARG A 120 1.28 29.85 -25.63
N ASP A 121 0.66 29.69 -26.80
CA ASP A 121 -0.57 30.42 -27.11
C ASP A 121 -1.74 29.90 -26.31
N ALA A 122 -1.82 28.57 -26.19
CA ALA A 122 -2.89 27.92 -25.44
C ALA A 122 -2.90 28.44 -24.02
N LEU A 123 -1.73 28.50 -23.39
CA LEU A 123 -1.63 29.00 -22.03
C LEU A 123 -1.96 30.50 -21.97
N LYS A 124 -1.27 31.29 -22.79
CA LYS A 124 -1.45 32.74 -22.85
C LYS A 124 -2.91 33.20 -22.95
N ASP A 125 -3.68 32.53 -23.79
CA ASP A 125 -5.08 32.89 -23.99
C ASP A 125 -6.00 32.16 -23.02
N ASN A 126 -5.40 31.60 -21.96
CA ASN A 126 -6.14 30.88 -20.94
C ASN A 126 -7.17 29.87 -21.44
N PHE A 127 -6.77 29.00 -22.36
CA PHE A 127 -7.65 27.99 -22.94
C PHE A 127 -7.57 26.64 -22.24
N VAL A 128 -6.42 26.37 -21.60
CA VAL A 128 -6.22 25.08 -20.96
C VAL A 128 -6.60 25.00 -19.49
N ASP A 129 -7.24 23.88 -19.14
CA ASP A 129 -7.71 23.58 -17.79
C ASP A 129 -6.72 22.70 -17.03
N ARG A 130 -6.09 21.78 -17.75
CA ARG A 130 -5.15 20.85 -17.13
C ARG A 130 -3.87 20.67 -17.93
N ILE A 131 -2.85 20.12 -17.27
CA ILE A 131 -1.57 19.85 -17.93
C ILE A 131 -1.03 18.49 -17.50
N TYR A 132 -0.78 17.62 -18.48
CA TYR A 132 -0.20 16.30 -18.21
C TYR A 132 1.24 16.47 -18.65
N LEU A 133 2.14 16.54 -17.67
CA LEU A 133 3.56 16.75 -17.95
C LEU A 133 4.44 15.55 -17.65
N THR A 134 5.11 15.04 -18.67
CA THR A 134 6.02 13.93 -18.45
C THR A 134 7.41 14.55 -18.35
N ARG A 135 7.99 14.53 -17.14
CA ARG A 135 9.32 15.08 -16.92
C ARG A 135 10.39 14.06 -17.28
N VAL A 136 11.23 14.38 -18.25
CA VAL A 136 12.27 13.47 -18.69
C VAL A 136 13.61 13.95 -18.13
N ALA A 137 14.37 13.00 -17.58
CA ALA A 137 15.65 13.31 -16.95
C ALA A 137 16.92 13.37 -17.76
N LEU A 138 16.92 14.01 -18.92
CA LEU A 138 18.19 14.16 -19.66
C LEU A 138 18.27 15.62 -20.03
N GLU A 139 19.31 16.27 -19.52
CA GLU A 139 19.44 17.69 -19.69
C GLU A 139 20.67 18.27 -20.40
N ASP A 140 21.63 17.45 -20.79
CA ASP A 140 22.77 18.05 -21.49
C ASP A 140 22.83 17.60 -22.93
N ILE A 141 21.75 17.90 -23.65
CA ILE A 141 21.62 17.56 -25.05
C ILE A 141 20.98 18.75 -25.74
N GLU A 142 21.08 18.79 -27.06
CA GLU A 142 20.53 19.91 -27.82
C GLU A 142 19.02 19.97 -27.88
N PHE A 143 18.47 21.18 -27.73
CA PHE A 143 17.02 21.41 -27.80
C PHE A 143 16.76 22.64 -28.65
N ASP A 144 15.72 22.62 -29.47
CA ASP A 144 15.38 23.80 -30.25
C ASP A 144 13.91 24.19 -30.04
N THR A 145 13.20 23.38 -29.26
CA THR A 145 11.80 23.65 -28.96
C THR A 145 11.57 23.45 -27.47
N TYR A 146 10.81 24.34 -26.87
CA TYR A 146 10.58 24.26 -25.44
C TYR A 146 9.12 24.33 -25.04
N PHE A 147 8.83 23.93 -23.80
CA PHE A 147 7.49 24.02 -23.26
C PHE A 147 7.53 25.27 -22.38
N PRO A 148 6.63 26.23 -22.60
CA PRO A 148 6.64 27.44 -21.77
C PRO A 148 6.54 27.16 -20.29
N GLU A 149 6.88 28.14 -19.47
CA GLU A 149 6.80 27.97 -18.02
C GLU A 149 5.34 27.92 -17.65
N ILE A 150 5.00 27.00 -16.76
CA ILE A 150 3.62 26.85 -16.32
C ILE A 150 3.17 28.06 -15.51
N PRO A 151 2.15 28.77 -16.00
CA PRO A 151 1.64 29.95 -15.28
C PRO A 151 1.18 29.62 -13.87
N GLU A 152 1.43 30.55 -12.97
CA GLU A 152 1.07 30.40 -11.55
C GLU A 152 -0.34 29.97 -11.25
N THR A 153 -1.25 30.21 -12.18
CA THR A 153 -2.63 29.81 -11.97
C THR A 153 -2.78 28.30 -11.95
N PHE A 154 -1.69 27.60 -12.26
CA PHE A 154 -1.66 26.14 -12.28
C PHE A 154 -0.94 25.55 -11.07
N LEU A 155 -1.53 24.53 -10.46
CA LEU A 155 -0.89 23.87 -9.34
C LEU A 155 -0.82 22.37 -9.57
N PRO A 156 0.29 21.77 -9.17
CA PRO A 156 0.46 20.32 -9.33
C PRO A 156 -0.43 19.58 -8.34
N VAL A 157 -1.05 18.50 -8.80
CA VAL A 157 -1.92 17.73 -7.92
C VAL A 157 -1.49 16.26 -7.90
N TYR A 158 -0.48 15.93 -8.70
CA TYR A 158 0.01 14.56 -8.77
C TYR A 158 1.41 14.49 -9.35
N MET A 159 2.21 13.58 -8.79
CA MET A 159 3.59 13.37 -9.23
C MET A 159 3.87 11.89 -9.02
N SER A 160 3.99 11.15 -10.12
CA SER A 160 4.23 9.71 -10.03
C SER A 160 5.62 9.36 -9.52
N GLN A 161 5.84 8.07 -9.30
CA GLN A 161 7.14 7.59 -8.86
C GLN A 161 8.00 7.75 -10.10
N THR A 162 9.30 7.49 -9.98
CA THR A 162 10.17 7.59 -11.13
C THR A 162 10.21 6.25 -11.87
N PHE A 163 10.24 6.32 -13.20
CA PHE A 163 10.31 5.13 -14.04
C PHE A 163 11.59 5.22 -14.86
N CYS A 164 12.07 4.07 -15.35
CA CYS A 164 13.30 4.00 -16.16
C CYS A 164 13.08 3.36 -17.52
N THR A 165 13.75 3.92 -18.52
CA THR A 165 13.72 3.41 -19.87
C THR A 165 15.06 3.78 -20.49
N LYS A 166 15.82 2.74 -20.88
CA LYS A 166 17.14 2.94 -21.46
C LYS A 166 17.95 3.82 -20.51
N ASN A 167 17.79 3.54 -19.22
CA ASN A 167 18.48 4.26 -18.16
C ASN A 167 18.09 5.72 -18.01
N ILE A 168 17.02 6.12 -18.68
CA ILE A 168 16.54 7.50 -18.59
C ILE A 168 15.42 7.55 -17.56
N SER A 169 15.54 8.45 -16.59
CA SER A 169 14.52 8.59 -15.55
C SER A 169 13.42 9.54 -16.00
N TYR A 170 12.19 9.32 -15.55
CA TYR A 170 11.09 10.21 -15.88
C TYR A 170 9.89 10.07 -14.94
N ASP A 171 9.15 11.18 -14.76
CA ASP A 171 7.95 11.27 -13.93
C ASP A 171 6.76 11.54 -14.81
N PHE A 172 5.62 11.62 -14.16
CA PHE A 172 4.36 11.91 -14.79
C PHE A 172 3.67 12.75 -13.73
N MET A 173 3.39 14.01 -14.03
CA MET A 173 2.65 14.80 -13.06
C MET A 173 1.52 15.55 -13.75
N ILE A 174 0.48 15.83 -12.98
CA ILE A 174 -0.69 16.53 -13.47
C ILE A 174 -0.81 17.89 -12.81
N PHE A 175 -0.98 18.92 -13.62
CA PHE A 175 -1.15 20.26 -13.07
C PHE A 175 -2.57 20.65 -13.38
N GLU A 176 -3.30 21.15 -12.38
CA GLU A 176 -4.66 21.57 -12.60
C GLU A 176 -4.76 23.07 -12.33
N LYS A 177 -5.56 23.75 -13.15
CA LYS A 177 -5.74 25.19 -13.02
C LYS A 177 -6.80 25.43 -11.99
N GLN A 178 -6.40 25.40 -10.73
CA GLN A 178 -7.34 25.62 -9.65
C GLN A 178 -6.99 26.89 -8.93
N GLU A 179 -7.87 27.27 -8.00
CA GLU A 179 -7.70 28.44 -7.12
C GLU A 179 -8.96 29.24 -6.78
N LYS A 180 -9.93 28.49 -6.28
CA LYS A 180 -11.21 29.00 -5.80
C LYS A 180 -11.24 28.24 -4.48
N LYS A 181 -10.52 28.76 -3.50
CA LYS A 181 -10.41 28.05 -2.23
C LYS A 181 -10.29 28.90 -0.95
N THR A 182 -9.25 28.55 -0.19
CA THR A 182 -8.92 29.17 1.08
C THR A 182 -7.95 28.16 1.72
N LEU A 183 -7.74 28.26 3.03
CA LEU A 183 -6.85 27.34 3.76
C LEU A 183 -6.80 25.94 3.14
N GLN A 184 -7.84 25.14 3.40
CA GLN A 184 -7.93 23.77 2.91
C GLN A 184 -6.94 22.86 3.66
N ASN A 185 -7.47 21.79 4.25
CA ASN A 185 -6.65 20.87 5.02
C ASN A 185 -5.76 20.01 4.14
N CYS A 186 -4.53 19.82 4.57
CA CYS A 186 -3.58 19.02 3.81
C CYS A 186 -3.83 17.53 4.05
N ASP A 187 -4.34 17.18 5.22
CA ASP A 187 -4.63 15.79 5.50
C ASP A 187 -5.70 15.28 4.54
N PRO A 188 -5.37 14.27 3.72
CA PRO A 188 -6.29 13.69 2.74
C PRO A 188 -7.42 12.87 3.38
N ALA A 189 -7.30 12.59 4.67
CA ALA A 189 -8.32 11.83 5.37
C ALA A 189 -9.54 12.67 5.66
N ARG A 190 -9.32 13.98 5.83
CA ARG A 190 -10.41 14.89 6.14
C ARG A 190 -11.11 15.34 4.86
N GLY A 191 -12.32 15.85 5.02
CA GLY A 191 -13.06 16.32 3.87
C GLY A 191 -13.86 15.22 3.21
N GLN A 192 -13.79 14.00 3.72
CA GLN A 192 -14.56 12.90 3.12
C GLN A 192 -16.02 13.02 3.52
N LEU A 193 -16.29 13.18 4.80
CA LEU A 193 -17.65 13.42 5.28
C LEU A 193 -17.58 14.16 6.61
N LYS A 194 -18.35 15.24 6.71
CA LYS A 194 -18.34 16.07 7.90
C LYS A 194 -18.52 15.36 9.22
N SER A 195 -19.44 14.38 9.26
CA SER A 195 -19.67 13.64 10.49
C SER A 195 -18.35 13.12 11.09
N ILE A 196 -17.55 12.47 10.26
CA ILE A 196 -16.30 11.95 10.76
C ILE A 196 -15.39 13.08 11.21
N ASP A 197 -15.24 14.10 10.38
CA ASP A 197 -14.37 15.20 10.75
C ASP A 197 -14.79 15.88 12.04
N ASP A 198 -16.07 16.24 12.15
CA ASP A 198 -16.57 16.91 13.35
C ASP A 198 -16.38 16.06 14.60
N THR A 199 -16.75 14.79 14.51
CA THR A 199 -16.61 13.88 15.62
C THR A 199 -15.17 13.79 16.09
N VAL A 200 -14.26 13.57 15.14
CA VAL A 200 -12.84 13.47 15.48
C VAL A 200 -12.35 14.75 16.15
N ASP A 201 -12.77 15.89 15.64
CA ASP A 201 -12.37 17.16 16.21
C ASP A 201 -12.83 17.29 17.65
N LEU A 202 -14.13 17.03 17.87
CA LEU A 202 -14.73 17.09 19.19
C LEU A 202 -14.07 16.10 20.13
N LEU A 203 -13.91 14.87 19.66
CA LEU A 203 -13.27 13.84 20.44
C LEU A 203 -11.89 14.35 20.79
N GLY A 204 -11.31 15.08 19.84
CA GLY A 204 -9.99 15.65 20.02
C GLY A 204 -9.99 16.71 21.10
N GLU A 205 -11.09 17.43 21.24
CA GLU A 205 -11.21 18.46 22.27
C GLU A 205 -11.38 17.84 23.66
N ILE A 206 -12.27 16.86 23.75
CA ILE A 206 -12.52 16.19 25.01
C ILE A 206 -11.24 15.59 25.56
N PHE A 207 -10.72 14.57 24.89
CA PHE A 207 -9.47 13.94 25.30
C PHE A 207 -8.47 14.88 24.67
N GLY A 208 -7.19 14.72 24.95
CA GLY A 208 -6.26 15.65 24.31
C GLY A 208 -5.14 14.87 23.72
N ILE A 209 -4.03 14.88 24.43
CA ILE A 209 -2.83 14.15 24.08
C ILE A 209 -3.23 12.68 24.28
N ARG A 210 -4.39 12.50 24.91
CA ARG A 210 -4.91 11.18 25.19
C ARG A 210 -5.36 10.49 23.92
N LYS A 211 -5.86 11.27 22.97
CA LYS A 211 -6.28 10.67 21.71
C LYS A 211 -4.99 10.57 20.90
N MET A 212 -4.53 9.34 20.63
CA MET A 212 -3.28 9.12 19.90
C MET A 212 -3.16 10.00 18.66
N GLY A 213 -4.23 10.11 17.91
CA GLY A 213 -4.20 10.95 16.73
C GLY A 213 -3.64 12.35 17.02
N ASN A 214 -3.96 12.95 18.16
CA ASN A 214 -3.44 14.28 18.47
C ASN A 214 -1.93 14.26 18.65
N ARG A 215 -1.36 13.07 18.88
CA ARG A 215 0.07 12.93 19.07
C ARG A 215 0.76 12.79 17.71
N HIS A 216 -0.05 12.57 16.68
CA HIS A 216 0.43 12.40 15.32
C HIS A 216 -0.29 13.39 14.42
N LYS A 217 -0.24 14.66 14.79
CA LYS A 217 -0.90 15.71 14.01
C LYS A 217 -0.37 15.75 12.59
N PHE A 218 -1.25 16.05 11.64
CA PHE A 218 -0.87 16.11 10.24
C PHE A 218 -0.16 17.43 9.96
N PRO A 219 0.96 17.38 9.21
CA PRO A 219 1.72 18.57 8.89
C PRO A 219 0.91 19.77 8.39
N LYS A 220 1.21 20.94 8.96
CA LYS A 220 0.58 22.20 8.58
C LYS A 220 1.15 22.59 7.22
N GLU A 221 0.30 23.15 6.37
CA GLU A 221 0.70 23.55 5.03
C GLU A 221 2.07 24.20 4.89
N GLU A 222 2.38 25.15 5.77
CA GLU A 222 3.65 25.86 5.69
C GLU A 222 4.90 25.00 5.86
N ILE A 223 4.76 23.75 6.31
CA ILE A 223 5.92 22.88 6.47
C ILE A 223 5.74 21.60 5.67
N TYR A 224 4.78 21.62 4.74
CA TYR A 224 4.50 20.48 3.89
C TYR A 224 5.03 20.83 2.50
N ASN A 225 5.88 19.96 1.96
CA ASN A 225 6.45 20.19 0.63
C ASN A 225 5.39 20.10 -0.46
N THR A 226 5.50 20.92 -1.50
CA THR A 226 4.53 20.91 -2.61
C THR A 226 3.13 20.53 -2.12
N PRO A 227 2.53 21.40 -1.28
CA PRO A 227 1.20 21.24 -0.67
C PRO A 227 0.02 20.97 -1.58
N SER A 228 0.06 21.48 -2.81
CA SER A 228 -1.04 21.26 -3.73
C SER A 228 -1.22 19.79 -4.09
N ILE A 229 -0.15 19.01 -4.08
CA ILE A 229 -0.30 17.59 -4.35
C ILE A 229 -0.74 16.96 -3.04
N ARG A 230 -2.05 16.80 -2.93
CA ARG A 230 -2.67 16.27 -1.73
C ARG A 230 -2.94 14.77 -1.82
N PHE A 231 -3.47 14.31 -2.95
CA PHE A 231 -3.78 12.90 -3.11
C PHE A 231 -2.91 12.22 -4.14
N GLY A 232 -1.84 12.88 -4.57
CA GLY A 232 -0.98 12.27 -5.57
C GLY A 232 0.50 12.27 -5.23
N ARG A 233 0.85 12.23 -3.95
CA ARG A 233 2.25 12.25 -3.57
C ARG A 233 2.86 10.86 -3.74
N GLU A 234 2.90 10.41 -4.99
CA GLU A 234 3.41 9.10 -5.34
C GLU A 234 4.94 8.99 -5.40
N HIS A 235 5.62 10.09 -5.76
CA HIS A 235 7.08 10.08 -5.83
C HIS A 235 7.60 9.66 -4.46
N TYR A 236 8.46 8.66 -4.40
CA TYR A 236 8.93 8.23 -3.09
C TYR A 236 9.81 9.19 -2.33
N GLU A 237 10.24 10.28 -2.96
CA GLU A 237 11.07 11.24 -2.24
C GLU A 237 10.19 11.90 -1.17
N PHE A 238 8.87 11.77 -1.32
CA PHE A 238 7.93 12.34 -0.36
C PHE A 238 7.97 11.52 0.92
N GLN A 239 8.52 10.32 0.85
CA GLN A 239 8.61 9.45 2.03
C GLN A 239 9.55 10.10 3.02
N TYR A 240 10.56 10.80 2.50
CA TYR A 240 11.53 11.48 3.34
C TYR A 240 11.07 12.91 3.64
N LEU A 241 10.68 13.64 2.59
CA LEU A 241 10.22 15.01 2.78
C LEU A 241 9.07 15.05 3.79
N ASP A 242 8.18 14.07 3.72
CA ASP A 242 7.06 14.05 4.64
C ASP A 242 7.43 13.65 6.05
N LEU A 243 8.45 12.82 6.20
CA LEU A 243 8.90 12.42 7.54
C LEU A 243 9.46 13.70 8.17
N LEU A 244 10.09 14.51 7.34
CA LEU A 244 10.66 15.78 7.77
C LEU A 244 9.53 16.65 8.30
N SER A 245 8.49 16.80 7.50
CA SER A 245 7.34 17.61 7.89
C SER A 245 6.70 17.08 9.16
N ARG A 246 6.59 15.77 9.24
CA ARG A 246 5.98 15.14 10.40
C ARG A 246 6.70 15.43 11.72
N VAL A 247 8.04 15.46 11.73
CA VAL A 247 8.70 15.75 12.98
C VAL A 247 8.70 17.25 13.23
N LEU A 248 8.70 18.03 12.15
CA LEU A 248 8.65 19.49 12.30
C LEU A 248 7.34 19.86 12.97
N GLU A 249 6.31 19.07 12.70
CA GLU A 249 4.99 19.27 13.27
C GLU A 249 4.83 18.70 14.68
N ASN A 250 5.28 17.46 14.90
CA ASN A 250 5.12 16.83 16.21
C ASN A 250 6.38 16.66 17.05
N GLY A 251 7.54 16.76 16.42
CA GLY A 251 8.79 16.58 17.13
C GLY A 251 8.89 17.22 18.50
N ALA A 252 9.14 16.39 19.52
CA ALA A 252 9.29 16.87 20.88
C ALA A 252 10.69 17.46 21.01
N TYR A 253 10.80 18.60 21.67
CA TYR A 253 12.10 19.24 21.86
C TYR A 253 12.84 18.51 22.97
N ARG A 254 14.03 18.02 22.68
CA ARG A 254 14.78 17.31 23.69
C ARG A 254 16.29 17.32 23.50
N GLU A 255 16.99 17.31 24.62
CA GLU A 255 18.45 17.32 24.67
C GLU A 255 19.00 15.92 24.38
N ASN A 256 20.30 15.82 24.14
CA ASN A 256 20.94 14.54 23.86
C ASN A 256 22.45 14.63 24.12
N ARG A 257 23.15 13.51 23.94
CA ARG A 257 24.61 13.49 24.20
C ARG A 257 25.39 14.62 23.54
N THR A 258 24.99 15.03 22.33
CA THR A 258 25.68 16.14 21.66
C THR A 258 25.14 17.42 22.29
N GLY A 259 25.80 18.54 22.03
CA GLY A 259 25.34 19.77 22.63
C GLY A 259 24.13 20.41 21.96
N ILE A 260 23.74 19.91 20.80
CA ILE A 260 22.61 20.47 20.08
C ILE A 260 21.32 19.69 20.29
N SER A 261 20.28 20.37 20.74
CA SER A 261 18.99 19.73 20.98
C SER A 261 18.32 19.38 19.67
N THR A 262 17.36 18.46 19.71
CA THR A 262 16.65 18.06 18.51
C THR A 262 15.15 18.09 18.72
N TYR A 263 14.40 17.82 17.67
CA TYR A 263 12.95 17.73 17.74
C TYR A 263 12.75 16.31 17.24
N SER A 264 12.25 15.42 18.10
CA SER A 264 12.08 14.03 17.67
C SER A 264 10.75 13.36 17.95
N ILE A 265 10.50 12.33 17.15
CA ILE A 265 9.31 11.51 17.27
C ILE A 265 9.85 10.09 17.20
N PHE A 266 9.13 9.14 17.78
CA PHE A 266 9.61 7.76 17.82
C PHE A 266 8.82 6.75 16.98
N GLY A 267 9.54 5.96 16.19
CA GLY A 267 8.91 4.94 15.35
C GLY A 267 8.32 5.46 14.05
N GLN A 268 9.13 5.61 13.03
CA GLN A 268 8.67 6.09 11.72
C GLN A 268 9.12 5.14 10.62
N MET A 269 8.57 5.32 9.42
CA MET A 269 8.88 4.44 8.30
C MET A 269 9.03 5.18 6.98
N MET A 270 9.83 4.62 6.09
CA MET A 270 10.05 5.17 4.75
C MET A 270 10.19 4.02 3.77
N ARG A 271 9.55 4.17 2.62
CA ARG A 271 9.62 3.15 1.57
C ARG A 271 10.26 3.73 0.32
N PHE A 272 11.03 2.91 -0.39
CA PHE A 272 11.67 3.38 -1.62
C PHE A 272 11.75 2.27 -2.65
N ASP A 273 11.34 2.58 -3.86
CA ASP A 273 11.43 1.62 -4.94
C ASP A 273 12.85 1.64 -5.46
N MET A 274 13.37 0.50 -5.85
CA MET A 274 14.72 0.45 -6.38
C MET A 274 14.72 -0.23 -7.72
N ARG A 275 13.53 -0.66 -8.18
CA ARG A 275 13.41 -1.31 -9.47
C ARG A 275 13.54 -0.32 -10.62
N GLU A 276 12.78 0.77 -10.56
CA GLU A 276 12.79 1.77 -11.61
C GLU A 276 13.67 3.00 -11.38
N SER A 277 14.36 3.08 -10.24
CA SER A 277 15.22 4.24 -9.97
C SER A 277 16.01 4.09 -8.68
N PHE A 278 16.95 5.01 -8.45
CA PHE A 278 17.79 5.00 -7.25
C PHE A 278 17.36 6.15 -6.35
N PRO A 279 17.08 5.85 -5.08
CA PRO A 279 16.64 6.87 -4.12
C PRO A 279 17.68 7.87 -3.63
N LEU A 280 18.21 8.69 -4.54
CA LEU A 280 19.16 9.72 -4.15
C LEU A 280 18.38 11.03 -4.19
N LEU A 281 18.07 11.58 -3.02
CA LEU A 281 17.29 12.82 -2.94
C LEU A 281 17.61 13.84 -4.02
N THR A 282 16.59 14.52 -4.54
CA THR A 282 16.81 15.52 -5.57
C THR A 282 16.61 16.92 -5.03
N THR A 283 15.90 17.04 -3.91
CA THR A 283 15.65 18.37 -3.34
C THR A 283 16.89 18.98 -2.70
N LYS A 284 18.02 18.31 -2.85
CA LYS A 284 19.29 18.75 -2.29
C LYS A 284 20.36 17.84 -2.91
N LYS A 285 21.48 18.42 -3.33
CA LYS A 285 22.54 17.62 -3.93
C LYS A 285 23.20 16.73 -2.89
N VAL A 286 23.26 15.43 -3.15
CA VAL A 286 23.88 14.49 -2.21
C VAL A 286 25.18 13.86 -2.76
N ALA A 287 26.22 13.85 -1.92
CA ALA A 287 27.53 13.34 -2.29
C ALA A 287 27.55 11.82 -2.38
N ILE A 288 27.27 11.29 -3.56
CA ILE A 288 27.25 9.85 -3.77
C ILE A 288 28.63 9.20 -3.55
N ARG A 289 29.70 9.84 -4.00
CA ARG A 289 31.03 9.23 -3.83
C ARG A 289 31.34 8.96 -2.38
N SER A 290 31.14 9.96 -1.52
CA SER A 290 31.40 9.79 -0.10
C SER A 290 30.63 8.57 0.43
N ILE A 291 29.35 8.47 0.07
CA ILE A 291 28.49 7.37 0.48
C ILE A 291 29.17 6.05 0.12
N PHE A 292 29.46 5.90 -1.17
CA PHE A 292 30.12 4.70 -1.66
C PHE A 292 31.38 4.38 -0.88
N GLU A 293 32.27 5.35 -0.78
CA GLU A 293 33.51 5.13 -0.07
C GLU A 293 33.34 4.64 1.37
N GLU A 294 32.26 5.05 2.03
CA GLU A 294 32.02 4.59 3.40
C GLU A 294 31.49 3.16 3.36
N LEU A 295 30.71 2.85 2.33
CA LEU A 295 30.13 1.52 2.20
C LEU A 295 31.15 0.41 1.95
N ILE A 296 32.04 0.55 0.97
CA ILE A 296 33.02 -0.53 0.75
C ILE A 296 33.90 -0.62 1.98
N TRP A 297 34.09 0.51 2.63
CA TRP A 297 34.88 0.56 3.84
C TRP A 297 34.26 -0.44 4.82
N PHE A 298 32.94 -0.35 5.03
CA PHE A 298 32.24 -1.26 5.92
C PHE A 298 32.40 -2.67 5.37
N ILE A 299 32.07 -2.84 4.10
CA ILE A 299 32.15 -4.14 3.45
C ILE A 299 33.48 -4.86 3.66
N LYS A 300 34.56 -4.08 3.64
CA LYS A 300 35.91 -4.59 3.84
C LYS A 300 36.14 -5.01 5.29
N GLY A 301 35.33 -4.48 6.20
CA GLY A 301 35.48 -4.80 7.61
C GLY A 301 36.49 -3.84 8.22
N ASP A 302 36.72 -2.73 7.52
CA ASP A 302 37.67 -1.73 7.94
C ASP A 302 37.13 -0.84 9.05
N THR A 303 37.99 -0.50 9.99
CA THR A 303 37.60 0.34 11.11
C THR A 303 38.56 1.52 11.26
N ASN A 304 39.49 1.62 10.34
CA ASN A 304 40.49 2.68 10.36
C ASN A 304 39.97 3.95 9.70
N GLY A 305 39.58 4.91 10.53
CA GLY A 305 39.04 6.17 10.03
C GLY A 305 39.94 7.02 9.15
N ASN A 306 41.21 6.64 9.09
CA ASN A 306 42.19 7.36 8.28
C ASN A 306 41.87 7.09 6.81
N HIS A 307 41.69 5.82 6.50
CA HIS A 307 41.40 5.40 5.15
C HIS A 307 40.28 6.24 4.53
N LEU A 308 39.30 6.63 5.34
CA LEU A 308 38.20 7.44 4.84
C LEU A 308 38.68 8.85 4.57
N ILE A 309 39.42 9.40 5.52
CA ILE A 309 39.95 10.75 5.38
C ILE A 309 40.79 10.79 4.10
N GLU A 310 41.60 9.76 3.90
CA GLU A 310 42.44 9.67 2.71
C GLU A 310 41.59 9.77 1.44
N LYS A 311 40.46 9.08 1.42
CA LYS A 311 39.58 9.16 0.26
C LYS A 311 38.71 10.41 0.39
N LYS A 312 39.22 11.38 1.15
CA LYS A 312 38.55 12.64 1.35
C LYS A 312 37.09 12.56 1.80
N VAL A 313 36.83 11.67 2.77
CA VAL A 313 35.51 11.50 3.36
C VAL A 313 35.77 11.80 4.83
N TYR A 314 35.08 12.81 5.36
CA TYR A 314 35.34 13.23 6.73
C TYR A 314 34.27 13.06 7.80
N ILE A 315 33.22 12.31 7.53
CA ILE A 315 32.17 12.18 8.55
C ILE A 315 32.61 11.53 9.84
N TRP A 316 33.53 10.57 9.76
CA TRP A 316 33.98 9.88 10.96
C TRP A 316 35.14 10.56 11.68
N SER A 317 35.51 11.75 11.23
CA SER A 317 36.59 12.51 11.85
C SER A 317 36.18 12.93 13.25
N GLY A 318 35.02 13.57 13.31
CA GLY A 318 34.50 14.01 14.59
C GLY A 318 34.60 12.94 15.65
N ASN A 319 33.95 11.81 15.42
CA ASN A 319 33.95 10.71 16.38
C ASN A 319 35.24 9.91 16.36
N GLY A 320 36.22 10.41 15.63
CA GLY A 320 37.50 9.74 15.56
C GLY A 320 38.62 10.52 16.22
N SER A 321 38.40 11.82 16.39
CA SER A 321 39.40 12.70 17.03
C SER A 321 39.92 12.18 18.37
N LYS A 322 41.15 12.57 18.69
CA LYS A 322 41.79 12.16 19.93
C LYS A 322 41.03 12.70 21.15
N GLU A 323 40.46 13.90 21.02
CA GLU A 323 39.72 14.55 22.10
C GLU A 323 38.38 13.87 22.37
N TYR A 324 37.79 13.28 21.33
CA TYR A 324 36.50 12.60 21.49
C TYR A 324 36.74 11.27 22.15
N LEU A 325 37.74 10.54 21.66
CA LEU A 325 38.09 9.24 22.21
C LEU A 325 38.46 9.35 23.68
N GLU A 326 39.21 10.40 24.02
CA GLU A 326 39.63 10.66 25.40
C GLU A 326 38.37 10.83 26.22
N ARG A 327 37.51 11.72 25.74
CA ARG A 327 36.24 12.05 26.37
C ARG A 327 35.32 10.85 26.62
N ILE A 328 35.35 9.84 25.76
CA ILE A 328 34.47 8.70 25.97
C ILE A 328 35.21 7.50 26.55
N GLY A 329 36.37 7.76 27.17
CA GLY A 329 37.14 6.70 27.79
C GLY A 329 37.91 5.76 26.87
N LEU A 330 38.34 6.27 25.72
CA LEU A 330 39.09 5.47 24.79
C LEU A 330 40.36 6.22 24.41
N GLY A 331 40.87 7.01 25.36
CA GLY A 331 42.08 7.77 25.14
C GLY A 331 43.32 6.95 24.79
N HIS A 332 43.28 5.65 25.10
CA HIS A 332 44.39 4.74 24.82
C HIS A 332 44.42 4.41 23.33
N ARG A 333 43.29 4.68 22.68
CA ARG A 333 43.10 4.42 21.26
C ARG A 333 43.88 5.40 20.38
N GLU A 334 44.30 4.95 19.18
CA GLU A 334 45.04 5.81 18.27
C GLU A 334 44.12 6.82 17.57
N GLU A 335 44.70 7.93 17.15
CA GLU A 335 43.98 9.03 16.50
C GLU A 335 42.67 8.74 15.77
N ASN A 336 42.61 7.67 14.98
CA ASN A 336 41.37 7.40 14.26
C ASN A 336 40.91 5.95 14.31
N ASP A 337 41.32 5.23 15.35
CA ASP A 337 40.92 3.83 15.52
C ASP A 337 39.52 3.82 16.11
N LEU A 338 38.52 3.79 15.25
CA LEU A 338 37.12 3.82 15.67
C LEU A 338 36.61 2.65 16.48
N GLY A 339 37.34 1.53 16.49
CA GLY A 339 36.90 0.39 17.26
C GLY A 339 36.07 -0.61 16.49
N PRO A 340 35.52 -1.64 17.16
CA PRO A 340 34.70 -2.69 16.55
C PRO A 340 33.36 -2.18 16.02
N ILE A 341 33.37 -1.11 15.23
CA ILE A 341 32.13 -0.55 14.71
C ILE A 341 31.58 -1.37 13.53
N TYR A 342 30.65 -0.78 12.79
CA TYR A 342 30.07 -1.46 11.62
C TYR A 342 31.23 -2.00 10.81
N GLY A 343 31.01 -3.08 10.08
CA GLY A 343 32.11 -3.58 9.28
C GLY A 343 32.91 -4.55 10.09
N PHE A 344 33.33 -4.13 11.28
CA PHE A 344 34.06 -5.09 12.08
C PHE A 344 33.03 -6.12 12.50
N GLN A 345 31.83 -5.65 12.83
CA GLN A 345 30.76 -6.55 13.24
C GLN A 345 30.21 -7.28 12.01
N TRP A 346 30.26 -6.61 10.86
CA TRP A 346 29.79 -7.22 9.62
C TRP A 346 30.64 -8.41 9.19
N ARG A 347 31.96 -8.25 9.25
CA ARG A 347 32.89 -9.29 8.84
C ARG A 347 33.53 -10.08 9.97
N HIS A 348 33.46 -9.56 11.20
CA HIS A 348 34.06 -10.24 12.33
C HIS A 348 33.19 -10.15 13.58
N TYR A 349 31.92 -10.53 13.47
CA TYR A 349 31.03 -10.45 14.63
C TYR A 349 31.62 -11.19 15.82
N ASN A 350 31.63 -10.51 16.97
CA ASN A 350 32.17 -11.06 18.21
C ASN A 350 33.67 -11.27 18.22
N GLY A 351 34.35 -10.77 17.21
CA GLY A 351 35.79 -10.90 17.17
C GLY A 351 36.38 -10.06 18.28
N GLU A 352 37.46 -10.55 18.91
CA GLU A 352 38.08 -9.80 19.99
C GLU A 352 38.93 -8.70 19.38
N TYR A 353 38.46 -7.46 19.48
CA TYR A 353 39.16 -6.32 18.92
C TYR A 353 40.40 -5.92 19.69
N LYS A 354 41.43 -5.52 18.95
CA LYS A 354 42.68 -5.04 19.53
C LYS A 354 42.84 -3.62 19.04
N THR A 355 43.37 -3.47 17.82
CA THR A 355 43.53 -2.14 17.23
C THR A 355 43.17 -2.20 15.75
N MET A 356 43.07 -1.05 15.12
CA MET A 356 42.73 -0.99 13.71
C MET A 356 43.82 -1.56 12.82
N HIS A 357 44.96 -1.90 13.40
CA HIS A 357 46.07 -2.41 12.61
C HIS A 357 46.16 -3.93 12.57
N ASP A 358 45.77 -4.59 13.66
CA ASP A 358 45.86 -6.03 13.71
C ASP A 358 45.15 -6.65 12.53
N ASP A 359 45.50 -7.90 12.23
CA ASP A 359 44.91 -8.64 11.12
C ASP A 359 43.88 -9.58 11.68
N TYR A 360 42.60 -9.27 11.42
CA TYR A 360 41.50 -10.06 11.94
C TYR A 360 41.03 -11.16 11.01
N THR A 361 41.81 -11.44 9.98
CA THR A 361 41.43 -12.48 9.04
C THR A 361 41.16 -13.79 9.78
N GLY A 362 39.94 -14.30 9.67
CA GLY A 362 39.60 -15.54 10.33
C GLY A 362 38.90 -15.41 11.68
N VAL A 363 38.97 -14.25 12.32
CA VAL A 363 38.31 -14.08 13.62
C VAL A 363 36.87 -13.59 13.55
N GLY A 364 36.05 -14.04 14.49
CA GLY A 364 34.65 -13.63 14.54
C GLY A 364 33.78 -14.30 13.50
N VAL A 365 32.51 -13.93 13.44
CA VAL A 365 31.59 -14.50 12.47
C VAL A 365 31.44 -13.57 11.28
N ASP A 366 31.63 -14.10 10.07
CA ASP A 366 31.51 -13.29 8.88
C ASP A 366 30.06 -13.32 8.37
N GLN A 367 29.25 -12.37 8.85
CA GLN A 367 27.85 -12.30 8.47
C GLN A 367 27.65 -11.99 7.00
N LEU A 368 28.36 -10.96 6.51
CA LEU A 368 28.22 -10.57 5.13
C LEU A 368 28.44 -11.79 4.25
N ALA A 369 29.50 -12.52 4.53
CA ALA A 369 29.78 -13.71 3.75
C ALA A 369 28.58 -14.66 3.80
N LYS A 370 28.19 -15.06 5.02
CA LYS A 370 27.06 -15.96 5.20
C LYS A 370 25.79 -15.42 4.55
N LEU A 371 25.56 -14.11 4.68
CA LEU A 371 24.39 -13.47 4.12
C LEU A 371 24.34 -13.74 2.62
N ILE A 372 25.45 -13.45 1.94
CA ILE A 372 25.55 -13.67 0.51
C ILE A 372 25.38 -15.14 0.18
N GLU A 373 25.98 -15.99 0.99
CA GLU A 373 25.90 -17.41 0.75
C GLU A 373 24.48 -17.91 0.92
N THR A 374 23.85 -17.52 2.01
CA THR A 374 22.49 -17.93 2.29
C THR A 374 21.52 -17.32 1.28
N LEU A 375 21.79 -16.09 0.85
CA LEU A 375 20.92 -15.41 -0.10
C LEU A 375 20.78 -16.14 -1.43
N LYS A 376 21.85 -16.75 -1.90
CA LYS A 376 21.76 -17.46 -3.18
C LYS A 376 21.46 -18.94 -3.07
N ASN A 377 21.83 -19.56 -1.95
CA ASN A 377 21.56 -20.98 -1.80
C ASN A 377 20.21 -21.31 -1.20
N ASN A 378 19.60 -20.33 -0.54
CA ASN A 378 18.32 -20.55 0.12
C ASN A 378 17.55 -19.22 0.17
N PRO A 379 17.18 -18.67 -1.00
CA PRO A 379 16.47 -17.40 -1.09
C PRO A 379 15.19 -17.22 -0.27
N LYS A 380 14.27 -18.18 -0.33
CA LYS A 380 13.01 -18.08 0.40
C LYS A 380 13.22 -18.07 1.92
N ASP A 381 14.45 -18.33 2.35
CA ASP A 381 14.77 -18.36 3.78
C ASP A 381 14.32 -17.08 4.47
N ARG A 382 13.89 -17.19 5.71
CA ARG A 382 13.43 -16.02 6.44
C ARG A 382 14.43 -15.50 7.46
N ARG A 383 15.70 -15.90 7.31
CA ARG A 383 16.73 -15.44 8.22
C ARG A 383 17.89 -14.68 7.60
N HIS A 384 17.68 -14.05 6.45
CA HIS A 384 18.74 -13.27 5.80
C HIS A 384 19.00 -11.97 6.58
N ILE A 385 19.69 -12.09 7.71
CA ILE A 385 19.93 -10.96 8.57
C ILE A 385 21.37 -10.54 8.79
N LEU A 386 21.55 -9.23 8.93
CA LEU A 386 22.85 -8.62 9.16
C LEU A 386 22.66 -7.67 10.36
N THR A 387 23.51 -7.81 11.37
CA THR A 387 23.40 -6.97 12.55
C THR A 387 24.73 -6.36 12.96
N ALA A 388 24.66 -5.19 13.59
CA ALA A 388 25.86 -4.53 14.07
C ALA A 388 25.72 -4.28 15.56
N TRP A 389 24.59 -4.66 16.14
CA TRP A 389 24.37 -4.43 17.57
C TRP A 389 24.92 -5.56 18.43
N ASN A 390 26.12 -5.35 18.96
CA ASN A 390 26.79 -6.33 19.80
C ASN A 390 26.97 -5.79 21.22
N PRO A 391 26.07 -6.18 22.15
CA PRO A 391 26.13 -5.74 23.54
C PRO A 391 27.51 -5.82 24.17
N SER A 392 28.30 -6.80 23.73
CA SER A 392 29.64 -6.99 24.27
C SER A 392 30.72 -6.05 23.74
N ALA A 393 30.48 -5.45 22.58
CA ALA A 393 31.48 -4.55 22.00
C ALA A 393 31.16 -3.08 22.12
N LEU A 394 29.90 -2.75 22.38
CA LEU A 394 29.48 -1.36 22.50
C LEU A 394 30.49 -0.42 23.15
N SER A 395 30.95 -0.77 24.34
CA SER A 395 31.91 0.05 25.07
C SER A 395 33.18 0.42 24.31
N GLN A 396 33.58 -0.38 23.33
CA GLN A 396 34.79 -0.11 22.56
C GLN A 396 34.56 0.69 21.28
N MET A 397 33.29 0.87 20.92
CA MET A 397 32.97 1.60 19.71
C MET A 397 32.99 3.12 19.90
N ALA A 398 33.53 3.83 18.91
CA ALA A 398 33.59 5.29 18.97
C ALA A 398 32.16 5.79 18.97
N LEU A 399 31.27 4.97 18.44
CA LEU A 399 29.87 5.32 18.35
C LEU A 399 29.06 4.05 18.15
N PRO A 400 27.99 3.87 18.94
CA PRO A 400 27.15 2.67 18.82
C PRO A 400 26.47 2.67 17.45
N PRO A 401 26.20 1.48 16.90
CA PRO A 401 25.55 1.38 15.59
C PRO A 401 24.21 2.11 15.51
N CYS A 402 24.03 2.92 14.47
CA CYS A 402 22.77 3.60 14.26
C CYS A 402 21.95 2.72 13.33
N HIS A 403 22.53 2.32 12.20
CA HIS A 403 21.81 1.40 11.33
C HIS A 403 22.12 0.05 11.94
N VAL A 404 21.36 -0.24 12.98
CA VAL A 404 21.45 -1.43 13.82
C VAL A 404 21.27 -2.81 13.19
N LEU A 405 20.20 -3.01 12.42
CA LEU A 405 19.98 -4.32 11.83
C LEU A 405 19.20 -4.23 10.53
N SER A 406 19.55 -5.10 9.59
CA SER A 406 18.89 -5.12 8.29
C SER A 406 18.55 -6.55 7.89
N GLN A 407 17.42 -6.72 7.21
CA GLN A 407 17.00 -8.06 6.76
C GLN A 407 16.80 -7.99 5.26
N TYR A 408 17.10 -9.08 4.58
CA TYR A 408 16.97 -9.12 3.15
C TYR A 408 15.95 -10.16 2.75
N TYR A 409 15.25 -9.88 1.65
CA TYR A 409 14.18 -10.74 1.15
C TYR A 409 14.34 -10.91 -0.35
N VAL A 410 14.20 -12.14 -0.84
CA VAL A 410 14.30 -12.39 -2.27
C VAL A 410 12.88 -12.67 -2.79
N THR A 411 12.36 -11.78 -3.62
CA THR A 411 10.99 -11.95 -4.13
C THR A 411 10.89 -13.11 -5.07
N ASN A 412 9.67 -13.53 -5.37
CA ASN A 412 9.46 -14.65 -6.28
C ASN A 412 9.96 -14.33 -7.69
N ASP A 413 9.95 -13.05 -8.03
CA ASP A 413 10.41 -12.61 -9.34
C ASP A 413 11.89 -12.26 -9.32
N ASN A 414 12.60 -12.85 -8.37
CA ASN A 414 14.03 -12.67 -8.20
C ASN A 414 14.55 -11.27 -8.00
N CYS A 415 13.81 -10.46 -7.24
CA CYS A 415 14.24 -9.11 -6.93
C CYS A 415 14.73 -9.22 -5.49
N LEU A 416 15.65 -8.36 -5.08
CA LEU A 416 16.16 -8.39 -3.71
C LEU A 416 15.73 -7.15 -2.95
N SER A 417 14.90 -7.32 -1.93
CA SER A 417 14.45 -6.19 -1.14
C SER A 417 15.22 -6.14 0.18
N CYS A 418 15.20 -4.98 0.82
CA CYS A 418 15.92 -4.76 2.06
C CYS A 418 15.15 -3.95 3.09
N ASN A 419 15.19 -4.42 4.34
CA ASN A 419 14.59 -3.74 5.48
C ASN A 419 15.72 -3.36 6.40
N LEU A 420 15.64 -2.15 6.94
CA LEU A 420 16.66 -1.63 7.85
C LEU A 420 16.03 -1.00 9.08
N TYR A 421 16.52 -1.35 10.26
CA TYR A 421 16.03 -0.73 11.47
C TYR A 421 17.14 0.19 11.94
N GLN A 422 16.83 1.46 12.10
CA GLN A 422 17.80 2.45 12.54
C GLN A 422 17.34 3.03 13.87
N ARG A 423 18.12 2.79 14.92
CA ARG A 423 17.74 3.25 16.25
C ARG A 423 17.71 4.76 16.39
N SER A 424 18.64 5.42 15.73
CA SER A 424 18.74 6.87 15.81
C SER A 424 18.97 7.37 14.38
N CYS A 425 18.30 8.46 14.02
CA CYS A 425 18.44 8.97 12.66
C CYS A 425 18.41 10.48 12.56
N ASP A 426 19.52 11.05 12.10
CA ASP A 426 19.64 12.49 11.92
C ASP A 426 19.03 12.81 10.56
N LEU A 427 17.75 13.13 10.55
CA LEU A 427 17.01 13.41 9.32
C LEU A 427 17.63 14.43 8.39
N GLY A 428 18.27 15.44 8.95
CA GLY A 428 18.84 16.48 8.13
C GLY A 428 20.19 16.16 7.53
N LEU A 429 21.06 15.55 8.33
CA LEU A 429 22.39 15.26 7.85
C LEU A 429 22.62 13.83 7.37
N GLY A 430 22.36 12.86 8.24
CA GLY A 430 22.61 11.46 7.88
C GLY A 430 21.60 10.72 7.03
N SER A 431 20.33 10.75 7.43
CA SER A 431 19.30 10.03 6.71
C SER A 431 19.45 9.99 5.18
N PRO A 432 19.65 11.15 4.52
CA PRO A 432 19.79 11.13 3.07
C PRO A 432 20.85 10.15 2.63
N PHE A 433 21.93 10.11 3.39
CA PHE A 433 23.03 9.23 3.09
C PHE A 433 22.71 7.78 3.43
N ASN A 434 21.98 7.55 4.51
CA ASN A 434 21.63 6.16 4.84
C ASN A 434 20.78 5.53 3.75
N ILE A 435 19.80 6.29 3.28
CA ILE A 435 18.89 5.82 2.25
C ILE A 435 19.72 5.35 1.07
N ALA A 436 20.54 6.23 0.53
CA ALA A 436 21.40 5.90 -0.60
C ALA A 436 22.34 4.73 -0.29
N SER A 437 22.96 4.79 0.89
CA SER A 437 23.89 3.76 1.31
C SER A 437 23.29 2.36 1.23
N TYR A 438 22.23 2.13 1.98
CA TYR A 438 21.59 0.81 1.96
C TYR A 438 20.99 0.45 0.60
N ALA A 439 20.69 1.46 -0.21
CA ALA A 439 20.17 1.18 -1.53
C ALA A 439 21.32 0.54 -2.30
N ILE A 440 22.48 1.18 -2.26
CA ILE A 440 23.65 0.67 -2.97
C ILE A 440 24.00 -0.73 -2.49
N LEU A 441 24.07 -0.90 -1.17
CA LEU A 441 24.42 -2.19 -0.60
C LEU A 441 23.49 -3.27 -1.14
N THR A 442 22.21 -2.94 -1.22
CA THR A 442 21.26 -3.92 -1.71
C THR A 442 21.59 -4.25 -3.16
N MET A 443 21.90 -3.23 -3.96
CA MET A 443 22.22 -3.45 -5.36
C MET A 443 23.43 -4.36 -5.47
N MET A 444 24.44 -4.10 -4.64
CA MET A 444 25.66 -4.90 -4.67
C MET A 444 25.33 -6.34 -4.31
N LEU A 445 24.67 -6.52 -3.18
CA LEU A 445 24.31 -7.86 -2.75
C LEU A 445 23.51 -8.57 -3.84
N ALA A 446 22.68 -7.80 -4.54
CA ALA A 446 21.86 -8.37 -5.60
C ALA A 446 22.67 -8.83 -6.80
N GLN A 447 23.60 -8.00 -7.25
CA GLN A 447 24.41 -8.36 -8.40
C GLN A 447 25.20 -9.62 -8.08
N VAL A 448 25.86 -9.61 -6.92
CA VAL A 448 26.67 -10.74 -6.48
C VAL A 448 25.87 -12.03 -6.31
N CYS A 449 24.60 -11.93 -5.89
CA CYS A 449 23.76 -13.10 -5.70
C CYS A 449 22.87 -13.40 -6.90
N GLY A 450 23.10 -12.68 -7.99
CA GLY A 450 22.34 -12.89 -9.22
C GLY A 450 20.90 -12.43 -9.23
N TYR A 451 20.60 -11.33 -8.54
CA TYR A 451 19.24 -10.82 -8.51
C TYR A 451 19.29 -9.36 -8.93
N GLU A 452 18.17 -8.68 -8.77
CA GLU A 452 18.12 -7.26 -9.09
C GLU A 452 17.41 -6.55 -7.95
N PRO A 453 17.71 -5.26 -7.75
CA PRO A 453 17.10 -4.50 -6.66
C PRO A 453 15.57 -4.53 -6.63
N GLY A 454 15.02 -4.65 -5.43
CA GLY A 454 13.58 -4.68 -5.25
C GLY A 454 13.10 -3.42 -4.56
N GLU A 455 12.79 -3.52 -3.28
CA GLU A 455 12.32 -2.36 -2.53
C GLU A 455 13.16 -2.16 -1.29
N LEU A 456 13.20 -0.92 -0.83
CA LEU A 456 13.94 -0.55 0.37
C LEU A 456 13.01 0.09 1.40
N ALA A 457 12.87 -0.54 2.55
CA ALA A 457 12.00 -0.02 3.60
C ALA A 457 12.87 0.29 4.81
N ILE A 458 12.71 1.48 5.37
CA ILE A 458 13.49 1.89 6.53
C ILE A 458 12.60 2.22 7.73
N PHE A 459 12.91 1.56 8.85
CA PHE A 459 12.17 1.73 10.09
C PHE A 459 13.03 2.49 11.10
N ILE A 460 12.59 3.68 11.45
CA ILE A 460 13.31 4.54 12.37
C ILE A 460 12.83 4.49 13.80
N GLY A 461 13.77 4.53 14.73
CA GLY A 461 13.43 4.57 16.12
C GLY A 461 13.29 6.06 16.43
N ASP A 462 14.37 6.68 16.89
CA ASP A 462 14.34 8.10 17.21
C ASP A 462 14.63 8.93 15.97
N ALA A 463 13.58 9.33 15.27
CA ALA A 463 13.71 10.16 14.07
C ALA A 463 13.73 11.61 14.55
N HIS A 464 14.83 12.30 14.33
CA HIS A 464 14.96 13.68 14.81
C HIS A 464 15.63 14.66 13.86
N ILE A 465 15.45 15.93 14.20
CA ILE A 465 16.02 17.05 13.46
C ILE A 465 16.79 17.92 14.46
N TYR A 466 18.07 18.14 14.21
CA TYR A 466 18.86 18.98 15.09
C TYR A 466 18.39 20.42 14.87
N GLU A 467 18.21 21.16 15.96
CA GLU A 467 17.70 22.53 15.87
C GLU A 467 18.50 23.47 15.00
N ASN A 468 19.75 23.12 14.72
CA ASN A 468 20.57 23.97 13.87
C ASN A 468 20.41 23.65 12.39
N HIS A 469 19.40 22.84 12.05
CA HIS A 469 19.14 22.47 10.67
C HIS A 469 17.80 23.02 10.23
N LEU A 470 17.07 23.60 11.17
CA LEU A 470 15.74 24.12 10.89
C LEU A 470 15.62 25.01 9.66
N THR A 471 16.49 26.01 9.53
CA THR A 471 16.40 26.88 8.37
C THR A 471 16.77 26.13 7.09
N GLN A 472 17.82 25.29 7.14
CA GLN A 472 18.21 24.52 5.96
C GLN A 472 17.08 23.62 5.46
N LEU A 473 16.49 22.84 6.37
CA LEU A 473 15.41 21.95 6.02
C LEU A 473 14.18 22.68 5.53
N LYS A 474 13.98 23.91 6.01
CA LYS A 474 12.82 24.69 5.59
C LYS A 474 13.03 25.03 4.11
N GLU A 475 14.26 25.42 3.79
CA GLU A 475 14.67 25.75 2.43
C GLU A 475 14.50 24.51 1.56
N GLN A 476 15.02 23.38 2.02
CA GLN A 476 14.91 22.14 1.26
C GLN A 476 13.42 21.86 0.96
N LEU A 477 12.58 22.00 1.98
CA LEU A 477 11.15 21.77 1.83
C LEU A 477 10.45 22.69 0.84
N SER A 478 11.10 23.77 0.44
CA SER A 478 10.49 24.69 -0.51
C SER A 478 10.72 24.25 -1.95
N ARG A 479 11.53 23.22 -2.16
CA ARG A 479 11.84 22.73 -3.49
C ARG A 479 10.97 21.57 -3.88
N THR A 480 10.45 21.60 -5.10
CA THR A 480 9.61 20.50 -5.58
C THR A 480 10.51 19.42 -6.14
N PRO A 481 10.30 18.16 -5.74
CA PRO A 481 11.10 17.02 -6.21
C PRO A 481 11.18 16.85 -7.72
N ARG A 482 12.30 16.32 -8.16
CA ARG A 482 12.54 16.03 -9.57
C ARG A 482 12.67 14.53 -9.61
N PRO A 483 12.52 13.92 -10.79
CA PRO A 483 12.65 12.47 -10.84
C PRO A 483 13.98 11.94 -10.31
N PHE A 484 13.94 10.80 -9.63
CA PHE A 484 15.14 10.19 -9.10
C PHE A 484 16.07 9.81 -10.24
N PRO A 485 17.37 9.71 -9.97
CA PRO A 485 18.29 9.33 -11.03
C PRO A 485 18.34 7.80 -11.13
N GLN A 486 19.31 7.27 -11.87
CA GLN A 486 19.49 5.84 -12.02
C GLN A 486 20.91 5.58 -11.56
N LEU A 487 21.16 4.41 -10.99
CA LEU A 487 22.50 4.06 -10.56
C LEU A 487 22.78 2.69 -11.15
N LYS A 488 23.89 2.57 -11.88
CA LYS A 488 24.25 1.31 -12.50
C LYS A 488 25.72 0.96 -12.33
N PHE A 489 26.00 -0.34 -12.34
CA PHE A 489 27.38 -0.81 -12.21
C PHE A 489 27.91 -1.05 -13.62
N LYS A 490 29.15 -0.62 -13.85
CA LYS A 490 29.78 -0.76 -15.16
C LYS A 490 30.32 -2.15 -15.46
N ARG A 491 30.42 -3.00 -14.44
CA ARG A 491 30.94 -4.36 -14.66
C ARG A 491 30.44 -5.30 -13.58
N LYS A 492 30.43 -6.60 -13.85
CA LYS A 492 29.97 -7.53 -12.82
C LYS A 492 31.16 -7.96 -11.98
N VAL A 493 31.25 -7.46 -10.75
CA VAL A 493 32.35 -7.86 -9.88
C VAL A 493 32.12 -9.29 -9.45
N GLU A 494 33.19 -10.00 -9.09
CA GLU A 494 33.04 -11.38 -8.67
C GLU A 494 32.84 -11.47 -7.17
N ASN A 495 33.60 -10.67 -6.42
CA ASN A 495 33.43 -10.66 -4.98
C ASN A 495 32.98 -9.26 -4.56
N ILE A 496 31.94 -9.19 -3.73
CA ILE A 496 31.40 -7.92 -3.30
C ILE A 496 32.41 -6.86 -2.87
N GLU A 497 33.57 -7.26 -2.36
CA GLU A 497 34.55 -6.27 -1.92
C GLU A 497 35.42 -5.70 -3.04
N ASP A 498 35.19 -6.17 -4.26
CA ASP A 498 35.95 -5.70 -5.42
C ASP A 498 35.34 -4.45 -6.05
N PHE A 499 34.19 -4.02 -5.56
CA PHE A 499 33.55 -2.83 -6.11
C PHE A 499 34.45 -1.62 -5.96
N LYS A 500 34.54 -0.82 -7.02
CA LYS A 500 35.37 0.37 -7.01
C LYS A 500 34.52 1.52 -7.51
N TRP A 501 34.83 2.74 -7.08
CA TRP A 501 34.10 3.93 -7.48
C TRP A 501 33.85 4.00 -8.99
N GLU A 502 34.88 3.70 -9.77
CA GLU A 502 34.81 3.74 -11.22
C GLU A 502 33.76 2.80 -11.77
N ASP A 503 33.39 1.80 -10.98
CA ASP A 503 32.38 0.82 -11.39
C ASP A 503 30.97 1.39 -11.37
N ILE A 504 30.80 2.53 -10.70
CA ILE A 504 29.49 3.15 -10.57
C ILE A 504 29.14 4.27 -11.54
N GLU A 505 27.90 4.24 -12.02
CA GLU A 505 27.37 5.24 -12.95
C GLU A 505 26.11 5.91 -12.39
N LEU A 506 26.18 7.21 -12.15
CA LEU A 506 25.01 7.92 -11.65
C LEU A 506 24.43 8.63 -12.87
N ILE A 507 23.36 8.08 -13.42
CA ILE A 507 22.73 8.63 -14.61
C ILE A 507 21.51 9.52 -14.40
N GLY A 508 21.57 10.73 -14.95
CA GLY A 508 20.44 11.64 -14.87
C GLY A 508 20.09 12.27 -13.53
N TYR A 509 21.10 12.59 -12.73
CA TYR A 509 20.86 13.21 -11.44
C TYR A 509 20.89 14.72 -11.66
N TYR A 510 19.77 15.38 -11.39
CA TYR A 510 19.69 16.84 -11.56
C TYR A 510 19.12 17.50 -10.31
N PRO A 511 19.84 17.38 -9.18
CA PRO A 511 19.39 17.97 -7.91
C PRO A 511 19.46 19.48 -7.81
N TYR A 512 18.79 20.00 -6.79
CA TYR A 512 18.82 21.43 -6.51
C TYR A 512 20.17 21.63 -5.81
N PRO A 513 20.65 22.89 -5.76
CA PRO A 513 21.94 23.15 -5.10
C PRO A 513 22.06 22.52 -3.72
N THR A 514 23.28 22.14 -3.36
CA THR A 514 23.51 21.52 -2.07
C THR A 514 23.22 22.50 -0.93
N ILE A 515 22.82 21.98 0.22
CA ILE A 515 22.50 22.80 1.37
C ILE A 515 23.43 22.39 2.51
N LYS A 516 24.27 23.31 2.96
CA LYS A 516 25.23 23.03 4.02
C LYS A 516 24.57 22.83 5.37
N MET A 517 24.85 21.70 6.02
CA MET A 517 24.29 21.38 7.33
C MET A 517 25.36 20.79 8.22
N ASP A 518 25.66 21.47 9.33
CA ASP A 518 26.70 21.02 10.24
C ASP A 518 26.32 19.95 11.27
N MET A 519 27.23 19.00 11.46
CA MET A 519 27.07 17.89 12.41
C MET A 519 27.41 18.29 13.86
N ALA A 520 26.80 17.59 14.82
CA ALA A 520 27.05 17.83 16.24
C ALA A 520 27.97 16.68 16.68
N VAL A 521 29.17 17.01 17.19
CA VAL A 521 30.16 16.00 17.61
C VAL A 521 29.71 15.10 18.77
N GLU B 3 -35.51 20.05 4.34
CA GLU B 3 -34.88 18.76 4.77
C GLU B 3 -33.79 18.94 5.84
N LYS B 4 -34.13 18.62 7.08
CA LYS B 4 -33.21 18.73 8.21
C LYS B 4 -32.60 17.37 8.49
N ASN B 5 -31.55 17.34 9.32
CA ASN B 5 -30.91 16.07 9.63
C ASN B 5 -31.33 15.52 10.98
N VAL B 6 -31.56 14.21 11.05
CA VAL B 6 -31.96 13.57 12.30
C VAL B 6 -30.97 12.49 12.71
N SER B 7 -30.22 12.76 13.79
CA SER B 7 -29.22 11.81 14.26
C SER B 7 -29.52 11.25 15.61
N ILE B 8 -29.21 9.98 15.79
CA ILE B 8 -29.40 9.35 17.08
C ILE B 8 -28.10 9.46 17.86
N VAL B 9 -28.21 9.70 19.16
CA VAL B 9 -27.03 9.77 20.01
C VAL B 9 -27.31 8.82 21.16
N VAL B 10 -26.45 7.83 21.36
CA VAL B 10 -26.65 6.86 22.41
C VAL B 10 -25.36 6.18 22.83
N ALA B 11 -25.36 5.66 24.05
CA ALA B 11 -24.22 4.92 24.56
C ALA B 11 -24.80 3.60 25.09
N ALA B 12 -24.33 2.48 24.56
CA ALA B 12 -24.82 1.17 24.98
C ALA B 12 -23.67 0.17 25.17
N SER B 13 -23.84 -0.77 26.10
CA SER B 13 -22.82 -1.78 26.35
C SER B 13 -22.50 -2.51 25.04
N VAL B 14 -21.24 -2.87 24.88
CA VAL B 14 -20.76 -3.53 23.68
C VAL B 14 -21.47 -4.80 23.25
N LEU B 15 -21.85 -5.66 24.19
CA LEU B 15 -22.50 -6.92 23.83
C LEU B 15 -24.03 -6.96 23.79
N SER B 16 -24.70 -6.47 24.82
CA SER B 16 -26.14 -6.53 24.82
C SER B 16 -26.83 -5.19 24.60
N SER B 17 -26.04 -4.16 24.31
CA SER B 17 -26.58 -2.83 24.06
C SER B 17 -27.40 -2.27 25.22
N GLY B 18 -26.95 -2.52 26.45
CA GLY B 18 -27.67 -1.99 27.59
C GLY B 18 -27.41 -0.51 27.68
N ILE B 19 -28.44 0.29 27.94
CA ILE B 19 -28.27 1.74 28.02
C ILE B 19 -28.81 2.36 29.29
N GLY B 20 -29.54 1.58 30.09
CA GLY B 20 -30.08 2.13 31.31
C GLY B 20 -30.42 1.12 32.37
N ILE B 21 -30.49 1.60 33.62
CA ILE B 21 -30.82 0.76 34.76
C ILE B 21 -31.43 1.66 35.84
N ASN B 22 -32.64 1.31 36.27
CA ASN B 22 -33.36 2.05 37.28
C ASN B 22 -33.30 3.54 37.04
N GLY B 23 -33.66 3.95 35.82
CA GLY B 23 -33.68 5.36 35.46
C GLY B 23 -32.35 6.08 35.44
N GLN B 24 -31.26 5.35 35.32
CA GLN B 24 -29.95 5.96 35.28
C GLN B 24 -29.11 5.24 34.24
N LEU B 25 -27.95 5.82 33.92
CA LEU B 25 -27.04 5.18 33.01
C LEU B 25 -26.41 4.07 33.83
N PRO B 26 -26.00 2.98 33.20
CA PRO B 26 -25.40 1.92 34.02
C PRO B 26 -23.89 2.11 34.25
N TRP B 27 -23.44 3.34 34.11
CA TRP B 27 -22.03 3.66 34.29
C TRP B 27 -21.86 5.17 34.34
N SER B 28 -20.69 5.63 34.74
CA SER B 28 -20.44 7.07 34.80
C SER B 28 -19.14 7.46 34.10
N ILE B 29 -19.24 7.86 32.85
CA ILE B 29 -18.07 8.27 32.06
C ILE B 29 -18.29 9.71 31.62
N SER B 30 -17.57 10.65 32.24
CA SER B 30 -17.75 12.05 31.91
C SER B 30 -17.36 12.43 30.51
N GLU B 31 -16.29 11.85 29.99
CA GLU B 31 -15.89 12.21 28.63
C GLU B 31 -17.06 11.94 27.69
N ASP B 32 -17.88 10.94 27.99
CA ASP B 32 -19.01 10.63 27.12
C ASP B 32 -20.12 11.64 27.28
N LEU B 33 -20.33 12.14 28.49
CA LEU B 33 -21.36 13.16 28.68
C LEU B 33 -20.84 14.36 27.94
N LYS B 34 -19.54 14.58 28.07
CA LYS B 34 -18.89 15.70 27.41
C LYS B 34 -19.07 15.56 25.90
N PHE B 35 -18.96 14.33 25.40
CA PHE B 35 -19.14 14.09 23.98
C PHE B 35 -20.58 14.41 23.60
N PHE B 36 -21.52 13.77 24.30
CA PHE B 36 -22.93 14.00 24.05
C PHE B 36 -23.22 15.47 23.94
N SER B 37 -22.62 16.26 24.84
CA SER B 37 -22.86 17.69 24.82
C SER B 37 -22.29 18.35 23.58
N LYS B 38 -21.05 18.02 23.24
CA LYS B 38 -20.39 18.59 22.07
C LYS B 38 -21.16 18.29 20.79
N ILE B 39 -21.47 17.02 20.57
CA ILE B 39 -22.15 16.63 19.36
C ILE B 39 -23.55 17.25 19.21
N THR B 40 -24.36 17.24 20.28
CA THR B 40 -25.71 17.78 20.20
C THR B 40 -25.79 19.30 20.22
N ASN B 41 -24.65 19.95 20.41
CA ASN B 41 -24.57 21.39 20.45
C ASN B 41 -24.01 21.90 19.13
N ASN B 42 -23.17 21.06 18.55
CA ASN B 42 -22.51 21.32 17.29
C ASN B 42 -23.47 21.79 16.20
N LYS B 43 -23.31 23.03 15.74
CA LYS B 43 -24.17 23.58 14.70
C LYS B 43 -23.41 24.64 13.88
N CYS B 44 -23.91 24.94 12.67
CA CYS B 44 -23.28 25.93 11.81
C CYS B 44 -23.82 27.34 12.00
N ASP B 45 -25.14 27.47 12.09
CA ASP B 45 -25.79 28.77 12.24
C ASP B 45 -25.99 29.25 13.68
N SER B 46 -25.18 30.21 14.09
CA SER B 46 -25.26 30.74 15.45
C SER B 46 -26.66 31.25 15.79
N ASN B 47 -27.45 31.57 14.77
CA ASN B 47 -28.79 32.08 15.00
C ASN B 47 -29.87 31.01 15.06
N LYS B 48 -29.46 29.76 14.98
CA LYS B 48 -30.41 28.68 15.05
C LYS B 48 -30.05 27.87 16.30
N LYS B 49 -30.73 26.74 16.49
CA LYS B 49 -30.47 25.86 17.62
C LYS B 49 -30.74 24.42 17.21
N ASN B 50 -30.22 23.46 17.98
CA ASN B 50 -30.49 22.07 17.68
C ASN B 50 -31.60 21.62 18.63
N ALA B 51 -32.35 20.60 18.23
CA ALA B 51 -33.44 20.09 19.06
C ALA B 51 -33.16 18.65 19.48
N LEU B 52 -33.33 18.36 20.76
CA LEU B 52 -33.10 17.03 21.28
C LEU B 52 -34.40 16.39 21.70
N ILE B 53 -34.82 15.38 20.95
CA ILE B 53 -36.05 14.66 21.23
C ILE B 53 -35.74 13.59 22.25
N MET B 54 -36.64 13.37 23.20
CA MET B 54 -36.42 12.34 24.21
C MET B 54 -37.73 11.92 24.88
N GLY B 55 -37.78 10.67 25.33
CA GLY B 55 -38.95 10.16 26.01
C GLY B 55 -39.12 10.86 27.34
N ARG B 56 -40.31 10.78 27.92
CA ARG B 56 -40.55 11.45 29.19
C ARG B 56 -39.64 10.94 30.30
N LYS B 57 -39.47 9.63 30.37
CA LYS B 57 -38.62 9.06 31.40
C LYS B 57 -37.20 9.61 31.31
N THR B 58 -36.69 9.75 30.10
CA THR B 58 -35.34 10.29 29.94
C THR B 58 -35.34 11.74 30.42
N TRP B 59 -36.43 12.44 30.14
CA TRP B 59 -36.60 13.83 30.56
C TRP B 59 -36.50 13.83 32.07
N ASP B 60 -37.06 12.80 32.72
CA ASP B 60 -37.00 12.71 34.16
C ASP B 60 -35.54 12.51 34.58
N SER B 61 -34.79 11.75 33.79
CA SER B 61 -33.38 11.48 34.06
C SER B 61 -32.56 12.75 34.13
N ILE B 62 -32.87 13.69 33.24
CA ILE B 62 -32.18 14.97 33.17
C ILE B 62 -32.58 15.89 34.30
N GLY B 63 -33.57 15.46 35.09
CA GLY B 63 -34.04 16.27 36.19
C GLY B 63 -34.95 17.37 35.70
N ARG B 64 -35.60 17.13 34.58
CA ARG B 64 -36.51 18.09 33.95
C ARG B 64 -35.98 19.51 33.99
N ARG B 65 -34.76 19.67 33.48
CA ARG B 65 -34.09 20.97 33.40
C ARG B 65 -33.47 21.05 32.02
N PRO B 66 -33.67 22.17 31.32
CA PRO B 66 -33.17 22.41 29.97
C PRO B 66 -31.66 22.24 29.80
N LEU B 67 -31.23 21.89 28.59
CA LEU B 67 -29.83 21.74 28.27
C LEU B 67 -29.43 23.00 27.52
N LYS B 68 -28.51 23.76 28.11
CA LYS B 68 -28.03 25.01 27.56
C LYS B 68 -27.88 25.05 26.03
N ASN B 69 -28.29 26.16 25.42
CA ASN B 69 -28.19 26.40 23.99
C ASN B 69 -29.05 25.50 23.10
N ARG B 70 -29.71 24.52 23.70
CA ARG B 70 -30.53 23.62 22.91
C ARG B 70 -32.00 23.66 23.26
N ILE B 71 -32.82 22.95 22.49
CA ILE B 71 -34.24 22.91 22.77
C ILE B 71 -34.66 21.46 22.97
N ILE B 72 -35.20 21.16 24.15
CA ILE B 72 -35.62 19.80 24.45
C ILE B 72 -37.06 19.58 24.05
N VAL B 73 -37.27 18.48 23.32
CA VAL B 73 -38.59 18.09 22.85
C VAL B 73 -38.97 16.79 23.54
N VAL B 74 -39.91 16.86 24.47
CA VAL B 74 -40.32 15.66 25.20
C VAL B 74 -41.52 15.00 24.58
N ILE B 75 -41.45 13.68 24.44
CA ILE B 75 -42.57 12.93 23.91
C ILE B 75 -43.27 12.29 25.11
N SER B 76 -44.49 12.74 25.36
CA SER B 76 -45.29 12.21 26.46
C SER B 76 -46.76 12.32 26.13
N SER B 77 -47.56 11.40 26.66
CA SER B 77 -48.99 11.41 26.42
C SER B 77 -49.67 12.24 27.52
N SER B 78 -49.01 12.34 28.68
CA SER B 78 -49.55 13.07 29.80
C SER B 78 -48.99 14.48 29.96
N LEU B 79 -47.67 14.59 30.13
CA LEU B 79 -47.02 15.88 30.31
C LEU B 79 -47.74 17.04 29.62
N PRO B 80 -48.06 18.10 30.38
CA PRO B 80 -48.75 19.30 29.90
C PRO B 80 -47.94 20.05 28.86
N GLN B 81 -48.61 20.46 27.78
CA GLN B 81 -47.94 21.23 26.76
C GLN B 81 -47.87 22.68 27.21
N ASP B 82 -46.97 22.94 28.16
CA ASP B 82 -46.78 24.28 28.73
C ASP B 82 -46.30 25.31 27.71
N GLU B 83 -46.15 26.54 28.18
CA GLU B 83 -45.67 27.64 27.36
C GLU B 83 -44.55 28.27 28.16
N ALA B 84 -44.50 27.86 29.43
CA ALA B 84 -43.51 28.33 30.40
C ALA B 84 -42.11 28.33 29.79
N ASP B 85 -41.40 27.21 29.94
CA ASP B 85 -40.05 27.12 29.40
C ASP B 85 -40.10 27.12 27.88
N PRO B 86 -39.42 28.08 27.25
CA PRO B 86 -39.38 28.19 25.80
C PRO B 86 -38.35 27.23 25.19
N ASN B 87 -37.52 26.64 26.04
CA ASN B 87 -36.49 25.71 25.59
C ASN B 87 -36.93 24.27 25.75
N VAL B 88 -38.13 24.07 26.29
CA VAL B 88 -38.66 22.75 26.47
C VAL B 88 -40.05 22.76 25.86
N VAL B 89 -40.32 21.78 25.01
CA VAL B 89 -41.62 21.69 24.36
C VAL B 89 -42.07 20.23 24.37
N VAL B 90 -43.37 20.01 24.54
CA VAL B 90 -43.92 18.66 24.59
C VAL B 90 -44.76 18.28 23.36
N PHE B 91 -44.70 17.01 22.97
CA PHE B 91 -45.46 16.49 21.84
C PHE B 91 -46.08 15.15 22.22
N ARG B 92 -47.28 14.87 21.68
CA ARG B 92 -48.00 13.64 22.00
C ARG B 92 -47.50 12.35 21.37
N ASN B 93 -46.88 12.45 20.20
CA ASN B 93 -46.34 11.27 19.52
C ASN B 93 -45.06 11.70 18.83
N LEU B 94 -44.18 10.73 18.57
CA LEU B 94 -42.90 11.05 17.93
C LEU B 94 -43.02 11.68 16.55
N GLU B 95 -43.95 11.20 15.73
CA GLU B 95 -44.08 11.74 14.38
C GLU B 95 -44.41 13.23 14.38
N ASP B 96 -45.45 13.61 15.10
CA ASP B 96 -45.81 15.01 15.15
C ASP B 96 -44.63 15.89 15.54
N SER B 97 -43.86 15.45 16.53
CA SER B 97 -42.71 16.21 16.97
C SER B 97 -41.77 16.44 15.81
N ILE B 98 -41.56 15.41 14.99
CA ILE B 98 -40.68 15.57 13.85
C ILE B 98 -41.41 16.34 12.74
N GLU B 99 -41.51 17.64 12.98
CA GLU B 99 -42.10 18.61 12.08
C GLU B 99 -41.12 19.75 12.32
N ASN B 100 -40.17 19.49 13.23
CA ASN B 100 -39.09 20.40 13.56
C ASN B 100 -38.52 20.73 12.18
N LEU B 101 -38.60 19.72 11.31
CA LEU B 101 -38.14 19.83 9.94
C LEU B 101 -39.05 20.86 9.27
N MET B 102 -40.31 20.48 9.12
CA MET B 102 -41.37 21.28 8.49
C MET B 102 -41.57 22.70 8.97
N ASN B 103 -40.60 23.22 9.72
CA ASN B 103 -40.71 24.58 10.21
C ASN B 103 -39.51 24.91 11.08
N ASP B 104 -39.77 25.71 12.11
CA ASP B 104 -38.75 26.12 13.03
C ASP B 104 -37.43 26.10 12.28
N ASP B 105 -37.35 26.96 11.28
CA ASP B 105 -36.14 27.06 10.48
C ASP B 105 -35.08 27.54 11.45
N SER B 106 -35.52 27.74 12.69
CA SER B 106 -34.68 28.16 13.80
C SER B 106 -33.97 26.91 14.33
N ILE B 107 -34.52 25.74 14.01
CA ILE B 107 -33.95 24.47 14.42
C ILE B 107 -33.08 23.96 13.27
N GLU B 108 -31.78 23.96 13.47
CA GLU B 108 -30.86 23.52 12.43
C GLU B 108 -30.72 22.01 12.29
N ASN B 109 -30.57 21.31 13.41
CA ASN B 109 -30.42 19.86 13.41
C ASN B 109 -31.25 19.17 14.48
N ILE B 110 -31.59 17.91 14.24
CA ILE B 110 -32.39 17.16 15.19
C ILE B 110 -31.64 15.96 15.73
N PHE B 111 -31.82 15.69 17.01
CA PHE B 111 -31.17 14.58 17.68
C PHE B 111 -32.16 13.76 18.48
N VAL B 112 -32.21 12.46 18.21
CA VAL B 112 -33.10 11.58 18.95
C VAL B 112 -32.24 11.16 20.13
N CYS B 113 -32.55 11.74 21.28
CA CYS B 113 -31.77 11.52 22.49
C CYS B 113 -32.14 10.45 23.48
N GLY B 114 -32.98 9.50 23.09
CA GLY B 114 -33.21 8.48 24.07
C GLY B 114 -34.55 8.06 24.58
N GLY B 115 -34.46 6.86 25.15
CA GLY B 115 -35.57 6.14 25.70
C GLY B 115 -35.61 4.96 24.75
N GLU B 116 -35.47 3.75 25.27
CA GLU B 116 -35.52 2.58 24.42
C GLU B 116 -36.74 2.74 23.51
N SER B 117 -37.87 3.11 24.10
CA SER B 117 -39.08 3.30 23.33
C SER B 117 -38.91 4.27 22.17
N ILE B 118 -38.41 5.47 22.45
CA ILE B 118 -38.22 6.47 21.43
C ILE B 118 -37.19 6.05 20.38
N TYR B 119 -36.14 5.35 20.79
CA TYR B 119 -35.13 4.90 19.84
C TYR B 119 -35.77 3.92 18.88
N ARG B 120 -36.33 2.87 19.44
CA ARG B 120 -36.99 1.82 18.68
C ARG B 120 -38.01 2.38 17.69
N ASP B 121 -38.79 3.37 18.12
CA ASP B 121 -39.79 3.98 17.25
C ASP B 121 -39.15 4.83 16.17
N ALA B 122 -38.11 5.58 16.55
CA ALA B 122 -37.41 6.43 15.61
C ALA B 122 -36.88 5.61 14.47
N LEU B 123 -36.27 4.47 14.79
CA LEU B 123 -35.73 3.59 13.76
C LEU B 123 -36.84 2.95 12.94
N LYS B 124 -37.81 2.34 13.62
CA LYS B 124 -38.94 1.68 12.97
C LYS B 124 -39.67 2.53 11.93
N ASP B 125 -39.90 3.80 12.25
CA ASP B 125 -40.61 4.70 11.34
C ASP B 125 -39.66 5.41 10.39
N ASN B 126 -38.44 4.88 10.29
CA ASN B 126 -37.40 5.42 9.41
C ASN B 126 -37.22 6.94 9.48
N PHE B 127 -37.08 7.47 10.69
CA PHE B 127 -36.91 8.91 10.90
C PHE B 127 -35.46 9.35 11.01
N VAL B 128 -34.59 8.43 11.42
CA VAL B 128 -33.19 8.75 11.62
C VAL B 128 -32.26 8.50 10.44
N ASP B 129 -31.38 9.48 10.22
CA ASP B 129 -30.40 9.46 9.15
C ASP B 129 -29.05 8.95 9.62
N ARG B 130 -28.70 9.27 10.87
CA ARG B 130 -27.41 8.89 11.41
C ARG B 130 -27.48 8.36 12.84
N ILE B 131 -26.43 7.67 13.28
CA ILE B 131 -26.38 7.13 14.62
C ILE B 131 -25.00 7.34 15.24
N TYR B 132 -24.93 8.05 16.36
CA TYR B 132 -23.67 8.25 17.06
C TYR B 132 -23.73 7.27 18.22
N LEU B 133 -22.96 6.19 18.11
CA LEU B 133 -22.98 5.15 19.14
C LEU B 133 -21.72 5.07 19.97
N THR B 134 -21.84 5.27 21.27
CA THR B 134 -20.69 5.12 22.15
C THR B 134 -20.76 3.71 22.72
N ARG B 135 -19.83 2.85 22.32
CA ARG B 135 -19.80 1.47 22.81
C ARG B 135 -19.04 1.40 24.13
N VAL B 136 -19.72 0.98 25.19
CA VAL B 136 -19.10 0.90 26.50
C VAL B 136 -18.79 -0.55 26.83
N ALA B 137 -17.58 -0.78 27.31
CA ALA B 137 -17.11 -2.12 27.60
C ALA B 137 -17.40 -2.78 28.94
N LEU B 138 -18.62 -2.70 29.45
CA LEU B 138 -18.90 -3.44 30.68
C LEU B 138 -20.19 -4.19 30.42
N GLU B 139 -20.10 -5.51 30.51
CA GLU B 139 -21.22 -6.35 30.16
C GLU B 139 -21.82 -7.29 31.19
N ASP B 140 -21.25 -7.37 32.39
CA ASP B 140 -21.89 -8.26 33.35
C ASP B 140 -22.50 -7.52 34.52
N ILE B 141 -23.41 -6.62 34.19
CA ILE B 141 -24.11 -5.80 35.16
C ILE B 141 -25.56 -5.73 34.75
N GLU B 142 -26.43 -5.31 35.67
CA GLU B 142 -27.85 -5.25 35.38
C GLU B 142 -28.26 -4.14 34.41
N PHE B 143 -29.17 -4.48 33.50
CA PHE B 143 -29.71 -3.53 32.52
C PHE B 143 -31.22 -3.71 32.44
N ASP B 144 -31.97 -2.62 32.32
CA ASP B 144 -33.40 -2.75 32.16
C ASP B 144 -33.87 -2.01 30.92
N THR B 145 -32.94 -1.29 30.28
CA THR B 145 -33.26 -0.56 29.07
C THR B 145 -32.20 -0.86 28.02
N TYR B 146 -32.62 -1.01 26.78
CA TYR B 146 -31.69 -1.33 25.71
C TYR B 146 -31.82 -0.48 24.48
N PHE B 147 -30.80 -0.51 23.63
CA PHE B 147 -30.82 0.21 22.37
C PHE B 147 -31.16 -0.86 21.32
N PRO B 148 -32.22 -0.67 20.54
CA PRO B 148 -32.57 -1.68 19.54
C PRO B 148 -31.43 -2.01 18.61
N GLU B 149 -31.54 -3.13 17.90
CA GLU B 149 -30.49 -3.52 16.96
C GLU B 149 -30.54 -2.56 15.78
N ILE B 150 -29.36 -2.13 15.32
CA ILE B 150 -29.29 -1.20 14.20
C ILE B 150 -29.76 -1.86 12.91
N PRO B 151 -30.81 -1.32 12.30
CA PRO B 151 -31.32 -1.90 11.05
C PRO B 151 -30.27 -1.94 9.95
N GLU B 152 -30.31 -2.99 9.15
CA GLU B 152 -29.36 -3.19 8.05
C GLU B 152 -29.18 -2.02 7.12
N THR B 153 -30.15 -1.12 7.06
CA THR B 153 -30.05 0.02 6.17
C THR B 153 -28.96 0.97 6.65
N PHE B 154 -28.40 0.67 7.82
CA PHE B 154 -27.34 1.49 8.42
C PHE B 154 -25.97 0.83 8.32
N LEU B 155 -24.97 1.60 7.91
CA LEU B 155 -23.62 1.08 7.83
C LEU B 155 -22.65 1.95 8.61
N PRO B 156 -21.69 1.32 9.30
CA PRO B 156 -20.71 2.07 10.07
C PRO B 156 -19.71 2.75 9.13
N VAL B 157 -19.37 3.99 9.43
CA VAL B 157 -18.43 4.73 8.60
C VAL B 157 -17.25 5.24 9.42
N TYR B 158 -17.29 5.01 10.73
CA TYR B 158 -16.22 5.45 11.62
C TYR B 158 -16.23 4.67 12.92
N MET B 159 -15.04 4.40 13.44
CA MET B 159 -14.87 3.67 14.69
C MET B 159 -13.57 4.23 15.31
N SER B 160 -13.70 4.99 16.39
CA SER B 160 -12.56 5.58 17.04
C SER B 160 -11.68 4.55 17.72
N GLN B 161 -10.55 5.02 18.22
CA GLN B 161 -9.61 4.18 18.96
C GLN B 161 -10.33 3.94 20.28
N THR B 162 -9.78 3.09 21.13
CA THR B 162 -10.40 2.85 22.41
C THR B 162 -9.89 3.87 23.43
N PHE B 163 -10.79 4.31 24.31
CA PHE B 163 -10.44 5.24 25.37
C PHE B 163 -10.73 4.59 26.71
N CYS B 164 -10.11 5.08 27.78
CA CYS B 164 -10.32 4.53 29.13
C CYS B 164 -10.80 5.56 30.13
N THR B 165 -11.67 5.13 31.03
CA THR B 165 -12.19 5.97 32.11
C THR B 165 -12.54 5.02 33.25
N LYS B 166 -11.88 5.20 34.38
CA LYS B 166 -12.10 4.34 35.54
C LYS B 166 -11.96 2.89 35.08
N ASN B 167 -10.97 2.65 34.23
CA ASN B 167 -10.66 1.32 33.70
C ASN B 167 -11.71 0.73 32.79
N ILE B 168 -12.67 1.56 32.38
CA ILE B 168 -13.72 1.13 31.48
C ILE B 168 -13.34 1.53 30.05
N SER B 169 -13.34 0.56 29.14
CA SER B 169 -13.01 0.82 27.76
C SER B 169 -14.23 1.26 26.99
N TYR B 170 -14.05 2.11 25.97
CA TYR B 170 -15.18 2.54 25.15
C TYR B 170 -14.76 3.14 23.79
N ASP B 171 -15.61 2.96 22.79
CA ASP B 171 -15.39 3.47 21.42
C ASP B 171 -16.41 4.54 21.15
N PHE B 172 -16.30 5.08 19.94
CA PHE B 172 -17.22 6.08 19.42
C PHE B 172 -17.33 5.70 17.97
N MET B 173 -18.50 5.30 17.51
CA MET B 173 -18.62 5.04 16.09
C MET B 173 -19.86 5.70 15.52
N ILE B 174 -19.81 6.01 14.24
CA ILE B 174 -20.89 6.66 13.53
C ILE B 174 -21.48 5.72 12.48
N PHE B 175 -22.79 5.56 12.50
CA PHE B 175 -23.45 4.73 11.51
C PHE B 175 -24.28 5.67 10.66
N GLU B 176 -24.13 5.54 9.35
CA GLU B 176 -24.90 6.38 8.46
C GLU B 176 -25.85 5.52 7.63
N LYS B 177 -27.05 6.03 7.39
CA LYS B 177 -28.05 5.29 6.64
C LYS B 177 -27.82 5.52 5.17
N GLN B 178 -26.88 4.77 4.62
CA GLN B 178 -26.55 4.92 3.21
C GLN B 178 -26.94 3.67 2.49
N GLU B 179 -26.82 3.74 1.15
CA GLU B 179 -27.07 2.63 0.23
C GLU B 179 -27.73 2.98 -1.12
N LYS B 180 -27.06 3.91 -1.80
CA LYS B 180 -27.41 4.37 -3.15
C LYS B 180 -26.01 4.32 -3.74
N LYS B 181 -25.56 3.13 -4.12
CA LYS B 181 -24.19 2.97 -4.61
C LYS B 181 -23.96 1.93 -5.71
N THR B 182 -23.01 1.04 -5.40
CA THR B 182 -22.58 -0.05 -6.27
C THR B 182 -21.21 -0.43 -5.67
N LEU B 183 -20.39 -1.15 -6.44
CA LEU B 183 -19.06 -1.56 -5.99
C LEU B 183 -18.42 -0.57 -5.01
N GLN B 184 -17.89 0.53 -5.55
CA GLN B 184 -17.23 1.57 -4.76
C GLN B 184 -15.86 1.06 -4.28
N ASN B 185 -14.81 1.83 -4.59
CA ASN B 185 -13.45 1.45 -4.21
C ASN B 185 -13.19 1.64 -2.73
N CYS B 186 -12.50 0.66 -2.14
CA CYS B 186 -12.20 0.72 -0.73
C CYS B 186 -11.02 1.65 -0.47
N ASP B 187 -10.12 1.78 -1.44
CA ASP B 187 -8.98 2.66 -1.26
C ASP B 187 -9.47 4.09 -1.12
N PRO B 188 -9.17 4.74 0.02
CA PRO B 188 -9.58 6.12 0.31
C PRO B 188 -8.82 7.16 -0.52
N ALA B 189 -7.77 6.73 -1.19
CA ALA B 189 -6.98 7.64 -2.02
C ALA B 189 -7.68 7.93 -3.33
N ARG B 190 -8.49 6.98 -3.80
CA ARG B 190 -9.20 7.16 -5.05
C ARG B 190 -10.51 7.90 -4.82
N GLY B 191 -11.06 8.43 -5.90
CA GLY B 191 -12.30 9.16 -5.81
C GLY B 191 -12.11 10.62 -5.47
N GLN B 192 -10.87 11.06 -5.29
CA GLN B 192 -10.63 12.47 -4.97
C GLN B 192 -10.78 13.31 -6.24
N LEU B 193 -10.11 12.91 -7.31
CA LEU B 193 -10.28 13.59 -8.59
C LEU B 193 -9.95 12.61 -9.70
N LYS B 194 -10.85 12.54 -10.69
CA LYS B 194 -10.71 11.60 -11.78
C LYS B 194 -9.38 11.64 -12.51
N SER B 195 -8.84 12.84 -12.72
CA SER B 195 -7.56 12.95 -13.42
C SER B 195 -6.49 12.05 -12.77
N ILE B 196 -6.34 12.15 -11.46
CA ILE B 196 -5.36 11.32 -10.77
C ILE B 196 -5.72 9.85 -10.92
N ASP B 197 -6.96 9.48 -10.63
CA ASP B 197 -7.34 8.07 -10.75
C ASP B 197 -7.10 7.50 -12.15
N ASP B 198 -7.58 8.20 -13.17
CA ASP B 198 -7.41 7.72 -14.54
C ASP B 198 -5.94 7.58 -14.90
N THR B 199 -5.16 8.61 -14.60
CA THR B 199 -3.74 8.61 -14.91
C THR B 199 -3.04 7.41 -14.25
N VAL B 200 -3.28 7.22 -12.96
CA VAL B 200 -2.67 6.12 -12.24
C VAL B 200 -3.06 4.79 -12.86
N ASP B 201 -4.33 4.64 -13.22
CA ASP B 201 -4.80 3.41 -13.83
C ASP B 201 -4.06 3.15 -15.14
N LEU B 202 -4.05 4.16 -16.01
CA LEU B 202 -3.36 4.05 -17.30
C LEU B 202 -1.88 3.75 -17.11
N LEU B 203 -1.24 4.53 -16.24
CA LEU B 203 0.16 4.34 -15.94
C LEU B 203 0.33 2.89 -15.46
N GLY B 204 -0.69 2.42 -14.74
CA GLY B 204 -0.69 1.06 -14.24
C GLY B 204 -0.80 0.03 -15.35
N GLU B 205 -1.46 0.39 -16.45
CA GLU B 205 -1.59 -0.51 -17.59
C GLU B 205 -0.29 -0.56 -18.38
N ILE B 206 0.31 0.61 -18.61
CA ILE B 206 1.56 0.70 -19.36
C ILE B 206 2.65 -0.11 -18.67
N PHE B 207 3.06 0.34 -17.49
CA PHE B 207 4.07 -0.37 -16.72
C PHE B 207 3.23 -1.40 -16.04
N GLY B 208 3.81 -2.35 -15.33
CA GLY B 208 2.92 -3.30 -14.70
C GLY B 208 3.35 -3.46 -13.28
N ILE B 209 4.05 -4.56 -13.05
CA ILE B 209 4.62 -4.90 -11.76
C ILE B 209 5.74 -3.87 -11.57
N ARG B 210 6.02 -3.13 -12.65
CA ARG B 210 7.05 -2.11 -12.64
C ARG B 210 6.63 -0.90 -11.83
N LYS B 211 5.34 -0.61 -11.82
CA LYS B 211 4.86 0.52 -11.03
C LYS B 211 4.69 -0.08 -9.65
N MET B 212 5.51 0.39 -8.69
CA MET B 212 5.48 -0.14 -7.33
C MET B 212 4.07 -0.24 -6.77
N GLY B 213 3.25 0.78 -7.03
CA GLY B 213 1.89 0.75 -6.56
C GLY B 213 1.17 -0.56 -6.91
N ASN B 214 1.42 -1.12 -8.09
CA ASN B 214 0.76 -2.36 -8.47
C ASN B 214 1.24 -3.54 -7.61
N ARG B 215 2.37 -3.36 -6.94
CA ARG B 215 2.91 -4.40 -6.08
C ARG B 215 2.28 -4.29 -4.69
N HIS B 216 1.62 -3.17 -4.45
CA HIS B 216 0.96 -2.89 -3.18
C HIS B 216 -0.51 -2.59 -3.44
N LYS B 217 -1.20 -3.49 -4.13
CA LYS B 217 -2.60 -3.28 -4.44
C LYS B 217 -3.42 -3.15 -3.16
N PHE B 218 -4.45 -2.31 -3.22
CA PHE B 218 -5.30 -2.09 -2.07
C PHE B 218 -6.30 -3.23 -1.94
N PRO B 219 -6.47 -3.76 -0.72
CA PRO B 219 -7.40 -4.86 -0.48
C PRO B 219 -8.77 -4.76 -1.13
N LYS B 220 -9.21 -5.86 -1.75
CA LYS B 220 -10.50 -5.95 -2.40
C LYS B 220 -11.55 -6.04 -1.29
N GLU B 221 -12.69 -5.41 -1.50
CA GLU B 221 -13.75 -5.42 -0.49
C GLU B 221 -14.02 -6.75 0.21
N GLU B 222 -14.07 -7.84 -0.54
CA GLU B 222 -14.35 -9.14 0.06
C GLU B 222 -13.35 -9.65 1.09
N ILE B 223 -12.18 -9.01 1.17
CA ILE B 223 -11.18 -9.44 2.17
C ILE B 223 -10.79 -8.29 3.08
N TYR B 224 -11.61 -7.24 3.07
CA TYR B 224 -11.39 -6.05 3.88
C TYR B 224 -12.43 -6.11 5.00
N ASN B 225 -11.98 -6.01 6.25
CA ASN B 225 -12.88 -6.06 7.40
C ASN B 225 -13.75 -4.80 7.46
N THR B 226 -14.99 -4.94 7.92
CA THR B 226 -15.92 -3.81 8.03
C THR B 226 -15.63 -2.77 6.94
N PRO B 227 -15.85 -3.13 5.67
CA PRO B 227 -15.63 -2.31 4.47
C PRO B 227 -16.27 -0.94 4.44
N SER B 228 -17.44 -0.78 5.07
CA SER B 228 -18.12 0.50 5.06
C SER B 228 -17.32 1.58 5.72
N ILE B 229 -16.51 1.23 6.71
CA ILE B 229 -15.68 2.24 7.35
C ILE B 229 -14.48 2.43 6.44
N ARG B 230 -14.57 3.44 5.60
CA ARG B 230 -13.55 3.74 4.61
C ARG B 230 -12.57 4.81 5.07
N PHE B 231 -13.08 5.89 5.65
CA PHE B 231 -12.21 6.97 6.10
C PHE B 231 -12.19 7.12 7.60
N GLY B 232 -12.67 6.12 8.33
CA GLY B 232 -12.67 6.24 9.77
C GLY B 232 -12.15 5.02 10.50
N ARG B 233 -11.23 4.28 9.89
CA ARG B 233 -10.69 3.10 10.54
C ARG B 233 -9.66 3.50 11.57
N GLU B 234 -10.11 4.22 12.59
CA GLU B 234 -9.26 4.71 13.66
C GLU B 234 -8.89 3.68 14.72
N HIS B 235 -9.77 2.71 14.98
CA HIS B 235 -9.49 1.67 15.98
C HIS B 235 -8.19 0.99 15.54
N TYR B 236 -7.23 0.90 16.45
CA TYR B 236 -5.97 0.30 16.07
C TYR B 236 -5.97 -1.19 15.78
N GLU B 237 -7.08 -1.87 16.04
CA GLU B 237 -7.14 -3.29 15.73
C GLU B 237 -7.12 -3.41 14.20
N PHE B 238 -7.43 -2.32 13.51
CA PHE B 238 -7.43 -2.32 12.04
C PHE B 238 -6.00 -2.37 11.52
N GLN B 239 -5.04 -2.07 12.38
CA GLN B 239 -3.64 -2.12 11.99
C GLN B 239 -3.28 -3.57 11.71
N TYR B 240 -3.89 -4.49 12.43
CA TYR B 240 -3.62 -5.91 12.25
C TYR B 240 -4.58 -6.49 11.22
N LEU B 241 -5.86 -6.20 11.36
CA LEU B 241 -6.84 -6.71 10.41
C LEU B 241 -6.48 -6.29 8.99
N ASP B 242 -6.00 -5.06 8.83
CA ASP B 242 -5.64 -4.58 7.50
C ASP B 242 -4.35 -5.16 6.96
N LEU B 243 -3.43 -5.52 7.85
CA LEU B 243 -2.19 -6.13 7.39
C LEU B 243 -2.57 -7.51 6.86
N LEU B 244 -3.56 -8.11 7.50
CA LEU B 244 -4.07 -9.41 7.11
C LEU B 244 -4.62 -9.29 5.68
N SER B 245 -5.48 -8.29 5.48
CA SER B 245 -6.09 -8.05 4.18
C SER B 245 -5.02 -7.78 3.13
N ARG B 246 -4.04 -6.98 3.51
CA ARG B 246 -2.97 -6.64 2.60
C ARG B 246 -2.17 -7.81 2.07
N VAL B 247 -1.91 -8.82 2.90
CA VAL B 247 -1.15 -9.95 2.40
C VAL B 247 -2.09 -10.89 1.65
N LEU B 248 -3.35 -10.92 2.06
CA LEU B 248 -4.33 -11.76 1.37
C LEU B 248 -4.47 -11.24 -0.05
N GLU B 249 -4.28 -9.95 -0.22
CA GLU B 249 -4.37 -9.32 -1.52
C GLU B 249 -3.08 -9.44 -2.34
N ASN B 250 -1.93 -9.14 -1.72
CA ASN B 250 -0.66 -9.19 -2.44
C ASN B 250 0.30 -10.33 -2.12
N GLY B 251 0.08 -11.00 -0.99
CA GLY B 251 0.95 -12.09 -0.60
C GLY B 251 1.39 -13.04 -1.68
N ALA B 252 2.71 -13.15 -1.86
CA ALA B 252 3.28 -14.06 -2.86
C ALA B 252 3.26 -15.47 -2.27
N TYR B 253 2.85 -16.45 -3.08
CA TYR B 253 2.79 -17.82 -2.60
C TYR B 253 4.19 -18.39 -2.59
N ARG B 254 4.64 -18.83 -1.42
CA ARG B 254 5.97 -19.39 -1.33
C ARG B 254 6.19 -20.43 -0.24
N GLU B 255 7.06 -21.38 -0.54
CA GLU B 255 7.40 -22.47 0.36
C GLU B 255 8.36 -21.97 1.45
N ASN B 256 8.57 -22.80 2.49
CA ASN B 256 9.47 -22.44 3.58
C ASN B 256 9.91 -23.68 4.35
N ARG B 257 10.78 -23.51 5.34
CA ARG B 257 11.28 -24.63 6.15
C ARG B 257 10.20 -25.59 6.65
N THR B 258 9.03 -25.06 7.02
CA THR B 258 7.96 -25.93 7.47
C THR B 258 7.29 -26.50 6.21
N GLY B 259 6.48 -27.54 6.36
CA GLY B 259 5.85 -28.11 5.19
C GLY B 259 4.68 -27.33 4.59
N ILE B 260 4.21 -26.31 5.30
CA ILE B 260 3.08 -25.52 4.84
C ILE B 260 3.52 -24.22 4.19
N SER B 261 3.08 -24.01 2.95
CA SER B 261 3.43 -22.79 2.23
C SER B 261 2.67 -21.60 2.80
N THR B 262 3.14 -20.40 2.49
CA THR B 262 2.49 -19.19 2.98
C THR B 262 2.28 -18.19 1.86
N TYR B 263 1.63 -17.08 2.20
CA TYR B 263 1.43 -16.01 1.23
C TYR B 263 2.11 -14.89 1.97
N SER B 264 3.18 -14.34 1.42
CA SER B 264 3.88 -13.28 2.14
C SER B 264 4.27 -12.04 1.39
N ILE B 265 4.42 -10.95 2.13
CA ILE B 265 4.85 -9.68 1.59
C ILE B 265 5.96 -9.23 2.53
N PHE B 266 6.86 -8.38 2.05
CA PHE B 266 8.00 -7.97 2.86
C PHE B 266 8.04 -6.50 3.31
N GLY B 267 8.27 -6.30 4.60
CA GLY B 267 8.34 -4.95 5.15
C GLY B 267 7.00 -4.30 5.43
N GLN B 268 6.39 -4.59 6.58
CA GLN B 268 5.10 -4.02 6.94
C GLN B 268 5.18 -3.38 8.31
N MET B 269 4.15 -2.62 8.67
CA MET B 269 4.14 -1.92 9.95
C MET B 269 2.78 -1.93 10.65
N MET B 270 2.79 -1.89 11.99
CA MET B 270 1.57 -1.84 12.79
C MET B 270 1.80 -0.92 13.97
N ARG B 271 0.82 -0.07 14.26
CA ARG B 271 0.90 0.85 15.40
C ARG B 271 -0.17 0.53 16.40
N PHE B 272 0.13 0.70 17.69
CA PHE B 272 -0.86 0.45 18.72
C PHE B 272 -0.71 1.43 19.87
N ASP B 273 -1.82 2.01 20.29
CA ASP B 273 -1.77 2.91 21.43
C ASP B 273 -1.79 2.04 22.66
N MET B 274 -1.11 2.47 23.72
CA MET B 274 -1.12 1.71 24.96
C MET B 274 -1.50 2.61 26.11
N ARG B 275 -1.72 3.88 25.82
CA ARG B 275 -2.11 4.84 26.84
C ARG B 275 -3.54 4.64 27.32
N GLU B 276 -4.47 4.56 26.36
CA GLU B 276 -5.88 4.39 26.67
C GLU B 276 -6.44 2.96 26.60
N SER B 277 -5.61 1.98 26.25
CA SER B 277 -6.08 0.59 26.18
C SER B 277 -4.97 -0.41 25.89
N PHE B 278 -5.27 -1.69 26.02
CA PHE B 278 -4.30 -2.76 25.77
C PHE B 278 -4.67 -3.44 24.46
N PRO B 279 -3.71 -3.54 23.54
CA PRO B 279 -3.92 -4.17 22.23
C PRO B 279 -4.11 -5.69 22.18
N LEU B 280 -5.15 -6.19 22.82
CA LEU B 280 -5.43 -7.63 22.78
C LEU B 280 -6.61 -7.76 21.81
N LEU B 281 -6.34 -8.32 20.62
CA LEU B 281 -7.37 -8.47 19.58
C LEU B 281 -8.73 -8.86 20.12
N THR B 282 -9.78 -8.29 19.54
CA THR B 282 -11.13 -8.62 19.98
C THR B 282 -11.85 -9.47 18.95
N THR B 283 -11.38 -9.44 17.71
CA THR B 283 -12.02 -10.22 16.66
C THR B 283 -11.76 -11.72 16.80
N LYS B 284 -11.13 -12.10 17.90
CA LYS B 284 -10.80 -13.50 18.18
C LYS B 284 -10.31 -13.54 19.62
N LYS B 285 -10.76 -14.51 20.39
CA LYS B 285 -10.34 -14.61 21.77
C LYS B 285 -8.86 -15.02 21.84
N VAL B 286 -8.06 -14.23 22.55
CA VAL B 286 -6.62 -14.51 22.69
C VAL B 286 -6.25 -14.92 24.12
N ALA B 287 -5.46 -15.98 24.24
CA ALA B 287 -5.04 -16.49 25.56
C ALA B 287 -3.97 -15.61 26.21
N ILE B 288 -4.42 -14.66 27.02
CA ILE B 288 -3.51 -13.76 27.70
C ILE B 288 -2.58 -14.49 28.69
N ARG B 289 -3.11 -15.46 29.44
CA ARG B 289 -2.26 -16.16 30.41
C ARG B 289 -1.06 -16.79 29.75
N SER B 290 -1.28 -17.51 28.65
CA SER B 290 -0.18 -18.15 27.94
C SER B 290 0.86 -17.10 27.55
N ILE B 291 0.40 -15.96 27.02
CA ILE B 291 1.30 -14.89 26.63
C ILE B 291 2.18 -14.51 27.81
N PHE B 292 1.54 -14.16 28.91
CA PHE B 292 2.25 -13.78 30.13
C PHE B 292 3.28 -14.82 30.54
N GLU B 293 2.83 -16.06 30.67
CA GLU B 293 3.72 -17.11 31.10
C GLU B 293 4.96 -17.27 30.22
N GLU B 294 4.86 -16.95 28.93
CA GLU B 294 6.02 -17.05 28.06
C GLU B 294 6.91 -15.84 28.27
N LEU B 295 6.30 -14.69 28.60
CA LEU B 295 7.06 -13.47 28.82
C LEU B 295 7.95 -13.50 30.07
N ILE B 296 7.41 -13.86 31.24
CA ILE B 296 8.28 -13.89 32.41
C ILE B 296 9.34 -14.94 32.19
N TRP B 297 8.96 -15.97 31.44
CA TRP B 297 9.89 -17.05 31.13
C TRP B 297 11.12 -16.43 30.46
N PHE B 298 10.87 -15.58 29.47
CA PHE B 298 11.94 -14.88 28.78
C PHE B 298 12.66 -14.01 29.78
N ILE B 299 11.90 -13.18 30.49
CA ILE B 299 12.45 -12.26 31.47
C ILE B 299 13.42 -12.91 32.46
N LYS B 300 13.09 -14.14 32.86
CA LYS B 300 13.89 -14.91 33.80
C LYS B 300 15.18 -15.41 33.16
N GLY B 301 15.19 -15.47 31.83
CA GLY B 301 16.35 -15.93 31.12
C GLY B 301 16.27 -17.43 31.00
N ASP B 302 15.07 -17.95 31.20
CA ASP B 302 14.81 -19.39 31.13
C ASP B 302 14.76 -19.92 29.70
N THR B 303 15.30 -21.10 29.49
CA THR B 303 15.32 -21.70 28.17
C THR B 303 14.77 -23.12 28.24
N ASN B 304 14.33 -23.52 29.42
CA ASN B 304 13.79 -24.86 29.65
C ASN B 304 12.33 -24.93 29.26
N GLY B 305 12.06 -25.51 28.10
CA GLY B 305 10.70 -25.63 27.60
C GLY B 305 9.74 -26.44 28.43
N ASN B 306 10.25 -27.13 29.44
CA ASN B 306 9.40 -27.93 30.31
C ASN B 306 8.59 -26.99 31.18
N HIS B 307 9.28 -26.00 31.73
CA HIS B 307 8.65 -25.03 32.61
C HIS B 307 7.40 -24.44 32.00
N LEU B 308 7.41 -24.26 30.68
CA LEU B 308 6.24 -23.73 29.98
C LEU B 308 5.15 -24.78 29.93
N ILE B 309 5.53 -25.99 29.56
CA ILE B 309 4.57 -27.08 29.48
C ILE B 309 3.91 -27.22 30.84
N GLU B 310 4.70 -27.15 31.90
CA GLU B 310 4.19 -27.26 33.25
C GLU B 310 3.11 -26.21 33.52
N LYS B 311 3.32 -24.99 33.06
CA LYS B 311 2.32 -23.94 33.25
C LYS B 311 1.31 -24.06 32.11
N LYS B 312 1.21 -25.27 31.57
CA LYS B 312 0.27 -25.56 30.50
C LYS B 312 0.30 -24.62 29.29
N VAL B 313 1.50 -24.30 28.83
CA VAL B 313 1.72 -23.46 27.66
C VAL B 313 2.49 -24.39 26.73
N TYR B 314 1.95 -24.65 25.54
CA TYR B 314 2.58 -25.61 24.65
C TYR B 314 3.15 -25.15 23.31
N ILE B 315 3.29 -23.86 23.10
CA ILE B 315 3.81 -23.41 21.81
C ILE B 315 5.22 -23.86 21.48
N TRP B 316 6.07 -23.97 22.50
CA TRP B 316 7.45 -24.38 22.26
C TRP B 316 7.66 -25.88 22.27
N SER B 317 6.58 -26.65 22.35
CA SER B 317 6.68 -28.10 22.35
C SER B 317 7.19 -28.56 21.00
N GLY B 318 6.53 -28.08 19.97
CA GLY B 318 6.91 -28.45 18.62
C GLY B 318 8.40 -28.35 18.39
N ASN B 319 8.93 -27.14 18.57
CA ASN B 319 10.35 -26.90 18.35
C ASN B 319 11.21 -27.41 19.50
N GLY B 320 10.59 -28.11 20.43
CA GLY B 320 11.32 -28.64 21.56
C GLY B 320 11.42 -30.16 21.53
N SER B 321 10.54 -30.81 20.78
CA SER B 321 10.53 -32.26 20.67
C SER B 321 11.88 -32.87 20.31
N LYS B 322 12.06 -34.12 20.72
CA LYS B 322 13.29 -34.84 20.48
C LYS B 322 13.52 -35.05 18.98
N GLU B 323 12.43 -35.25 18.25
CA GLU B 323 12.50 -35.46 16.81
C GLU B 323 12.87 -34.21 16.02
N TYR B 324 12.49 -33.05 16.54
CA TYR B 324 12.81 -31.81 15.87
C TYR B 324 14.28 -31.48 16.11
N LEU B 325 14.71 -31.63 17.35
CA LEU B 325 16.09 -31.36 17.72
C LEU B 325 17.04 -32.26 16.96
N GLU B 326 16.65 -33.52 16.81
CA GLU B 326 17.45 -34.51 16.08
C GLU B 326 17.58 -33.99 14.65
N ARG B 327 16.42 -33.66 14.08
CA ARG B 327 16.32 -33.16 12.72
C ARG B 327 17.14 -31.91 12.42
N ILE B 328 17.34 -31.04 13.40
CA ILE B 328 18.11 -29.84 13.13
C ILE B 328 19.53 -29.92 13.67
N GLY B 329 19.98 -31.15 13.92
CA GLY B 329 21.33 -31.37 14.42
C GLY B 329 21.59 -31.05 15.88
N LEU B 330 20.57 -31.24 16.71
CA LEU B 330 20.70 -30.97 18.12
C LEU B 330 20.21 -32.18 18.90
N GLY B 331 20.40 -33.36 18.32
CA GLY B 331 19.96 -34.58 18.95
C GLY B 331 20.62 -34.89 20.30
N HIS B 332 21.75 -34.25 20.56
CA HIS B 332 22.47 -34.45 21.81
C HIS B 332 21.73 -33.74 22.93
N ARG B 333 20.89 -32.80 22.54
CA ARG B 333 20.10 -31.97 23.45
C ARG B 333 19.00 -32.75 24.16
N GLU B 334 18.65 -32.34 25.37
CA GLU B 334 17.61 -33.01 26.13
C GLU B 334 16.24 -32.63 25.60
N GLU B 335 15.27 -33.52 25.83
CA GLU B 335 13.88 -33.35 25.40
C GLU B 335 13.34 -31.95 25.15
N ASN B 336 13.60 -30.99 26.04
CA ASN B 336 13.06 -29.66 25.81
C ASN B 336 14.05 -28.52 26.02
N ASP B 337 15.34 -28.81 25.87
CA ASP B 337 16.38 -27.81 26.05
C ASP B 337 16.46 -27.02 24.75
N LEU B 338 15.70 -25.93 24.68
CA LEU B 338 15.63 -25.09 23.50
C LEU B 338 16.91 -24.37 23.11
N GLY B 339 17.88 -24.27 24.00
CA GLY B 339 19.11 -23.59 23.66
C GLY B 339 19.15 -22.11 24.00
N PRO B 340 20.22 -21.41 23.61
CA PRO B 340 20.40 -19.98 23.88
C PRO B 340 19.39 -19.09 23.16
N ILE B 341 18.10 -19.39 23.30
CA ILE B 341 17.08 -18.59 22.63
C ILE B 341 16.79 -17.30 23.38
N TYR B 342 15.69 -16.65 23.04
CA TYR B 342 15.29 -15.39 23.70
C TYR B 342 15.43 -15.60 25.20
N GLY B 343 15.70 -14.56 25.94
CA GLY B 343 15.80 -14.77 27.37
C GLY B 343 17.22 -15.12 27.72
N PHE B 344 17.76 -16.14 27.07
CA PHE B 344 19.14 -16.45 27.36
C PHE B 344 19.91 -15.27 26.81
N GLN B 345 19.53 -14.80 25.63
CA GLN B 345 20.21 -13.65 25.04
C GLN B 345 19.84 -12.38 25.77
N TRP B 346 18.63 -12.34 26.32
CA TRP B 346 18.17 -11.18 27.07
C TRP B 346 18.94 -10.96 28.37
N ARG B 347 19.16 -12.06 29.10
CA ARG B 347 19.86 -12.00 30.37
C ARG B 347 21.32 -12.44 30.33
N HIS B 348 21.71 -13.17 29.28
CA HIS B 348 23.06 -13.67 29.17
C HIS B 348 23.61 -13.53 27.76
N TYR B 349 23.54 -12.35 27.16
CA TYR B 349 24.05 -12.20 25.81
C TYR B 349 25.48 -12.68 25.68
N ASN B 350 25.73 -13.50 24.68
CA ASN B 350 27.04 -14.07 24.39
C ASN B 350 27.52 -15.05 25.42
N GLY B 351 26.65 -15.43 26.34
CA GLY B 351 27.05 -16.40 27.34
C GLY B 351 27.29 -17.74 26.67
N GLU B 352 28.29 -18.49 27.13
CA GLU B 352 28.59 -19.77 26.52
C GLU B 352 27.60 -20.80 27.05
N TYR B 353 26.65 -21.20 26.21
CA TYR B 353 25.60 -22.12 26.59
C TYR B 353 26.05 -23.57 26.72
N LYS B 354 25.54 -24.26 27.74
CA LYS B 354 25.84 -25.67 27.96
C LYS B 354 24.50 -26.39 27.84
N THR B 355 23.73 -26.40 28.92
CA THR B 355 22.42 -27.03 28.89
C THR B 355 21.44 -26.14 29.65
N MET B 356 20.17 -26.49 29.59
CA MET B 356 19.13 -25.72 30.28
C MET B 356 19.20 -25.87 31.80
N HIS B 357 20.08 -26.73 32.28
CA HIS B 357 20.21 -26.96 33.71
C HIS B 357 21.32 -26.15 34.38
N ASP B 358 22.40 -25.91 33.67
CA ASP B 358 23.51 -25.17 34.26
C ASP B 358 23.04 -23.84 34.82
N ASP B 359 23.83 -23.28 35.73
CA ASP B 359 23.54 -22.01 36.36
C ASP B 359 24.36 -20.93 35.68
N TYR B 360 23.68 -20.07 34.92
CA TYR B 360 24.32 -19.02 34.16
C TYR B 360 24.41 -17.71 34.90
N THR B 361 24.14 -17.74 36.19
CA THR B 361 24.21 -16.52 36.96
C THR B 361 25.59 -15.87 36.80
N GLY B 362 25.61 -14.65 36.26
CA GLY B 362 26.86 -13.95 36.08
C GLY B 362 27.48 -14.01 34.69
N VAL B 363 27.07 -14.98 33.88
CA VAL B 363 27.64 -15.10 32.54
C VAL B 363 26.91 -14.29 31.46
N GLY B 364 27.67 -13.81 30.47
CA GLY B 364 27.09 -13.03 29.39
C GLY B 364 26.72 -11.61 29.79
N VAL B 365 26.15 -10.87 28.85
CA VAL B 365 25.73 -9.49 29.12
C VAL B 365 24.25 -9.45 29.47
N ASP B 366 23.91 -8.83 30.59
CA ASP B 366 22.50 -8.75 30.99
C ASP B 366 21.88 -7.47 30.43
N GLN B 367 21.34 -7.59 29.22
CA GLN B 367 20.71 -6.47 28.53
C GLN B 367 19.49 -5.93 29.25
N LEU B 368 18.59 -6.84 29.64
CA LEU B 368 17.37 -6.41 30.32
C LEU B 368 17.74 -5.53 31.50
N ALA B 369 18.68 -6.01 32.30
CA ALA B 369 19.14 -5.25 33.45
C ALA B 369 19.62 -3.88 32.99
N LYS B 370 20.58 -3.85 32.07
CA LYS B 370 21.11 -2.58 31.56
C LYS B 370 20.03 -1.69 30.98
N LEU B 371 19.09 -2.30 30.26
CA LEU B 371 17.98 -1.60 29.63
C LEU B 371 17.20 -0.84 30.70
N ILE B 372 16.83 -1.54 31.75
CA ILE B 372 16.08 -0.94 32.83
C ILE B 372 16.90 0.14 33.50
N GLU B 373 18.18 -0.16 33.70
CA GLU B 373 19.05 0.80 34.34
C GLU B 373 19.19 2.07 33.51
N THR B 374 19.49 1.90 32.23
CA THR B 374 19.65 3.02 31.33
C THR B 374 18.34 3.78 31.13
N LEU B 375 17.23 3.05 31.12
CA LEU B 375 15.92 3.67 30.93
C LEU B 375 15.57 4.69 32.01
N LYS B 376 15.94 4.42 33.24
CA LYS B 376 15.62 5.38 34.30
C LYS B 376 16.72 6.39 34.61
N ASN B 377 17.97 6.04 34.35
CA ASN B 377 19.05 6.98 34.62
C ASN B 377 19.39 7.91 33.47
N ASN B 378 18.95 7.56 32.27
CA ASN B 378 19.24 8.37 31.09
C ASN B 378 18.13 8.18 30.05
N PRO B 379 16.90 8.57 30.37
CA PRO B 379 15.74 8.43 29.48
C PRO B 379 15.86 8.94 28.06
N LYS B 380 16.30 10.19 27.87
CA LYS B 380 16.42 10.76 26.53
C LYS B 380 17.44 10.01 25.66
N ASP B 381 18.19 9.10 26.27
CA ASP B 381 19.21 8.32 25.55
C ASP B 381 18.60 7.67 24.32
N ARG B 382 19.38 7.56 23.25
CA ARG B 382 18.90 6.97 22.02
C ARG B 382 19.42 5.55 21.79
N ARG B 383 19.86 4.90 22.86
CA ARG B 383 20.36 3.55 22.73
C ARG B 383 19.67 2.51 23.58
N HIS B 384 18.43 2.75 23.96
CA HIS B 384 17.67 1.79 24.78
C HIS B 384 17.29 0.57 23.94
N ILE B 385 18.26 -0.30 23.69
CA ILE B 385 18.04 -1.45 22.85
C ILE B 385 18.21 -2.83 23.47
N LEU B 386 17.36 -3.75 23.00
CA LEU B 386 17.35 -5.14 23.45
C LEU B 386 17.38 -6.00 22.17
N THR B 387 18.31 -6.94 22.10
CA THR B 387 18.44 -7.78 20.91
C THR B 387 18.57 -9.24 21.25
N ALA B 388 18.12 -10.09 20.35
CA ALA B 388 18.21 -11.53 20.55
C ALA B 388 18.97 -12.14 19.38
N TRP B 389 19.35 -11.31 18.42
CA TRP B 389 20.05 -11.84 17.25
C TRP B 389 21.56 -11.95 17.47
N ASN B 390 21.99 -13.15 17.80
CA ASN B 390 23.41 -13.42 18.05
C ASN B 390 23.97 -14.39 17.01
N PRO B 391 24.65 -13.86 15.98
CA PRO B 391 25.23 -14.70 14.92
C PRO B 391 26.01 -15.90 15.45
N SER B 392 26.62 -15.76 16.62
CA SER B 392 27.41 -16.84 17.19
C SER B 392 26.62 -17.95 17.88
N ALA B 393 25.38 -17.67 18.28
CA ALA B 393 24.59 -18.67 18.95
C ALA B 393 23.50 -19.31 18.09
N LEU B 394 23.14 -18.67 16.98
CA LEU B 394 22.10 -19.19 16.11
C LEU B 394 22.07 -20.71 15.98
N SER B 395 23.19 -21.30 15.59
CA SER B 395 23.27 -22.76 15.41
C SER B 395 22.78 -23.61 16.58
N GLN B 396 22.83 -23.08 17.80
CA GLN B 396 22.41 -23.84 18.99
C GLN B 396 20.96 -23.62 19.37
N MET B 397 20.31 -22.64 18.75
CA MET B 397 18.93 -22.34 19.06
C MET B 397 17.96 -23.28 18.36
N ALA B 398 16.91 -23.69 19.07
CA ALA B 398 15.90 -24.58 18.50
C ALA B 398 15.19 -23.83 17.39
N LEU B 399 15.27 -22.51 17.48
CA LEU B 399 14.65 -21.64 16.50
C LEU B 399 15.26 -20.26 16.60
N PRO B 400 15.68 -19.68 15.47
CA PRO B 400 16.28 -18.34 15.47
C PRO B 400 15.26 -17.30 15.92
N PRO B 401 15.71 -16.24 16.58
CA PRO B 401 14.79 -15.22 17.06
C PRO B 401 13.91 -14.60 15.97
N CYS B 402 12.61 -14.51 16.24
CA CYS B 402 11.69 -13.89 15.30
C CYS B 402 11.55 -12.44 15.73
N HIS B 403 11.24 -12.20 17.00
CA HIS B 403 11.20 -10.83 17.48
C HIS B 403 12.65 -10.53 17.80
N VAL B 404 13.35 -10.20 16.72
CA VAL B 404 14.77 -9.92 16.69
C VAL B 404 15.35 -8.77 17.52
N LEU B 405 14.76 -7.60 17.42
CA LEU B 405 15.28 -6.47 18.17
C LEU B 405 14.21 -5.45 18.51
N SER B 406 14.31 -4.87 19.69
CA SER B 406 13.34 -3.86 20.11
C SER B 406 14.05 -2.65 20.70
N GLN B 407 13.49 -1.47 20.49
CA GLN B 407 14.09 -0.25 21.02
C GLN B 407 13.04 0.44 21.86
N TYR B 408 13.48 1.10 22.92
CA TYR B 408 12.56 1.79 23.81
C TYR B 408 12.82 3.28 23.83
N TYR B 409 11.75 4.04 24.00
CA TYR B 409 11.82 5.50 23.98
C TYR B 409 10.99 6.06 25.12
N VAL B 410 11.54 7.05 25.81
CA VAL B 410 10.84 7.68 26.92
C VAL B 410 10.40 9.06 26.47
N THR B 411 9.10 9.27 26.33
CA THR B 411 8.58 10.55 25.86
C THR B 411 8.81 11.65 26.87
N ASN B 412 8.64 12.88 26.44
CA ASN B 412 8.82 14.01 27.34
C ASN B 412 7.79 14.01 28.46
N ASP B 413 6.63 13.43 28.19
CA ASP B 413 5.57 13.36 29.18
C ASP B 413 5.65 12.06 29.99
N ASN B 414 6.85 11.51 30.05
CA ASN B 414 7.15 10.29 30.79
C ASN B 414 6.36 9.03 30.45
N CYS B 415 6.09 8.84 29.15
CA CYS B 415 5.42 7.65 28.70
C CYS B 415 6.54 6.80 28.09
N LEU B 416 6.39 5.48 28.11
CA LEU B 416 7.40 4.58 27.54
C LEU B 416 6.88 3.90 26.29
N SER B 417 7.46 4.23 25.14
CA SER B 417 7.05 3.62 23.89
C SER B 417 8.04 2.52 23.50
N CYS B 418 7.60 1.64 22.61
CA CYS B 418 8.41 0.53 22.18
C CYS B 418 8.31 0.23 20.68
N ASN B 419 9.46 -0.03 20.07
CA ASN B 419 9.57 -0.39 18.66
C ASN B 419 10.13 -1.79 18.63
N LEU B 420 9.58 -2.63 17.76
CA LEU B 420 10.02 -4.02 17.63
C LEU B 420 10.22 -4.38 16.16
N TYR B 421 11.34 -5.01 15.84
CA TYR B 421 11.55 -5.46 14.47
C TYR B 421 11.44 -6.97 14.53
N GLN B 422 10.54 -7.51 13.74
CA GLN B 422 10.30 -8.95 13.69
C GLN B 422 10.64 -9.45 12.28
N ARG B 423 11.67 -10.28 12.17
CA ARG B 423 12.11 -10.79 10.87
C ARG B 423 11.09 -11.68 10.19
N SER B 424 10.40 -12.49 10.97
CA SER B 424 9.40 -13.40 10.43
C SER B 424 8.18 -13.31 11.33
N CYS B 425 6.99 -13.29 10.73
CA CYS B 425 5.77 -13.14 11.50
C CYS B 425 4.59 -13.94 10.97
N ASP B 426 4.13 -14.91 11.76
CA ASP B 426 2.98 -15.72 11.40
C ASP B 426 1.76 -14.91 11.82
N LEU B 427 1.21 -14.14 10.86
CA LEU B 427 0.07 -13.29 11.11
C LEU B 427 -1.15 -13.95 11.71
N GLY B 428 -1.37 -15.21 11.37
CA GLY B 428 -2.55 -15.89 11.89
C GLY B 428 -2.39 -16.49 13.27
N LEU B 429 -1.25 -17.10 13.53
CA LEU B 429 -1.04 -17.72 14.81
C LEU B 429 -0.25 -16.91 15.82
N GLY B 430 0.96 -16.51 15.45
CA GLY B 430 1.81 -15.77 16.35
C GLY B 430 1.58 -14.28 16.57
N SER B 431 1.51 -13.52 15.49
CA SER B 431 1.34 -12.07 15.59
C SER B 431 0.42 -11.56 16.70
N PRO B 432 -0.81 -12.09 16.82
CA PRO B 432 -1.70 -11.61 17.87
C PRO B 432 -1.02 -11.68 19.21
N PHE B 433 -0.28 -12.76 19.44
CA PHE B 433 0.44 -12.96 20.68
C PHE B 433 1.63 -12.04 20.82
N ASN B 434 2.35 -11.78 19.74
CA ASN B 434 3.50 -10.88 19.80
C ASN B 434 3.08 -9.47 20.20
N ILE B 435 2.01 -9.00 19.59
CA ILE B 435 1.48 -7.68 19.87
C ILE B 435 1.24 -7.56 21.38
N ALA B 436 0.42 -8.47 21.92
CA ALA B 436 0.12 -8.46 23.35
C ALA B 436 1.39 -8.61 24.19
N SER B 437 2.24 -9.56 23.81
CA SER B 437 3.49 -9.83 24.53
C SER B 437 4.31 -8.57 24.73
N TYR B 438 4.73 -7.94 23.64
CA TYR B 438 5.55 -6.72 23.74
C TYR B 438 4.79 -5.55 24.40
N ALA B 439 3.47 -5.60 24.37
CA ALA B 439 2.71 -4.55 25.00
C ALA B 439 2.93 -4.73 26.49
N ILE B 440 2.75 -5.96 26.97
CA ILE B 440 2.93 -6.26 28.39
C ILE B 440 4.33 -5.92 28.85
N LEU B 441 5.32 -6.39 28.08
CA LEU B 441 6.71 -6.13 28.43
C LEU B 441 6.94 -4.65 28.60
N THR B 442 6.38 -3.85 27.69
CA THR B 442 6.56 -2.43 27.78
C THR B 442 5.96 -1.91 29.08
N MET B 443 4.76 -2.38 29.40
CA MET B 443 4.09 -1.97 30.63
C MET B 443 4.93 -2.31 31.86
N MET B 444 5.51 -3.52 31.86
CA MET B 444 6.34 -3.95 32.97
C MET B 444 7.54 -3.03 33.05
N LEU B 445 8.26 -2.88 31.95
CA LEU B 445 9.42 -2.02 31.94
C LEU B 445 9.06 -0.62 32.43
N ALA B 446 7.88 -0.17 32.05
CA ALA B 446 7.42 1.17 32.45
C ALA B 446 7.18 1.28 33.95
N GLN B 447 6.50 0.30 34.52
CA GLN B 447 6.20 0.34 35.95
C GLN B 447 7.51 0.34 36.73
N VAL B 448 8.40 -0.57 36.38
CA VAL B 448 9.68 -0.69 37.05
C VAL B 448 10.55 0.55 36.91
N CYS B 449 10.44 1.25 35.79
CA CYS B 449 11.23 2.45 35.57
C CYS B 449 10.47 3.73 35.90
N GLY B 450 9.30 3.58 36.51
CA GLY B 450 8.52 4.73 36.90
C GLY B 450 7.86 5.54 35.81
N TYR B 451 7.42 4.87 34.75
CA TYR B 451 6.76 5.56 33.65
C TYR B 451 5.44 4.86 33.39
N GLU B 452 4.78 5.24 32.31
CA GLU B 452 3.53 4.61 31.92
C GLU B 452 3.60 4.28 30.44
N PRO B 453 2.84 3.28 29.99
CA PRO B 453 2.85 2.88 28.59
C PRO B 453 2.57 4.00 27.61
N GLY B 454 3.30 3.99 26.50
CA GLY B 454 3.13 5.00 25.48
C GLY B 454 2.54 4.39 24.23
N GLU B 455 3.36 4.15 23.22
CA GLU B 455 2.90 3.57 21.97
C GLU B 455 3.73 2.36 21.61
N LEU B 456 3.13 1.45 20.83
CA LEU B 456 3.81 0.24 20.39
C LEU B 456 3.79 0.18 18.88
N ALA B 457 4.97 0.19 18.27
CA ALA B 457 5.09 0.11 16.82
C ALA B 457 5.82 -1.15 16.45
N ILE B 458 5.26 -1.92 15.52
CA ILE B 458 5.89 -3.16 15.10
C ILE B 458 6.23 -3.15 13.61
N PHE B 459 7.48 -3.45 13.32
CA PHE B 459 8.00 -3.49 11.97
C PHE B 459 8.29 -4.94 11.55
N ILE B 460 7.54 -5.43 10.57
CA ILE B 460 7.68 -6.79 10.11
C ILE B 460 8.52 -6.95 8.86
N GLY B 461 9.29 -8.03 8.84
CA GLY B 461 10.09 -8.34 7.69
C GLY B 461 9.17 -9.19 6.82
N ASP B 462 9.25 -10.50 6.97
CA ASP B 462 8.41 -11.40 6.20
C ASP B 462 7.08 -11.59 6.88
N ALA B 463 6.10 -10.78 6.51
CA ALA B 463 4.76 -10.89 7.06
C ALA B 463 4.02 -11.89 6.20
N HIS B 464 3.63 -13.01 6.79
CA HIS B 464 2.95 -14.05 6.03
C HIS B 464 1.75 -14.73 6.69
N ILE B 465 1.00 -15.45 5.87
CA ILE B 465 -0.18 -16.21 6.30
C ILE B 465 0.00 -17.65 5.81
N TYR B 466 -0.03 -18.62 6.72
CA TYR B 466 0.11 -20.01 6.32
C TYR B 466 -1.18 -20.40 5.59
N GLU B 467 -1.05 -21.12 4.47
CA GLU B 467 -2.21 -21.48 3.68
C GLU B 467 -3.30 -22.28 4.41
N ASN B 468 -2.96 -22.86 5.54
CA ASN B 468 -3.95 -23.62 6.29
C ASN B 468 -4.70 -22.74 7.29
N HIS B 469 -4.55 -21.42 7.16
CA HIS B 469 -5.22 -20.49 8.04
C HIS B 469 -6.20 -19.64 7.26
N LEU B 470 -6.19 -19.80 5.94
CA LEU B 470 -7.06 -19.02 5.08
C LEU B 470 -8.53 -18.96 5.47
N THR B 471 -9.15 -20.11 5.73
CA THR B 471 -10.55 -20.09 6.11
C THR B 471 -10.74 -19.44 7.48
N GLN B 472 -9.86 -19.75 8.44
CA GLN B 472 -9.95 -19.15 9.77
C GLN B 472 -9.87 -17.63 9.73
N LEU B 473 -8.87 -17.10 9.03
CA LEU B 473 -8.68 -15.67 8.92
C LEU B 473 -9.79 -14.99 8.15
N LYS B 474 -10.42 -15.72 7.23
CA LYS B 474 -11.52 -15.15 6.48
C LYS B 474 -12.68 -14.92 7.46
N GLU B 475 -12.89 -15.92 8.33
CA GLU B 475 -13.92 -15.89 9.36
C GLU B 475 -13.61 -14.72 10.31
N GLN B 476 -12.38 -14.65 10.77
CA GLN B 476 -12.00 -13.58 11.67
C GLN B 476 -12.32 -12.23 11.03
N LEU B 477 -11.96 -12.09 9.76
CA LEU B 477 -12.19 -10.85 9.03
C LEU B 477 -13.66 -10.46 8.89
N SER B 478 -14.56 -11.40 9.14
CA SER B 478 -15.98 -11.11 9.03
C SER B 478 -16.54 -10.46 10.29
N ARG B 479 -15.73 -10.43 11.34
CA ARG B 479 -16.16 -9.85 12.62
C ARG B 479 -15.74 -8.40 12.78
N THR B 480 -16.67 -7.55 13.21
CA THR B 480 -16.36 -6.15 13.41
C THR B 480 -15.74 -5.99 14.79
N PRO B 481 -14.61 -5.27 14.87
CA PRO B 481 -13.89 -5.04 16.12
C PRO B 481 -14.73 -4.44 17.24
N ARG B 482 -14.38 -4.80 18.47
CA ARG B 482 -15.03 -4.27 19.67
C ARG B 482 -13.92 -3.48 20.35
N PRO B 483 -14.27 -2.59 21.28
CA PRO B 483 -13.22 -1.83 21.95
C PRO B 483 -12.20 -2.71 22.67
N PHE B 484 -10.94 -2.29 22.63
CA PHE B 484 -9.89 -3.03 23.28
C PHE B 484 -10.13 -3.04 24.79
N PRO B 485 -9.58 -4.05 25.48
CA PRO B 485 -9.78 -4.11 26.93
C PRO B 485 -8.72 -3.24 27.61
N GLN B 486 -8.62 -3.36 28.93
CA GLN B 486 -7.61 -2.64 29.69
C GLN B 486 -6.81 -3.71 30.39
N LEU B 487 -5.53 -3.45 30.63
CA LEU B 487 -4.70 -4.41 31.34
C LEU B 487 -4.05 -3.61 32.45
N LYS B 488 -4.13 -4.10 33.68
CA LYS B 488 -3.53 -3.39 34.81
C LYS B 488 -2.84 -4.34 35.78
N PHE B 489 -1.84 -3.81 36.47
CA PHE B 489 -1.10 -4.59 37.45
C PHE B 489 -1.71 -4.32 38.81
N LYS B 490 -1.91 -5.38 39.60
CA LYS B 490 -2.52 -5.25 40.91
C LYS B 490 -1.58 -4.73 42.01
N ARG B 491 -0.27 -4.74 41.75
CA ARG B 491 0.68 -4.27 42.75
C ARG B 491 1.95 -3.79 42.07
N LYS B 492 2.72 -2.96 42.75
CA LYS B 492 3.96 -2.50 42.12
C LYS B 492 5.07 -3.45 42.50
N VAL B 493 5.56 -4.23 41.54
CA VAL B 493 6.65 -5.16 41.82
C VAL B 493 7.93 -4.37 41.94
N GLU B 494 8.90 -4.89 42.69
CA GLU B 494 10.15 -4.16 42.85
C GLU B 494 11.15 -4.55 41.76
N ASN B 495 11.22 -5.84 41.44
CA ASN B 495 12.11 -6.27 40.39
C ASN B 495 11.26 -6.90 39.27
N ILE B 496 11.51 -6.50 38.03
CA ILE B 496 10.74 -6.99 36.90
C ILE B 496 10.47 -8.50 36.85
N GLU B 497 11.33 -9.32 37.41
CA GLU B 497 11.10 -10.75 37.37
C GLU B 497 10.16 -11.26 38.46
N ASP B 498 9.67 -10.36 39.30
CA ASP B 498 8.75 -10.73 40.37
C ASP B 498 7.29 -10.77 39.92
N PHE B 499 7.02 -10.34 38.69
CA PHE B 499 5.66 -10.35 38.17
C PHE B 499 5.08 -11.75 38.16
N LYS B 500 3.85 -11.86 38.65
CA LYS B 500 3.14 -13.14 38.73
C LYS B 500 1.79 -12.97 38.05
N TRP B 501 1.26 -14.06 37.51
CA TRP B 501 -0.03 -14.01 36.83
C TRP B 501 -1.10 -13.27 37.64
N GLU B 502 -1.17 -13.60 38.93
CA GLU B 502 -2.14 -12.99 39.84
C GLU B 502 -2.05 -11.48 39.86
N ASP B 503 -0.90 -10.94 39.51
CA ASP B 503 -0.66 -9.50 39.51
C ASP B 503 -1.38 -8.80 38.38
N ILE B 504 -1.83 -9.57 37.39
CA ILE B 504 -2.49 -9.01 36.21
C ILE B 504 -4.00 -9.01 36.20
N GLU B 505 -4.56 -7.90 35.72
CA GLU B 505 -6.02 -7.72 35.61
C GLU B 505 -6.41 -7.38 34.18
N LEU B 506 -7.21 -8.25 33.56
CA LEU B 506 -7.67 -7.99 32.20
C LEU B 506 -9.10 -7.49 32.35
N ILE B 507 -9.28 -6.18 32.24
CA ILE B 507 -10.59 -5.57 32.41
C ILE B 507 -11.40 -5.26 31.14
N GLY B 508 -12.62 -5.78 31.07
CA GLY B 508 -13.50 -5.52 29.95
C GLY B 508 -13.16 -6.12 28.60
N TYR B 509 -12.62 -7.34 28.59
CA TYR B 509 -12.30 -8.01 27.34
C TYR B 509 -13.54 -8.81 26.92
N TYR B 510 -14.11 -8.46 25.78
CA TYR B 510 -15.30 -9.15 25.27
C TYR B 510 -15.11 -9.58 23.82
N PRO B 511 -14.14 -10.50 23.58
CA PRO B 511 -13.85 -10.98 22.23
C PRO B 511 -14.87 -11.94 21.61
N TYR B 512 -14.74 -12.14 20.31
CA TYR B 512 -15.58 -13.06 19.59
C TYR B 512 -14.99 -14.43 19.92
N PRO B 513 -15.76 -15.50 19.73
CA PRO B 513 -15.24 -16.83 20.03
C PRO B 513 -13.88 -17.10 19.43
N THR B 514 -13.10 -17.91 20.14
CA THR B 514 -11.77 -18.23 19.67
C THR B 514 -11.83 -19.00 18.35
N ILE B 515 -10.79 -18.86 17.52
CA ILE B 515 -10.71 -19.56 16.24
C ILE B 515 -9.48 -20.44 16.25
N LYS B 516 -9.67 -21.74 16.14
CA LYS B 516 -8.56 -22.70 16.18
C LYS B 516 -7.68 -22.64 14.92
N MET B 517 -6.38 -22.45 15.10
CA MET B 517 -5.44 -22.37 14.00
C MET B 517 -4.18 -23.15 14.33
N ASP B 518 -3.91 -24.18 13.55
CA ASP B 518 -2.75 -25.04 13.79
C ASP B 518 -1.40 -24.55 13.28
N MET B 519 -0.37 -24.78 14.10
CA MET B 519 1.01 -24.40 13.79
C MET B 519 1.73 -25.41 12.90
N ALA B 520 2.73 -24.93 12.15
CA ALA B 520 3.52 -25.80 11.28
C ALA B 520 4.85 -26.00 12.04
N VAL B 521 5.20 -27.26 12.32
CA VAL B 521 6.44 -27.57 13.06
C VAL B 521 7.75 -27.18 12.36
N GLU C 3 45.58 -102.30 13.73
CA GLU C 3 44.53 -101.28 13.42
C GLU C 3 44.68 -100.68 12.02
N LYS C 4 43.82 -101.11 11.11
CA LYS C 4 43.83 -100.63 9.73
C LYS C 4 42.75 -99.56 9.57
N ASN C 5 42.78 -98.83 8.46
CA ASN C 5 41.80 -97.79 8.24
C ASN C 5 40.68 -98.23 7.29
N VAL C 6 39.45 -97.86 7.62
CA VAL C 6 38.30 -98.21 6.79
C VAL C 6 37.58 -96.96 6.31
N SER C 7 37.66 -96.68 5.02
CA SER C 7 37.01 -95.51 4.45
C SER C 7 35.93 -95.84 3.45
N ILE C 8 34.86 -95.07 3.48
CA ILE C 8 33.79 -95.26 2.53
C ILE C 8 34.05 -94.34 1.35
N VAL C 9 33.73 -94.85 0.16
CA VAL C 9 33.89 -94.06 -1.05
C VAL C 9 32.56 -94.15 -1.77
N VAL C 10 31.94 -93.01 -2.03
CA VAL C 10 30.65 -93.00 -2.67
C VAL C 10 30.35 -91.66 -3.33
N ALA C 11 29.45 -91.70 -4.31
CA ALA C 11 29.02 -90.51 -5.03
C ALA C 11 27.50 -90.56 -4.98
N ALA C 12 26.89 -89.52 -4.42
CA ALA C 12 25.43 -89.48 -4.33
C ALA C 12 24.88 -88.10 -4.68
N SER C 13 23.67 -88.05 -5.22
CA SER C 13 23.05 -86.78 -5.58
C SER C 13 23.00 -85.88 -4.34
N VAL C 14 23.21 -84.59 -4.58
CA VAL C 14 23.24 -83.59 -3.52
C VAL C 14 22.05 -83.54 -2.57
N LEU C 15 20.84 -83.69 -3.08
CA LEU C 15 19.66 -83.61 -2.22
C LEU C 15 19.11 -84.91 -1.61
N SER C 16 18.92 -85.94 -2.42
CA SER C 16 18.36 -87.15 -1.88
C SER C 16 19.35 -88.29 -1.72
N SER C 17 20.62 -88.02 -2.02
CA SER C 17 21.69 -89.03 -1.91
C SER C 17 21.48 -90.25 -2.79
N GLY C 18 20.94 -90.04 -3.99
CA GLY C 18 20.74 -91.15 -4.90
C GLY C 18 22.10 -91.61 -5.41
N ILE C 19 22.34 -92.93 -5.46
CA ILE C 19 23.62 -93.44 -5.94
C ILE C 19 23.50 -94.49 -7.04
N GLY C 20 22.28 -94.95 -7.30
CA GLY C 20 22.11 -95.95 -8.33
C GLY C 20 20.74 -96.04 -8.94
N ILE C 21 20.70 -96.59 -10.15
CA ILE C 21 19.45 -96.76 -10.88
C ILE C 21 19.62 -97.94 -11.85
N ASN C 22 18.72 -98.93 -11.72
CA ASN C 22 18.76 -100.12 -12.55
C ASN C 22 20.17 -100.68 -12.70
N GLY C 23 20.83 -100.90 -11.56
CA GLY C 23 22.17 -101.46 -11.57
C GLY C 23 23.26 -100.61 -12.21
N GLN C 24 23.05 -99.31 -12.32
CA GLN C 24 24.06 -98.44 -12.91
C GLN C 24 24.11 -97.16 -12.10
N LEU C 25 25.12 -96.33 -12.39
CA LEU C 25 25.21 -95.06 -11.71
C LEU C 25 24.16 -94.22 -12.43
N PRO C 26 23.59 -93.22 -11.74
CA PRO C 26 22.58 -92.42 -12.45
C PRO C 26 23.16 -91.26 -13.24
N TRP C 27 24.45 -91.36 -13.59
CA TRP C 27 25.14 -90.32 -14.34
C TRP C 27 26.48 -90.87 -14.79
N SER C 28 27.15 -90.16 -15.69
CA SER C 28 28.46 -90.59 -16.15
C SER C 28 29.49 -89.48 -16.08
N ILE C 29 30.28 -89.47 -15.02
CA ILE C 29 31.32 -88.47 -14.81
C ILE C 29 32.66 -89.18 -14.68
N SER C 30 33.49 -89.12 -15.72
CA SER C 30 34.75 -89.82 -15.70
C SER C 30 35.74 -89.32 -14.65
N GLU C 31 35.78 -88.01 -14.42
CA GLU C 31 36.70 -87.50 -13.43
C GLU C 31 36.43 -88.17 -12.10
N ASP C 32 35.15 -88.50 -11.85
CA ASP C 32 34.82 -89.15 -10.58
C ASP C 32 35.24 -90.61 -10.56
N LEU C 33 35.18 -91.29 -11.71
CA LEU C 33 35.63 -92.68 -11.74
C LEU C 33 37.12 -92.58 -11.53
N LYS C 34 37.72 -91.60 -12.19
CA LYS C 34 39.15 -91.38 -12.09
C LYS C 34 39.51 -91.11 -10.63
N PHE C 35 38.66 -90.37 -9.93
CA PHE C 35 38.93 -90.08 -8.52
C PHE C 35 38.84 -91.38 -7.73
N PHE C 36 37.71 -92.06 -7.86
CA PHE C 36 37.51 -93.32 -7.17
C PHE C 36 38.72 -94.22 -7.32
N SER C 37 39.27 -94.27 -8.53
CA SER C 37 40.43 -95.11 -8.76
C SER C 37 41.65 -94.61 -7.99
N LYS C 38 41.91 -93.30 -8.08
CA LYS C 38 43.06 -92.70 -7.39
C LYS C 38 43.02 -92.95 -5.88
N ILE C 39 41.90 -92.59 -5.27
CA ILE C 39 41.76 -92.74 -3.83
C ILE C 39 41.86 -94.18 -3.35
N THR C 40 41.19 -95.11 -4.01
CA THR C 40 41.22 -96.51 -3.59
C THR C 40 42.49 -97.26 -3.94
N ASN C 41 43.39 -96.61 -4.66
CA ASN C 41 44.64 -97.20 -5.07
C ASN C 41 45.74 -96.63 -4.20
N ASN C 42 45.51 -95.39 -3.77
CA ASN C 42 46.43 -94.63 -2.94
C ASN C 42 46.90 -95.43 -1.71
N LYS C 43 48.20 -95.72 -1.66
CA LYS C 43 48.78 -96.47 -0.55
C LYS C 43 50.25 -96.09 -0.33
N CYS C 44 50.78 -96.39 0.86
CA CYS C 44 52.17 -96.07 1.18
C CYS C 44 53.15 -97.21 0.89
N ASP C 45 52.75 -98.43 1.24
CA ASP C 45 53.60 -99.61 1.06
C ASP C 45 53.43 -100.31 -0.29
N SER C 46 54.40 -100.15 -1.18
CA SER C 46 54.32 -100.77 -2.51
C SER C 46 54.15 -102.28 -2.42
N ASN C 47 54.54 -102.87 -1.30
CA ASN C 47 54.43 -104.30 -1.13
C ASN C 47 53.12 -104.78 -0.55
N LYS C 48 52.19 -103.85 -0.33
CA LYS C 48 50.90 -104.21 0.20
C LYS C 48 49.87 -103.83 -0.86
N LYS C 49 48.59 -103.94 -0.52
CA LYS C 49 47.50 -103.60 -1.43
C LYS C 49 46.30 -103.12 -0.63
N ASN C 50 45.39 -102.40 -1.28
CA ASN C 50 44.19 -101.96 -0.58
C ASN C 50 43.08 -102.94 -0.94
N ALA C 51 42.09 -103.04 -0.06
CA ALA C 51 40.98 -103.97 -0.30
C ALA C 51 39.67 -103.19 -0.46
N LEU C 52 38.90 -103.53 -1.48
CA LEU C 52 37.65 -102.85 -1.71
C LEU C 52 36.49 -103.78 -1.45
N ILE C 53 35.75 -103.52 -0.38
CA ILE C 53 34.60 -104.32 -0.02
C ILE C 53 33.40 -103.81 -0.81
N MET C 54 32.53 -104.71 -1.27
CA MET C 54 31.35 -104.30 -2.02
C MET C 54 30.29 -105.40 -2.06
N GLY C 55 29.03 -104.98 -2.16
CA GLY C 55 27.94 -105.95 -2.22
C GLY C 55 28.01 -106.71 -3.53
N ARG C 56 27.32 -107.84 -3.60
CA ARG C 56 27.35 -108.64 -4.82
C ARG C 56 26.83 -107.87 -6.02
N LYS C 57 25.70 -107.18 -5.86
CA LYS C 57 25.14 -106.44 -6.96
C LYS C 57 26.14 -105.43 -7.53
N THR C 58 26.88 -104.76 -6.64
CA THR C 58 27.86 -103.79 -7.11
C THR C 58 28.94 -104.55 -7.87
N TRP C 59 29.28 -105.74 -7.39
CA TRP C 59 30.26 -106.60 -8.03
C TRP C 59 29.75 -106.87 -9.45
N ASP C 60 28.43 -107.04 -9.58
CA ASP C 60 27.85 -107.28 -10.89
C ASP C 60 28.02 -106.02 -11.76
N SER C 61 27.90 -104.85 -11.13
CA SER C 61 28.06 -103.57 -11.83
C SER C 61 29.43 -103.45 -12.48
N ILE C 62 30.46 -103.93 -11.79
CA ILE C 62 31.82 -103.88 -12.27
C ILE C 62 32.07 -104.93 -13.36
N GLY C 63 31.05 -105.76 -13.61
CA GLY C 63 31.19 -106.78 -14.62
C GLY C 63 32.03 -107.94 -14.12
N ARG C 64 32.01 -108.14 -12.81
CA ARG C 64 32.77 -109.20 -12.14
C ARG C 64 34.15 -109.37 -12.71
N ARG C 65 34.90 -108.28 -12.72
CA ARG C 65 36.28 -108.27 -13.19
C ARG C 65 37.06 -107.43 -12.19
N PRO C 66 38.22 -107.94 -11.75
CA PRO C 66 39.10 -107.29 -10.78
C PRO C 66 39.54 -105.87 -11.14
N LEU C 67 39.81 -105.08 -10.11
CA LEU C 67 40.28 -103.71 -10.30
C LEU C 67 41.80 -103.73 -10.08
N LYS C 68 42.54 -103.44 -11.13
CA LYS C 68 44.00 -103.45 -11.08
C LYS C 68 44.63 -102.97 -9.78
N ASN C 69 45.67 -103.69 -9.33
CA ASN C 69 46.44 -103.37 -8.13
C ASN C 69 45.70 -103.50 -6.80
N ARG C 70 44.40 -103.79 -6.86
CA ARG C 70 43.61 -103.91 -5.64
C ARG C 70 43.00 -105.30 -5.44
N ILE C 71 42.40 -105.50 -4.29
CA ILE C 71 41.78 -106.77 -4.01
C ILE C 71 40.31 -106.54 -3.70
N ILE C 72 39.45 -107.15 -4.50
CA ILE C 72 38.01 -106.99 -4.31
C ILE C 72 37.46 -108.03 -3.35
N VAL C 73 36.69 -107.57 -2.38
CA VAL C 73 36.08 -108.43 -1.38
C VAL C 73 34.57 -108.32 -1.56
N VAL C 74 33.96 -109.39 -2.07
CA VAL C 74 32.52 -109.40 -2.30
C VAL C 74 31.75 -110.00 -1.14
N ILE C 75 30.69 -109.31 -0.73
CA ILE C 75 29.86 -109.82 0.34
C ILE C 75 28.63 -110.43 -0.33
N SER C 76 28.50 -111.74 -0.24
CA SER C 76 27.36 -112.45 -0.82
C SER C 76 27.07 -113.71 -0.01
N SER C 77 25.80 -114.10 0.02
CA SER C 77 25.40 -115.28 0.75
C SER C 77 25.47 -116.48 -0.18
N SER C 78 25.36 -116.23 -1.48
CA SER C 78 25.39 -117.30 -2.49
C SER C 78 26.76 -117.47 -3.16
N LEU C 79 27.24 -116.42 -3.82
CA LEU C 79 28.52 -116.48 -4.52
C LEU C 79 29.54 -117.44 -3.90
N PRO C 80 30.06 -118.37 -4.72
CA PRO C 80 31.04 -119.37 -4.31
C PRO C 80 32.35 -118.77 -3.86
N GLN C 81 32.85 -119.26 -2.74
CA GLN C 81 34.13 -118.79 -2.22
C GLN C 81 35.25 -119.47 -3.00
N ASP C 82 35.42 -119.04 -4.26
CA ASP C 82 36.45 -119.59 -5.16
C ASP C 82 37.88 -119.41 -4.65
N GLU C 83 38.82 -119.94 -5.42
CA GLU C 83 40.23 -119.84 -5.11
C GLU C 83 40.86 -119.34 -6.40
N ALA C 84 40.05 -119.39 -7.45
CA ALA C 84 40.46 -118.97 -8.79
C ALA C 84 41.18 -117.62 -8.76
N ASP C 85 40.41 -116.54 -8.88
CA ASP C 85 41.00 -115.21 -8.87
C ASP C 85 41.51 -114.89 -7.48
N PRO C 86 42.81 -114.59 -7.39
CA PRO C 86 43.46 -114.25 -6.11
C PRO C 86 43.20 -112.81 -5.72
N ASN C 87 42.66 -112.02 -6.65
CA ASN C 87 42.37 -110.61 -6.39
C ASN C 87 40.92 -110.39 -6.04
N VAL C 88 40.16 -111.47 -6.05
CA VAL C 88 38.75 -111.40 -5.70
C VAL C 88 38.49 -112.47 -4.65
N VAL C 89 37.86 -112.06 -3.56
CA VAL C 89 37.57 -112.98 -2.48
C VAL C 89 36.14 -112.72 -1.98
N VAL C 90 35.46 -113.80 -1.60
CA VAL C 90 34.08 -113.70 -1.13
C VAL C 90 33.92 -113.97 0.37
N PHE C 91 32.96 -113.28 0.98
CA PHE C 91 32.67 -113.43 2.41
C PHE C 91 31.16 -113.47 2.60
N ARG C 92 30.71 -114.23 3.60
CA ARG C 92 29.28 -114.39 3.87
C ARG C 92 28.57 -113.23 4.56
N ASN C 93 29.28 -112.47 5.37
CA ASN C 93 28.71 -111.32 6.06
C ASN C 93 29.78 -110.23 6.11
N LEU C 94 29.34 -108.98 6.26
CA LEU C 94 30.29 -107.86 6.29
C LEU C 94 31.30 -107.94 7.42
N GLU C 95 30.85 -108.33 8.61
CA GLU C 95 31.75 -108.38 9.74
C GLU C 95 32.94 -109.30 9.52
N ASP C 96 32.66 -110.55 9.15
CA ASP C 96 33.73 -111.51 8.91
C ASP C 96 34.75 -110.98 7.93
N SER C 97 34.28 -110.33 6.87
CA SER C 97 35.17 -109.78 5.86
C SER C 97 36.12 -108.80 6.52
N ILE C 98 35.59 -107.95 7.39
CA ILE C 98 36.45 -107.00 8.08
C ILE C 98 37.26 -107.71 9.17
N GLU C 99 38.27 -108.42 8.69
CA GLU C 99 39.22 -109.15 9.49
C GLU C 99 40.47 -108.85 8.68
N ASN C 100 40.24 -108.16 7.55
CA ASN C 100 41.30 -107.71 6.65
C ASN C 100 42.27 -107.04 7.61
N LEU C 101 41.70 -106.46 8.65
CA LEU C 101 42.44 -105.78 9.70
C LEU C 101 43.26 -106.86 10.39
N MET C 102 42.54 -107.76 11.06
CA MET C 102 43.09 -108.88 11.84
C MET C 102 44.08 -109.80 11.15
N ASN C 103 44.60 -109.38 10.00
CA ASN C 103 45.56 -110.19 9.28
C ASN C 103 45.93 -109.50 7.99
N ASP C 104 46.16 -110.32 6.96
CA ASP C 104 46.54 -109.82 5.66
C ASP C 104 47.24 -108.50 5.85
N ASP C 105 48.38 -108.57 6.54
CA ASP C 105 49.18 -107.39 6.79
C ASP C 105 49.61 -106.91 5.42
N SER C 106 49.18 -107.68 4.41
CA SER C 106 49.43 -107.38 3.01
C SER C 106 48.41 -106.34 2.56
N ILE C 107 47.32 -106.23 3.31
CA ILE C 107 46.26 -105.27 3.04
C ILE C 107 46.55 -104.02 3.89
N GLU C 108 46.92 -102.93 3.23
CA GLU C 108 47.24 -101.70 3.94
C GLU C 108 46.03 -100.87 4.37
N ASN C 109 45.07 -100.69 3.46
CA ASN C 109 43.87 -99.91 3.76
C ASN C 109 42.60 -100.58 3.24
N ILE C 110 41.49 -100.27 3.89
CA ILE C 110 40.21 -100.86 3.49
C ILE C 110 39.23 -99.78 3.02
N PHE C 111 38.46 -100.13 2.00
CA PHE C 111 37.48 -99.23 1.42
C PHE C 111 36.14 -99.91 1.25
N VAL C 112 35.10 -99.32 1.82
CA VAL C 112 33.76 -99.87 1.67
C VAL C 112 33.27 -99.20 0.39
N CYS C 113 33.25 -100.00 -0.67
CA CYS C 113 32.89 -99.51 -2.00
C CYS C 113 31.46 -99.60 -2.49
N GLY C 114 30.49 -99.79 -1.61
CA GLY C 114 29.17 -99.78 -2.16
C GLY C 114 28.15 -100.88 -2.04
N GLY C 115 26.93 -100.41 -2.29
CA GLY C 115 25.74 -101.20 -2.20
C GLY C 115 25.04 -100.49 -1.06
N GLU C 116 23.85 -99.96 -1.33
CA GLU C 116 23.13 -99.27 -0.26
C GLU C 116 23.21 -100.16 0.97
N SER C 117 22.91 -101.44 0.79
CA SER C 117 22.94 -102.40 1.88
C SER C 117 24.28 -102.42 2.64
N ILE C 118 25.37 -102.57 1.91
CA ILE C 118 26.68 -102.61 2.54
C ILE C 118 27.05 -101.27 3.21
N TYR C 119 26.67 -100.16 2.60
CA TYR C 119 26.98 -98.86 3.18
C TYR C 119 26.26 -98.78 4.53
N ARG C 120 24.94 -98.91 4.46
CA ARG C 120 24.07 -98.85 5.63
C ARG C 120 24.57 -99.74 6.75
N ASP C 121 25.00 -100.95 6.40
CA ASP C 121 25.51 -101.90 7.39
C ASP C 121 26.86 -101.47 7.94
N ALA C 122 27.71 -100.98 7.05
CA ALA C 122 29.04 -100.54 7.45
C ALA C 122 28.94 -99.43 8.50
N LEU C 123 28.05 -98.49 8.25
CA LEU C 123 27.85 -97.39 9.18
C LEU C 123 27.23 -97.90 10.47
N LYS C 124 26.09 -98.59 10.36
CA LYS C 124 25.37 -99.14 11.51
C LYS C 124 26.23 -99.91 12.52
N ASP C 125 27.14 -100.74 12.01
CA ASP C 125 28.01 -101.53 12.87
C ASP C 125 29.30 -100.81 13.20
N ASN C 126 29.29 -99.49 13.00
CA ASN C 126 30.44 -98.64 13.29
C ASN C 126 31.78 -99.16 12.80
N PHE C 127 31.86 -99.57 11.54
CA PHE C 127 33.09 -100.11 10.96
C PHE C 127 33.93 -99.06 10.22
N VAL C 128 33.28 -98.02 9.73
CA VAL C 128 33.97 -96.99 8.96
C VAL C 128 34.51 -95.79 9.76
N ASP C 129 35.74 -95.41 9.42
CA ASP C 129 36.45 -94.30 10.03
C ASP C 129 36.30 -93.02 9.25
N ARG C 130 36.25 -93.14 7.92
CA ARG C 130 36.16 -91.98 7.04
C ARG C 130 35.14 -92.16 5.91
N ILE C 131 34.77 -91.04 5.28
CA ILE C 131 33.82 -91.07 4.18
C ILE C 131 34.26 -90.11 3.07
N TYR C 132 34.46 -90.63 1.87
CA TYR C 132 34.82 -89.80 0.73
C TYR C 132 33.52 -89.69 -0.06
N LEU C 133 32.89 -88.52 0.00
CA LEU C 133 31.62 -88.31 -0.65
C LEU C 133 31.68 -87.37 -1.85
N THR C 134 31.32 -87.88 -3.02
CA THR C 134 31.29 -87.01 -4.19
C THR C 134 29.84 -86.58 -4.36
N ARG C 135 29.57 -85.30 -4.12
CA ARG C 135 28.21 -84.78 -4.25
C ARG C 135 27.94 -84.42 -5.72
N VAL C 136 26.94 -85.06 -6.30
CA VAL C 136 26.61 -84.79 -7.70
C VAL C 136 25.34 -83.95 -7.78
N ALA C 137 25.40 -82.91 -8.60
CA ALA C 137 24.30 -81.97 -8.72
C ALA C 137 23.14 -82.24 -9.67
N LEU C 138 22.61 -83.45 -9.71
CA LEU C 138 21.41 -83.67 -10.53
C LEU C 138 20.41 -84.38 -9.64
N GLU C 139 19.26 -83.74 -9.45
CA GLU C 139 18.29 -84.27 -8.53
C GLU C 139 16.89 -84.63 -9.01
N ASP C 140 16.57 -84.35 -10.28
CA ASP C 140 15.21 -84.73 -10.72
C ASP C 140 15.24 -85.84 -11.73
N ILE C 141 15.82 -86.96 -11.30
CA ILE C 141 15.95 -88.15 -12.11
C ILE C 141 15.67 -89.35 -11.22
N GLU C 142 15.36 -90.49 -11.84
CA GLU C 142 15.04 -91.70 -11.09
C GLU C 142 16.20 -92.33 -10.34
N PHE C 143 15.93 -92.74 -9.11
CA PHE C 143 16.92 -93.40 -8.25
C PHE C 143 16.26 -94.61 -7.58
N ASP C 144 17.01 -95.70 -7.45
CA ASP C 144 16.45 -96.85 -6.77
C ASP C 144 17.40 -97.32 -5.67
N THR C 145 18.55 -96.66 -5.57
CA THR C 145 19.53 -97.00 -4.54
C THR C 145 20.03 -95.71 -3.91
N TYR C 146 20.20 -95.71 -2.59
CA TYR C 146 20.62 -94.51 -1.91
C TYR C 146 21.77 -94.72 -0.94
N PHE C 147 22.39 -93.61 -0.55
CA PHE C 147 23.47 -93.66 0.43
C PHE C 147 22.80 -93.23 1.74
N PRO C 148 22.89 -94.04 2.79
CA PRO C 148 22.26 -93.67 4.06
C PRO C 148 22.72 -92.31 4.57
N GLU C 149 21.97 -91.73 5.51
CA GLU C 149 22.33 -90.45 6.09
C GLU C 149 23.58 -90.64 6.93
N ILE C 150 24.52 -89.70 6.80
CA ILE C 150 25.75 -89.80 7.57
C ILE C 150 25.49 -89.60 9.06
N PRO C 151 25.81 -90.60 9.86
CA PRO C 151 25.60 -90.51 11.31
C PRO C 151 26.34 -89.33 11.94
N GLU C 152 25.70 -88.70 12.91
CA GLU C 152 26.24 -87.54 13.61
C GLU C 152 27.67 -87.67 14.11
N THR C 153 28.14 -88.90 14.31
CA THR C 153 29.49 -89.11 14.79
C THR C 153 30.52 -88.70 13.76
N PHE C 154 30.03 -88.36 12.57
CA PHE C 154 30.87 -87.94 11.45
C PHE C 154 30.79 -86.44 11.17
N LEU C 155 31.96 -85.82 11.01
CA LEU C 155 32.00 -84.40 10.72
C LEU C 155 32.81 -84.13 9.46
N PRO C 156 32.33 -83.19 8.63
CA PRO C 156 33.05 -82.86 7.40
C PRO C 156 34.33 -82.08 7.73
N VAL C 157 35.41 -82.43 7.06
CA VAL C 157 36.68 -81.75 7.29
C VAL C 157 37.24 -81.14 6.01
N TYR C 158 36.54 -81.38 4.90
CA TYR C 158 36.97 -80.85 3.60
C TYR C 158 35.82 -80.81 2.61
N MET C 159 35.80 -79.78 1.78
CA MET C 159 34.77 -79.58 0.75
C MET C 159 35.45 -78.85 -0.41
N SER C 160 35.68 -79.56 -1.51
CA SER C 160 36.36 -78.98 -2.67
C SER C 160 35.53 -77.93 -3.35
N GLN C 161 36.17 -77.26 -4.32
CA GLN C 161 35.49 -76.25 -5.12
C GLN C 161 34.54 -77.07 -6.00
N THR C 162 33.69 -76.41 -6.77
CA THR C 162 32.80 -77.15 -7.62
C THR C 162 33.49 -77.40 -8.97
N PHE C 163 33.22 -78.57 -9.55
CA PHE C 163 33.77 -78.94 -10.86
C PHE C 163 32.61 -79.22 -11.81
N CYS C 164 32.87 -79.14 -13.12
CA CYS C 164 31.83 -79.40 -14.13
C CYS C 164 32.19 -80.50 -15.11
N THR C 165 31.19 -81.28 -15.48
CA THR C 165 31.34 -82.37 -16.45
C THR C 165 29.97 -82.53 -17.12
N LYS C 166 29.95 -82.28 -18.43
CA LYS C 166 28.71 -82.35 -19.19
C LYS C 166 27.67 -81.47 -18.50
N ASN C 167 28.12 -80.31 -18.04
CA ASN C 167 27.27 -79.33 -17.36
C ASN C 167 26.74 -79.78 -16.02
N ILE C 168 27.29 -80.87 -15.51
CA ILE C 168 26.86 -81.37 -14.20
C ILE C 168 27.86 -80.89 -13.15
N SER C 169 27.35 -80.26 -12.10
CA SER C 169 28.19 -79.75 -11.03
C SER C 169 28.43 -80.82 -9.98
N TYR C 170 29.60 -80.80 -9.35
CA TYR C 170 29.88 -81.77 -8.29
C TYR C 170 31.03 -81.35 -7.38
N ASP C 171 30.95 -81.78 -6.11
CA ASP C 171 31.97 -81.52 -5.07
C ASP C 171 32.64 -82.82 -4.71
N PHE C 172 33.57 -82.68 -3.79
CA PHE C 172 34.30 -83.79 -3.22
C PHE C 172 34.47 -83.36 -1.78
N MET C 173 33.90 -84.11 -0.85
CA MET C 173 34.13 -83.77 0.53
C MET C 173 34.48 -85.01 1.35
N ILE C 174 35.25 -84.79 2.42
CA ILE C 174 35.71 -85.85 3.30
C ILE C 174 35.08 -85.69 4.67
N PHE C 175 34.46 -86.77 5.16
CA PHE C 175 33.88 -86.73 6.48
C PHE C 175 34.72 -87.65 7.34
N GLU C 176 35.15 -87.17 8.49
CA GLU C 176 35.93 -88.00 9.39
C GLU C 176 35.15 -88.25 10.68
N LYS C 177 35.28 -89.46 11.20
CA LYS C 177 34.57 -89.83 12.42
C LYS C 177 35.39 -89.38 13.60
N GLN C 178 35.26 -88.12 13.94
CA GLN C 178 36.01 -87.57 15.05
C GLN C 178 35.05 -87.18 16.15
N GLU C 179 35.63 -86.79 17.28
CA GLU C 179 34.93 -86.31 18.47
C GLU C 179 35.49 -86.72 19.84
N LYS C 180 36.77 -86.41 20.00
CA LYS C 180 37.54 -86.60 21.23
C LYS C 180 38.19 -85.21 21.27
N LYS C 181 37.45 -84.22 21.75
CA LYS C 181 37.94 -82.86 21.73
C LYS C 181 37.53 -81.92 22.87
N THR C 182 36.98 -80.79 22.45
CA THR C 182 36.51 -79.71 23.33
C THR C 182 36.44 -78.50 22.38
N LEU C 183 36.40 -77.29 22.95
CA LEU C 183 36.34 -76.06 22.15
C LEU C 183 37.06 -76.18 20.80
N GLN C 184 38.39 -76.08 20.84
CA GLN C 184 39.23 -76.15 19.64
C GLN C 184 39.10 -74.86 18.82
N ASN C 185 40.23 -74.21 18.56
CA ASN C 185 40.24 -72.96 17.81
C ASN C 185 39.94 -73.16 16.33
N CYS C 186 39.12 -72.28 15.78
CA CYS C 186 38.76 -72.37 14.37
C CYS C 186 39.89 -71.82 13.48
N ASP C 187 40.65 -70.88 14.01
CA ASP C 187 41.75 -70.32 13.23
C ASP C 187 42.78 -71.41 12.94
N PRO C 188 43.01 -71.71 11.66
CA PRO C 188 43.97 -72.73 11.23
C PRO C 188 45.41 -72.35 11.47
N ALA C 189 45.66 -71.08 11.78
CA ALA C 189 47.02 -70.62 12.02
C ALA C 189 47.52 -71.05 13.40
N ARG C 190 46.59 -71.22 14.33
CA ARG C 190 46.95 -71.62 15.67
C ARG C 190 47.06 -73.11 15.78
N GLY C 191 47.75 -73.57 16.82
CA GLY C 191 47.90 -74.99 17.03
C GLY C 191 49.11 -75.56 16.31
N GLN C 192 49.85 -74.71 15.59
CA GLN C 192 51.02 -75.21 14.88
C GLN C 192 52.15 -75.43 15.87
N LEU C 193 52.44 -74.44 16.70
CA LEU C 193 53.43 -74.59 17.76
C LEU C 193 53.11 -73.60 18.88
N LYS C 194 53.07 -74.11 20.11
CA LYS C 194 52.71 -73.31 21.26
C LYS C 194 53.48 -72.02 21.42
N SER C 195 54.78 -72.03 21.14
CA SER C 195 55.56 -70.81 21.28
C SER C 195 54.93 -69.64 20.51
N ILE C 196 54.59 -69.86 19.26
CA ILE C 196 53.97 -68.79 18.48
C ILE C 196 52.62 -68.40 19.08
N ASP C 197 51.78 -69.39 19.36
CA ASP C 197 50.47 -69.10 19.94
C ASP C 197 50.57 -68.30 21.24
N ASP C 198 51.38 -68.78 22.18
CA ASP C 198 51.53 -68.10 23.47
C ASP C 198 52.04 -66.68 23.30
N THR C 199 53.11 -66.53 22.51
CA THR C 199 53.70 -65.22 22.26
C THR C 199 52.67 -64.24 21.68
N VAL C 200 51.96 -64.68 20.64
CA VAL C 200 50.95 -63.82 20.03
C VAL C 200 49.88 -63.42 21.05
N ASP C 201 49.44 -64.38 21.86
CA ASP C 201 48.43 -64.09 22.87
C ASP C 201 48.93 -63.03 23.85
N LEU C 202 50.12 -63.24 24.39
CA LEU C 202 50.76 -62.32 25.34
C LEU C 202 50.95 -60.96 24.70
N LEU C 203 51.52 -60.95 23.50
CA LEU C 203 51.74 -59.70 22.78
C LEU C 203 50.37 -59.05 22.62
N GLY C 204 49.35 -59.88 22.45
CA GLY C 204 47.99 -59.40 22.30
C GLY C 204 47.47 -58.77 23.58
N GLU C 205 47.95 -59.24 24.73
CA GLU C 205 47.54 -58.70 26.03
C GLU C 205 48.23 -57.37 26.26
N ILE C 206 49.52 -57.31 25.98
CA ILE C 206 50.29 -56.10 26.20
C ILE C 206 49.71 -54.96 25.38
N PHE C 207 49.85 -55.04 24.06
CA PHE C 207 49.29 -54.03 23.17
C PHE C 207 47.85 -54.48 23.11
N GLY C 208 46.97 -53.71 22.49
CA GLY C 208 45.61 -54.18 22.45
C GLY C 208 45.12 -54.10 21.03
N ILE C 209 44.32 -53.08 20.81
CA ILE C 209 43.75 -52.74 19.53
C ILE C 209 44.96 -52.25 18.71
N ARG C 210 46.08 -52.11 19.40
CA ARG C 210 47.31 -51.66 18.79
C ARG C 210 47.94 -52.74 17.93
N LYS C 211 47.73 -54.00 18.30
CA LYS C 211 48.26 -55.10 17.51
C LYS C 211 47.18 -55.31 16.47
N MET C 212 47.52 -55.03 15.20
CA MET C 212 46.56 -55.15 14.11
C MET C 212 45.78 -56.46 14.15
N GLY C 213 46.47 -57.55 14.43
CA GLY C 213 45.79 -58.83 14.51
C GLY C 213 44.54 -58.80 15.38
N ASN C 214 44.57 -58.04 16.48
CA ASN C 214 43.40 -57.96 17.36
C ASN C 214 42.25 -57.24 16.71
N ARG C 215 42.55 -56.50 15.64
CA ARG C 215 41.53 -55.76 14.90
C ARG C 215 40.90 -56.67 13.84
N HIS C 216 41.53 -57.82 13.63
CA HIS C 216 41.08 -58.79 12.65
C HIS C 216 40.93 -60.15 13.34
N LYS C 217 40.19 -60.17 14.44
CA LYS C 217 39.98 -61.41 15.17
C LYS C 217 39.35 -62.47 14.29
N PHE C 218 39.73 -63.72 14.49
CA PHE C 218 39.20 -64.83 13.72
C PHE C 218 37.82 -65.20 14.23
N PRO C 219 36.87 -65.44 13.33
CA PRO C 219 35.49 -65.80 13.71
C PRO C 219 35.34 -66.88 14.76
N LYS C 220 34.50 -66.60 15.76
CA LYS C 220 34.20 -67.54 16.84
C LYS C 220 33.35 -68.66 16.24
N GLU C 221 33.58 -69.89 16.68
CA GLU C 221 32.84 -71.03 16.17
C GLU C 221 31.34 -70.84 15.93
N GLU C 222 30.65 -70.22 16.88
CA GLU C 222 29.22 -70.03 16.77
C GLU C 222 28.75 -69.18 15.60
N ILE C 223 29.67 -68.48 14.93
CA ILE C 223 29.29 -67.66 13.78
C ILE C 223 30.09 -68.05 12.56
N TYR C 224 30.72 -69.21 12.63
CA TYR C 224 31.52 -69.75 11.53
C TYR C 224 30.70 -70.88 10.90
N ASN C 225 30.48 -70.80 9.59
CA ASN C 225 29.72 -71.82 8.88
C ASN C 225 30.47 -73.16 8.85
N THR C 226 29.76 -74.27 8.93
CA THR C 226 30.38 -75.61 8.90
C THR C 226 31.78 -75.57 9.53
N PRO C 227 31.84 -75.30 10.85
CA PRO C 227 33.07 -75.20 11.67
C PRO C 227 34.05 -76.36 11.61
N SER C 228 33.55 -77.58 11.42
CA SER C 228 34.42 -78.75 11.37
C SER C 228 35.40 -78.70 10.21
N ILE C 229 35.01 -78.06 9.13
CA ILE C 229 35.94 -77.94 8.00
C ILE C 229 36.84 -76.77 8.34
N ARG C 230 37.99 -77.11 8.92
CA ARG C 230 38.96 -76.12 9.36
C ARG C 230 40.06 -75.87 8.34
N PHE C 231 40.60 -76.92 7.74
CA PHE C 231 41.67 -76.75 6.77
C PHE C 231 41.26 -77.16 5.35
N GLY C 232 39.96 -77.31 5.12
CA GLY C 232 39.54 -77.70 3.80
C GLY C 232 38.41 -76.87 3.24
N ARG C 233 38.32 -75.60 3.62
CA ARG C 233 37.23 -74.75 3.12
C ARG C 233 37.56 -74.28 1.71
N GLU C 234 37.64 -75.24 0.79
CA GLU C 234 37.98 -74.97 -0.60
C GLU C 234 36.83 -74.43 -1.46
N HIS C 235 35.60 -74.81 -1.15
CA HIS C 235 34.43 -74.34 -1.89
C HIS C 235 34.45 -72.82 -1.83
N TYR C 236 34.39 -72.16 -2.97
CA TYR C 236 34.43 -70.70 -2.94
C TYR C 236 33.24 -69.98 -2.32
N GLU C 237 32.18 -70.71 -1.99
CA GLU C 237 31.05 -70.05 -1.36
C GLU C 237 31.50 -69.62 0.04
N PHE C 238 32.60 -70.21 0.52
CA PHE C 238 33.14 -69.87 1.85
C PHE C 238 33.76 -68.48 1.81
N GLN C 239 34.05 -67.99 0.62
CA GLN C 239 34.64 -66.66 0.46
C GLN C 239 33.62 -65.63 0.92
N TYR C 240 32.35 -65.93 0.72
CA TYR C 240 31.29 -65.03 1.13
C TYR C 240 30.83 -65.36 2.54
N LEU C 241 30.57 -66.64 2.80
CA LEU C 241 30.13 -67.02 4.13
C LEU C 241 31.14 -66.55 5.17
N ASP C 242 32.42 -66.67 4.85
CA ASP C 242 33.45 -66.26 5.79
C ASP C 242 33.59 -64.75 5.96
N LEU C 243 33.29 -64.00 4.90
CA LEU C 243 33.36 -62.55 5.01
C LEU C 243 32.24 -62.16 5.96
N LEU C 244 31.13 -62.88 5.87
CA LEU C 244 29.97 -62.66 6.74
C LEU C 244 30.41 -62.88 8.19
N SER C 245 31.03 -64.02 8.45
CA SER C 245 31.51 -64.34 9.79
C SER C 245 32.49 -63.27 10.29
N ARG C 246 33.39 -62.87 9.41
CA ARG C 246 34.39 -61.88 9.75
C ARG C 246 33.84 -60.54 10.22
N VAL C 247 32.77 -60.05 9.61
CA VAL C 247 32.22 -58.78 10.06
C VAL C 247 31.37 -59.01 11.29
N LEU C 248 30.75 -60.18 11.38
CA LEU C 248 29.94 -60.50 12.55
C LEU C 248 30.85 -60.50 13.76
N GLU C 249 32.10 -60.87 13.54
CA GLU C 249 33.09 -60.93 14.61
C GLU C 249 33.73 -59.57 14.90
N ASN C 250 34.16 -58.86 13.85
CA ASN C 250 34.82 -57.57 14.04
C ASN C 250 34.05 -56.31 13.67
N GLY C 251 32.98 -56.48 12.91
CA GLY C 251 32.19 -55.33 12.48
C GLY C 251 31.92 -54.27 13.51
N ALA C 252 32.35 -53.05 13.23
CA ALA C 252 32.12 -51.92 14.13
C ALA C 252 30.68 -51.44 13.95
N TYR C 253 29.99 -51.16 15.05
CA TYR C 253 28.61 -50.71 14.98
C TYR C 253 28.58 -49.25 14.59
N ARG C 254 27.93 -48.94 13.49
CA ARG C 254 27.89 -47.56 13.05
C ARG C 254 26.67 -47.17 12.22
N GLU C 255 26.25 -45.92 12.40
CA GLU C 255 25.11 -45.37 11.70
C GLU C 255 25.48 -45.02 10.25
N ASN C 256 24.47 -44.70 9.45
CA ASN C 256 24.68 -44.34 8.04
C ASN C 256 23.48 -43.57 7.50
N ARG C 257 23.57 -43.12 6.24
CA ARG C 257 22.48 -42.36 5.63
C ARG C 257 21.09 -42.99 5.78
N THR C 258 21.00 -44.32 5.74
CA THR C 258 19.70 -44.99 5.92
C THR C 258 19.44 -44.99 7.42
N GLY C 259 18.22 -45.29 7.83
CA GLY C 259 17.93 -45.30 9.24
C GLY C 259 18.41 -46.53 10.01
N ILE C 260 18.88 -47.56 9.29
CA ILE C 260 19.34 -48.78 9.94
C ILE C 260 20.85 -48.84 10.07
N SER C 261 21.33 -49.04 11.30
CA SER C 261 22.76 -49.10 11.56
C SER C 261 23.33 -50.42 11.05
N THR C 262 24.64 -50.45 10.86
CA THR C 262 25.30 -51.66 10.35
C THR C 262 26.49 -52.01 11.21
N TYR C 263 27.09 -53.15 10.90
CA TYR C 263 28.30 -53.59 11.59
C TYR C 263 29.25 -53.68 10.41
N SER C 264 30.29 -52.84 10.38
CA SER C 264 31.18 -52.89 9.24
C SER C 264 32.67 -52.94 9.51
N ILE C 265 33.39 -53.44 8.51
CA ILE C 265 34.84 -53.54 8.54
C ILE C 265 35.25 -52.98 7.18
N PHE C 266 36.46 -52.45 7.08
CA PHE C 266 36.92 -51.83 5.83
C PHE C 266 38.04 -52.56 5.07
N GLY C 267 37.84 -52.76 3.77
CA GLY C 267 38.82 -53.43 2.93
C GLY C 267 38.83 -54.96 3.03
N GLN C 268 37.96 -55.62 2.28
CA GLN C 268 37.88 -57.08 2.29
C GLN C 268 37.96 -57.61 0.87
N MET C 269 38.12 -58.93 0.74
CA MET C 269 38.24 -59.54 -0.58
C MET C 269 37.51 -60.88 -0.70
N MET C 270 37.07 -61.19 -1.92
CA MET C 270 36.40 -62.46 -2.22
C MET C 270 36.84 -62.95 -3.59
N ARG C 271 37.12 -64.24 -3.69
CA ARG C 271 37.55 -64.84 -4.95
C ARG C 271 36.53 -65.88 -5.40
N PHE C 272 36.32 -65.97 -6.71
CA PHE C 272 35.38 -66.95 -7.24
C PHE C 272 35.85 -67.52 -8.55
N ASP C 273 35.83 -68.84 -8.66
CA ASP C 273 36.20 -69.48 -9.90
C ASP C 273 34.99 -69.39 -10.80
N MET C 274 35.22 -69.24 -12.10
CA MET C 274 34.11 -69.19 -13.05
C MET C 274 34.32 -70.20 -14.15
N ARG C 275 35.46 -70.90 -14.11
CA ARG C 275 35.78 -71.89 -15.11
C ARG C 275 34.93 -73.14 -14.96
N GLU C 276 34.91 -73.69 -13.75
CA GLU C 276 34.15 -74.92 -13.47
C GLU C 276 32.76 -74.74 -12.86
N SER C 277 32.32 -73.51 -12.63
CA SER C 277 30.97 -73.28 -12.08
C SER C 277 30.60 -71.80 -12.00
N PHE C 278 29.34 -71.54 -11.67
CA PHE C 278 28.83 -70.17 -11.56
C PHE C 278 28.59 -69.87 -10.10
N PRO C 279 29.17 -68.77 -9.59
CA PRO C 279 29.04 -68.37 -8.19
C PRO C 279 27.67 -67.86 -7.72
N LEU C 280 26.65 -68.71 -7.79
CA LEU C 280 25.33 -68.31 -7.32
C LEU C 280 25.17 -69.02 -5.98
N LEU C 281 25.21 -68.27 -4.89
CA LEU C 281 25.10 -68.84 -3.54
C LEU C 281 24.09 -69.97 -3.44
N THR C 282 24.42 -71.00 -2.67
CA THR C 282 23.51 -72.13 -2.50
C THR C 282 22.92 -72.12 -1.11
N THR C 283 23.55 -71.42 -0.18
CA THR C 283 23.04 -71.40 1.19
C THR C 283 21.78 -70.54 1.32
N LYS C 284 21.29 -70.06 0.19
CA LYS C 284 20.08 -69.24 0.15
C LYS C 284 19.68 -69.12 -1.31
N LYS C 285 18.41 -69.28 -1.61
CA LYS C 285 17.96 -69.19 -2.99
C LYS C 285 18.11 -67.75 -3.51
N VAL C 286 18.81 -67.58 -4.63
CA VAL C 286 18.99 -66.25 -5.19
C VAL C 286 18.26 -66.08 -6.53
N ALA C 287 17.56 -64.95 -6.67
CA ALA C 287 16.79 -64.65 -7.89
C ALA C 287 17.67 -64.27 -9.08
N ILE C 288 18.05 -65.28 -9.86
CA ILE C 288 18.89 -65.05 -11.02
C ILE C 288 18.25 -64.14 -12.08
N ARG C 289 16.94 -64.34 -12.33
CA ARG C 289 16.29 -63.53 -13.35
C ARG C 289 16.41 -62.05 -13.05
N SER C 290 16.09 -61.66 -11.82
CA SER C 290 16.18 -60.27 -11.42
C SER C 290 17.58 -59.74 -11.69
N ILE C 291 18.59 -60.51 -11.32
CA ILE C 291 19.98 -60.13 -11.54
C ILE C 291 20.19 -59.81 -13.01
N PHE C 292 19.86 -60.77 -13.86
CA PHE C 292 19.99 -60.61 -15.30
C PHE C 292 19.30 -59.36 -15.79
N GLU C 293 18.02 -59.23 -15.47
CA GLU C 293 17.27 -58.07 -15.92
C GLU C 293 17.89 -56.72 -15.54
N GLU C 294 18.61 -56.67 -14.43
CA GLU C 294 19.25 -55.42 -14.03
C GLU C 294 20.53 -55.24 -14.83
N LEU C 295 21.18 -56.34 -15.18
CA LEU C 295 22.42 -56.27 -15.94
C LEU C 295 22.25 -55.79 -17.39
N ILE C 296 21.32 -56.37 -18.16
CA ILE C 296 21.17 -55.88 -19.54
C ILE C 296 20.70 -54.46 -19.46
N TRP C 297 19.93 -54.15 -18.42
CA TRP C 297 19.44 -52.80 -18.21
C TRP C 297 20.65 -51.86 -18.20
N PHE C 298 21.67 -52.22 -17.41
CA PHE C 298 22.89 -51.42 -17.35
C PHE C 298 23.53 -51.41 -18.71
N ILE C 299 23.72 -52.61 -19.26
CA ILE C 299 24.36 -52.77 -20.57
C ILE C 299 23.77 -51.88 -21.66
N LYS C 300 22.44 -51.72 -21.62
CA LYS C 300 21.71 -50.91 -22.57
C LYS C 300 21.97 -49.42 -22.33
N GLY C 301 22.40 -49.08 -21.12
CA GLY C 301 22.66 -47.69 -20.81
C GLY C 301 21.37 -47.06 -20.31
N ASP C 302 20.45 -47.91 -19.93
CA ASP C 302 19.14 -47.49 -19.45
C ASP C 302 19.19 -46.96 -18.02
N THR C 303 18.43 -45.91 -17.77
CA THR C 303 18.38 -45.31 -16.44
C THR C 303 16.93 -45.18 -15.98
N ASN C 304 16.00 -45.66 -16.79
CA ASN C 304 14.59 -45.58 -16.47
C ASN C 304 14.15 -46.73 -15.58
N GLY C 305 14.00 -46.44 -14.29
CA GLY C 305 13.60 -47.44 -13.31
C GLY C 305 12.27 -48.13 -13.53
N ASN C 306 11.47 -47.60 -14.45
CA ASN C 306 10.17 -48.18 -14.75
C ASN C 306 10.38 -49.49 -15.47
N HIS C 307 11.27 -49.48 -16.45
CA HIS C 307 11.57 -50.66 -17.23
C HIS C 307 11.87 -51.86 -16.35
N LEU C 308 12.51 -51.63 -15.21
CA LEU C 308 12.82 -52.71 -14.29
C LEU C 308 11.55 -53.17 -13.60
N ILE C 309 10.78 -52.22 -13.10
CA ILE C 309 9.52 -52.54 -12.44
C ILE C 309 8.67 -53.38 -13.39
N GLU C 310 8.63 -52.95 -14.66
CA GLU C 310 7.86 -53.67 -15.67
C GLU C 310 8.30 -55.14 -15.76
N LYS C 311 9.60 -55.39 -15.71
CA LYS C 311 10.10 -56.76 -15.76
C LYS C 311 10.05 -57.33 -14.34
N LYS C 312 9.18 -56.75 -13.53
CA LYS C 312 8.99 -57.18 -12.15
C LYS C 312 10.25 -57.30 -11.30
N VAL C 313 11.11 -56.28 -11.39
CA VAL C 313 12.34 -56.19 -10.61
C VAL C 313 12.14 -54.90 -9.83
N TYR C 314 12.15 -54.97 -8.51
CA TYR C 314 11.87 -53.79 -7.71
C TYR C 314 12.96 -53.19 -6.83
N ILE C 315 14.21 -53.59 -6.99
CA ILE C 315 15.24 -53.03 -6.11
C ILE C 315 15.45 -51.54 -6.24
N TRP C 316 15.29 -51.01 -7.44
CA TRP C 316 15.49 -49.58 -7.63
C TRP C 316 14.26 -48.71 -7.38
N SER C 317 13.20 -49.32 -6.85
CA SER C 317 11.98 -48.59 -6.55
C SER C 317 12.25 -47.63 -5.42
N GLY C 318 12.80 -48.18 -4.35
CA GLY C 318 13.11 -47.37 -3.19
C GLY C 318 13.80 -46.07 -3.56
N ASN C 319 14.98 -46.19 -4.17
CA ASN C 319 15.75 -45.03 -4.55
C ASN C 319 15.19 -44.33 -5.78
N GLY C 320 14.02 -44.77 -6.23
CA GLY C 320 13.41 -44.16 -7.39
C GLY C 320 12.14 -43.39 -7.05
N SER C 321 11.55 -43.69 -5.89
CA SER C 321 10.33 -43.02 -5.46
C SER C 321 10.41 -41.51 -5.48
N LYS C 322 9.24 -40.90 -5.63
CA LYS C 322 9.14 -39.45 -5.69
C LYS C 322 9.58 -38.81 -4.37
N GLU C 323 9.29 -39.49 -3.26
CA GLU C 323 9.64 -39.00 -1.94
C GLU C 323 11.14 -39.06 -1.66
N TYR C 324 11.81 -40.02 -2.26
CA TYR C 324 13.26 -40.15 -2.07
C TYR C 324 13.96 -39.07 -2.89
N LEU C 325 13.54 -38.93 -4.15
CA LEU C 325 14.12 -37.94 -5.03
C LEU C 325 13.93 -36.53 -4.47
N GLU C 326 12.75 -36.27 -3.91
CA GLU C 326 12.44 -34.97 -3.31
C GLU C 326 13.46 -34.76 -2.19
N ARG C 327 13.54 -35.77 -1.33
CA ARG C 327 14.44 -35.77 -0.18
C ARG C 327 15.91 -35.54 -0.50
N ILE C 328 16.38 -35.99 -1.65
CA ILE C 328 17.79 -35.79 -1.98
C ILE C 328 17.99 -34.65 -2.96
N GLY C 329 17.00 -33.78 -3.07
CA GLY C 329 17.10 -32.63 -3.95
C GLY C 329 16.94 -32.87 -5.44
N LEU C 330 16.14 -33.86 -5.79
CA LEU C 330 15.91 -34.19 -7.19
C LEU C 330 14.41 -34.27 -7.43
N GLY C 331 13.66 -33.45 -6.69
CA GLY C 331 12.21 -33.44 -6.80
C GLY C 331 11.68 -33.04 -8.15
N HIS C 332 12.54 -32.43 -8.96
CA HIS C 332 12.16 -31.99 -10.30
C HIS C 332 12.11 -33.20 -11.23
N ARG C 333 12.78 -34.27 -10.79
CA ARG C 333 12.90 -35.53 -11.51
C ARG C 333 11.56 -36.30 -11.56
N GLU C 334 11.36 -37.07 -12.62
CA GLU C 334 10.14 -37.85 -12.77
C GLU C 334 10.18 -39.09 -11.88
N GLU C 335 9.00 -39.58 -11.53
CA GLU C 335 8.82 -40.75 -10.66
C GLU C 335 9.94 -41.78 -10.59
N ASN C 336 10.53 -42.18 -11.71
CA ASN C 336 11.60 -43.19 -11.61
C ASN C 336 12.85 -42.90 -12.44
N ASP C 337 13.09 -41.63 -12.71
CA ASP C 337 14.25 -41.21 -13.48
C ASP C 337 15.45 -41.19 -12.53
N LEU C 338 16.14 -42.32 -12.46
CA LEU C 338 17.27 -42.48 -11.56
C LEU C 338 18.47 -41.60 -11.84
N GLY C 339 18.56 -41.00 -13.02
CA GLY C 339 19.70 -40.14 -13.30
C GLY C 339 20.86 -40.85 -13.97
N PRO C 340 21.99 -40.16 -14.17
CA PRO C 340 23.20 -40.70 -14.81
C PRO C 340 23.87 -41.80 -14.01
N ILE C 341 23.12 -42.80 -13.58
CA ILE C 341 23.69 -43.88 -12.79
C ILE C 341 24.46 -44.88 -13.66
N TYR C 342 24.76 -46.06 -13.11
CA TYR C 342 25.47 -47.10 -13.86
C TYR C 342 24.78 -47.25 -15.22
N GLY C 343 25.53 -47.65 -16.23
CA GLY C 343 24.85 -47.81 -17.50
C GLY C 343 24.89 -46.52 -18.24
N PHE C 344 24.45 -45.43 -17.61
CA PHE C 344 24.55 -44.17 -18.31
C PHE C 344 26.04 -43.90 -18.38
N GLN C 345 26.74 -44.17 -17.29
CA GLN C 345 28.17 -43.95 -17.26
C GLN C 345 28.88 -45.01 -18.09
N TRP C 346 28.30 -46.19 -18.14
CA TRP C 346 28.88 -47.29 -18.93
C TRP C 346 28.85 -47.00 -20.43
N ARG C 347 27.71 -46.49 -20.91
CA ARG C 347 27.54 -46.22 -22.33
C ARG C 347 27.67 -44.77 -22.72
N HIS C 348 27.57 -43.87 -21.74
CA HIS C 348 27.66 -42.44 -22.02
C HIS C 348 28.46 -41.69 -20.97
N TYR C 349 29.68 -42.15 -20.69
CA TYR C 349 30.47 -41.47 -19.68
C TYR C 349 30.59 -39.98 -19.98
N ASN C 350 30.34 -39.17 -18.96
CA ASN C 350 30.42 -37.71 -19.06
C ASN C 350 29.36 -37.10 -19.93
N GLY C 351 28.37 -37.88 -20.34
CA GLY C 351 27.32 -37.33 -21.17
C GLY C 351 26.50 -36.36 -20.34
N GLU C 352 26.03 -35.29 -20.96
CA GLU C 352 25.24 -34.31 -20.23
C GLU C 352 23.82 -34.84 -20.09
N TYR C 353 23.47 -35.31 -18.90
CA TYR C 353 22.15 -35.88 -18.65
C TYR C 353 21.02 -34.88 -18.60
N LYS C 354 19.87 -35.25 -19.16
CA LYS C 354 18.68 -34.42 -19.13
C LYS C 354 17.65 -35.23 -18.36
N THR C 355 16.97 -36.13 -19.06
CA THR C 355 15.97 -36.99 -18.43
C THR C 355 16.12 -38.40 -18.97
N MET C 356 15.42 -39.35 -18.36
CA MET C 356 15.47 -40.74 -18.79
C MET C 356 14.82 -40.97 -20.15
N HIS C 357 14.19 -39.93 -20.69
CA HIS C 357 13.51 -40.05 -21.97
C HIS C 357 14.35 -39.60 -23.15
N ASP C 358 15.21 -38.61 -22.96
CA ASP C 358 16.01 -38.12 -24.06
C ASP C 358 16.79 -39.24 -24.72
N ASP C 359 17.21 -39.01 -25.96
CA ASP C 359 17.98 -39.98 -26.73
C ASP C 359 19.45 -39.59 -26.67
N TYR C 360 20.22 -40.37 -25.93
CA TYR C 360 21.64 -40.11 -25.74
C TYR C 360 22.55 -40.78 -26.75
N THR C 361 21.95 -41.31 -27.81
CA THR C 361 22.75 -41.98 -28.80
C THR C 361 23.84 -41.04 -29.31
N GLY C 362 25.10 -41.45 -29.13
CA GLY C 362 26.20 -40.63 -29.57
C GLY C 362 26.86 -39.73 -28.53
N VAL C 363 26.18 -39.48 -27.42
CA VAL C 363 26.78 -38.62 -26.39
C VAL C 363 27.61 -39.37 -25.35
N GLY C 364 28.65 -38.70 -24.84
CA GLY C 364 29.51 -39.29 -23.84
C GLY C 364 30.47 -40.33 -24.38
N VAL C 365 31.25 -40.94 -23.50
CA VAL C 365 32.19 -41.98 -23.92
C VAL C 365 31.57 -43.36 -23.70
N ASP C 366 31.58 -44.19 -24.74
CA ASP C 366 31.03 -45.53 -24.61
C ASP C 366 32.14 -46.50 -24.16
N GLN C 367 32.29 -46.64 -22.85
CA GLN C 367 33.30 -47.52 -22.28
C GLN C 367 33.07 -48.99 -22.61
N LEU C 368 31.85 -49.46 -22.41
CA LEU C 368 31.54 -50.86 -22.69
C LEU C 368 31.98 -51.19 -24.09
N ALA C 369 31.61 -50.34 -25.04
CA ALA C 369 31.99 -50.56 -26.41
C ALA C 369 33.52 -50.67 -26.49
N LYS C 370 34.22 -49.63 -26.04
CA LYS C 370 35.67 -49.63 -26.07
C LYS C 370 36.29 -50.82 -25.35
N LEU C 371 35.69 -51.19 -24.22
CA LEU C 371 36.15 -52.31 -23.42
C LEU C 371 36.16 -53.56 -24.27
N ILE C 372 35.03 -53.82 -24.93
CA ILE C 372 34.89 -54.99 -25.77
C ILE C 372 35.87 -54.91 -26.91
N GLU C 373 35.99 -53.73 -27.49
CA GLU C 373 36.90 -53.54 -28.62
C GLU C 373 38.33 -53.78 -28.21
N THR C 374 38.74 -53.16 -27.12
CA THR C 374 40.10 -53.30 -26.62
C THR C 374 40.37 -54.73 -26.15
N LEU C 375 39.36 -55.36 -25.57
CA LEU C 375 39.51 -56.72 -25.06
C LEU C 375 39.90 -57.73 -26.13
N LYS C 376 39.36 -57.58 -27.35
CA LYS C 376 39.68 -58.53 -28.39
C LYS C 376 40.82 -58.12 -29.30
N ASN C 377 41.04 -56.81 -29.47
CA ASN C 377 42.13 -56.36 -30.32
C ASN C 377 43.46 -56.21 -29.61
N ASN C 378 43.44 -56.17 -28.28
CA ASN C 378 44.66 -55.99 -27.52
C ASN C 378 44.48 -56.61 -26.13
N PRO C 379 44.30 -57.93 -26.09
CA PRO C 379 44.10 -58.65 -24.82
C PRO C 379 45.11 -58.43 -23.69
N LYS C 380 46.40 -58.56 -23.99
CA LYS C 380 47.43 -58.39 -22.95
C LYS C 380 47.45 -56.98 -22.37
N ASP C 381 46.70 -56.08 -22.97
CA ASP C 381 46.64 -54.70 -22.52
C ASP C 381 46.32 -54.64 -21.03
N ARG C 382 46.89 -53.66 -20.32
CA ARG C 382 46.65 -53.53 -18.89
C ARG C 382 45.68 -52.41 -18.54
N ARG C 383 44.88 -51.98 -19.49
CA ARG C 383 43.94 -50.91 -19.23
C ARG C 383 42.47 -51.24 -19.52
N HIS C 384 42.12 -52.52 -19.48
CA HIS C 384 40.74 -52.95 -19.72
C HIS C 384 39.86 -52.55 -18.53
N ILE C 385 39.54 -51.26 -18.47
CA ILE C 385 38.77 -50.74 -17.35
C ILE C 385 37.40 -50.12 -17.65
N LEU C 386 36.49 -50.34 -16.71
CA LEU C 386 35.12 -49.85 -16.77
C LEU C 386 34.86 -49.13 -15.44
N THR C 387 34.40 -47.88 -15.49
CA THR C 387 34.15 -47.13 -14.28
C THR C 387 32.80 -46.46 -14.29
N ALA C 388 32.24 -46.27 -13.10
CA ALA C 388 30.96 -45.61 -12.98
C ALA C 388 31.12 -44.41 -12.05
N TRP C 389 32.33 -44.20 -11.51
CA TRP C 389 32.53 -43.09 -10.61
C TRP C 389 32.88 -41.78 -11.32
N ASN C 390 31.86 -40.94 -11.51
CA ASN C 390 32.04 -39.67 -12.19
C ASN C 390 31.78 -38.50 -11.23
N PRO C 391 32.84 -37.91 -10.68
CA PRO C 391 32.71 -36.78 -9.74
C PRO C 391 31.75 -35.69 -10.20
N SER C 392 31.64 -35.49 -11.51
CA SER C 392 30.78 -34.47 -12.05
C SER C 392 29.30 -34.80 -12.10
N ALA C 393 28.97 -36.09 -12.09
CA ALA C 393 27.56 -36.48 -12.17
C ALA C 393 26.95 -36.94 -10.85
N LEU C 394 27.79 -37.29 -9.87
CA LEU C 394 27.30 -37.76 -8.59
C LEU C 394 26.02 -37.09 -8.11
N SER C 395 26.03 -35.77 -8.04
CA SER C 395 24.86 -35.02 -7.56
C SER C 395 23.54 -35.32 -8.26
N GLN C 396 23.57 -35.80 -9.50
CA GLN C 396 22.35 -36.09 -10.22
C GLN C 396 21.88 -37.54 -10.09
N MET C 397 22.73 -38.39 -9.52
CA MET C 397 22.40 -39.79 -9.36
C MET C 397 21.50 -40.06 -8.16
N ALA C 398 20.54 -40.95 -8.33
CA ALA C 398 19.61 -41.29 -7.25
C ALA C 398 20.44 -41.97 -6.18
N LEU C 399 21.57 -42.53 -6.59
CA LEU C 399 22.45 -43.22 -5.68
C LEU C 399 23.82 -43.33 -6.31
N PRO C 400 24.88 -42.96 -5.58
CA PRO C 400 26.25 -43.03 -6.12
C PRO C 400 26.62 -44.49 -6.40
N PRO C 401 27.46 -44.71 -7.40
CA PRO C 401 27.86 -46.09 -7.74
C PRO C 401 28.48 -46.86 -6.59
N CYS C 402 28.00 -48.09 -6.37
CA CYS C 402 28.58 -48.93 -5.33
C CYS C 402 29.61 -49.80 -6.00
N HIS C 403 29.26 -50.47 -7.10
CA HIS C 403 30.26 -51.25 -7.83
C HIS C 403 30.91 -50.19 -8.71
N VAL C 404 31.82 -49.48 -8.06
CA VAL C 404 32.56 -48.36 -8.62
C VAL C 404 33.45 -48.56 -9.85
N LEU C 405 34.30 -49.56 -9.81
CA LEU C 405 35.19 -49.79 -10.95
C LEU C 405 35.58 -51.24 -11.12
N SER C 406 35.69 -51.69 -12.36
CA SER C 406 36.06 -53.07 -12.62
C SER C 406 37.14 -53.15 -13.69
N GLN C 407 38.05 -54.10 -13.56
CA GLN C 407 39.11 -54.27 -14.55
C GLN C 407 39.04 -55.68 -15.08
N TYR C 408 39.37 -55.84 -16.37
CA TYR C 408 39.33 -57.15 -17.00
C TYR C 408 40.70 -57.57 -17.47
N TYR C 409 40.95 -58.87 -17.39
CA TYR C 409 42.23 -59.46 -17.73
C TYR C 409 42.01 -60.68 -18.58
N VAL C 410 42.80 -60.81 -19.65
CA VAL C 410 42.69 -61.97 -20.55
C VAL C 410 43.90 -62.85 -20.29
N THR C 411 43.68 -64.05 -19.74
CA THR C 411 44.78 -64.95 -19.43
C THR C 411 45.43 -65.46 -20.70
N ASN C 412 46.60 -66.07 -20.53
CA ASN C 412 47.31 -66.63 -21.68
C ASN C 412 46.54 -67.79 -22.31
N ASP C 413 45.75 -68.47 -21.50
CA ASP C 413 44.96 -69.58 -22.00
C ASP C 413 43.58 -69.10 -22.44
N ASN C 414 43.50 -67.83 -22.83
CA ASN C 414 42.26 -67.22 -23.31
C ASN C 414 41.04 -67.28 -22.42
N CYS C 415 41.26 -67.13 -21.11
CA CYS C 415 40.15 -67.08 -20.15
C CYS C 415 40.03 -65.60 -19.82
N LEU C 416 38.82 -65.13 -19.48
CA LEU C 416 38.62 -63.72 -19.13
C LEU C 416 38.30 -63.57 -17.65
N SER C 417 39.20 -62.95 -16.91
CA SER C 417 38.98 -62.73 -15.50
C SER C 417 38.52 -61.29 -15.24
N CYS C 418 37.92 -61.08 -14.07
CA CYS C 418 37.40 -59.77 -13.71
C CYS C 418 37.64 -59.39 -12.26
N ASN C 419 38.05 -58.13 -12.08
CA ASN C 419 38.28 -57.55 -10.76
C ASN C 419 37.28 -56.42 -10.61
N LEU C 420 36.65 -56.33 -9.45
CA LEU C 420 35.67 -55.31 -9.16
C LEU C 420 35.94 -54.65 -7.82
N TYR C 421 35.92 -53.32 -7.79
CA TYR C 421 36.11 -52.62 -6.53
C TYR C 421 34.75 -52.06 -6.16
N GLN C 422 34.26 -52.41 -4.99
CA GLN C 422 32.95 -51.96 -4.53
C GLN C 422 33.16 -51.12 -3.26
N ARG C 423 32.85 -49.82 -3.35
CA ARG C 423 33.03 -48.91 -2.22
C ARG C 423 32.15 -49.24 -1.02
N SER C 424 30.92 -49.66 -1.29
CA SER C 424 29.96 -50.00 -0.24
C SER C 424 29.28 -51.31 -0.63
N CYS C 425 29.12 -52.21 0.34
CA CYS C 425 28.54 -53.52 0.06
C CYS C 425 27.64 -54.05 1.17
N ASP C 426 26.36 -54.21 0.85
CA ASP C 426 25.38 -54.74 1.77
C ASP C 426 25.52 -56.27 1.66
N LEU C 427 26.32 -56.85 2.55
CA LEU C 427 26.60 -58.28 2.54
C LEU C 427 25.37 -59.18 2.60
N GLY C 428 24.33 -58.75 3.29
CA GLY C 428 23.15 -59.59 3.39
C GLY C 428 22.18 -59.51 2.24
N LEU C 429 21.98 -58.32 1.70
CA LEU C 429 21.02 -58.15 0.63
C LEU C 429 21.63 -58.06 -0.75
N GLY C 430 22.51 -57.10 -0.97
CA GLY C 430 23.12 -56.90 -2.27
C GLY C 430 24.26 -57.81 -2.72
N SER C 431 25.30 -57.94 -1.91
CA SER C 431 26.45 -58.76 -2.26
C SER C 431 26.16 -60.05 -3.04
N PRO C 432 25.23 -60.90 -2.56
CA PRO C 432 24.96 -62.13 -3.31
C PRO C 432 24.63 -61.83 -4.77
N PHE C 433 23.88 -60.75 -4.97
CA PHE C 433 23.51 -60.33 -6.32
C PHE C 433 24.68 -59.74 -7.10
N ASN C 434 25.55 -58.99 -6.43
CA ASN C 434 26.69 -58.40 -7.13
C ASN C 434 27.62 -59.49 -7.65
N ILE C 435 27.87 -60.49 -6.82
CA ILE C 435 28.72 -61.60 -7.21
C ILE C 435 28.20 -62.21 -8.50
N ALA C 436 26.94 -62.65 -8.48
CA ALA C 436 26.32 -63.25 -9.66
C ALA C 436 26.33 -62.29 -10.84
N SER C 437 25.94 -61.03 -10.58
CA SER C 437 25.88 -60.01 -11.63
C SER C 437 27.19 -59.89 -12.41
N TYR C 438 28.27 -59.54 -11.72
CA TYR C 438 29.56 -59.41 -12.40
C TYR C 438 30.06 -60.73 -13.01
N ALA C 439 29.60 -61.85 -12.47
CA ALA C 439 30.01 -63.12 -13.02
C ALA C 439 29.38 -63.20 -14.39
N ILE C 440 28.09 -62.92 -14.46
CA ILE C 440 27.37 -62.96 -15.73
C ILE C 440 28.01 -62.00 -16.72
N LEU C 441 28.20 -60.75 -16.29
CA LEU C 441 28.79 -59.75 -17.16
C LEU C 441 30.10 -60.24 -17.74
N THR C 442 30.90 -60.89 -16.92
CA THR C 442 32.16 -61.39 -17.40
C THR C 442 31.91 -62.42 -18.47
N MET C 443 30.97 -63.34 -18.22
CA MET C 443 30.65 -64.39 -19.18
C MET C 443 30.21 -63.79 -20.51
N MET C 444 29.35 -62.78 -20.43
CA MET C 444 28.87 -62.12 -21.64
C MET C 444 30.06 -61.49 -22.37
N LEU C 445 30.83 -60.67 -21.66
CA LEU C 445 31.98 -60.04 -22.29
C LEU C 445 32.88 -61.09 -22.92
N ALA C 446 33.01 -62.25 -22.26
CA ALA C 446 33.86 -63.33 -22.76
C ALA C 446 33.33 -63.94 -24.05
N GLN C 447 32.04 -64.24 -24.09
CA GLN C 447 31.47 -64.83 -25.29
C GLN C 447 31.63 -63.88 -26.46
N VAL C 448 31.28 -62.62 -26.24
CA VAL C 448 31.37 -61.61 -27.28
C VAL C 448 32.80 -61.38 -27.77
N CYS C 449 33.77 -61.54 -26.88
CA CYS C 449 35.18 -61.32 -27.25
C CYS C 449 35.90 -62.61 -27.58
N GLY C 450 35.14 -63.71 -27.67
CA GLY C 450 35.71 -64.99 -28.03
C GLY C 450 36.58 -65.66 -26.97
N TYR C 451 36.24 -65.49 -25.70
CA TYR C 451 36.99 -66.12 -24.62
C TYR C 451 36.02 -66.90 -23.75
N GLU C 452 36.53 -67.40 -22.63
CA GLU C 452 35.69 -68.11 -21.69
C GLU C 452 35.97 -67.56 -20.29
N PRO C 453 34.99 -67.66 -19.40
CA PRO C 453 35.16 -67.14 -18.04
C PRO C 453 36.39 -67.66 -17.30
N GLY C 454 37.03 -66.76 -16.57
CA GLY C 454 38.20 -67.11 -15.80
C GLY C 454 37.92 -67.06 -14.32
N GLU C 455 38.41 -66.01 -13.66
CA GLU C 455 38.21 -65.84 -12.23
C GLU C 455 37.60 -64.49 -11.92
N LEU C 456 36.87 -64.44 -10.80
CA LEU C 456 36.20 -63.23 -10.35
C LEU C 456 36.69 -62.85 -8.97
N ALA C 457 37.32 -61.69 -8.87
CA ALA C 457 37.85 -61.20 -7.59
C ALA C 457 37.14 -59.93 -7.22
N ILE C 458 36.61 -59.87 -6.00
CA ILE C 458 35.91 -58.68 -5.55
C ILE C 458 36.58 -58.05 -4.34
N PHE C 459 36.87 -56.75 -4.46
CA PHE C 459 37.50 -55.98 -3.40
C PHE C 459 36.51 -54.99 -2.81
N ILE C 460 36.17 -55.20 -1.55
CA ILE C 460 35.20 -54.37 -0.86
C ILE C 460 35.80 -53.27 -0.01
N GLY C 461 35.15 -52.11 -0.03
CA GLY C 461 35.58 -51.01 0.81
C GLY C 461 34.86 -51.23 2.12
N ASP C 462 33.69 -50.61 2.26
CA ASP C 462 32.90 -50.74 3.47
C ASP C 462 32.01 -51.98 3.40
N ALA C 463 32.51 -53.10 3.91
CA ALA C 463 31.75 -54.34 3.92
C ALA C 463 30.95 -54.34 5.20
N HIS C 464 29.62 -54.32 5.08
CA HIS C 464 28.77 -54.27 6.25
C HIS C 464 27.53 -55.16 6.24
N ILE C 465 26.93 -55.29 7.42
CA ILE C 465 25.73 -56.07 7.63
C ILE C 465 24.73 -55.16 8.34
N TYR C 466 23.54 -54.98 7.77
CA TYR C 466 22.53 -54.15 8.42
C TYR C 466 22.01 -54.93 9.61
N GLU C 467 21.85 -54.24 10.75
CA GLU C 467 21.42 -54.89 11.98
C GLU C 467 20.10 -55.65 11.90
N ASN C 468 19.30 -55.35 10.89
CA ASN C 468 18.03 -56.04 10.74
C ASN C 468 18.16 -57.31 9.91
N HIS C 469 19.40 -57.74 9.66
CA HIS C 469 19.65 -58.95 8.89
C HIS C 469 20.33 -59.99 9.75
N LEU C 470 20.69 -59.59 10.98
CA LEU C 470 21.37 -60.49 11.90
C LEU C 470 20.76 -61.88 12.04
N THR C 471 19.47 -61.96 12.33
CA THR C 471 18.86 -63.27 12.47
C THR C 471 18.86 -64.05 11.15
N GLN C 472 18.55 -63.38 10.05
CA GLN C 472 18.54 -64.04 8.74
C GLN C 472 19.89 -64.65 8.40
N LEU C 473 20.95 -63.85 8.52
CA LEU C 473 22.30 -64.30 8.22
C LEU C 473 22.78 -65.39 9.16
N LYS C 474 22.27 -65.40 10.39
CA LYS C 474 22.65 -66.42 11.34
C LYS C 474 22.08 -67.74 10.82
N GLU C 475 20.85 -67.67 10.35
CA GLU C 475 20.14 -68.82 9.79
C GLU C 475 20.90 -69.31 8.55
N GLN C 476 21.24 -68.38 7.67
CA GLN C 476 21.96 -68.73 6.47
C GLN C 476 23.25 -69.45 6.87
N LEU C 477 23.97 -68.89 7.83
CA LEU C 477 25.22 -69.49 8.28
C LEU C 477 25.09 -70.90 8.85
N SER C 478 23.88 -71.31 9.19
CA SER C 478 23.69 -72.64 9.74
C SER C 478 23.60 -73.71 8.65
N ARG C 479 23.52 -73.27 7.39
CA ARG C 479 23.41 -74.18 6.26
C ARG C 479 24.76 -74.52 5.62
N THR C 480 25.00 -75.80 5.37
CA THR C 480 26.24 -76.24 4.75
C THR C 480 26.08 -76.07 3.25
N PRO C 481 27.07 -75.43 2.59
CA PRO C 481 27.05 -75.19 1.15
C PRO C 481 26.90 -76.45 0.31
N ARG C 482 26.25 -76.28 -0.84
CA ARG C 482 26.06 -77.36 -1.80
C ARG C 482 26.85 -76.91 -3.01
N PRO C 483 27.18 -77.82 -3.92
CA PRO C 483 27.96 -77.40 -5.10
C PRO C 483 27.28 -76.29 -5.91
N PHE C 484 28.09 -75.39 -6.44
CA PHE C 484 27.57 -74.29 -7.23
C PHE C 484 26.93 -74.86 -8.49
N PRO C 485 25.99 -74.11 -9.08
CA PRO C 485 25.35 -74.60 -10.30
C PRO C 485 26.22 -74.21 -11.49
N GLN C 486 25.67 -74.36 -12.69
CA GLN C 486 26.36 -74.00 -13.91
C GLN C 486 25.45 -73.00 -14.60
N LEU C 487 26.04 -72.07 -15.34
CA LEU C 487 25.26 -71.08 -16.08
C LEU C 487 25.77 -71.12 -17.51
N LYS C 488 24.86 -71.28 -18.45
CA LYS C 488 25.24 -71.35 -19.86
C LYS C 488 24.31 -70.56 -20.76
N PHE C 489 24.87 -70.08 -21.87
CA PHE C 489 24.11 -69.32 -22.84
C PHE C 489 23.64 -70.30 -23.90
N LYS C 490 22.37 -70.18 -24.29
CA LYS C 490 21.78 -71.05 -25.30
C LYS C 490 22.16 -70.72 -26.74
N ARG C 491 22.72 -69.53 -26.97
CA ARG C 491 23.09 -69.15 -28.33
C ARG C 491 24.20 -68.11 -28.29
N LYS C 492 24.95 -67.96 -29.37
CA LYS C 492 25.98 -66.95 -29.38
C LYS C 492 25.41 -65.64 -29.91
N VAL C 493 25.23 -64.66 -29.04
CA VAL C 493 24.69 -63.38 -29.47
C VAL C 493 25.79 -62.66 -30.23
N GLU C 494 25.42 -61.76 -31.14
CA GLU C 494 26.42 -61.03 -31.90
C GLU C 494 26.82 -59.75 -31.20
N ASN C 495 25.86 -59.03 -30.62
CA ASN C 495 26.18 -57.82 -29.89
C ASN C 495 25.75 -58.02 -28.44
N ILE C 496 26.63 -57.69 -27.50
CA ILE C 496 26.34 -57.88 -26.08
C ILE C 496 24.96 -57.43 -25.57
N GLU C 497 24.36 -56.43 -26.21
CA GLU C 497 23.05 -55.99 -25.76
C GLU C 497 21.88 -56.82 -26.28
N ASP C 498 22.19 -57.85 -27.06
CA ASP C 498 21.15 -58.72 -27.61
C ASP C 498 20.77 -59.86 -26.66
N PHE C 499 21.51 -59.99 -25.55
CA PHE C 499 21.22 -61.05 -24.59
C PHE C 499 19.81 -60.94 -24.04
N LYS C 500 19.12 -62.08 -24.01
CA LYS C 500 17.74 -62.13 -23.52
C LYS C 500 17.67 -63.21 -22.45
N TRP C 501 16.71 -63.08 -21.54
CA TRP C 501 16.55 -64.05 -20.46
C TRP C 501 16.51 -65.50 -20.96
N GLU C 502 15.77 -65.71 -22.04
CA GLU C 502 15.62 -67.03 -22.65
C GLU C 502 16.95 -67.64 -23.06
N ASP C 503 17.95 -66.79 -23.31
CA ASP C 503 19.27 -67.24 -23.72
C ASP C 503 20.05 -67.90 -22.58
N ILE C 504 19.57 -67.72 -21.35
CA ILE C 504 20.26 -68.25 -20.18
C ILE C 504 19.74 -69.56 -19.60
N GLU C 505 20.68 -70.43 -19.24
CA GLU C 505 20.38 -71.74 -18.66
C GLU C 505 21.05 -71.91 -17.30
N LEU C 506 20.25 -72.07 -16.25
CA LEU C 506 20.80 -72.26 -14.92
C LEU C 506 20.67 -73.74 -14.62
N ILE C 507 21.78 -74.46 -14.78
CA ILE C 507 21.79 -75.91 -14.60
C ILE C 507 22.26 -76.44 -13.24
N GLY C 508 21.44 -77.27 -12.63
CA GLY C 508 21.78 -77.88 -11.35
C GLY C 508 21.84 -77.02 -10.12
N TYR C 509 20.99 -76.00 -10.03
CA TYR C 509 20.97 -75.13 -8.86
C TYR C 509 20.01 -75.76 -7.85
N TYR C 510 20.53 -76.12 -6.67
CA TYR C 510 19.72 -76.73 -5.62
C TYR C 510 19.92 -76.03 -4.28
N PRO C 511 19.57 -74.73 -4.21
CA PRO C 511 19.74 -73.96 -2.99
C PRO C 511 18.78 -74.29 -1.85
N TYR C 512 19.11 -73.75 -0.67
CA TYR C 512 18.27 -73.92 0.51
C TYR C 512 17.18 -72.88 0.32
N PRO C 513 16.06 -73.01 1.03
CA PRO C 513 14.98 -72.04 0.88
C PRO C 513 15.44 -70.60 0.99
N THR C 514 14.75 -69.72 0.27
CA THR C 514 15.12 -68.32 0.27
C THR C 514 14.91 -67.73 1.66
N ILE C 515 15.69 -66.70 1.99
CA ILE C 515 15.59 -66.03 3.27
C ILE C 515 15.24 -64.56 3.02
N LYS C 516 14.08 -64.13 3.49
CA LYS C 516 13.62 -62.75 3.28
C LYS C 516 14.43 -61.73 4.09
N MET C 517 14.99 -60.75 3.40
CA MET C 517 15.79 -59.70 4.04
C MET C 517 15.44 -58.33 3.47
N ASP C 518 14.91 -57.46 4.32
CA ASP C 518 14.48 -56.13 3.88
C ASP C 518 15.56 -55.05 3.75
N MET C 519 15.42 -54.25 2.68
CA MET C 519 16.34 -53.15 2.37
C MET C 519 16.03 -51.87 3.15
N ALA C 520 17.06 -51.05 3.35
CA ALA C 520 16.90 -49.77 4.04
C ALA C 520 16.92 -48.72 2.94
N VAL C 521 15.85 -47.92 2.85
CA VAL C 521 15.74 -46.88 1.80
C VAL C 521 16.78 -45.76 1.87
N GLU D 3 63.49 -83.59 31.19
CA GLU D 3 63.82 -82.61 30.12
C GLU D 3 62.98 -81.32 30.21
N LYS D 4 63.61 -80.25 30.68
CA LYS D 4 62.94 -78.96 30.82
C LYS D 4 63.31 -78.08 29.61
N ASN D 5 62.61 -76.97 29.45
CA ASN D 5 62.90 -76.08 28.34
C ASN D 5 63.74 -74.86 28.74
N VAL D 6 64.71 -74.52 27.91
CA VAL D 6 65.58 -73.36 28.19
C VAL D 6 65.46 -72.34 27.08
N SER D 7 64.87 -71.20 27.39
CA SER D 7 64.70 -70.13 26.40
C SER D 7 65.45 -68.87 26.76
N ILE D 8 66.00 -68.23 25.74
CA ILE D 8 66.70 -66.98 25.94
C ILE D 8 65.70 -65.84 25.73
N VAL D 9 65.82 -64.79 26.52
CA VAL D 9 64.95 -63.64 26.37
C VAL D 9 65.90 -62.45 26.32
N VAL D 10 65.82 -61.67 25.25
CA VAL D 10 66.71 -60.54 25.12
C VAL D 10 66.15 -59.52 24.15
N ALA D 11 66.62 -58.28 24.31
CA ALA D 11 66.23 -57.19 23.43
C ALA D 11 67.54 -56.55 22.99
N ALA D 12 67.76 -56.50 21.68
CA ALA D 12 68.99 -55.91 21.14
C ALA D 12 68.71 -55.04 19.92
N SER D 13 69.55 -54.03 19.71
CA SER D 13 69.37 -53.14 18.56
C SER D 13 69.41 -53.96 17.27
N VAL D 14 68.57 -53.56 16.33
CA VAL D 14 68.43 -54.23 15.05
C VAL D 14 69.71 -54.50 14.25
N LEU D 15 70.63 -53.54 14.21
CA LEU D 15 71.85 -53.75 13.43
C LEU D 15 73.08 -54.34 14.13
N SER D 16 73.46 -53.80 15.29
CA SER D 16 74.64 -54.31 15.97
C SER D 16 74.35 -55.16 17.20
N SER D 17 73.08 -55.43 17.46
CA SER D 17 72.70 -56.24 18.61
C SER D 17 73.16 -55.67 19.96
N GLY D 18 73.11 -54.36 20.10
CA GLY D 18 73.49 -53.74 21.36
C GLY D 18 72.40 -54.02 22.37
N ILE D 19 72.78 -54.38 23.60
CA ILE D 19 71.79 -54.68 24.63
C ILE D 19 72.00 -53.92 25.94
N GLY D 20 73.16 -53.28 26.08
CA GLY D 20 73.43 -52.56 27.30
C GLY D 20 74.43 -51.42 27.18
N ILE D 21 74.34 -50.49 28.12
CA ILE D 21 75.23 -49.33 28.18
C ILE D 21 75.30 -48.86 29.61
N ASN D 22 76.51 -48.82 30.15
CA ASN D 22 76.75 -48.40 31.53
C ASN D 22 75.79 -49.03 32.51
N GLY D 23 75.69 -50.36 32.46
CA GLY D 23 74.80 -51.09 33.36
C GLY D 23 73.32 -50.83 33.23
N GLN D 24 72.88 -50.32 32.09
CA GLN D 24 71.47 -50.07 31.88
C GLN D 24 71.09 -50.46 30.46
N LEU D 25 69.80 -50.48 30.17
CA LEU D 25 69.36 -50.78 28.82
C LEU D 25 69.64 -49.50 28.06
N PRO D 26 69.89 -49.60 26.75
CA PRO D 26 70.15 -48.34 26.03
C PRO D 26 68.90 -47.64 25.52
N TRP D 27 67.76 -47.97 26.13
CA TRP D 27 66.48 -47.38 25.76
C TRP D 27 65.45 -47.72 26.84
N SER D 28 64.30 -47.06 26.80
CA SER D 28 63.25 -47.33 27.76
C SER D 28 61.91 -47.62 27.09
N ILE D 29 61.58 -48.89 26.93
CA ILE D 29 60.32 -49.29 26.31
C ILE D 29 59.56 -50.18 27.28
N SER D 30 58.52 -49.63 27.90
CA SER D 30 57.77 -50.41 28.89
C SER D 30 57.06 -51.64 28.32
N GLU D 31 56.48 -51.52 27.14
CA GLU D 31 55.79 -52.68 26.59
C GLU D 31 56.77 -53.86 26.54
N ASP D 32 58.05 -53.57 26.34
CA ASP D 32 59.02 -54.66 26.28
C ASP D 32 59.31 -55.23 27.66
N LEU D 33 59.32 -54.37 28.68
CA LEU D 33 59.56 -54.88 30.02
C LEU D 33 58.33 -55.70 30.33
N LYS D 34 57.19 -55.18 29.90
CA LYS D 34 55.91 -55.85 30.11
C LYS D 34 55.95 -57.21 29.41
N PHE D 35 56.56 -57.26 28.23
CA PHE D 35 56.65 -58.51 27.51
C PHE D 35 57.54 -59.47 28.28
N PHE D 36 58.74 -59.00 28.60
CA PHE D 36 59.70 -59.80 29.33
C PHE D 36 59.02 -60.45 30.54
N SER D 37 58.19 -59.67 31.23
CA SER D 37 57.51 -60.17 32.41
C SER D 37 56.52 -61.26 32.06
N LYS D 38 55.70 -61.02 31.04
CA LYS D 38 54.69 -61.97 30.60
C LYS D 38 55.30 -63.31 30.18
N ILE D 39 56.28 -63.24 29.30
CA ILE D 39 56.91 -64.44 28.81
C ILE D 39 57.62 -65.27 29.89
N THR D 40 58.40 -64.61 30.74
CA THR D 40 59.13 -65.33 31.79
C THR D 40 58.28 -65.77 32.96
N ASN D 41 57.02 -65.36 32.96
CA ASN D 41 56.09 -65.71 34.02
C ASN D 41 55.17 -66.83 33.55
N ASN D 42 54.95 -66.82 32.24
CA ASN D 42 54.11 -67.78 31.54
C ASN D 42 54.44 -69.24 31.87
N LYS D 43 53.52 -69.93 32.53
CA LYS D 43 53.73 -71.33 32.89
C LYS D 43 52.40 -72.10 32.94
N CYS D 44 52.47 -73.42 32.87
CA CYS D 44 51.27 -74.26 32.91
C CYS D 44 50.86 -74.70 34.31
N ASP D 45 51.84 -75.12 35.10
CA ASP D 45 51.61 -75.62 36.46
C ASP D 45 51.64 -74.56 37.55
N SER D 46 50.48 -74.19 38.06
CA SER D 46 50.41 -73.17 39.10
C SER D 46 51.27 -73.53 40.32
N ASN D 47 51.54 -74.81 40.49
CA ASN D 47 52.32 -75.25 41.63
C ASN D 47 53.81 -75.27 41.39
N LYS D 48 54.24 -74.83 40.22
CA LYS D 48 55.65 -74.77 39.91
C LYS D 48 56.00 -73.31 39.68
N LYS D 49 57.23 -73.05 39.23
CA LYS D 49 57.68 -71.69 38.97
C LYS D 49 58.72 -71.73 37.86
N ASN D 50 58.98 -70.59 37.24
CA ASN D 50 60.00 -70.56 36.21
C ASN D 50 61.26 -70.00 36.85
N ALA D 51 62.43 -70.31 36.26
CA ALA D 51 63.69 -69.83 36.81
C ALA D 51 64.37 -68.94 35.79
N LEU D 52 64.86 -67.79 36.25
CA LEU D 52 65.54 -66.86 35.37
C LEU D 52 67.02 -66.77 35.72
N ILE D 53 67.85 -67.29 34.83
CA ILE D 53 69.29 -67.28 35.01
C ILE D 53 69.83 -65.94 34.54
N MET D 54 70.81 -65.37 35.24
CA MET D 54 71.38 -64.10 34.82
C MET D 54 72.73 -63.84 35.46
N GLY D 55 73.57 -63.10 34.75
CA GLY D 55 74.89 -62.77 35.26
C GLY D 55 74.78 -61.86 36.46
N ARG D 56 75.84 -61.77 37.25
CA ARG D 56 75.79 -60.93 38.44
C ARG D 56 75.52 -59.48 38.10
N LYS D 57 76.20 -58.96 37.08
CA LYS D 57 76.00 -57.58 36.69
C LYS D 57 74.53 -57.30 36.36
N THR D 58 73.88 -58.23 35.67
CA THR D 58 72.47 -58.03 35.33
C THR D 58 71.68 -58.04 36.63
N TRP D 59 72.08 -58.90 37.56
CA TRP D 59 71.42 -58.99 38.86
C TRP D 59 71.54 -57.60 39.52
N ASP D 60 72.67 -56.94 39.29
CA ASP D 60 72.87 -55.61 39.84
C ASP D 60 71.89 -54.65 39.18
N SER D 61 71.66 -54.84 37.88
CA SER D 61 70.74 -54.02 37.11
C SER D 61 69.33 -54.03 37.70
N ILE D 62 68.91 -55.21 38.15
CA ILE D 62 67.58 -55.39 38.73
C ILE D 62 67.51 -54.81 40.12
N GLY D 63 68.64 -54.34 40.63
CA GLY D 63 68.66 -53.78 41.96
C GLY D 63 68.66 -54.86 43.01
N ARG D 64 69.16 -56.03 42.63
CA ARG D 64 69.23 -57.18 43.53
C ARG D 64 67.96 -57.36 44.32
N ARG D 65 66.85 -57.42 43.61
CA ARG D 65 65.53 -57.63 44.20
C ARG D 65 64.81 -58.66 43.35
N PRO D 66 64.22 -59.68 43.98
CA PRO D 66 63.50 -60.75 43.29
C PRO D 66 62.37 -60.30 42.36
N LEU D 67 62.10 -61.10 41.34
CA LEU D 67 61.03 -60.82 40.38
C LEU D 67 59.86 -61.71 40.77
N LYS D 68 58.76 -61.08 41.18
CA LYS D 68 57.57 -61.78 41.63
C LYS D 68 57.23 -63.09 40.88
N ASN D 69 56.82 -64.10 41.65
CA ASN D 69 56.41 -65.40 41.12
C ASN D 69 57.51 -66.23 40.45
N ARG D 70 58.71 -65.68 40.34
CA ARG D 70 59.79 -66.40 39.71
C ARG D 70 60.98 -66.61 40.64
N ILE D 71 61.93 -67.40 40.17
CA ILE D 71 63.12 -67.67 40.97
C ILE D 71 64.33 -67.21 40.19
N ILE D 72 65.10 -66.30 40.77
CA ILE D 72 66.29 -65.78 40.11
C ILE D 72 67.51 -66.59 40.45
N VAL D 73 68.25 -66.99 39.42
CA VAL D 73 69.47 -67.77 39.56
C VAL D 73 70.63 -66.90 39.08
N VAL D 74 71.46 -66.46 40.02
CA VAL D 74 72.59 -65.60 39.66
C VAL D 74 73.86 -66.40 39.50
N ILE D 75 74.57 -66.13 38.41
CA ILE D 75 75.84 -66.79 38.15
C ILE D 75 76.92 -65.80 38.57
N SER D 76 77.66 -66.15 39.62
CA SER D 76 78.75 -65.31 40.11
C SER D 76 79.82 -66.17 40.76
N SER D 77 81.05 -65.72 40.71
CA SER D 77 82.15 -66.46 41.31
C SER D 77 82.33 -65.96 42.74
N SER D 78 81.90 -64.74 43.01
CA SER D 78 82.02 -64.14 44.33
C SER D 78 80.76 -64.21 45.18
N LEU D 79 79.68 -63.60 44.69
CA LEU D 79 78.41 -63.59 45.41
C LEU D 79 78.18 -64.79 46.32
N PRO D 80 77.92 -64.55 47.61
CA PRO D 80 77.68 -65.58 48.62
C PRO D 80 76.45 -66.42 48.33
N GLN D 81 76.60 -67.75 48.46
CA GLN D 81 75.47 -68.64 48.24
C GLN D 81 74.60 -68.64 49.50
N ASP D 82 73.86 -67.54 49.69
CA ASP D 82 72.97 -67.35 50.83
C ASP D 82 71.86 -68.39 50.91
N GLU D 83 71.06 -68.28 51.97
CA GLU D 83 69.92 -69.15 52.19
C GLU D 83 68.77 -68.21 52.46
N ALA D 84 69.14 -66.96 52.71
CA ALA D 84 68.20 -65.89 53.00
C ALA D 84 67.01 -65.91 52.05
N ASP D 85 67.13 -65.20 50.93
CA ASP D 85 66.05 -65.15 49.96
C ASP D 85 65.89 -66.49 49.28
N PRO D 86 64.70 -67.08 49.39
CA PRO D 86 64.41 -68.38 48.79
C PRO D 86 64.11 -68.27 47.31
N ASN D 87 63.91 -67.05 46.83
CA ASN D 87 63.60 -66.80 45.42
C ASN D 87 64.84 -66.41 44.63
N VAL D 88 65.96 -66.32 45.32
CA VAL D 88 67.21 -65.97 44.68
C VAL D 88 68.21 -67.01 45.10
N VAL D 89 68.91 -67.57 44.12
CA VAL D 89 69.91 -68.59 44.39
C VAL D 89 71.14 -68.32 43.53
N VAL D 90 72.31 -68.59 44.09
CA VAL D 90 73.56 -68.35 43.39
C VAL D 90 74.29 -69.64 42.97
N PHE D 91 74.98 -69.57 41.84
CA PHE D 91 75.74 -70.70 41.32
C PHE D 91 77.08 -70.19 40.80
N ARG D 92 78.12 -71.02 40.91
CA ARG D 92 79.46 -70.63 40.49
C ARG D 92 79.76 -70.63 39.00
N ASN D 93 79.07 -71.48 38.24
CA ASN D 93 79.27 -71.54 36.79
C ASN D 93 77.90 -71.81 36.17
N LEU D 94 77.76 -71.44 34.90
CA LEU D 94 76.48 -71.63 34.21
C LEU D 94 76.01 -73.08 34.14
N GLU D 95 76.92 -74.00 33.84
CA GLU D 95 76.54 -75.40 33.73
C GLU D 95 75.90 -75.95 34.99
N ASP D 96 76.59 -75.81 36.12
CA ASP D 96 76.05 -76.33 37.37
C ASP D 96 74.63 -75.82 37.62
N SER D 97 74.40 -74.54 37.33
CA SER D 97 73.09 -73.93 37.54
C SER D 97 72.06 -74.69 36.74
N ILE D 98 72.40 -75.01 35.50
CA ILE D 98 71.47 -75.76 34.67
C ILE D 98 71.44 -77.23 35.09
N GLU D 99 70.78 -77.44 36.22
CA GLU D 99 70.56 -78.73 36.82
C GLU D 99 69.12 -78.51 37.28
N ASN D 100 68.65 -77.27 37.05
CA ASN D 100 67.29 -76.86 37.36
C ASN D 100 66.48 -77.96 36.70
N LEU D 101 67.03 -78.47 35.60
CA LEU D 101 66.42 -79.55 34.83
C LEU D 101 66.45 -80.76 35.75
N MET D 102 67.66 -81.23 36.03
CA MET D 102 67.94 -82.41 36.85
C MET D 102 67.28 -82.49 38.22
N ASN D 103 66.31 -81.63 38.49
CA ASN D 103 65.64 -81.63 39.77
C ASN D 103 64.61 -80.53 39.81
N ASP D 104 64.47 -79.94 41.00
CA ASP D 104 63.52 -78.86 41.21
C ASP D 104 62.41 -79.04 40.21
N ASP D 105 61.70 -80.15 40.36
CA ASP D 105 60.58 -80.43 39.47
C ASP D 105 59.58 -79.33 39.74
N SER D 106 59.96 -78.46 40.66
CA SER D 106 59.18 -77.29 41.06
C SER D 106 59.44 -76.21 40.03
N ILE D 107 60.53 -76.34 39.29
CA ILE D 107 60.91 -75.38 38.25
C ILE D 107 60.38 -75.94 36.93
N GLU D 108 59.36 -75.29 36.37
CA GLU D 108 58.77 -75.76 35.13
C GLU D 108 59.55 -75.39 33.86
N ASN D 109 60.00 -74.14 33.78
CA ASN D 109 60.74 -73.68 32.60
C ASN D 109 61.95 -72.84 32.99
N ILE D 110 62.94 -72.79 32.10
CA ILE D 110 64.13 -72.03 32.37
C ILE D 110 64.32 -70.93 31.35
N PHE D 111 64.82 -69.78 31.82
CA PHE D 111 65.05 -68.62 30.97
C PHE D 111 66.43 -68.03 31.21
N VAL D 112 67.21 -67.90 30.15
CA VAL D 112 68.52 -67.30 30.25
C VAL D 112 68.24 -65.84 30.05
N CYS D 113 68.27 -65.11 31.16
CA CYS D 113 67.95 -63.69 31.15
C CYS D 113 69.03 -62.65 30.96
N GLY D 114 70.20 -63.01 30.48
CA GLY D 114 71.13 -61.93 30.27
C GLY D 114 72.49 -61.83 30.86
N GLY D 115 73.23 -60.97 30.18
CA GLY D 115 74.61 -60.68 30.45
C GLY D 115 75.25 -61.18 29.17
N GLU D 116 75.93 -60.31 28.45
CA GLU D 116 76.56 -60.75 27.22
C GLU D 116 77.28 -62.06 27.50
N SER D 117 78.05 -62.07 28.59
CA SER D 117 78.81 -63.25 28.98
C SER D 117 77.91 -64.49 29.11
N ILE D 118 76.85 -64.39 29.90
CA ILE D 118 75.96 -65.53 30.08
C ILE D 118 75.26 -65.95 28.78
N TYR D 119 74.89 -64.98 27.94
CA TYR D 119 74.24 -65.32 26.68
C TYR D 119 75.22 -66.14 25.85
N ARG D 120 76.37 -65.52 25.57
CA ARG D 120 77.44 -66.13 24.78
C ARG D 120 77.76 -67.54 25.27
N ASP D 121 77.84 -67.72 26.59
CA ASP D 121 78.14 -69.03 27.15
C ASP D 121 76.98 -70.01 26.98
N ALA D 122 75.77 -69.51 27.20
CA ALA D 122 74.58 -70.33 27.07
C ALA D 122 74.50 -70.92 25.66
N LEU D 123 74.75 -70.09 24.66
CA LEU D 123 74.72 -70.54 23.28
C LEU D 123 75.87 -71.50 23.00
N LYS D 124 77.10 -71.05 23.31
CA LYS D 124 78.31 -71.84 23.08
C LYS D 124 78.25 -73.27 23.62
N ASP D 125 77.69 -73.45 24.80
CA ASP D 125 77.60 -74.77 25.40
C ASP D 125 76.30 -75.47 25.04
N ASN D 126 75.64 -74.95 24.00
CA ASN D 126 74.40 -75.52 23.50
C ASN D 126 73.36 -75.85 24.58
N PHE D 127 73.07 -74.89 25.45
CA PHE D 127 72.10 -75.08 26.54
C PHE D 127 70.70 -74.57 26.19
N VAL D 128 70.62 -73.60 25.28
CA VAL D 128 69.34 -73.01 24.92
C VAL D 128 68.60 -73.65 23.74
N ASP D 129 67.30 -73.82 23.94
CA ASP D 129 66.39 -74.41 22.96
C ASP D 129 65.70 -73.35 22.11
N ARG D 130 65.39 -72.21 22.73
CA ARG D 130 64.68 -71.12 22.07
C ARG D 130 65.26 -69.74 22.34
N ILE D 131 64.90 -68.77 21.51
CA ILE D 131 65.34 -67.39 21.67
C ILE D 131 64.19 -66.41 21.43
N TYR D 132 63.86 -65.60 22.43
CA TYR D 132 62.82 -64.59 22.27
C TYR D 132 63.63 -63.30 22.09
N LEU D 133 63.64 -62.79 20.85
CA LEU D 133 64.42 -61.59 20.54
C LEU D 133 63.57 -60.36 20.22
N THR D 134 63.72 -59.31 21.02
CA THR D 134 63.00 -58.07 20.76
C THR D 134 63.98 -57.20 20.01
N ARG D 135 63.72 -56.96 18.72
CA ARG D 135 64.59 -56.11 17.92
C ARG D 135 64.18 -54.65 18.10
N VAL D 136 65.12 -53.82 18.58
CA VAL D 136 64.83 -52.42 18.82
C VAL D 136 65.50 -51.60 17.73
N ALA D 137 64.74 -50.67 17.16
CA ALA D 137 65.22 -49.86 16.05
C ALA D 137 66.01 -48.58 16.30
N LEU D 138 66.97 -48.59 17.21
CA LEU D 138 67.81 -47.39 17.37
C LEU D 138 69.24 -47.87 17.33
N GLU D 139 69.97 -47.40 16.33
CA GLU D 139 71.31 -47.87 16.10
C GLU D 139 72.49 -46.89 16.17
N ASP D 140 72.26 -45.59 16.35
CA ASP D 140 73.41 -44.70 16.42
C ASP D 140 73.59 -44.11 17.81
N ILE D 141 73.74 -45.00 18.77
CA ILE D 141 73.92 -44.64 20.16
C ILE D 141 74.97 -45.56 20.75
N GLU D 142 75.53 -45.17 21.88
CA GLU D 142 76.57 -45.97 22.51
C GLU D 142 76.11 -47.28 23.12
N PHE D 143 76.92 -48.32 22.92
CA PHE D 143 76.64 -49.66 23.45
C PHE D 143 77.94 -50.23 24.01
N ASP D 144 77.84 -50.93 25.14
CA ASP D 144 79.04 -51.55 25.68
C ASP D 144 78.80 -53.04 25.93
N THR D 145 77.57 -53.48 25.69
CA THR D 145 77.22 -54.89 25.87
C THR D 145 76.42 -55.35 24.65
N TYR D 146 76.70 -56.56 24.19
CA TYR D 146 76.03 -57.05 23.00
C TYR D 146 75.45 -58.45 23.15
N PHE D 147 74.57 -58.80 22.22
CA PHE D 147 73.99 -60.14 22.20
C PHE D 147 74.77 -60.85 21.12
N PRO D 148 75.38 -62.02 21.43
CA PRO D 148 76.13 -62.73 20.39
C PRO D 148 75.30 -63.05 19.15
N GLU D 149 75.97 -63.38 18.05
CA GLU D 149 75.28 -63.73 16.82
C GLU D 149 74.57 -65.06 17.03
N ILE D 150 73.33 -65.15 16.56
CA ILE D 150 72.58 -66.38 16.72
C ILE D 150 73.19 -67.51 15.88
N PRO D 151 73.60 -68.60 16.53
CA PRO D 151 74.19 -69.72 15.80
C PRO D 151 73.24 -70.31 14.76
N GLU D 152 73.81 -70.73 13.64
CA GLU D 152 73.06 -71.30 12.53
C GLU D 152 72.07 -72.40 12.89
N THR D 153 72.30 -73.08 14.00
CA THR D 153 71.40 -74.15 14.39
C THR D 153 70.03 -73.60 14.79
N PHE D 154 69.92 -72.28 14.83
CA PHE D 154 68.67 -71.58 15.18
C PHE D 154 67.97 -70.97 13.97
N LEU D 155 66.67 -71.19 13.89
CA LEU D 155 65.91 -70.61 12.78
C LEU D 155 64.73 -69.83 13.30
N PRO D 156 64.44 -68.69 12.68
CA PRO D 156 63.29 -67.87 13.11
C PRO D 156 61.99 -68.56 12.71
N VAL D 157 61.01 -68.54 13.59
CA VAL D 157 59.73 -69.15 13.29
C VAL D 157 58.59 -68.14 13.45
N TYR D 158 58.93 -66.92 13.88
CA TYR D 158 57.93 -65.87 14.08
C TYR D 158 58.58 -64.49 14.10
N MET D 159 57.87 -63.53 13.53
CA MET D 159 58.32 -62.14 13.48
C MET D 159 57.06 -61.28 13.53
N SER D 160 56.86 -60.58 14.63
CA SER D 160 55.67 -59.75 14.81
C SER D 160 55.67 -58.52 13.92
N GLN D 161 54.54 -57.82 13.93
CA GLN D 161 54.40 -56.59 13.17
C GLN D 161 55.29 -55.61 13.94
N THR D 162 55.46 -54.41 13.41
CA THR D 162 56.27 -53.43 14.11
C THR D 162 55.39 -52.65 15.08
N PHE D 163 55.94 -52.31 16.24
CA PHE D 163 55.23 -51.52 17.25
C PHE D 163 56.03 -50.26 17.52
N CYS D 164 55.37 -49.23 18.06
CA CYS D 164 56.04 -47.95 18.37
C CYS D 164 55.91 -47.54 19.83
N THR D 165 56.99 -46.95 20.34
CA THR D 165 57.05 -46.44 21.69
C THR D 165 58.05 -45.29 21.67
N LYS D 166 57.57 -44.09 21.99
CA LYS D 166 58.40 -42.90 21.97
C LYS D 166 59.09 -42.82 20.62
N ASN D 167 58.33 -43.14 19.57
CA ASN D 167 58.82 -43.11 18.19
C ASN D 167 59.90 -44.13 17.88
N ILE D 168 60.10 -45.08 18.77
CA ILE D 168 61.09 -46.12 18.55
C ILE D 168 60.37 -47.36 18.02
N SER D 169 60.84 -47.87 16.88
CA SER D 169 60.23 -49.06 16.29
C SER D 169 60.85 -50.32 16.87
N TYR D 170 60.07 -51.40 16.96
CA TYR D 170 60.59 -52.67 17.47
C TYR D 170 59.72 -53.87 17.10
N ASP D 171 60.38 -55.03 16.94
CA ASP D 171 59.73 -56.31 16.60
C ASP D 171 59.86 -57.24 17.78
N PHE D 172 59.30 -58.42 17.57
CA PHE D 172 59.33 -59.51 18.53
C PHE D 172 59.43 -60.73 17.65
N MET D 173 60.56 -61.44 17.71
CA MET D 173 60.64 -62.67 16.95
C MET D 173 61.15 -63.82 17.81
N ILE D 174 60.75 -65.03 17.43
CA ILE D 174 61.13 -66.24 18.14
C ILE D 174 62.03 -67.09 17.26
N PHE D 175 63.16 -67.49 17.80
CA PHE D 175 64.05 -68.38 17.05
C PHE D 175 64.04 -69.71 17.77
N GLU D 176 63.82 -70.79 17.03
CA GLU D 176 63.82 -72.10 17.62
C GLU D 176 64.99 -72.91 17.07
N LYS D 177 65.58 -73.72 17.94
CA LYS D 177 66.72 -74.54 17.56
C LYS D 177 66.20 -75.80 16.96
N GLN D 178 65.85 -75.75 15.69
CA GLN D 178 65.32 -76.91 15.00
C GLN D 178 66.30 -77.33 13.92
N GLU D 179 65.99 -78.48 13.32
CA GLU D 179 66.74 -79.05 12.19
C GLU D 179 66.87 -80.58 12.17
N LYS D 180 65.70 -81.22 12.24
CA LYS D 180 65.53 -82.67 12.15
C LYS D 180 64.38 -82.67 11.16
N LYS D 181 64.70 -82.50 9.88
CA LYS D 181 63.66 -82.39 8.87
C LYS D 181 63.95 -82.95 7.48
N THR D 182 63.76 -82.08 6.50
CA THR D 182 63.95 -82.37 5.08
C THR D 182 63.18 -81.24 4.39
N LEU D 183 62.85 -81.42 3.12
CA LEU D 183 62.11 -80.41 2.35
C LEU D 183 61.14 -79.60 3.21
N GLN D 184 59.99 -80.20 3.52
CA GLN D 184 58.94 -79.56 4.33
C GLN D 184 58.22 -78.48 3.50
N ASN D 185 56.90 -78.62 3.41
CA ASN D 185 56.11 -77.69 2.64
C ASN D 185 55.98 -76.33 3.30
N CYS D 186 56.10 -75.28 2.52
CA CYS D 186 56.00 -73.93 3.03
C CYS D 186 54.54 -73.54 3.25
N ASP D 187 53.64 -74.12 2.47
CA ASP D 187 52.23 -73.79 2.64
C ASP D 187 51.76 -74.27 4.01
N PRO D 188 51.32 -73.34 4.87
CA PRO D 188 50.84 -73.64 6.21
C PRO D 188 49.52 -74.40 6.24
N ALA D 189 48.85 -74.49 5.11
CA ALA D 189 47.58 -75.19 5.02
C ALA D 189 47.79 -76.71 5.00
N ARG D 190 48.93 -77.14 4.48
CA ARG D 190 49.21 -78.57 4.40
C ARG D 190 49.83 -79.06 5.69
N GLY D 191 49.79 -80.36 5.88
CA GLY D 191 50.37 -80.94 7.08
C GLY D 191 49.40 -80.99 8.22
N GLN D 192 48.17 -80.51 8.01
CA GLN D 192 47.18 -80.55 9.09
C GLN D 192 46.63 -81.94 9.23
N LEU D 193 46.22 -82.56 8.13
CA LEU D 193 45.77 -83.95 8.15
C LEU D 193 45.95 -84.53 6.75
N LYS D 194 46.59 -85.70 6.69
CA LYS D 194 46.88 -86.35 5.42
C LYS D 194 45.71 -86.51 4.48
N SER D 195 44.55 -86.87 5.02
CA SER D 195 43.38 -87.05 4.17
C SER D 195 43.16 -85.83 3.25
N ILE D 196 43.15 -84.64 3.83
CA ILE D 196 42.95 -83.44 3.04
C ILE D 196 44.09 -83.28 2.04
N ASP D 197 45.33 -83.38 2.51
CA ASP D 197 46.46 -83.21 1.60
C ASP D 197 46.43 -84.19 0.44
N ASP D 198 46.26 -85.47 0.73
CA ASP D 198 46.24 -86.48 -0.32
C ASP D 198 45.12 -86.22 -1.33
N THR D 199 43.93 -85.98 -0.81
CA THR D 199 42.77 -85.73 -1.66
C THR D 199 43.01 -84.54 -2.57
N VAL D 200 43.46 -83.42 -2.00
CA VAL D 200 43.72 -82.24 -2.80
C VAL D 200 44.77 -82.55 -3.90
N ASP D 201 45.81 -83.28 -3.54
CA ASP D 201 46.86 -83.63 -4.49
C ASP D 201 46.27 -84.45 -5.65
N LEU D 202 45.54 -85.50 -5.30
CA LEU D 202 44.89 -86.36 -6.28
C LEU D 202 43.92 -85.57 -7.15
N LEU D 203 43.06 -84.80 -6.52
CA LEU D 203 42.08 -83.99 -7.23
C LEU D 203 42.89 -83.09 -8.16
N GLY D 204 44.08 -82.69 -7.68
CA GLY D 204 44.96 -81.83 -8.45
C GLY D 204 45.49 -82.54 -9.67
N GLU D 205 45.67 -83.85 -9.56
CA GLU D 205 46.17 -84.67 -10.67
C GLU D 205 45.07 -84.85 -11.72
N ILE D 206 43.89 -85.22 -11.25
CA ILE D 206 42.75 -85.43 -12.14
C ILE D 206 42.48 -84.18 -12.97
N PHE D 207 42.01 -83.12 -12.31
CA PHE D 207 41.74 -81.85 -12.99
C PHE D 207 43.12 -81.26 -13.02
N GLY D 208 43.33 -80.13 -13.70
CA GLY D 208 44.68 -79.60 -13.70
C GLY D 208 44.61 -78.13 -13.38
N ILE D 209 44.73 -77.34 -14.44
CA ILE D 209 44.65 -75.90 -14.39
C ILE D 209 43.18 -75.63 -14.09
N ARG D 210 42.38 -76.71 -14.16
CA ARG D 210 40.96 -76.64 -13.91
C ARG D 210 40.66 -76.45 -12.44
N LYS D 211 41.51 -76.99 -11.58
CA LYS D 211 41.30 -76.79 -10.15
C LYS D 211 41.96 -75.45 -9.87
N MET D 212 41.15 -74.44 -9.50
CA MET D 212 41.67 -73.10 -9.26
C MET D 212 42.93 -73.11 -8.42
N GLY D 213 42.93 -73.92 -7.36
CA GLY D 213 44.09 -74.00 -6.50
C GLY D 213 45.39 -74.17 -7.28
N ASN D 214 45.38 -74.97 -8.34
CA ASN D 214 46.58 -75.18 -9.12
C ASN D 214 47.03 -73.90 -9.84
N ARG D 215 46.12 -72.94 -9.97
CA ARG D 215 46.41 -71.67 -10.64
C ARG D 215 47.02 -70.70 -9.63
N HIS D 216 46.92 -71.07 -8.36
CA HIS D 216 47.44 -70.26 -7.25
C HIS D 216 48.37 -71.13 -6.41
N LYS D 217 49.37 -71.71 -7.06
CA LYS D 217 50.33 -72.55 -6.36
C LYS D 217 51.08 -71.77 -5.28
N PHE D 218 51.38 -72.44 -4.18
CA PHE D 218 52.08 -71.81 -3.07
C PHE D 218 53.55 -71.70 -3.39
N PRO D 219 54.16 -70.55 -3.12
CA PRO D 219 55.58 -70.35 -3.40
C PRO D 219 56.51 -71.45 -2.93
N LYS D 220 57.44 -71.84 -3.81
CA LYS D 220 58.45 -72.86 -3.54
C LYS D 220 59.48 -72.22 -2.60
N GLU D 221 59.97 -73.00 -1.66
CA GLU D 221 60.94 -72.51 -0.69
C GLU D 221 62.05 -71.59 -1.22
N GLU D 222 62.63 -71.94 -2.35
CA GLU D 222 63.71 -71.15 -2.91
C GLU D 222 63.35 -69.72 -3.32
N ILE D 223 62.05 -69.41 -3.37
CA ILE D 223 61.64 -68.05 -3.74
C ILE D 223 60.76 -67.45 -2.65
N TYR D 224 60.79 -68.08 -1.48
CA TYR D 224 60.01 -67.61 -0.34
C TYR D 224 60.99 -66.97 0.65
N ASN D 225 60.74 -65.72 1.02
CA ASN D 225 61.62 -65.01 1.96
C ASN D 225 61.56 -65.62 3.36
N THR D 226 62.69 -65.65 4.07
CA THR D 226 62.76 -66.22 5.42
C THR D 226 61.78 -67.38 5.58
N PRO D 227 62.01 -68.48 4.84
CA PRO D 227 61.20 -69.71 4.81
C PRO D 227 60.89 -70.40 6.13
N SER D 228 61.79 -70.28 7.11
CA SER D 228 61.56 -70.93 8.39
C SER D 228 60.35 -70.36 9.11
N ILE D 229 60.04 -69.09 8.87
CA ILE D 229 58.86 -68.51 9.51
C ILE D 229 57.70 -68.94 8.64
N ARG D 230 57.06 -70.01 9.05
CA ARG D 230 55.94 -70.59 8.32
C ARG D 230 54.58 -70.14 8.85
N PHE D 231 54.42 -70.14 10.18
CA PHE D 231 53.14 -69.73 10.76
C PHE D 231 53.23 -68.42 11.56
N GLY D 232 54.31 -67.67 11.36
CA GLY D 232 54.44 -66.44 12.09
C GLY D 232 54.86 -65.26 11.25
N ARG D 233 54.49 -65.25 9.97
CA ARG D 233 54.86 -64.13 9.11
C ARG D 233 53.93 -62.94 9.35
N GLU D 234 53.98 -62.42 10.58
CA GLU D 234 53.15 -61.31 11.01
C GLU D 234 53.61 -59.93 10.54
N HIS D 235 54.92 -59.76 10.35
CA HIS D 235 55.43 -58.46 9.89
C HIS D 235 54.75 -58.17 8.56
N TYR D 236 54.14 -57.00 8.43
CA TYR D 236 53.46 -56.69 7.18
C TYR D 236 54.34 -56.50 5.96
N GLU D 237 55.66 -56.50 6.12
CA GLU D 237 56.50 -56.37 4.95
C GLU D 237 56.38 -57.68 4.16
N PHE D 238 55.87 -58.73 4.81
CA PHE D 238 55.68 -60.02 4.15
C PHE D 238 54.52 -59.94 3.16
N GLN D 239 53.69 -58.90 3.30
CA GLN D 239 52.56 -58.72 2.41
C GLN D 239 53.09 -58.42 1.02
N TYR D 240 54.22 -57.73 0.97
CA TYR D 240 54.84 -57.39 -0.30
C TYR D 240 55.81 -58.48 -0.73
N LEU D 241 56.69 -58.89 0.18
CA LEU D 241 57.64 -59.95 -0.14
C LEU D 241 56.91 -61.21 -0.64
N ASP D 242 55.78 -61.52 -0.02
CA ASP D 242 55.04 -62.70 -0.44
C ASP D 242 54.31 -62.54 -1.76
N LEU D 243 53.89 -61.32 -2.08
CA LEU D 243 53.21 -61.10 -3.34
C LEU D 243 54.27 -61.33 -4.41
N LEU D 244 55.51 -60.95 -4.07
CA LEU D 244 56.65 -61.10 -4.97
C LEU D 244 56.84 -62.59 -5.26
N SER D 245 56.87 -63.37 -4.19
CA SER D 245 57.05 -64.81 -4.30
C SER D 245 55.91 -65.42 -5.10
N ARG D 246 54.70 -64.97 -4.82
CA ARG D 246 53.52 -65.49 -5.50
C ARG D 246 53.54 -65.33 -7.02
N VAL D 247 54.01 -64.18 -7.52
CA VAL D 247 54.04 -64.02 -8.97
C VAL D 247 55.25 -64.75 -9.52
N LEU D 248 56.31 -64.83 -8.74
CA LEU D 248 57.50 -65.55 -9.18
C LEU D 248 57.13 -67.01 -9.40
N GLU D 249 56.17 -67.48 -8.61
CA GLU D 249 55.71 -68.85 -8.67
C GLU D 249 54.64 -69.08 -9.75
N ASN D 250 53.65 -68.19 -9.83
CA ASN D 250 52.58 -68.36 -10.81
C ASN D 250 52.56 -67.40 -11.99
N GLY D 251 53.29 -66.30 -11.87
CA GLY D 251 53.30 -65.29 -12.92
C GLY D 251 53.38 -65.81 -14.34
N ALA D 252 52.38 -65.46 -15.14
CA ALA D 252 52.34 -65.87 -16.55
C ALA D 252 53.28 -64.95 -17.33
N TYR D 253 54.07 -65.52 -18.23
CA TYR D 253 55.02 -64.72 -19.03
C TYR D 253 54.26 -64.03 -20.14
N ARG D 254 54.32 -62.71 -20.17
CA ARG D 254 53.60 -61.99 -21.19
C ARG D 254 54.20 -60.64 -21.58
N GLU D 255 54.03 -60.30 -22.85
CA GLU D 255 54.53 -59.05 -23.41
C GLU D 255 53.61 -57.89 -23.01
N ASN D 256 54.06 -56.66 -23.26
CA ASN D 256 53.26 -55.47 -22.94
C ASN D 256 53.75 -54.27 -23.76
N ARG D 257 53.10 -53.12 -23.60
CA ARG D 257 53.48 -51.91 -24.35
C ARG D 257 54.98 -51.56 -24.31
N THR D 258 55.64 -51.82 -23.17
CA THR D 258 57.07 -51.56 -23.07
C THR D 258 57.77 -52.74 -23.74
N GLY D 259 59.06 -52.60 -24.03
CA GLY D 259 59.77 -53.68 -24.68
C GLY D 259 60.13 -54.86 -23.79
N ILE D 260 60.00 -54.71 -22.47
CA ILE D 260 60.36 -55.77 -21.54
C ILE D 260 59.15 -56.58 -21.09
N SER D 261 59.22 -57.90 -21.28
CA SER D 261 58.13 -58.77 -20.87
C SER D 261 58.08 -58.88 -19.35
N THR D 262 56.94 -59.32 -18.83
CA THR D 262 56.75 -59.49 -17.40
C THR D 262 56.17 -60.85 -17.05
N TYR D 263 56.08 -61.12 -15.75
CA TYR D 263 55.48 -62.35 -15.27
C TYR D 263 54.36 -61.77 -14.42
N SER D 264 53.12 -62.02 -14.79
CA SER D 264 52.02 -61.44 -14.03
C SER D 264 50.88 -62.35 -13.63
N ILE D 265 50.20 -61.94 -12.57
CA ILE D 265 49.03 -62.64 -12.08
C ILE D 265 48.02 -61.52 -11.87
N PHE D 266 46.73 -61.87 -11.91
CA PHE D 266 45.68 -60.86 -11.80
C PHE D 266 44.85 -60.86 -10.50
N GLY D 267 44.71 -59.68 -9.89
CA GLY D 267 43.93 -59.56 -8.67
C GLY D 267 44.63 -60.02 -7.39
N GLN D 268 45.42 -59.14 -6.79
CA GLN D 268 46.14 -59.45 -5.57
C GLN D 268 45.86 -58.39 -4.51
N MET D 269 46.26 -58.67 -3.27
CA MET D 269 46.01 -57.75 -2.17
C MET D 269 47.18 -57.65 -1.21
N MET D 270 47.32 -56.48 -0.57
CA MET D 270 48.36 -56.23 0.43
C MET D 270 47.77 -55.36 1.54
N ARG D 271 48.08 -55.71 2.78
CA ARG D 271 47.62 -54.95 3.94
C ARG D 271 48.78 -54.35 4.70
N PHE D 272 48.60 -53.15 5.24
CA PHE D 272 49.66 -52.50 6.00
C PHE D 272 49.10 -51.71 7.15
N ASP D 273 49.67 -51.93 8.33
CA ASP D 273 49.26 -51.18 9.49
C ASP D 273 49.98 -49.84 9.41
N MET D 274 49.33 -48.77 9.86
CA MET D 274 49.95 -47.46 9.85
C MET D 274 49.85 -46.83 11.23
N ARG D 275 49.22 -47.56 12.16
CA ARG D 275 49.08 -47.07 13.52
C ARG D 275 50.39 -47.13 14.28
N GLU D 276 51.05 -48.29 14.25
CA GLU D 276 52.30 -48.46 14.97
C GLU D 276 53.58 -48.32 14.14
N SER D 277 53.48 -48.03 12.85
CA SER D 277 54.68 -47.87 12.01
C SER D 277 54.36 -47.41 10.59
N PHE D 278 55.40 -47.06 9.84
CA PHE D 278 55.23 -46.60 8.47
C PHE D 278 55.74 -47.68 7.53
N PRO D 279 54.92 -48.11 6.57
CA PRO D 279 55.31 -49.15 5.63
C PRO D 279 56.36 -48.81 4.59
N LEU D 280 57.58 -48.51 5.02
CA LEU D 280 58.65 -48.24 4.07
C LEU D 280 59.54 -49.49 4.10
N LEU D 281 59.50 -50.28 3.02
CA LEU D 281 60.27 -51.52 2.94
C LEU D 281 61.66 -51.44 3.56
N THR D 282 62.07 -52.51 4.23
CA THR D 282 63.38 -52.50 4.86
C THR D 282 64.35 -53.41 4.10
N THR D 283 63.80 -54.34 3.33
CA THR D 283 64.64 -55.29 2.60
C THR D 283 65.36 -54.64 1.41
N LYS D 284 65.22 -53.33 1.30
CA LYS D 284 65.82 -52.55 0.23
C LYS D 284 65.65 -51.09 0.60
N LYS D 285 66.69 -50.28 0.45
CA LYS D 285 66.58 -48.87 0.78
C LYS D 285 65.66 -48.14 -0.19
N VAL D 286 64.63 -47.46 0.33
CA VAL D 286 63.69 -46.74 -0.52
C VAL D 286 63.80 -45.22 -0.36
N ALA D 287 63.85 -44.50 -1.48
CA ALA D 287 63.98 -43.05 -1.50
C ALA D 287 62.70 -42.34 -1.09
N ILE D 288 62.58 -42.06 0.20
CA ILE D 288 61.41 -41.40 0.73
C ILE D 288 61.24 -39.98 0.18
N ARG D 289 62.33 -39.22 0.03
CA ARG D 289 62.20 -37.85 -0.46
C ARG D 289 61.55 -37.81 -1.84
N SER D 290 62.02 -38.65 -2.74
CA SER D 290 61.45 -38.68 -4.08
C SER D 290 59.94 -38.93 -3.99
N ILE D 291 59.56 -39.90 -3.16
CA ILE D 291 58.15 -40.25 -2.97
C ILE D 291 57.39 -38.97 -2.59
N PHE D 292 57.82 -38.35 -1.50
CA PHE D 292 57.19 -37.14 -1.02
C PHE D 292 57.03 -36.10 -2.11
N GLU D 293 58.14 -35.76 -2.75
CA GLU D 293 58.13 -34.75 -3.79
C GLU D 293 57.13 -35.04 -4.93
N GLU D 294 56.86 -36.32 -5.21
CA GLU D 294 55.89 -36.65 -6.25
C GLU D 294 54.48 -36.46 -5.69
N LEU D 295 54.32 -36.76 -4.40
CA LEU D 295 53.02 -36.63 -3.77
C LEU D 295 52.49 -35.19 -3.66
N ILE D 296 53.28 -34.25 -3.12
CA ILE D 296 52.76 -32.88 -3.03
C ILE D 296 52.53 -32.37 -4.44
N TRP D 297 53.35 -32.87 -5.36
CA TRP D 297 53.23 -32.50 -6.76
C TRP D 297 51.79 -32.81 -7.19
N PHE D 298 51.35 -34.05 -6.89
CA PHE D 298 49.99 -34.47 -7.22
C PHE D 298 49.02 -33.57 -6.48
N ILE D 299 49.20 -33.47 -5.17
CA ILE D 299 48.35 -32.67 -4.30
C ILE D 299 48.12 -31.25 -4.81
N LYS D 300 49.17 -30.67 -5.37
CA LYS D 300 49.12 -29.31 -5.92
C LYS D 300 48.30 -29.28 -7.21
N GLY D 301 48.16 -30.43 -7.86
CA GLY D 301 47.42 -30.49 -9.11
C GLY D 301 48.38 -30.19 -10.26
N ASP D 302 49.67 -30.32 -9.97
CA ASP D 302 50.72 -30.03 -10.93
C ASP D 302 50.91 -31.15 -11.94
N THR D 303 51.14 -30.77 -13.19
CA THR D 303 51.33 -31.75 -14.26
C THR D 303 52.62 -31.49 -15.02
N ASN D 304 53.36 -30.48 -14.56
CA ASN D 304 54.62 -30.10 -15.18
C ASN D 304 55.78 -30.95 -14.67
N GLY D 305 56.17 -31.94 -15.49
CA GLY D 305 57.26 -32.84 -15.13
C GLY D 305 58.62 -32.23 -14.89
N ASN D 306 58.76 -30.95 -15.20
CA ASN D 306 60.02 -30.22 -15.00
C ASN D 306 60.21 -30.03 -13.52
N HIS D 307 59.16 -29.56 -12.87
CA HIS D 307 59.18 -29.30 -11.44
C HIS D 307 59.73 -30.48 -10.67
N LEU D 308 59.45 -31.70 -11.14
CA LEU D 308 59.96 -32.90 -10.47
C LEU D 308 61.45 -33.04 -10.74
N ILE D 309 61.83 -32.87 -11.99
CA ILE D 309 63.23 -32.97 -12.37
C ILE D 309 64.03 -31.97 -11.54
N GLU D 310 63.49 -30.76 -11.41
CA GLU D 310 64.13 -29.71 -10.62
C GLU D 310 64.39 -30.18 -9.19
N LYS D 311 63.42 -30.84 -8.59
CA LYS D 311 63.61 -31.36 -7.25
C LYS D 311 64.34 -32.70 -7.33
N LYS D 312 65.06 -32.87 -8.43
CA LYS D 312 65.85 -34.07 -8.67
C LYS D 312 65.10 -35.40 -8.52
N VAL D 313 63.90 -35.46 -9.09
CA VAL D 313 63.08 -36.67 -9.10
C VAL D 313 62.91 -36.94 -10.59
N TYR D 314 63.33 -38.10 -11.06
CA TYR D 314 63.29 -38.38 -12.49
C TYR D 314 62.39 -39.47 -13.03
N ILE D 315 61.49 -40.01 -12.22
CA ILE D 315 60.63 -41.09 -12.71
C ILE D 315 59.75 -40.73 -13.88
N TRP D 316 59.27 -39.48 -13.92
CA TRP D 316 58.39 -39.08 -15.01
C TRP D 316 59.12 -38.54 -16.24
N SER D 317 60.45 -38.64 -16.24
CA SER D 317 61.24 -38.19 -17.38
C SER D 317 60.93 -39.06 -18.57
N GLY D 318 61.07 -40.37 -18.37
CA GLY D 318 60.82 -41.32 -19.44
C GLY D 318 59.54 -41.02 -20.18
N ASN D 319 58.42 -41.01 -19.45
CA ASN D 319 57.13 -40.75 -20.07
C ASN D 319 56.89 -39.28 -20.35
N GLY D 320 57.93 -38.47 -20.15
CA GLY D 320 57.82 -37.05 -20.40
C GLY D 320 58.62 -36.60 -21.61
N SER D 321 59.62 -37.40 -22.00
CA SER D 321 60.48 -37.07 -23.13
C SER D 321 59.72 -36.73 -24.41
N LYS D 322 60.35 -35.91 -25.24
CA LYS D 322 59.78 -35.47 -26.49
C LYS D 322 59.55 -36.66 -27.44
N GLU D 323 60.45 -37.63 -27.38
CA GLU D 323 60.35 -38.82 -28.24
C GLU D 323 59.21 -39.75 -27.82
N TYR D 324 58.88 -39.75 -26.53
CA TYR D 324 57.80 -40.60 -26.05
C TYR D 324 56.48 -39.95 -26.43
N LEU D 325 56.37 -38.65 -26.18
CA LEU D 325 55.16 -37.90 -26.50
C LEU D 325 54.86 -37.97 -28.01
N GLU D 326 55.91 -37.86 -28.81
CA GLU D 326 55.77 -37.94 -30.27
C GLU D 326 55.17 -39.29 -30.57
N ARG D 327 55.82 -40.32 -30.03
CA ARG D 327 55.44 -41.72 -30.21
C ARG D 327 54.00 -42.05 -29.83
N ILE D 328 53.45 -41.37 -28.83
CA ILE D 328 52.08 -41.66 -28.43
C ILE D 328 51.08 -40.64 -28.94
N GLY D 329 51.47 -39.91 -29.98
CA GLY D 329 50.61 -38.91 -30.59
C GLY D 329 50.39 -37.62 -29.82
N LEU D 330 51.40 -37.20 -29.08
CA LEU D 330 51.30 -35.97 -28.31
C LEU D 330 52.52 -35.11 -28.62
N GLY D 331 53.03 -35.24 -29.85
CA GLY D 331 54.19 -34.49 -30.27
C GLY D 331 54.03 -32.98 -30.21
N HIS D 332 52.78 -32.52 -30.16
CA HIS D 332 52.49 -31.08 -30.11
C HIS D 332 52.75 -30.56 -28.71
N ARG D 333 52.83 -31.49 -27.77
CA ARG D 333 53.05 -31.20 -26.36
C ARG D 333 54.50 -30.74 -26.10
N GLU D 334 54.69 -29.92 -25.05
CA GLU D 334 56.01 -29.44 -24.69
C GLU D 334 56.83 -30.52 -23.97
N GLU D 335 58.16 -30.41 -24.05
CA GLU D 335 59.09 -31.35 -23.45
C GLU D 335 58.65 -32.18 -22.25
N ASN D 336 57.99 -31.57 -21.27
CA ASN D 336 57.58 -32.35 -20.11
C ASN D 336 56.14 -32.12 -19.63
N ASP D 337 55.29 -31.70 -20.55
CA ASP D 337 53.88 -31.46 -20.25
C ASP D 337 53.17 -32.82 -20.27
N LEU D 338 53.12 -33.47 -19.11
CA LEU D 338 52.52 -34.78 -18.99
C LEU D 338 51.03 -34.89 -19.27
N GLY D 339 50.32 -33.77 -19.26
CA GLY D 339 48.90 -33.80 -19.54
C GLY D 339 48.02 -33.90 -18.31
N PRO D 340 46.70 -34.10 -18.48
CA PRO D 340 45.73 -34.21 -17.39
C PRO D 340 45.91 -35.47 -16.54
N ILE D 341 47.13 -35.74 -16.08
CA ILE D 341 47.37 -36.94 -15.28
C ILE D 341 46.91 -36.78 -13.83
N TYR D 342 47.36 -37.68 -12.96
CA TYR D 342 47.00 -37.60 -11.55
C TYR D 342 47.22 -36.16 -11.09
N GLY D 343 46.46 -35.71 -10.10
CA GLY D 343 46.69 -34.35 -9.65
C GLY D 343 45.83 -33.44 -10.47
N PHE D 344 45.93 -33.51 -11.78
CA PHE D 344 45.07 -32.65 -12.56
C PHE D 344 43.68 -33.18 -12.30
N GLN D 345 43.53 -34.51 -12.30
CA GLN D 345 42.24 -35.12 -12.06
C GLN D 345 41.86 -34.98 -10.59
N TRP D 346 42.88 -34.95 -9.72
CA TRP D 346 42.65 -34.81 -8.28
C TRP D 346 42.06 -33.44 -7.92
N ARG D 347 42.64 -32.39 -8.52
CA ARG D 347 42.20 -31.02 -8.23
C ARG D 347 41.32 -30.39 -9.30
N HIS D 348 41.31 -30.97 -10.50
CA HIS D 348 40.51 -30.43 -11.59
C HIS D 348 39.82 -31.51 -12.41
N TYR D 349 39.11 -32.43 -11.76
CA TYR D 349 38.44 -33.50 -12.50
C TYR D 349 37.58 -32.95 -13.63
N ASN D 350 37.74 -33.52 -14.81
CA ASN D 350 37.00 -33.09 -15.99
C ASN D 350 37.33 -31.70 -16.51
N GLY D 351 38.38 -31.09 -15.96
CA GLY D 351 38.77 -29.78 -16.43
C GLY D 351 39.28 -29.90 -17.85
N GLU D 352 39.01 -28.90 -18.68
CA GLU D 352 39.47 -28.94 -20.05
C GLU D 352 40.94 -28.54 -20.09
N TYR D 353 41.81 -29.53 -20.27
CA TYR D 353 43.25 -29.30 -20.30
C TYR D 353 43.76 -28.59 -21.54
N LYS D 354 44.71 -27.70 -21.35
CA LYS D 354 45.35 -26.97 -22.44
C LYS D 354 46.81 -27.35 -22.39
N THR D 355 47.56 -26.67 -21.53
CA THR D 355 48.99 -26.96 -21.36
C THR D 355 49.34 -26.89 -19.88
N MET D 356 50.54 -27.34 -19.53
CA MET D 356 50.99 -27.33 -18.14
C MET D 356 51.21 -25.93 -17.61
N HIS D 357 51.09 -24.93 -18.47
CA HIS D 357 51.31 -23.55 -18.04
C HIS D 357 50.04 -22.80 -17.69
N ASP D 358 48.95 -23.10 -18.39
CA ASP D 358 47.71 -22.40 -18.13
C ASP D 358 47.35 -22.45 -16.65
N ASP D 359 46.50 -21.53 -16.22
CA ASP D 359 46.06 -21.45 -14.84
C ASP D 359 44.67 -22.06 -14.73
N TYR D 360 44.61 -23.25 -14.14
CA TYR D 360 43.36 -23.98 -13.99
C TYR D 360 42.58 -23.68 -12.73
N THR D 361 42.99 -22.63 -12.03
CA THR D 361 42.30 -22.28 -10.80
C THR D 361 40.80 -22.10 -11.07
N GLY D 362 39.98 -22.91 -10.40
CA GLY D 362 38.55 -22.81 -10.58
C GLY D 362 37.92 -23.81 -11.56
N VAL D 363 38.72 -24.41 -12.43
CA VAL D 363 38.17 -25.36 -13.40
C VAL D 363 38.13 -26.81 -12.93
N GLY D 364 37.11 -27.54 -13.38
CA GLY D 364 36.97 -28.94 -13.00
C GLY D 364 36.47 -29.15 -11.59
N VAL D 365 36.39 -30.39 -11.16
CA VAL D 365 35.93 -30.71 -9.82
C VAL D 365 37.12 -30.96 -8.90
N ASP D 366 37.14 -30.28 -7.76
CA ASP D 366 38.25 -30.47 -6.82
C ASP D 366 37.90 -31.58 -5.82
N GLN D 367 38.27 -32.81 -6.18
CA GLN D 367 37.99 -33.97 -5.35
C GLN D 367 38.74 -33.94 -4.03
N LEU D 368 40.03 -33.66 -4.09
CA LEU D 368 40.84 -33.63 -2.89
C LEU D 368 40.17 -32.70 -1.90
N ALA D 369 39.81 -31.51 -2.35
CA ALA D 369 39.16 -30.56 -1.47
C ALA D 369 37.91 -31.19 -0.87
N LYS D 370 37.00 -31.66 -1.74
CA LYS D 370 35.76 -32.27 -1.27
C LYS D 370 36.01 -33.46 -0.35
N LEU D 371 37.02 -34.25 -0.68
CA LEU D 371 37.38 -35.42 0.10
C LEU D 371 37.67 -34.99 1.53
N ILE D 372 38.54 -33.99 1.67
CA ILE D 372 38.90 -33.47 2.98
C ILE D 372 37.70 -32.89 3.68
N GLU D 373 36.89 -32.17 2.93
CA GLU D 373 35.70 -31.57 3.51
C GLU D 373 34.73 -32.62 3.99
N THR D 374 34.45 -33.60 3.13
CA THR D 374 33.52 -34.67 3.48
C THR D 374 34.08 -35.54 4.61
N LEU D 375 35.39 -35.73 4.62
CA LEU D 375 36.03 -36.56 5.63
C LEU D 375 35.84 -36.04 7.06
N LYS D 376 35.85 -34.73 7.23
CA LYS D 376 35.66 -34.20 8.56
C LYS D 376 34.24 -33.82 8.94
N ASN D 377 33.42 -33.49 7.94
CA ASN D 377 32.05 -33.12 8.22
C ASN D 377 31.09 -34.30 8.24
N ASN D 378 31.49 -35.42 7.64
CA ASN D 378 30.62 -36.59 7.57
C ASN D 378 31.49 -37.85 7.50
N PRO D 379 32.25 -38.12 8.56
CA PRO D 379 33.13 -39.30 8.62
C PRO D 379 32.54 -40.67 8.30
N LYS D 380 31.42 -41.02 8.91
CA LYS D 380 30.81 -42.34 8.68
C LYS D 380 30.35 -42.52 7.24
N ASP D 381 30.37 -41.44 6.46
CA ASP D 381 29.95 -41.48 5.07
C ASP D 381 30.67 -42.61 4.32
N ARG D 382 29.97 -43.24 3.38
CA ARG D 382 30.56 -44.33 2.61
C ARG D 382 30.97 -43.93 1.20
N ARG D 383 31.14 -42.63 0.97
CA ARG D 383 31.53 -42.16 -0.35
C ARG D 383 32.83 -41.34 -0.39
N HIS D 384 33.72 -41.53 0.58
CA HIS D 384 34.99 -40.80 0.60
C HIS D 384 35.91 -41.33 -0.50
N ILE D 385 35.63 -40.95 -1.74
CA ILE D 385 36.39 -41.43 -2.87
C ILE D 385 37.17 -40.43 -3.68
N LEU D 386 38.31 -40.89 -4.18
CA LEU D 386 39.21 -40.09 -5.01
C LEU D 386 39.54 -40.94 -6.24
N THR D 387 39.34 -40.37 -7.43
CA THR D 387 39.61 -41.12 -8.64
C THR D 387 40.43 -40.35 -9.65
N ALA D 388 41.18 -41.08 -10.46
CA ALA D 388 42.00 -40.47 -11.48
C ALA D 388 41.61 -41.06 -12.84
N TRP D 389 40.68 -42.00 -12.86
CA TRP D 389 40.30 -42.61 -14.11
C TRP D 389 39.20 -41.85 -14.83
N ASN D 390 39.61 -41.03 -15.80
CA ASN D 390 38.68 -40.21 -16.57
C ASN D 390 38.68 -40.63 -18.05
N PRO D 391 37.71 -41.46 -18.44
CA PRO D 391 37.62 -41.93 -19.83
C PRO D 391 37.78 -40.84 -20.87
N SER D 392 37.37 -39.63 -20.54
CA SER D 392 37.45 -38.51 -21.48
C SER D 392 38.82 -37.89 -21.62
N ALA D 393 39.68 -38.06 -20.62
CA ALA D 393 41.02 -37.47 -20.67
C ALA D 393 42.15 -38.43 -21.01
N LEU D 394 41.91 -39.73 -20.86
CA LEU D 394 42.93 -40.73 -21.13
C LEU D 394 43.86 -40.42 -22.30
N SER D 395 43.28 -40.16 -23.47
CA SER D 395 44.05 -39.86 -24.68
C SER D 395 45.09 -38.75 -24.54
N GLN D 396 44.88 -37.82 -23.61
CA GLN D 396 45.82 -36.70 -23.43
C GLN D 396 46.88 -36.97 -22.37
N MET D 397 46.74 -38.05 -21.63
CA MET D 397 47.69 -38.37 -20.58
C MET D 397 48.94 -39.06 -21.11
N ALA D 398 50.11 -38.67 -20.59
CA ALA D 398 51.36 -39.27 -21.02
C ALA D 398 51.31 -40.72 -20.60
N LEU D 399 50.47 -41.01 -19.62
CA LEU D 399 50.33 -42.35 -19.10
C LEU D 399 49.04 -42.45 -18.32
N PRO D 400 48.22 -43.47 -18.62
CA PRO D 400 46.94 -43.64 -17.92
C PRO D 400 47.21 -43.91 -16.43
N PRO D 401 46.28 -43.49 -15.57
CA PRO D 401 46.45 -43.70 -14.13
C PRO D 401 46.65 -45.16 -13.73
N CYS D 402 47.67 -45.43 -12.91
CA CYS D 402 47.90 -46.78 -12.42
C CYS D 402 47.20 -46.87 -11.09
N HIS D 403 47.45 -45.92 -10.19
CA HIS D 403 46.73 -45.93 -8.93
C HIS D 403 45.44 -45.21 -9.27
N VAL D 404 44.55 -46.00 -9.86
CA VAL D 404 43.25 -45.60 -10.37
C VAL D 404 42.23 -44.97 -9.43
N LEU D 405 41.98 -45.62 -8.30
CA LEU D 405 40.99 -45.10 -7.36
C LEU D 405 41.26 -45.50 -5.92
N SER D 406 41.00 -44.58 -5.00
CA SER D 406 41.21 -44.86 -3.59
C SER D 406 40.00 -44.42 -2.77
N GLN D 407 39.69 -45.18 -1.72
CA GLN D 407 38.56 -44.84 -0.84
C GLN D 407 39.09 -44.70 0.57
N TYR D 408 38.50 -43.78 1.32
CA TYR D 408 38.93 -43.54 2.68
C TYR D 408 37.83 -43.86 3.67
N TYR D 409 38.24 -44.36 4.82
CA TYR D 409 37.31 -44.78 5.87
C TYR D 409 37.76 -44.21 7.20
N VAL D 410 36.83 -43.67 7.97
CA VAL D 410 37.15 -43.12 9.30
C VAL D 410 36.61 -44.11 10.33
N THR D 411 37.50 -44.74 11.09
CA THR D 411 37.09 -45.73 12.08
C THR D 411 36.39 -45.07 13.25
N ASN D 412 35.72 -45.87 14.06
CA ASN D 412 35.00 -45.34 15.21
C ASN D 412 35.97 -44.73 16.23
N ASP D 413 37.20 -45.22 16.23
CA ASP D 413 38.20 -44.70 17.14
C ASP D 413 39.00 -43.58 16.48
N ASN D 414 38.39 -42.94 15.51
CA ASN D 414 38.98 -41.82 14.80
C ASN D 414 40.30 -42.03 14.09
N CYS D 415 40.47 -43.21 13.50
CA CYS D 415 41.68 -43.52 12.73
C CYS D 415 41.23 -43.39 11.29
N LEU D 416 42.15 -43.05 10.38
CA LEU D 416 41.79 -42.92 8.97
C LEU D 416 42.46 -44.01 8.14
N SER D 417 41.66 -44.92 7.59
CA SER D 417 42.21 -46.00 6.78
C SER D 417 42.03 -45.64 5.31
N CYS D 418 42.78 -46.34 4.47
CA CYS D 418 42.74 -46.11 3.03
C CYS D 418 42.81 -47.38 2.19
N ASN D 419 41.97 -47.43 1.15
CA ASN D 419 41.93 -48.54 0.20
C ASN D 419 42.33 -47.94 -1.13
N LEU D 420 43.15 -48.66 -1.88
CA LEU D 420 43.60 -48.20 -3.19
C LEU D 420 43.51 -49.33 -4.21
N TYR D 421 42.93 -49.03 -5.37
CA TYR D 421 42.86 -50.03 -6.42
C TYR D 421 43.85 -49.58 -7.47
N GLN D 422 44.79 -50.46 -7.79
CA GLN D 422 45.82 -50.16 -8.78
C GLN D 422 45.67 -51.14 -9.93
N ARG D 423 45.34 -50.62 -11.12
CA ARG D 423 45.13 -51.46 -12.29
C ARG D 423 46.39 -52.16 -12.76
N SER D 424 47.52 -51.47 -12.68
CA SER D 424 48.78 -52.04 -13.11
C SER D 424 49.81 -51.74 -12.02
N CYS D 425 50.65 -52.71 -11.70
CA CYS D 425 51.62 -52.50 -10.65
C CYS D 425 52.97 -53.18 -10.90
N ASP D 426 54.02 -52.36 -11.03
CA ASP D 426 55.38 -52.86 -11.24
C ASP D 426 55.92 -53.19 -9.85
N LEU D 427 55.77 -54.44 -9.45
CA LEU D 427 56.19 -54.90 -8.15
C LEU D 427 57.65 -54.61 -7.78
N GLY D 428 58.52 -54.64 -8.76
CA GLY D 428 59.92 -54.41 -8.45
C GLY D 428 60.33 -52.95 -8.34
N LEU D 429 59.82 -52.13 -9.24
CA LEU D 429 60.20 -50.74 -9.22
C LEU D 429 59.22 -49.79 -8.54
N GLY D 430 57.98 -49.80 -9.00
CA GLY D 430 56.98 -48.89 -8.45
C GLY D 430 56.28 -49.23 -7.16
N SER D 431 55.74 -50.44 -7.04
CA SER D 431 55.02 -50.83 -5.84
C SER D 431 55.59 -50.33 -4.50
N PRO D 432 56.90 -50.52 -4.27
CA PRO D 432 57.46 -50.05 -2.99
C PRO D 432 57.14 -48.58 -2.75
N PHE D 433 57.21 -47.79 -3.82
CA PHE D 433 56.93 -46.38 -3.75
C PHE D 433 55.44 -46.09 -3.59
N ASN D 434 54.59 -46.87 -4.25
CA ASN D 434 53.14 -46.65 -4.11
C ASN D 434 52.71 -46.86 -2.67
N ILE D 435 53.19 -47.94 -2.08
CA ILE D 435 52.84 -48.26 -0.70
C ILE D 435 53.16 -47.05 0.17
N ALA D 436 54.41 -46.61 0.16
CA ALA D 436 54.83 -45.46 0.94
C ALA D 436 54.03 -44.21 0.58
N SER D 437 53.87 -43.96 -0.71
CA SER D 437 53.14 -42.79 -1.20
C SER D 437 51.76 -42.69 -0.58
N TYR D 438 50.91 -43.69 -0.82
CA TYR D 438 49.56 -43.64 -0.26
C TYR D 438 49.54 -43.66 1.27
N ALA D 439 50.60 -44.17 1.88
CA ALA D 439 50.66 -44.20 3.33
C ALA D 439 50.77 -42.74 3.76
N ILE D 440 51.72 -42.04 3.15
CA ILE D 440 51.94 -40.63 3.48
C ILE D 440 50.67 -39.82 3.24
N LEU D 441 50.09 -39.98 2.05
CA LEU D 441 48.88 -39.25 1.71
C LEU D 441 47.84 -39.47 2.79
N THR D 442 47.71 -40.71 3.24
CA THR D 442 46.71 -40.99 4.27
C THR D 442 47.03 -40.21 5.53
N MET D 443 48.30 -40.20 5.91
CA MET D 443 48.74 -39.48 7.10
C MET D 443 48.42 -38.00 6.97
N MET D 444 48.71 -37.43 5.80
CA MET D 444 48.44 -36.03 5.57
C MET D 444 46.95 -35.77 5.71
N LEU D 445 46.15 -36.52 4.96
CA LEU D 445 44.72 -36.35 5.03
C LEU D 445 44.23 -36.46 6.47
N ALA D 446 44.85 -37.37 7.22
CA ALA D 446 44.45 -37.58 8.61
C ALA D 446 44.78 -36.38 9.49
N GLN D 447 45.98 -35.83 9.35
CA GLN D 447 46.35 -34.69 10.18
C GLN D 447 45.41 -33.52 9.90
N VAL D 448 45.21 -33.23 8.62
CA VAL D 448 44.35 -32.14 8.18
C VAL D 448 42.90 -32.31 8.62
N CYS D 449 42.42 -33.54 8.69
CA CYS D 449 41.04 -33.79 9.09
C CYS D 449 40.91 -34.14 10.57
N GLY D 450 42.02 -34.00 11.29
CA GLY D 450 42.03 -34.27 12.72
C GLY D 450 41.93 -35.73 13.16
N TYR D 451 42.53 -36.63 12.40
CA TYR D 451 42.50 -38.05 12.74
C TYR D 451 43.93 -38.55 12.74
N GLU D 452 44.07 -39.87 12.88
CA GLU D 452 45.38 -40.47 12.85
C GLU D 452 45.35 -41.66 11.91
N PRO D 453 46.49 -42.00 11.31
CA PRO D 453 46.55 -43.13 10.38
C PRO D 453 45.99 -44.44 10.92
N GLY D 454 45.29 -45.16 10.06
CA GLY D 454 44.71 -46.43 10.43
C GLY D 454 45.38 -47.57 9.69
N GLU D 455 44.70 -48.11 8.69
CA GLU D 455 45.25 -49.20 7.91
C GLU D 455 45.26 -48.85 6.43
N LEU D 456 46.18 -49.48 5.70
CA LEU D 456 46.33 -49.29 4.27
C LEU D 456 46.19 -50.62 3.54
N ALA D 457 45.17 -50.74 2.70
CA ALA D 457 44.95 -51.96 1.94
C ALA D 457 45.06 -51.63 0.48
N ILE D 458 45.85 -52.42 -0.23
CA ILE D 458 46.05 -52.22 -1.66
C ILE D 458 45.59 -53.42 -2.49
N PHE D 459 44.72 -53.14 -3.46
CA PHE D 459 44.16 -54.14 -4.35
C PHE D 459 44.75 -53.96 -5.74
N ILE D 460 45.49 -54.96 -6.18
CA ILE D 460 46.15 -54.92 -7.47
C ILE D 460 45.42 -55.66 -8.58
N GLY D 461 45.47 -55.07 -9.77
CA GLY D 461 44.87 -55.70 -10.92
C GLY D 461 45.99 -56.56 -11.48
N ASP D 462 46.73 -56.01 -12.43
CA ASP D 462 47.83 -56.75 -13.05
C ASP D 462 49.11 -56.59 -12.24
N ALA D 463 49.34 -57.51 -11.31
CA ALA D 463 50.55 -57.47 -10.49
C ALA D 463 51.62 -58.23 -11.25
N HIS D 464 52.67 -57.52 -11.63
CA HIS D 464 53.73 -58.13 -12.42
C HIS D 464 55.15 -57.78 -12.02
N ILE D 465 56.08 -58.56 -12.57
CA ILE D 465 57.51 -58.40 -12.36
C ILE D 465 58.18 -58.35 -13.73
N TYR D 466 58.89 -57.27 -14.04
CA TYR D 466 59.57 -57.17 -15.33
C TYR D 466 60.72 -58.17 -15.27
N GLU D 467 60.92 -58.90 -16.37
CA GLU D 467 61.96 -59.93 -16.43
C GLU D 467 63.37 -59.44 -16.16
N ASN D 468 63.60 -58.14 -16.26
CA ASN D 468 64.93 -57.60 -16.01
C ASN D 468 65.12 -57.26 -14.54
N HIS D 469 64.20 -57.70 -13.69
CA HIS D 469 64.29 -57.43 -12.26
C HIS D 469 64.47 -58.72 -11.49
N LEU D 470 64.37 -59.83 -12.22
CA LEU D 470 64.47 -61.15 -11.60
C LEU D 470 65.66 -61.36 -10.66
N THR D 471 66.86 -61.01 -11.10
CA THR D 471 68.01 -61.18 -10.22
C THR D 471 67.93 -60.23 -9.02
N GLN D 472 67.56 -58.97 -9.25
CA GLN D 472 67.46 -58.00 -8.16
C GLN D 472 66.48 -58.47 -7.09
N LEU D 473 65.29 -58.86 -7.51
CA LEU D 473 64.26 -59.32 -6.58
C LEU D 473 64.65 -60.61 -5.85
N LYS D 474 65.46 -61.43 -6.50
CA LYS D 474 65.91 -62.68 -5.88
C LYS D 474 66.81 -62.29 -4.70
N GLU D 475 67.69 -61.32 -4.96
CA GLU D 475 68.61 -60.78 -3.97
C GLU D 475 67.80 -60.16 -2.83
N GLN D 476 66.83 -59.32 -3.17
CA GLN D 476 66.00 -58.70 -2.14
C GLN D 476 65.35 -59.80 -1.28
N LEU D 477 64.79 -60.82 -1.94
CA LEU D 477 64.16 -61.91 -1.22
C LEU D 477 65.06 -62.69 -0.27
N SER D 478 66.37 -62.51 -0.39
CA SER D 478 67.31 -63.22 0.47
C SER D 478 67.51 -62.50 1.79
N ARG D 479 66.99 -61.29 1.89
CA ARG D 479 67.16 -60.48 3.10
C ARG D 479 65.99 -60.63 4.06
N THR D 480 66.29 -60.82 5.34
CA THR D 480 65.23 -60.94 6.33
C THR D 480 64.81 -59.54 6.76
N PRO D 481 63.49 -59.27 6.77
CA PRO D 481 62.95 -57.96 7.15
C PRO D 481 63.38 -57.47 8.52
N ARG D 482 63.47 -56.15 8.64
CA ARG D 482 63.82 -55.48 9.89
C ARG D 482 62.57 -54.68 10.22
N PRO D 483 62.42 -54.26 11.48
CA PRO D 483 61.22 -53.49 11.83
C PRO D 483 61.04 -52.24 11.00
N PHE D 484 59.80 -51.93 10.67
CA PHE D 484 59.49 -50.75 9.88
C PHE D 484 59.88 -49.51 10.66
N PRO D 485 60.15 -48.40 9.97
CA PRO D 485 60.51 -47.18 10.68
C PRO D 485 59.23 -46.46 11.10
N GLN D 486 59.40 -45.21 11.54
CA GLN D 486 58.27 -44.39 11.94
C GLN D 486 58.36 -43.16 11.06
N LEU D 487 57.23 -42.55 10.74
CA LEU D 487 57.24 -41.33 9.94
C LEU D 487 56.37 -40.35 10.69
N LYS D 488 56.92 -39.16 10.95
CA LYS D 488 56.17 -38.14 11.68
C LYS D 488 56.30 -36.74 11.06
N PHE D 489 55.28 -35.93 11.27
CA PHE D 489 55.30 -34.56 10.75
C PHE D 489 55.80 -33.67 11.87
N LYS D 490 56.67 -32.72 11.53
CA LYS D 490 57.24 -31.80 12.52
C LYS D 490 56.33 -30.64 12.91
N ARG D 491 55.24 -30.43 12.18
CA ARG D 491 54.34 -29.32 12.50
C ARG D 491 52.96 -29.60 11.93
N LYS D 492 51.94 -28.97 12.48
CA LYS D 492 50.61 -29.19 11.94
C LYS D 492 50.35 -28.17 10.85
N VAL D 493 50.31 -28.62 9.60
CA VAL D 493 50.05 -27.70 8.49
C VAL D 493 48.57 -27.37 8.53
N GLU D 494 48.20 -26.21 7.99
CA GLU D 494 46.79 -25.83 7.99
C GLU D 494 46.11 -26.30 6.72
N ASN D 495 46.78 -26.18 5.59
CA ASN D 495 46.22 -26.68 4.33
C ASN D 495 47.12 -27.78 3.80
N ILE D 496 46.52 -28.91 3.43
CA ILE D 496 47.28 -30.05 2.94
C ILE D 496 48.40 -29.75 1.94
N GLU D 497 48.26 -28.70 1.13
CA GLU D 497 49.29 -28.38 0.15
C GLU D 497 50.49 -27.62 0.71
N ASP D 498 50.44 -27.32 2.00
CA ASP D 498 51.52 -26.59 2.66
C ASP D 498 52.64 -27.52 3.14
N PHE D 499 52.44 -28.83 3.02
CA PHE D 499 53.46 -29.78 3.47
C PHE D 499 54.76 -29.57 2.73
N LYS D 500 55.85 -29.60 3.47
CA LYS D 500 57.17 -29.41 2.90
C LYS D 500 58.06 -30.55 3.37
N TRP D 501 59.08 -30.88 2.59
CA TRP D 501 60.00 -31.96 2.94
C TRP D 501 60.53 -31.86 4.38
N GLU D 502 60.89 -30.64 4.77
CA GLU D 502 61.42 -30.37 6.09
C GLU D 502 60.46 -30.74 7.21
N ASP D 503 59.17 -30.81 6.88
CA ASP D 503 58.13 -31.15 7.84
C ASP D 503 58.13 -32.64 8.19
N ILE D 504 58.83 -33.43 7.39
CA ILE D 504 58.85 -34.87 7.59
C ILE D 504 60.06 -35.44 8.34
N GLU D 505 59.77 -36.40 9.22
CA GLU D 505 60.78 -37.08 10.02
C GLU D 505 60.73 -38.59 9.81
N LEU D 506 61.80 -39.17 9.29
CA LEU D 506 61.85 -40.61 9.10
C LEU D 506 62.70 -41.15 10.25
N ILE D 507 62.06 -41.68 11.26
CA ILE D 507 62.75 -42.18 12.43
C ILE D 507 63.01 -43.69 12.49
N GLY D 508 64.28 -44.06 12.68
CA GLY D 508 64.64 -45.47 12.82
C GLY D 508 64.59 -46.36 11.59
N TYR D 509 64.92 -45.80 10.43
CA TYR D 509 64.91 -46.58 9.19
C TYR D 509 66.32 -47.19 9.02
N TYR D 510 66.40 -48.51 9.05
CA TYR D 510 67.69 -49.19 8.89
C TYR D 510 67.60 -50.28 7.82
N PRO D 511 67.35 -49.87 6.56
CA PRO D 511 67.24 -50.82 5.44
C PRO D 511 68.54 -51.45 4.97
N TYR D 512 68.39 -52.50 4.16
CA TYR D 512 69.52 -53.17 3.56
C TYR D 512 69.91 -52.26 2.40
N PRO D 513 71.14 -52.39 1.90
CA PRO D 513 71.58 -51.54 0.78
C PRO D 513 70.58 -51.49 -0.37
N THR D 514 70.52 -50.36 -1.04
CA THR D 514 69.60 -50.21 -2.15
C THR D 514 69.94 -51.18 -3.27
N ILE D 515 68.94 -51.54 -4.06
CA ILE D 515 69.13 -52.44 -5.19
C ILE D 515 68.68 -51.72 -6.46
N LYS D 516 69.61 -51.51 -7.39
CA LYS D 516 69.29 -50.81 -8.62
C LYS D 516 68.41 -51.63 -9.57
N MET D 517 67.29 -51.04 -9.99
CA MET D 517 66.35 -51.69 -10.89
C MET D 517 65.86 -50.72 -11.95
N ASP D 518 66.16 -51.01 -13.20
CA ASP D 518 65.80 -50.12 -14.30
C ASP D 518 64.37 -50.23 -14.84
N MET D 519 63.80 -49.06 -15.14
CA MET D 519 62.44 -48.93 -15.67
C MET D 519 62.37 -49.17 -17.19
N ALA D 520 61.20 -49.60 -17.67
CA ALA D 520 60.98 -49.83 -19.09
C ALA D 520 60.14 -48.63 -19.56
N VAL D 521 60.66 -47.86 -20.53
CA VAL D 521 59.95 -46.66 -21.02
C VAL D 521 58.59 -46.92 -21.70
N GLU E 3 -54.54 118.05 -7.15
CA GLU E 3 -55.73 118.33 -8.00
C GLU E 3 -57.04 118.39 -7.20
N LYS E 4 -57.53 119.61 -6.98
CA LYS E 4 -58.77 119.84 -6.25
C LYS E 4 -59.90 120.06 -7.25
N ASN E 5 -61.13 120.05 -6.76
CA ASN E 5 -62.27 120.24 -7.65
C ASN E 5 -62.84 121.67 -7.60
N VAL E 6 -63.18 122.22 -8.75
CA VAL E 6 -63.75 123.57 -8.82
C VAL E 6 -65.13 123.56 -9.43
N SER E 7 -66.15 123.81 -8.61
CA SER E 7 -67.52 123.82 -9.10
C SER E 7 -68.18 125.19 -9.01
N ILE E 8 -68.99 125.50 -10.02
CA ILE E 8 -69.71 126.74 -10.03
C ILE E 8 -71.07 126.48 -9.43
N VAL E 9 -71.56 127.43 -8.64
CA VAL E 9 -72.88 127.33 -8.03
C VAL E 9 -73.59 128.63 -8.39
N VAL E 10 -74.74 128.51 -9.05
CA VAL E 10 -75.47 129.70 -9.45
C VAL E 10 -76.93 129.39 -9.71
N ALA E 11 -77.75 130.43 -9.63
CA ALA E 11 -79.18 130.33 -9.89
C ALA E 11 -79.48 131.45 -10.87
N ALA E 12 -80.01 131.07 -12.03
CA ALA E 12 -80.34 132.07 -13.05
C ALA E 12 -81.70 131.78 -13.69
N SER E 13 -82.38 132.85 -14.13
CA SER E 13 -83.68 132.70 -14.77
C SER E 13 -83.55 131.74 -15.96
N VAL E 14 -84.59 130.94 -16.17
CA VAL E 14 -84.61 129.94 -17.23
C VAL E 14 -84.31 130.42 -18.65
N LEU E 15 -84.83 131.57 -19.04
CA LEU E 15 -84.61 132.04 -20.41
C LEU E 15 -83.41 132.96 -20.68
N SER E 16 -83.22 134.00 -19.87
CA SER E 16 -82.11 134.92 -20.11
C SER E 16 -80.96 134.80 -19.13
N SER E 17 -81.03 133.81 -18.25
CA SER E 17 -79.98 133.59 -17.27
C SER E 17 -79.72 134.79 -16.35
N GLY E 18 -80.78 135.51 -15.98
CA GLY E 18 -80.61 136.65 -15.08
C GLY E 18 -80.29 136.12 -13.69
N ILE E 19 -79.32 136.73 -13.02
CA ILE E 19 -78.94 136.27 -11.67
C ILE E 19 -78.91 137.38 -10.62
N GLY E 20 -79.02 138.64 -11.06
CA GLY E 20 -79.00 139.72 -10.11
C GLY E 20 -79.67 141.00 -10.57
N ILE E 21 -80.07 141.81 -9.59
CA ILE E 21 -80.71 143.09 -9.85
C ILE E 21 -80.44 144.01 -8.66
N ASN E 22 -79.85 145.17 -8.95
CA ASN E 22 -79.52 146.15 -7.93
C ASN E 22 -78.89 145.50 -6.72
N GLY E 23 -77.83 144.73 -6.96
CA GLY E 23 -77.11 144.08 -5.87
C GLY E 23 -77.87 143.04 -5.05
N GLN E 24 -78.94 142.49 -5.60
CA GLN E 24 -79.71 141.49 -4.89
C GLN E 24 -80.12 140.41 -5.86
N LEU E 25 -80.65 139.31 -5.34
CA LEU E 25 -81.13 138.24 -6.21
C LEU E 25 -82.45 138.79 -6.75
N PRO E 26 -82.86 138.37 -7.94
CA PRO E 26 -84.14 138.91 -8.42
C PRO E 26 -85.35 138.11 -7.95
N TRP E 27 -85.18 137.37 -6.86
CA TRP E 27 -86.26 136.56 -6.31
C TRP E 27 -85.83 136.08 -4.93
N SER E 28 -86.78 135.51 -4.18
CA SER E 28 -86.47 135.01 -2.85
C SER E 28 -86.98 133.57 -2.64
N ILE E 29 -86.09 132.60 -2.84
CA ILE E 29 -86.45 131.19 -2.67
C ILE E 29 -85.51 130.59 -1.62
N SER E 30 -86.04 130.34 -0.43
CA SER E 30 -85.19 129.82 0.64
C SER E 30 -84.65 128.42 0.38
N GLU E 31 -85.45 127.54 -0.20
CA GLU E 31 -84.96 126.20 -0.47
C GLU E 31 -83.67 126.31 -1.28
N ASP E 32 -83.57 127.31 -2.15
CA ASP E 32 -82.38 127.45 -2.96
C ASP E 32 -81.21 127.97 -2.15
N LEU E 33 -81.47 128.85 -1.19
CA LEU E 33 -80.37 129.35 -0.36
C LEU E 33 -79.95 128.13 0.44
N LYS E 34 -80.94 127.36 0.87
CA LYS E 34 -80.70 126.16 1.65
C LYS E 34 -79.86 125.20 0.82
N PHE E 35 -80.15 125.12 -0.47
CA PHE E 35 -79.39 124.24 -1.34
C PHE E 35 -77.95 124.74 -1.41
N PHE E 36 -77.81 126.01 -1.80
CA PHE E 36 -76.50 126.62 -1.92
C PHE E 36 -75.65 126.31 -0.70
N SER E 37 -76.26 126.39 0.48
CA SER E 37 -75.54 126.12 1.70
C SER E 37 -75.11 124.68 1.80
N LYS E 38 -76.04 123.76 1.52
CA LYS E 38 -75.77 122.33 1.59
C LYS E 38 -74.63 121.92 0.66
N ILE E 39 -74.75 122.31 -0.60
CA ILE E 39 -73.75 121.95 -1.59
C ILE E 39 -72.36 122.53 -1.31
N THR E 40 -72.28 123.79 -0.94
CA THR E 40 -70.98 124.42 -0.68
C THR E 40 -70.36 124.05 0.66
N ASN E 41 -71.10 123.31 1.47
CA ASN E 41 -70.63 122.88 2.79
C ASN E 41 -70.21 121.43 2.72
N ASN E 42 -70.89 120.71 1.83
CA ASN E 42 -70.68 119.30 1.57
C ASN E 42 -69.20 118.95 1.37
N LYS E 43 -68.64 118.17 2.28
CA LYS E 43 -67.23 117.77 2.18
C LYS E 43 -67.01 116.41 2.84
N CYS E 44 -65.90 115.75 2.51
CA CYS E 44 -65.58 114.44 3.06
C CYS E 44 -64.73 114.49 4.33
N ASP E 45 -63.69 115.34 4.30
CA ASP E 45 -62.76 115.47 5.42
C ASP E 45 -63.16 116.52 6.46
N SER E 46 -63.64 116.07 7.62
CA SER E 46 -64.05 116.97 8.69
C SER E 46 -62.94 117.95 9.09
N ASN E 47 -61.71 117.59 8.81
CA ASN E 47 -60.58 118.43 9.18
C ASN E 47 -60.17 119.43 8.11
N LYS E 48 -60.92 119.47 7.02
CA LYS E 48 -60.63 120.42 5.97
C LYS E 48 -61.84 121.34 5.85
N LYS E 49 -61.86 122.19 4.84
CA LYS E 49 -62.96 123.13 4.62
C LYS E 49 -63.08 123.41 3.14
N ASN E 50 -64.23 123.91 2.72
CA ASN E 50 -64.39 124.26 1.31
C ASN E 50 -64.16 125.76 1.19
N ALA E 51 -63.78 126.22 0.02
CA ALA E 51 -63.53 127.64 -0.22
C ALA E 51 -64.50 128.19 -1.24
N LEU E 52 -65.10 129.33 -0.94
CA LEU E 52 -66.04 129.94 -1.86
C LEU E 52 -65.47 131.23 -2.43
N ILE E 53 -65.16 131.20 -3.72
CA ILE E 53 -64.61 132.36 -4.40
C ILE E 53 -65.77 133.24 -4.83
N MET E 54 -65.62 134.56 -4.75
CA MET E 54 -66.68 135.47 -5.17
C MET E 54 -66.18 136.89 -5.39
N GLY E 55 -66.83 137.58 -6.33
CA GLY E 55 -66.46 138.95 -6.62
C GLY E 55 -66.73 139.85 -5.43
N ARG E 56 -66.12 141.03 -5.40
CA ARG E 56 -66.32 141.93 -4.28
C ARG E 56 -67.77 142.33 -4.11
N LYS E 57 -68.43 142.65 -5.22
CA LYS E 57 -69.82 143.05 -5.13
C LYS E 57 -70.67 141.96 -4.48
N THR E 58 -70.41 140.71 -4.83
CA THR E 58 -71.18 139.62 -4.24
C THR E 58 -70.88 139.57 -2.75
N TRP E 59 -69.62 139.82 -2.41
CA TRP E 59 -69.17 139.85 -1.03
C TRP E 59 -70.02 140.91 -0.31
N ASP E 60 -70.29 142.01 -1.00
CA ASP E 60 -71.11 143.08 -0.43
C ASP E 60 -72.53 142.55 -0.22
N SER E 61 -73.00 141.72 -1.16
CA SER E 61 -74.34 141.13 -1.07
C SER E 61 -74.51 140.32 0.20
N ILE E 62 -73.46 139.60 0.58
CA ILE E 62 -73.50 138.76 1.76
C ILE E 62 -73.39 139.59 3.03
N GLY E 63 -73.20 140.89 2.86
CA GLY E 63 -73.07 141.78 4.01
C GLY E 63 -71.71 141.65 4.65
N ARG E 64 -70.72 141.28 3.83
CA ARG E 64 -69.35 141.11 4.29
C ARG E 64 -69.26 140.41 5.62
N ARG E 65 -69.88 139.24 5.70
CA ARG E 65 -69.87 138.41 6.90
C ARG E 65 -69.62 136.99 6.44
N PRO E 66 -68.69 136.29 7.09
CA PRO E 66 -68.33 134.91 6.77
C PRO E 66 -69.48 133.91 6.76
N LEU E 67 -69.34 132.86 5.95
CA LEU E 67 -70.34 131.81 5.87
C LEU E 67 -69.81 130.64 6.70
N LYS E 68 -70.51 130.33 7.78
CA LYS E 68 -70.13 129.25 8.70
C LYS E 68 -69.48 128.01 8.05
N ASN E 69 -68.42 127.52 8.70
CA ASN E 69 -67.70 126.32 8.27
C ASN E 69 -66.94 126.42 6.95
N ARG E 70 -67.06 127.56 6.27
CA ARG E 70 -66.38 127.73 5.00
C ARG E 70 -65.41 128.90 4.99
N ILE E 71 -64.65 129.02 3.92
CA ILE E 71 -63.68 130.10 3.81
C ILE E 71 -64.01 130.92 2.58
N ILE E 72 -64.28 132.19 2.77
CA ILE E 72 -64.63 133.04 1.65
C ILE E 72 -63.39 133.68 1.07
N VAL E 73 -63.29 133.60 -0.26
CA VAL E 73 -62.16 134.17 -0.99
C VAL E 73 -62.72 135.29 -1.88
N VAL E 74 -62.39 136.52 -1.54
CA VAL E 74 -62.89 137.65 -2.31
C VAL E 74 -61.89 138.12 -3.34
N ILE E 75 -62.37 138.35 -4.56
CA ILE E 75 -61.51 138.84 -5.63
C ILE E 75 -61.81 140.32 -5.75
N SER E 76 -60.82 141.14 -5.41
CA SER E 76 -60.96 142.60 -5.49
C SER E 76 -59.59 143.22 -5.74
N SER E 77 -59.60 144.35 -6.44
CA SER E 77 -58.35 145.05 -6.73
C SER E 77 -58.07 146.06 -5.62
N SER E 78 -59.12 146.48 -4.92
CA SER E 78 -59.00 147.45 -3.84
C SER E 78 -58.98 146.82 -2.44
N LEU E 79 -60.05 146.12 -2.09
CA LEU E 79 -60.16 145.48 -0.77
C LEU E 79 -58.83 145.07 -0.15
N PRO E 80 -58.56 145.54 1.07
CA PRO E 80 -57.34 145.25 1.82
C PRO E 80 -57.16 143.78 2.13
N GLN E 81 -55.95 143.28 1.93
CA GLN E 81 -55.64 141.89 2.22
C GLN E 81 -55.39 141.77 3.73
N ASP E 82 -56.48 141.87 4.50
CA ASP E 82 -56.42 141.80 5.96
C ASP E 82 -55.88 140.46 6.48
N GLU E 83 -55.76 140.37 7.79
CA GLU E 83 -55.31 139.17 8.47
C GLU E 83 -56.34 138.90 9.53
N ALA E 84 -57.17 139.92 9.75
CA ALA E 84 -58.25 139.90 10.73
C ALA E 84 -59.05 138.59 10.67
N ASP E 85 -60.08 138.57 9.84
CA ASP E 85 -60.91 137.37 9.72
C ASP E 85 -60.12 136.28 9.02
N PRO E 86 -59.97 135.14 9.68
CA PRO E 86 -59.23 133.99 9.13
C PRO E 86 -60.08 133.19 8.16
N ASN E 87 -61.38 133.48 8.12
CA ASN E 87 -62.30 132.78 7.23
C ASN E 87 -62.57 133.57 5.96
N VAL E 88 -61.99 134.76 5.89
CA VAL E 88 -62.15 135.60 4.71
C VAL E 88 -60.77 136.00 4.26
N VAL E 89 -60.51 135.82 2.97
CA VAL E 89 -59.21 136.15 2.43
C VAL E 89 -59.42 136.84 1.09
N VAL E 90 -58.55 137.81 0.78
CA VAL E 90 -58.65 138.57 -0.46
C VAL E 90 -57.52 138.28 -1.45
N PHE E 91 -57.85 138.32 -2.73
CA PHE E 91 -56.89 138.10 -3.81
C PHE E 91 -57.09 139.14 -4.90
N ARG E 92 -56.01 139.52 -5.56
CA ARG E 92 -56.07 140.55 -6.61
C ARG E 92 -56.63 140.14 -7.96
N ASN E 93 -56.50 138.86 -8.32
CA ASN E 93 -57.02 138.37 -9.59
C ASN E 93 -57.52 136.94 -9.35
N LEU E 94 -58.44 136.49 -10.19
CA LEU E 94 -58.99 135.15 -10.04
C LEU E 94 -57.96 134.03 -10.11
N GLU E 95 -57.02 134.14 -11.04
CA GLU E 95 -56.03 133.08 -11.18
C GLU E 95 -55.22 132.83 -9.91
N ASP E 96 -54.62 133.90 -9.38
CA ASP E 96 -53.83 133.77 -8.18
C ASP E 96 -54.60 133.08 -7.06
N SER E 97 -55.87 133.48 -6.90
CA SER E 97 -56.70 132.88 -5.86
C SER E 97 -56.75 131.38 -6.05
N ILE E 98 -56.94 130.92 -7.29
CA ILE E 98 -56.97 129.50 -7.55
C ILE E 98 -55.56 128.91 -7.48
N GLU E 99 -55.12 128.77 -6.24
CA GLU E 99 -53.84 128.20 -5.87
C GLU E 99 -54.29 127.44 -4.64
N ASN E 100 -55.58 127.62 -4.32
CA ASN E 100 -56.23 126.94 -3.21
C ASN E 100 -55.87 125.49 -3.47
N LEU E 101 -55.75 125.18 -4.75
CA LEU E 101 -55.37 123.86 -5.21
C LEU E 101 -53.95 123.62 -4.72
N MET E 102 -53.04 124.41 -5.29
CA MET E 102 -51.59 124.36 -5.02
C MET E 102 -51.13 124.43 -3.58
N ASN E 103 -52.06 124.25 -2.64
CA ASN E 103 -51.71 124.30 -1.23
C ASN E 103 -52.96 124.12 -0.39
N ASP E 104 -52.97 124.81 0.75
CA ASP E 104 -54.09 124.75 1.67
C ASP E 104 -54.74 123.41 1.48
N ASP E 105 -53.99 122.37 1.80
CA ASP E 105 -54.50 121.01 1.69
C ASP E 105 -55.63 120.94 2.70
N SER E 106 -55.81 122.06 3.38
CA SER E 106 -56.87 122.25 4.36
C SER E 106 -58.17 122.54 3.60
N ILE E 107 -58.02 123.00 2.36
CA ILE E 107 -59.14 123.32 1.49
C ILE E 107 -59.43 122.07 0.65
N GLU E 108 -60.55 121.40 0.92
CA GLU E 108 -60.90 120.20 0.18
C GLU E 108 -61.52 120.44 -1.20
N ASN E 109 -62.46 121.38 -1.29
CA ASN E 109 -63.12 121.68 -2.56
C ASN E 109 -63.26 123.17 -2.79
N ILE E 110 -63.36 123.56 -4.05
CA ILE E 110 -63.50 124.96 -4.40
C ILE E 110 -64.82 125.23 -5.11
N PHE E 111 -65.39 126.39 -4.81
CA PHE E 111 -66.66 126.78 -5.40
C PHE E 111 -66.59 128.22 -5.89
N VAL E 112 -66.91 128.42 -7.16
CA VAL E 112 -66.93 129.76 -7.73
C VAL E 112 -68.35 130.20 -7.44
N CYS E 113 -68.48 131.09 -6.46
CA CYS E 113 -69.77 131.57 -6.01
C CYS E 113 -70.38 132.83 -6.58
N GLY E 114 -69.89 133.33 -7.69
CA GLY E 114 -70.59 134.48 -8.19
C GLY E 114 -69.95 135.80 -8.52
N GLY E 115 -70.74 136.51 -9.32
CA GLY E 115 -70.38 137.79 -9.85
C GLY E 115 -70.33 137.46 -11.32
N GLU E 116 -71.17 138.10 -12.13
CA GLU E 116 -71.15 137.83 -13.56
C GLU E 116 -69.69 137.83 -14.00
N SER E 117 -68.97 138.86 -13.59
CA SER E 117 -67.56 138.98 -13.94
C SER E 117 -66.75 137.73 -13.55
N ILE E 118 -66.84 137.32 -12.29
CA ILE E 118 -66.10 136.15 -11.84
C ILE E 118 -66.54 134.86 -12.54
N TYR E 119 -67.84 134.73 -12.83
CA TYR E 119 -68.31 133.54 -13.50
C TYR E 119 -67.69 133.49 -14.89
N ARG E 120 -67.94 134.55 -15.65
CA ARG E 120 -67.43 134.70 -17.01
C ARG E 120 -65.92 134.42 -17.09
N ASP E 121 -65.17 134.94 -16.12
CA ASP E 121 -63.74 134.73 -16.11
C ASP E 121 -63.38 133.30 -15.75
N ALA E 122 -64.09 132.74 -14.78
CA ALA E 122 -63.85 131.38 -14.34
C ALA E 122 -64.00 130.42 -15.52
N LEU E 123 -65.05 130.61 -16.31
CA LEU E 123 -65.29 129.77 -17.46
C LEU E 123 -64.22 130.01 -18.53
N LYS E 124 -64.07 131.28 -18.92
CA LYS E 124 -63.11 131.67 -19.94
C LYS E 124 -61.69 131.12 -19.77
N ASP E 125 -61.21 131.12 -18.54
CA ASP E 125 -59.87 130.63 -18.25
C ASP E 125 -59.88 129.15 -17.92
N ASN E 126 -60.98 128.49 -18.26
CA ASN E 126 -61.12 127.06 -18.04
C ASN E 126 -60.72 126.55 -16.64
N PHE E 127 -61.23 127.20 -15.60
CA PHE E 127 -60.92 126.85 -14.22
C PHE E 127 -61.95 125.91 -13.59
N VAL E 128 -63.18 125.97 -14.07
CA VAL E 128 -64.25 125.17 -13.50
C VAL E 128 -64.47 123.79 -14.13
N ASP E 129 -64.67 122.82 -13.25
CA ASP E 129 -64.91 121.43 -13.62
C ASP E 129 -66.40 121.11 -13.68
N ARG E 130 -67.16 121.71 -12.78
CA ARG E 130 -68.59 121.44 -12.69
C ARG E 130 -69.45 122.71 -12.54
N ILE E 131 -70.75 122.57 -12.81
CA ILE E 131 -71.68 123.69 -12.67
C ILE E 131 -72.98 123.23 -12.03
N TYR E 132 -73.34 123.83 -10.89
CA TYR E 132 -74.60 123.51 -10.22
C TYR E 132 -75.50 124.69 -10.58
N LEU E 133 -76.46 124.45 -11.47
CA LEU E 133 -77.33 125.51 -11.94
C LEU E 133 -78.77 125.37 -11.47
N THR E 134 -79.25 126.36 -10.73
CA THR E 134 -80.63 126.35 -10.29
C THR E 134 -81.41 127.22 -11.26
N ARG E 135 -82.23 126.59 -12.10
CA ARG E 135 -83.03 127.31 -13.08
C ARG E 135 -84.30 127.85 -12.42
N VAL E 136 -84.46 129.17 -12.42
CA VAL E 136 -85.61 129.80 -11.82
C VAL E 136 -86.57 130.26 -12.92
N ALA E 137 -87.85 129.92 -12.74
CA ALA E 137 -88.87 130.21 -13.72
C ALA E 137 -89.57 131.55 -13.75
N LEU E 138 -88.85 132.66 -13.59
CA LEU E 138 -89.52 133.96 -13.74
C LEU E 138 -88.66 134.76 -14.69
N GLU E 139 -89.27 135.14 -15.81
CA GLU E 139 -88.54 135.81 -16.86
C GLU E 139 -88.92 137.22 -17.29
N ASP E 140 -90.01 137.77 -16.79
CA ASP E 140 -90.35 139.12 -17.24
C ASP E 140 -90.18 140.14 -16.13
N ILE E 141 -88.97 140.21 -15.61
CA ILE E 141 -88.61 141.12 -14.55
C ILE E 141 -87.23 141.67 -14.86
N GLU E 142 -86.87 142.78 -14.22
CA GLU E 142 -85.59 143.42 -14.48
C GLU E 142 -84.37 142.65 -13.97
N PHE E 143 -83.33 142.63 -14.81
CA PHE E 143 -82.06 141.97 -14.49
C PHE E 143 -80.92 142.88 -14.89
N ASP E 144 -79.86 142.93 -14.09
CA ASP E 144 -78.71 143.73 -14.47
C ASP E 144 -77.43 142.91 -14.42
N THR E 145 -77.56 141.66 -13.98
CA THR E 145 -76.43 140.75 -13.89
C THR E 145 -76.85 139.40 -14.48
N TYR E 146 -75.96 138.78 -15.24
CA TYR E 146 -76.27 137.53 -15.90
C TYR E 146 -75.22 136.45 -15.71
N PHE E 147 -75.61 135.21 -15.98
CA PHE E 147 -74.69 134.10 -15.91
C PHE E 147 -74.32 133.83 -17.37
N PRO E 148 -73.02 133.83 -17.70
CA PRO E 148 -72.62 133.59 -19.09
C PRO E 148 -73.17 132.27 -19.64
N GLU E 149 -73.16 132.15 -20.97
CA GLU E 149 -73.65 130.92 -21.61
C GLU E 149 -72.67 129.80 -21.29
N ILE E 150 -73.20 128.63 -20.96
CA ILE E 150 -72.35 127.50 -20.63
C ILE E 150 -71.59 127.01 -21.85
N PRO E 151 -70.25 127.05 -21.79
CA PRO E 151 -69.43 126.59 -22.91
C PRO E 151 -69.71 125.14 -23.30
N GLU E 152 -69.68 124.88 -24.60
CA GLU E 152 -69.94 123.56 -25.14
C GLU E 152 -69.19 122.42 -24.49
N THR E 153 -68.05 122.72 -23.88
CA THR E 153 -67.27 121.67 -23.24
C THR E 153 -68.00 121.08 -22.05
N PHE E 154 -69.13 121.70 -21.70
CA PHE E 154 -69.95 121.28 -20.57
C PHE E 154 -71.23 120.55 -21.00
N LEU E 155 -71.50 119.41 -20.37
CA LEU E 155 -72.71 118.67 -20.68
C LEU E 155 -73.52 118.39 -19.44
N PRO E 156 -74.86 118.52 -19.55
CA PRO E 156 -75.73 118.27 -18.40
C PRO E 156 -75.77 116.78 -18.08
N VAL E 157 -75.69 116.44 -16.79
CA VAL E 157 -75.72 115.05 -16.39
C VAL E 157 -76.86 114.79 -15.41
N TYR E 158 -77.57 115.85 -15.03
CA TYR E 158 -78.69 115.74 -14.10
C TYR E 158 -79.64 116.92 -14.21
N MET E 159 -80.93 116.64 -14.07
CA MET E 159 -81.98 117.66 -14.12
C MET E 159 -83.09 117.18 -13.18
N SER E 160 -83.23 117.84 -12.04
CA SER E 160 -84.23 117.47 -11.04
C SER E 160 -85.67 117.73 -11.50
N GLN E 161 -86.61 117.25 -10.70
CA GLN E 161 -88.01 117.46 -10.99
C GLN E 161 -88.22 118.95 -10.71
N THR E 162 -89.38 119.47 -11.04
CA THR E 162 -89.64 120.88 -10.77
C THR E 162 -90.16 121.03 -9.33
N PHE E 163 -89.75 122.12 -8.67
CA PHE E 163 -90.19 122.42 -7.32
C PHE E 163 -90.89 123.78 -7.32
N CYS E 164 -91.74 124.04 -6.32
CA CYS E 164 -92.45 125.32 -6.23
C CYS E 164 -92.19 126.07 -4.93
N THR E 165 -92.10 127.38 -5.04
CA THR E 165 -91.91 128.27 -3.89
C THR E 165 -92.57 129.60 -4.27
N LYS E 166 -93.59 129.97 -3.52
CA LYS E 166 -94.33 131.20 -3.77
C LYS E 166 -94.76 131.18 -5.23
N ASN E 167 -95.20 130.01 -5.68
CA ASN E 167 -95.67 129.80 -7.05
C ASN E 167 -94.61 129.94 -8.13
N ILE E 168 -93.35 129.99 -7.71
CA ILE E 168 -92.24 130.10 -8.65
C ILE E 168 -91.69 128.71 -8.89
N SER E 169 -91.60 128.31 -10.16
CA SER E 169 -91.08 127.00 -10.52
C SER E 169 -89.56 127.06 -10.65
N TYR E 170 -88.88 125.95 -10.33
CA TYR E 170 -87.42 125.91 -10.48
C TYR E 170 -86.84 124.49 -10.48
N ASP E 171 -85.73 124.32 -11.21
CA ASP E 171 -85.01 123.03 -11.32
C ASP E 171 -83.68 123.15 -10.64
N PHE E 172 -82.96 122.05 -10.71
CA PHE E 172 -81.63 121.92 -10.18
C PHE E 172 -80.95 121.00 -11.18
N MET E 173 -79.95 121.49 -11.91
CA MET E 173 -79.25 120.60 -12.79
C MET E 173 -77.75 120.75 -12.64
N ILE E 174 -77.02 119.68 -12.92
CA ILE E 174 -75.58 119.63 -12.82
C ILE E 174 -74.96 119.49 -14.19
N PHE E 175 -74.01 120.36 -14.50
CA PHE E 175 -73.32 120.26 -15.78
C PHE E 175 -71.89 119.87 -15.46
N GLU E 176 -71.38 118.85 -16.12
CA GLU E 176 -70.02 118.41 -15.90
C GLU E 176 -69.19 118.63 -17.16
N LYS E 177 -67.95 119.04 -16.97
CA LYS E 177 -67.06 119.30 -18.10
C LYS E 177 -66.42 118.01 -18.51
N GLN E 178 -67.15 117.24 -19.29
CA GLN E 178 -66.66 115.96 -19.75
C GLN E 178 -66.46 116.01 -21.26
N GLU E 179 -65.88 114.94 -21.78
CA GLU E 179 -65.64 114.71 -23.22
C GLU E 179 -64.33 114.02 -23.60
N LYS E 180 -64.13 112.86 -23.00
CA LYS E 180 -63.01 111.94 -23.24
C LYS E 180 -63.83 110.67 -23.36
N LYS E 181 -64.41 110.46 -24.53
CA LYS E 181 -65.29 109.32 -24.72
C LYS E 181 -65.33 108.65 -26.09
N THR E 182 -66.55 108.55 -26.59
CA THR E 182 -66.88 107.94 -27.88
C THR E 182 -68.38 107.65 -27.76
N LEU E 183 -68.91 106.76 -28.61
CA LEU E 183 -70.33 106.40 -28.59
C LEU E 183 -70.94 106.46 -27.18
N GLN E 184 -70.67 105.42 -26.38
CA GLN E 184 -71.19 105.30 -25.02
C GLN E 184 -72.69 104.96 -25.06
N ASN E 185 -73.06 103.87 -24.38
CA ASN E 185 -74.45 103.43 -24.35
C ASN E 185 -75.33 104.33 -23.48
N CYS E 186 -76.52 104.62 -23.99
CA CYS E 186 -77.45 105.47 -23.26
C CYS E 186 -78.16 104.67 -22.17
N ASP E 187 -78.31 103.37 -22.36
CA ASP E 187 -78.97 102.55 -21.35
C ASP E 187 -78.10 102.54 -20.08
N PRO E 188 -78.65 103.03 -18.97
CA PRO E 188 -77.96 103.10 -17.68
C PRO E 188 -77.74 101.74 -17.03
N ALA E 189 -78.39 100.71 -17.57
CA ALA E 189 -78.25 99.37 -17.02
C ALA E 189 -76.92 98.73 -17.45
N ARG E 190 -76.43 99.15 -18.61
CA ARG E 190 -75.18 98.60 -19.12
C ARG E 190 -74.00 99.36 -18.55
N GLY E 191 -72.83 98.72 -18.62
CA GLY E 191 -71.63 99.36 -18.11
C GLY E 191 -71.39 99.10 -16.65
N GLN E 192 -72.29 98.36 -16.00
CA GLN E 192 -72.12 98.06 -14.58
C GLN E 192 -71.03 96.99 -14.43
N LEU E 193 -71.16 95.89 -15.16
CA LEU E 193 -70.13 94.85 -15.16
C LEU E 193 -70.21 94.09 -16.49
N LYS E 194 -69.05 93.94 -17.13
CA LYS E 194 -68.96 93.29 -18.43
C LYS E 194 -69.63 91.93 -18.52
N SER E 195 -69.46 91.10 -17.50
CA SER E 195 -70.07 89.77 -17.53
C SER E 195 -71.57 89.86 -17.88
N ILE E 196 -72.29 90.73 -17.18
CA ILE E 196 -73.71 90.86 -17.47
C ILE E 196 -73.94 91.37 -18.89
N ASP E 197 -73.23 92.43 -19.27
CA ASP E 197 -73.42 92.98 -20.61
C ASP E 197 -73.12 91.95 -21.70
N ASP E 198 -71.96 91.29 -21.63
CA ASP E 198 -71.59 90.30 -22.62
C ASP E 198 -72.60 89.18 -22.73
N THR E 199 -72.97 88.62 -21.57
CA THR E 199 -73.93 87.52 -21.53
C THR E 199 -75.26 87.94 -22.18
N VAL E 200 -75.80 89.07 -21.77
CA VAL E 200 -77.06 89.54 -22.33
C VAL E 200 -76.93 89.71 -23.86
N ASP E 201 -75.81 90.26 -24.30
CA ASP E 201 -75.60 90.45 -25.73
C ASP E 201 -75.65 89.12 -26.46
N LEU E 202 -74.84 88.18 -25.97
CA LEU E 202 -74.76 86.83 -26.54
C LEU E 202 -76.10 86.14 -26.52
N LEU E 203 -76.75 86.16 -25.36
CA LEU E 203 -78.07 85.56 -25.21
C LEU E 203 -78.98 86.24 -26.24
N GLY E 204 -78.71 87.51 -26.47
CA GLY E 204 -79.48 88.29 -27.43
C GLY E 204 -79.25 87.81 -28.85
N GLU E 205 -78.04 87.32 -29.13
CA GLU E 205 -77.70 86.80 -30.46
C GLU E 205 -78.36 85.44 -30.67
N ILE E 206 -78.23 84.56 -29.68
CA ILE E 206 -78.81 83.23 -29.77
C ILE E 206 -80.31 83.31 -30.02
N PHE E 207 -81.06 83.76 -29.04
CA PHE E 207 -82.50 83.94 -29.17
C PHE E 207 -82.57 85.27 -29.90
N GLY E 208 -83.74 85.70 -30.33
CA GLY E 208 -83.75 86.98 -31.01
C GLY E 208 -84.85 87.81 -30.44
N ILE E 209 -85.93 87.86 -31.20
CA ILE E 209 -87.15 88.57 -30.84
C ILE E 209 -87.71 87.72 -29.69
N ARG E 210 -87.10 86.56 -29.49
CA ARG E 210 -87.51 85.63 -28.44
C ARG E 210 -87.13 86.14 -27.08
N LYS E 211 -86.02 86.87 -26.98
CA LYS E 211 -85.64 87.42 -25.71
C LYS E 211 -86.42 88.73 -25.62
N MET E 212 -87.37 88.79 -24.68
CA MET E 212 -88.21 89.97 -24.53
C MET E 212 -87.43 91.27 -24.57
N GLY E 213 -86.29 91.29 -23.89
CA GLY E 213 -85.45 92.48 -23.90
C GLY E 213 -85.24 93.02 -25.30
N ASN E 214 -85.06 92.15 -26.29
CA ASN E 214 -84.83 92.61 -27.66
C ASN E 214 -86.06 93.29 -28.24
N ARG E 215 -87.22 93.06 -27.63
CA ARG E 215 -88.47 93.66 -28.09
C ARG E 215 -88.64 95.04 -27.44
N HIS E 216 -87.80 95.32 -26.45
CA HIS E 216 -87.83 96.58 -25.73
C HIS E 216 -86.43 97.21 -25.76
N LYS E 217 -85.89 97.35 -26.97
CA LYS E 217 -84.57 97.95 -27.14
C LYS E 217 -84.52 99.35 -26.57
N PHE E 218 -83.38 99.70 -25.97
CA PHE E 218 -83.20 101.02 -25.38
C PHE E 218 -82.91 102.05 -26.48
N PRO E 219 -83.58 103.21 -26.42
CA PRO E 219 -83.40 104.25 -27.42
C PRO E 219 -81.96 104.57 -27.82
N LYS E 220 -81.74 104.68 -29.12
CA LYS E 220 -80.44 105.03 -29.68
C LYS E 220 -80.22 106.52 -29.41
N GLU E 221 -78.99 106.90 -29.10
CA GLU E 221 -78.66 108.28 -28.80
C GLU E 221 -79.31 109.35 -29.69
N GLU E 222 -79.32 109.12 -31.00
CA GLU E 222 -79.88 110.10 -31.91
C GLU E 222 -81.37 110.39 -31.75
N ILE E 223 -82.08 109.57 -30.98
CA ILE E 223 -83.50 109.82 -30.78
C ILE E 223 -83.83 109.92 -29.30
N TYR E 224 -82.78 110.12 -28.51
CA TYR E 224 -82.91 110.25 -27.05
C TYR E 224 -82.70 111.73 -26.73
N ASN E 225 -83.66 112.34 -26.04
CA ASN E 225 -83.57 113.76 -25.68
C ASN E 225 -82.44 113.99 -24.66
N THR E 226 -81.75 115.13 -24.76
CA THR E 226 -80.65 115.46 -23.84
C THR E 226 -79.92 114.20 -23.36
N PRO E 227 -79.26 113.48 -24.28
CA PRO E 227 -78.49 112.25 -24.07
C PRO E 227 -77.45 112.22 -22.97
N SER E 228 -76.81 113.35 -22.71
CA SER E 228 -75.78 113.40 -21.67
C SER E 228 -76.33 113.10 -20.29
N ILE E 229 -77.60 113.42 -20.07
CA ILE E 229 -78.21 113.12 -18.78
C ILE E 229 -78.61 111.66 -18.84
N ARG E 230 -77.73 110.81 -18.35
CA ARG E 230 -77.92 109.38 -18.38
C ARG E 230 -78.50 108.82 -17.10
N PHE E 231 -77.98 109.26 -15.96
CA PHE E 231 -78.48 108.77 -14.69
C PHE E 231 -79.19 109.84 -13.87
N GLY E 232 -79.54 110.95 -14.52
CA GLY E 232 -80.22 112.00 -13.79
C GLY E 232 -81.46 112.53 -14.46
N ARG E 233 -82.15 111.72 -15.25
CA ARG E 233 -83.35 112.21 -15.92
C ARG E 233 -84.54 112.24 -14.96
N GLU E 234 -84.42 113.07 -13.93
CA GLU E 234 -85.44 113.19 -12.89
C GLU E 234 -86.65 114.05 -13.27
N HIS E 235 -86.45 115.03 -14.14
CA HIS E 235 -87.55 115.90 -14.56
C HIS E 235 -88.61 114.97 -15.15
N TYR E 236 -89.85 115.07 -14.69
CA TYR E 236 -90.87 114.17 -15.22
C TYR E 236 -91.28 114.39 -16.67
N GLU E 237 -90.79 115.45 -17.29
CA GLU E 237 -91.14 115.65 -18.71
C GLU E 237 -90.43 114.54 -19.51
N PHE E 238 -89.43 113.91 -18.90
CA PHE E 238 -88.71 112.81 -19.56
C PHE E 238 -89.59 111.58 -19.66
N GLN E 239 -90.65 111.54 -18.86
CA GLN E 239 -91.57 110.42 -18.87
C GLN E 239 -92.25 110.37 -20.22
N TYR E 240 -92.48 111.55 -20.80
CA TYR E 240 -93.12 111.65 -22.11
C TYR E 240 -92.07 111.64 -23.21
N LEU E 241 -91.05 112.47 -23.06
CA LEU E 241 -90.01 112.50 -24.07
C LEU E 241 -89.42 111.10 -24.28
N ASP E 242 -89.23 110.36 -23.21
CA ASP E 242 -88.68 109.02 -23.33
C ASP E 242 -89.64 107.99 -23.91
N LEU E 243 -90.94 108.17 -23.69
CA LEU E 243 -91.90 107.24 -24.26
C LEU E 243 -91.83 107.47 -25.77
N LEU E 244 -91.59 108.72 -26.14
CA LEU E 244 -91.49 109.11 -27.54
C LEU E 244 -90.32 108.36 -28.15
N SER E 245 -89.16 108.45 -27.49
CA SER E 245 -87.95 107.80 -27.95
C SER E 245 -88.16 106.29 -28.04
N ARG E 246 -88.81 105.74 -27.02
CA ARG E 246 -89.05 104.32 -26.96
C ARG E 246 -89.86 103.77 -28.14
N VAL E 247 -90.89 104.49 -28.62
CA VAL E 247 -91.65 103.97 -29.75
C VAL E 247 -90.89 104.28 -31.04
N LEU E 248 -90.12 105.36 -31.04
CA LEU E 248 -89.34 105.69 -32.22
C LEU E 248 -88.32 104.56 -32.44
N GLU E 249 -87.91 103.94 -31.35
CA GLU E 249 -86.94 102.85 -31.39
C GLU E 249 -87.57 101.49 -31.68
N ASN E 250 -88.67 101.18 -30.99
CA ASN E 250 -89.32 99.88 -31.16
C ASN E 250 -90.65 99.85 -31.90
N GLY E 251 -91.29 101.01 -32.01
CA GLY E 251 -92.59 101.09 -32.67
C GLY E 251 -92.75 100.28 -33.95
N ALA E 252 -93.71 99.37 -33.94
CA ALA E 252 -93.99 98.54 -35.10
C ALA E 252 -94.79 99.37 -36.10
N TYR E 253 -94.45 99.30 -37.37
CA TYR E 253 -95.15 100.07 -38.40
C TYR E 253 -96.49 99.39 -38.70
N ARG E 254 -97.58 100.10 -38.51
CA ARG E 254 -98.87 99.50 -38.77
C ARG E 254 -99.98 100.47 -39.16
N GLU E 255 -100.87 99.99 -40.03
CA GLU E 255 -102.00 100.75 -40.52
C GLU E 255 -103.11 100.83 -39.45
N ASN E 256 -104.10 101.70 -39.68
CA ASN E 256 -105.22 101.86 -38.74
C ASN E 256 -106.41 102.50 -39.45
N ARG E 257 -107.52 102.66 -38.73
CA ARG E 257 -108.75 103.26 -39.28
C ARG E 257 -108.52 104.56 -40.08
N THR E 258 -107.59 105.39 -39.60
CA THR E 258 -107.30 106.63 -40.30
C THR E 258 -106.38 106.26 -41.47
N GLY E 259 -106.21 107.18 -42.42
CA GLY E 259 -105.35 106.87 -43.55
C GLY E 259 -103.86 106.93 -43.27
N ILE E 260 -103.47 107.46 -42.11
CA ILE E 260 -102.05 107.58 -41.79
C ILE E 260 -101.57 106.45 -40.88
N SER E 261 -100.51 105.78 -41.31
CA SER E 261 -99.94 104.68 -40.53
C SER E 261 -99.20 105.23 -39.33
N THR E 262 -98.98 104.37 -38.33
CA THR E 262 -98.28 104.76 -37.13
C THR E 262 -97.18 103.77 -36.77
N TYR E 263 -96.41 104.12 -35.76
CA TYR E 263 -95.36 103.25 -35.25
C TYR E 263 -95.84 103.07 -33.83
N SER E 264 -96.20 101.84 -33.45
CA SER E 264 -96.70 101.66 -32.09
C SER E 264 -96.14 100.49 -31.29
N ILE E 265 -96.23 100.64 -29.98
CA ILE E 265 -95.80 99.63 -29.04
C ILE E 265 -96.97 99.52 -28.06
N PHE E 266 -97.14 98.36 -27.43
CA PHE E 266 -98.28 98.15 -26.53
C PHE E 266 -97.96 98.08 -25.04
N GLY E 267 -98.72 98.81 -24.22
CA GLY E 267 -98.51 98.82 -22.78
C GLY E 267 -97.35 99.67 -22.30
N GLN E 268 -97.59 100.95 -22.08
CA GLN E 268 -96.55 101.86 -21.60
C GLN E 268 -97.07 102.64 -20.41
N MET E 269 -96.16 103.33 -19.71
CA MET E 269 -96.52 104.09 -18.52
C MET E 269 -95.81 105.44 -18.41
N MET E 270 -96.47 106.40 -17.79
CA MET E 270 -95.92 107.74 -17.55
C MET E 270 -96.34 108.21 -16.17
N ARG E 271 -95.39 108.79 -15.44
CA ARG E 271 -95.67 109.31 -14.10
C ARG E 271 -95.46 110.83 -14.06
N PHE E 272 -96.29 111.52 -13.29
CA PHE E 272 -96.15 112.96 -13.17
C PHE E 272 -96.48 113.47 -11.78
N ASP E 273 -95.59 114.27 -11.23
CA ASP E 273 -95.84 114.84 -9.93
C ASP E 273 -96.77 116.04 -10.16
N MET E 274 -97.68 116.27 -9.21
CA MET E 274 -98.59 117.40 -9.32
C MET E 274 -98.53 118.23 -8.06
N ARG E 275 -97.72 117.79 -7.09
CA ARG E 275 -97.59 118.51 -5.85
C ARG E 275 -96.77 119.79 -6.04
N GLU E 276 -95.59 119.66 -6.65
CA GLU E 276 -94.72 120.81 -6.85
C GLU E 276 -94.79 121.50 -8.20
N SER E 277 -95.64 121.02 -9.12
CA SER E 277 -95.75 121.65 -10.44
C SER E 277 -96.86 121.04 -11.29
N PHE E 278 -97.14 121.68 -12.43
CA PHE E 278 -98.17 121.21 -13.34
C PHE E 278 -97.51 120.63 -14.58
N PRO E 279 -97.84 119.39 -14.94
CA PRO E 279 -97.25 118.74 -16.10
C PRO E 279 -97.67 119.26 -17.49
N LEU E 280 -97.34 120.50 -17.79
CA LEU E 280 -97.65 121.05 -19.11
C LEU E 280 -96.29 121.09 -19.83
N LEU E 281 -96.12 120.19 -20.81
CA LEU E 281 -94.85 120.10 -21.56
C LEU E 281 -94.20 121.43 -21.87
N THR E 282 -92.88 121.48 -21.76
CA THR E 282 -92.17 122.73 -22.05
C THR E 282 -91.43 122.65 -23.37
N THR E 283 -91.15 121.44 -23.83
CA THR E 283 -90.42 121.27 -25.08
C THR E 283 -91.25 121.64 -26.32
N LYS E 284 -92.45 122.15 -26.07
CA LYS E 284 -93.37 122.55 -27.13
C LYS E 284 -94.49 123.32 -26.45
N LYS E 285 -94.89 124.46 -27.00
CA LYS E 285 -95.97 125.25 -26.42
C LYS E 285 -97.31 124.52 -26.53
N VAL E 286 -97.99 124.32 -25.40
CA VAL E 286 -99.27 123.64 -25.40
C VAL E 286 -100.44 124.56 -25.05
N ALA E 287 -101.51 124.49 -25.84
CA ALA E 287 -102.70 125.33 -25.64
C ALA E 287 -103.54 124.93 -24.44
N ILE E 288 -103.22 125.52 -23.29
CA ILE E 288 -103.93 125.21 -22.06
C ILE E 288 -105.42 125.56 -22.13
N ARG E 289 -105.76 126.71 -22.72
CA ARG E 289 -107.16 127.11 -22.78
C ARG E 289 -108.02 126.05 -23.46
N SER E 290 -107.57 125.60 -24.63
CA SER E 290 -108.31 124.58 -25.37
C SER E 290 -108.54 123.36 -24.48
N ILE E 291 -107.50 122.94 -23.77
CA ILE E 291 -107.58 121.80 -22.87
C ILE E 291 -108.72 122.04 -21.89
N PHE E 292 -108.62 123.15 -21.16
CA PHE E 292 -109.64 123.50 -20.17
C PHE E 292 -111.06 123.46 -20.76
N GLU E 293 -111.25 124.19 -21.86
CA GLU E 293 -112.56 124.24 -22.47
C GLU E 293 -113.13 122.86 -22.84
N GLU E 294 -112.28 121.89 -23.15
CA GLU E 294 -112.78 120.55 -23.47
C GLU E 294 -113.14 119.84 -22.17
N LEU E 295 -112.39 120.12 -21.11
CA LEU E 295 -112.61 119.47 -19.83
C LEU E 295 -113.95 119.87 -19.17
N ILE E 296 -114.24 121.16 -19.03
CA ILE E 296 -115.52 121.52 -18.40
C ILE E 296 -116.63 121.01 -19.29
N TRP E 297 -116.36 120.99 -20.59
CA TRP E 297 -117.32 120.49 -21.54
C TRP E 297 -117.71 119.06 -21.12
N PHE E 298 -116.69 118.23 -20.86
CA PHE E 298 -116.94 116.86 -20.42
C PHE E 298 -117.67 116.91 -19.09
N ILE E 299 -117.11 117.67 -18.15
CA ILE E 299 -117.68 117.80 -16.82
C ILE E 299 -119.18 118.12 -16.82
N LYS E 300 -119.58 118.98 -17.75
CA LYS E 300 -120.96 119.40 -17.90
C LYS E 300 -121.82 118.25 -18.43
N GLY E 301 -121.19 117.29 -19.10
CA GLY E 301 -121.93 116.18 -19.66
C GLY E 301 -122.37 116.57 -21.05
N ASP E 302 -121.73 117.59 -21.60
CA ASP E 302 -122.06 118.11 -22.92
C ASP E 302 -121.49 117.23 -24.03
N THR E 303 -122.26 117.07 -25.10
CA THR E 303 -121.85 116.26 -26.23
C THR E 303 -121.98 117.05 -27.54
N ASN E 304 -122.39 118.31 -27.42
CA ASN E 304 -122.57 119.17 -28.57
C ASN E 304 -121.26 119.81 -29.02
N GLY E 305 -120.67 119.25 -30.06
CA GLY E 305 -119.41 119.75 -30.60
C GLY E 305 -119.38 121.19 -31.07
N ASN E 306 -120.56 121.81 -31.16
CA ASN E 306 -120.66 123.20 -31.58
C ASN E 306 -120.09 124.09 -30.49
N HIS E 307 -120.55 123.83 -29.27
CA HIS E 307 -120.12 124.59 -28.11
C HIS E 307 -118.60 124.72 -28.04
N LEU E 308 -117.88 123.69 -28.47
CA LEU E 308 -116.43 123.73 -28.47
C LEU E 308 -115.94 124.65 -29.57
N ILE E 309 -116.51 124.49 -30.77
CA ILE E 309 -116.14 125.31 -31.90
C ILE E 309 -116.36 126.78 -31.52
N GLU E 310 -117.49 127.05 -30.86
CA GLU E 310 -117.81 128.39 -30.42
C GLU E 310 -116.70 128.95 -29.53
N LYS E 311 -116.21 128.14 -28.60
CA LYS E 311 -115.12 128.58 -27.74
C LYS E 311 -113.79 128.40 -28.49
N LYS E 312 -113.89 128.43 -29.82
CA LYS E 312 -112.73 128.28 -30.69
C LYS E 312 -111.79 127.12 -30.39
N VAL E 313 -112.39 125.94 -30.16
CA VAL E 313 -111.67 124.69 -29.91
C VAL E 313 -112.16 123.80 -31.06
N TYR E 314 -111.24 123.33 -31.89
CA TYR E 314 -111.63 122.54 -33.06
C TYR E 314 -111.23 121.08 -33.17
N ILE E 315 -110.74 120.47 -32.11
CA ILE E 315 -110.34 119.07 -32.21
C ILE E 315 -111.45 118.09 -32.56
N TRP E 316 -112.66 118.34 -32.06
CA TRP E 316 -113.77 117.45 -32.34
C TRP E 316 -114.52 117.75 -33.64
N SER E 317 -114.01 118.70 -34.42
CA SER E 317 -114.63 119.03 -35.69
C SER E 317 -114.53 117.85 -36.62
N GLY E 318 -113.30 117.36 -36.78
CA GLY E 318 -113.06 116.24 -37.66
C GLY E 318 -114.07 115.12 -37.45
N ASN E 319 -114.11 114.59 -36.24
CA ASN E 319 -115.01 113.49 -35.92
C ASN E 319 -116.44 113.95 -35.72
N GLY E 320 -116.69 115.22 -36.02
CA GLY E 320 -118.03 115.77 -35.88
C GLY E 320 -118.67 116.10 -37.22
N SER E 321 -117.84 116.26 -38.25
CA SER E 321 -118.33 116.59 -39.60
C SER E 321 -119.43 115.67 -40.10
N LYS E 322 -120.26 116.22 -40.97
CA LYS E 322 -121.37 115.48 -41.55
C LYS E 322 -120.88 114.29 -42.38
N GLU E 323 -119.74 114.47 -43.04
CA GLU E 323 -119.15 113.42 -43.89
C GLU E 323 -118.57 112.27 -43.08
N TYR E 324 -118.11 112.57 -41.87
CA TYR E 324 -117.54 111.54 -41.02
C TYR E 324 -118.68 110.72 -40.42
N LEU E 325 -119.70 111.41 -39.93
CA LEU E 325 -120.87 110.77 -39.33
C LEU E 325 -121.56 109.87 -40.35
N GLU E 326 -121.67 110.36 -41.58
CA GLU E 326 -122.29 109.60 -42.67
C GLU E 326 -121.48 108.33 -42.84
N ARG E 327 -120.17 108.52 -42.99
CA ARG E 327 -119.20 107.43 -43.16
C ARG E 327 -119.22 106.36 -42.08
N ILE E 328 -119.53 106.72 -40.83
CA ILE E 328 -119.55 105.72 -39.78
C ILE E 328 -120.96 105.29 -39.40
N GLY E 329 -121.89 105.52 -40.33
CA GLY E 329 -123.28 105.12 -40.11
C GLY E 329 -124.09 105.93 -39.13
N LEU E 330 -123.79 107.23 -39.05
CA LEU E 330 -124.52 108.11 -38.15
C LEU E 330 -124.98 109.33 -38.95
N GLY E 331 -125.24 109.11 -40.24
CA GLY E 331 -125.69 110.18 -41.10
C GLY E 331 -126.98 110.86 -40.68
N HIS E 332 -127.76 110.19 -39.83
CA HIS E 332 -129.03 110.73 -39.34
C HIS E 332 -128.76 111.80 -38.28
N ARG E 333 -127.54 111.77 -37.76
CA ARG E 333 -127.08 112.69 -36.72
C ARG E 333 -126.88 114.13 -37.26
N GLU E 334 -127.06 115.12 -36.38
CA GLU E 334 -126.88 116.52 -36.79
C GLU E 334 -125.39 116.87 -36.89
N GLU E 335 -125.09 117.89 -37.70
CA GLU E 335 -123.73 118.35 -37.96
C GLU E 335 -122.64 118.11 -36.92
N ASN E 336 -122.93 118.36 -35.64
CA ASN E 336 -121.90 118.14 -34.62
C ASN E 336 -122.34 117.37 -33.36
N ASP E 337 -123.39 116.55 -33.52
CA ASP E 337 -123.91 115.76 -32.42
C ASP E 337 -123.03 114.52 -32.27
N LEU E 338 -121.97 114.66 -31.46
CA LEU E 338 -121.02 113.58 -31.25
C LEU E 338 -121.54 112.29 -30.64
N GLY E 339 -122.72 112.35 -30.01
CA GLY E 339 -123.27 111.13 -29.40
C GLY E 339 -122.91 110.95 -27.93
N PRO E 340 -123.28 109.81 -27.34
CA PRO E 340 -123.01 109.49 -25.93
C PRO E 340 -121.52 109.34 -25.60
N ILE E 341 -120.70 110.30 -26.01
CA ILE E 341 -119.27 110.20 -25.74
C ILE E 341 -118.92 110.56 -24.29
N TYR E 342 -117.64 110.83 -24.04
CA TYR E 342 -117.19 111.19 -22.69
C TYR E 342 -118.14 112.28 -22.19
N GLY E 343 -118.31 112.37 -20.88
CA GLY E 343 -119.18 113.42 -20.40
C GLY E 343 -120.59 112.90 -20.36
N PHE E 344 -121.07 112.38 -21.49
CA PHE E 344 -122.41 111.84 -21.44
C PHE E 344 -122.30 110.64 -20.52
N GLN E 345 -121.23 109.87 -20.69
CA GLN E 345 -121.04 108.69 -19.87
C GLN E 345 -120.63 109.11 -18.45
N TRP E 346 -119.94 110.24 -18.35
CA TRP E 346 -119.51 110.75 -17.06
C TRP E 346 -120.69 111.17 -16.17
N ARG E 347 -121.64 111.88 -16.77
CA ARG E 347 -122.81 112.38 -16.05
C ARG E 347 -124.09 111.59 -16.25
N HIS E 348 -124.13 110.78 -17.30
CA HIS E 348 -125.32 109.99 -17.61
C HIS E 348 -125.00 108.58 -18.05
N TYR E 349 -124.19 107.86 -17.29
CA TYR E 349 -123.84 106.51 -17.69
C TYR E 349 -125.08 105.67 -17.97
N ASN E 350 -125.07 105.00 -19.12
CA ASN E 350 -126.16 104.14 -19.56
C ASN E 350 -127.44 104.90 -19.91
N GLY E 351 -127.36 106.22 -19.97
CA GLY E 351 -128.54 106.98 -20.31
C GLY E 351 -128.90 106.70 -21.76
N GLU E 352 -130.19 106.65 -22.06
CA GLU E 352 -130.62 106.39 -23.42
C GLU E 352 -130.50 107.68 -24.24
N TYR E 353 -129.46 107.75 -25.06
CA TYR E 353 -129.20 108.93 -25.87
C TYR E 353 -130.18 109.14 -27.01
N LYS E 354 -130.52 110.40 -27.25
CA LYS E 354 -131.41 110.78 -28.34
C LYS E 354 -130.58 111.70 -29.22
N THR E 355 -130.53 112.98 -28.85
CA THR E 355 -129.75 113.94 -29.60
C THR E 355 -129.04 114.87 -28.62
N MET E 356 -128.13 115.69 -29.13
CA MET E 356 -127.39 116.61 -28.30
C MET E 356 -128.26 117.74 -27.74
N HIS E 357 -129.51 117.78 -28.16
CA HIS E 357 -130.40 118.83 -27.69
C HIS E 357 -131.28 118.43 -26.52
N ASP E 358 -131.71 117.16 -26.50
CA ASP E 358 -132.58 116.71 -25.43
C ASP E 358 -131.99 117.05 -24.07
N ASP E 359 -132.86 117.07 -23.06
CA ASP E 359 -132.45 117.37 -21.69
C ASP E 359 -132.34 116.06 -20.93
N TYR E 360 -131.11 115.67 -20.63
CA TYR E 360 -130.85 114.42 -19.93
C TYR E 360 -130.81 114.53 -18.41
N THR E 361 -131.22 115.67 -17.90
CA THR E 361 -131.20 115.85 -16.46
C THR E 361 -131.95 114.71 -15.77
N GLY E 362 -131.24 113.96 -14.93
CA GLY E 362 -131.88 112.86 -14.22
C GLY E 362 -131.69 111.47 -14.83
N VAL E 363 -131.31 111.40 -16.10
CA VAL E 363 -131.13 110.09 -16.72
C VAL E 363 -129.72 109.51 -16.60
N GLY E 364 -129.64 108.19 -16.49
CA GLY E 364 -128.36 107.51 -16.38
C GLY E 364 -127.72 107.63 -15.02
N VAL E 365 -126.51 107.11 -14.86
CA VAL E 365 -125.80 107.18 -13.59
C VAL E 365 -124.80 108.33 -13.62
N ASP E 366 -124.84 109.20 -12.60
CA ASP E 366 -123.92 110.33 -12.54
C ASP E 366 -122.68 109.92 -11.74
N GLN E 367 -121.69 109.40 -12.46
CA GLN E 367 -120.44 108.94 -11.86
C GLN E 367 -119.64 110.09 -11.24
N LEU E 368 -119.46 111.16 -12.01
CA LEU E 368 -118.71 112.30 -11.51
C LEU E 368 -119.27 112.71 -10.16
N ALA E 369 -120.60 112.84 -10.10
CA ALA E 369 -121.22 113.21 -8.84
C ALA E 369 -120.82 112.20 -7.75
N LYS E 370 -121.13 110.92 -7.99
CA LYS E 370 -120.81 109.88 -7.02
C LYS E 370 -119.33 109.85 -6.66
N LEU E 371 -118.49 110.09 -7.65
CA LEU E 371 -117.04 110.08 -7.48
C LEU E 371 -116.68 111.13 -6.44
N ILE E 372 -117.17 112.34 -6.64
CA ILE E 372 -116.90 113.43 -5.73
C ILE E 372 -117.47 113.12 -4.36
N GLU E 373 -118.68 112.57 -4.34
CA GLU E 373 -119.32 112.24 -3.09
C GLU E 373 -118.54 111.17 -2.33
N THR E 374 -118.18 110.10 -3.02
CA THR E 374 -117.45 109.02 -2.41
C THR E 374 -116.03 109.44 -2.01
N LEU E 375 -115.45 110.34 -2.81
CA LEU E 375 -114.10 110.83 -2.54
C LEU E 375 -113.96 111.55 -1.21
N LYS E 376 -114.98 112.32 -0.81
CA LYS E 376 -114.89 113.02 0.46
C LYS E 376 -115.50 112.30 1.64
N ASN E 377 -116.49 111.45 1.40
CA ASN E 377 -117.12 110.72 2.49
C ASN E 377 -116.45 109.39 2.84
N ASN E 378 -115.65 108.87 1.92
CA ASN E 378 -114.98 107.61 2.14
C ASN E 378 -113.67 107.57 1.33
N PRO E 379 -112.72 108.45 1.68
CA PRO E 379 -111.42 108.53 0.99
C PRO E 379 -110.60 107.24 0.82
N LYS E 380 -110.40 106.49 1.89
CA LYS E 380 -109.61 105.27 1.82
C LYS E 380 -110.25 104.21 0.91
N ASP E 381 -111.48 104.46 0.49
CA ASP E 381 -112.21 103.53 -0.38
C ASP E 381 -111.36 103.17 -1.60
N ARG E 382 -111.47 101.92 -2.05
CA ARG E 382 -110.69 101.47 -3.21
C ARG E 382 -111.51 101.40 -4.49
N ARG E 383 -112.65 102.09 -4.53
CA ARG E 383 -113.48 102.07 -5.71
C ARG E 383 -113.78 103.43 -6.34
N HIS E 384 -112.90 104.41 -6.12
CA HIS E 384 -113.07 105.75 -6.71
C HIS E 384 -112.82 105.69 -8.23
N ILE E 385 -113.78 105.15 -8.96
CA ILE E 385 -113.61 104.98 -10.40
C ILE E 385 -114.57 105.73 -11.32
N LEU E 386 -114.03 106.16 -12.44
CA LEU E 386 -114.76 106.88 -13.47
C LEU E 386 -114.48 106.17 -14.80
N THR E 387 -115.54 105.80 -15.53
CA THR E 387 -115.36 105.09 -16.78
C THR E 387 -116.17 105.69 -17.90
N ALA E 388 -115.70 105.51 -19.12
CA ALA E 388 -116.41 106.02 -20.29
C ALA E 388 -116.62 104.86 -21.26
N TRP E 389 -116.15 103.67 -20.90
CA TRP E 389 -116.31 102.52 -21.79
C TRP E 389 -117.63 101.78 -21.57
N ASN E 390 -118.60 102.11 -22.42
CA ASN E 390 -119.92 101.50 -22.34
C ASN E 390 -120.21 100.66 -23.60
N PRO E 391 -120.03 99.33 -23.50
CA PRO E 391 -120.27 98.42 -24.63
C PRO E 391 -121.60 98.68 -25.35
N SER E 392 -122.60 99.12 -24.61
CA SER E 392 -123.91 99.38 -25.19
C SER E 392 -124.05 100.66 -25.97
N ALA E 393 -123.19 101.63 -25.72
CA ALA E 393 -123.28 102.90 -26.41
C ALA E 393 -122.25 103.11 -27.53
N LEU E 394 -121.18 102.32 -27.51
CA LEU E 394 -120.12 102.46 -28.51
C LEU E 394 -120.60 102.83 -29.91
N SER E 395 -121.52 102.03 -30.44
CA SER E 395 -122.03 102.25 -31.80
C SER E 395 -122.56 103.65 -32.08
N GLN E 396 -123.01 104.37 -31.05
CA GLN E 396 -123.55 105.71 -31.24
C GLN E 396 -122.51 106.83 -31.08
N MET E 397 -121.33 106.49 -30.60
CA MET E 397 -120.30 107.49 -30.38
C MET E 397 -119.54 107.84 -31.66
N ALA E 398 -119.26 109.12 -31.85
CA ALA E 398 -118.54 109.56 -33.04
C ALA E 398 -117.16 108.96 -32.97
N LEU E 399 -116.74 108.61 -31.75
CA LEU E 399 -115.44 108.03 -31.51
C LEU E 399 -115.45 107.33 -30.15
N PRO E 400 -114.96 106.08 -30.11
CA PRO E 400 -114.94 105.33 -28.85
C PRO E 400 -113.98 106.01 -27.88
N PRO E 401 -114.26 105.91 -26.57
CA PRO E 401 -113.41 106.53 -25.55
C PRO E 401 -111.93 106.11 -25.63
N CYS E 402 -111.02 107.08 -25.63
CA CYS E 402 -109.60 106.76 -25.63
C CYS E 402 -109.18 106.75 -24.19
N HIS E 403 -109.47 107.83 -23.45
CA HIS E 403 -109.16 107.83 -22.02
C HIS E 403 -110.33 107.08 -21.42
N VAL E 404 -110.21 105.77 -21.53
CA VAL E 404 -111.20 104.80 -21.10
C VAL E 404 -111.63 104.73 -19.64
N LEU E 405 -110.67 104.71 -18.72
CA LEU E 405 -111.03 104.62 -17.31
C LEU E 405 -109.98 105.24 -16.41
N SER E 406 -110.43 105.89 -15.36
CA SER E 406 -109.51 106.52 -14.41
C SER E 406 -109.89 106.17 -12.98
N GLN E 407 -108.90 105.99 -12.12
CA GLN E 407 -109.16 105.70 -10.71
C GLN E 407 -108.50 106.77 -9.85
N TYR E 408 -109.14 107.12 -8.74
CA TYR E 408 -108.61 108.15 -7.86
C TYR E 408 -108.27 107.57 -6.51
N TYR E 409 -107.21 108.13 -5.92
CA TYR E 409 -106.70 107.67 -4.63
C TYR E 409 -106.43 108.86 -3.74
N VAL E 410 -106.82 108.76 -2.47
CA VAL E 410 -106.60 109.85 -1.52
C VAL E 410 -105.51 109.37 -0.57
N THR E 411 -104.36 110.04 -0.62
CA THR E 411 -103.23 109.65 0.23
C THR E 411 -103.51 109.94 1.69
N ASN E 412 -102.71 109.35 2.57
CA ASN E 412 -102.88 109.59 3.99
C ASN E 412 -102.63 111.05 4.35
N ASP E 413 -101.81 111.73 3.56
CA ASP E 413 -101.50 113.13 3.79
C ASP E 413 -102.46 114.03 3.00
N ASN E 414 -103.66 113.51 2.74
CA ASN E 414 -104.71 114.23 2.02
C ASN E 414 -104.39 114.81 0.65
N CYS E 415 -103.61 114.06 -0.12
CA CYS E 415 -103.29 114.46 -1.49
C CYS E 415 -104.17 113.57 -2.35
N LEU E 416 -104.57 114.06 -3.52
CA LEU E 416 -105.41 113.26 -4.41
C LEU E 416 -104.63 112.85 -5.66
N SER E 417 -104.39 111.55 -5.80
CA SER E 417 -103.67 111.05 -6.97
C SER E 417 -104.66 110.48 -7.97
N CYS E 418 -104.21 110.32 -9.21
CA CYS E 418 -105.04 109.81 -10.29
C CYS E 418 -104.32 108.86 -11.22
N ASN E 419 -105.01 107.77 -11.57
CA ASN E 419 -104.53 106.76 -12.52
C ASN E 419 -105.48 106.78 -13.71
N LEU E 420 -104.93 106.73 -14.91
CA LEU E 420 -105.74 106.76 -16.12
C LEU E 420 -105.29 105.69 -17.09
N TYR E 421 -106.24 104.90 -17.60
CA TYR E 421 -105.89 103.89 -18.59
C TYR E 421 -106.39 104.42 -19.91
N GLN E 422 -105.49 104.54 -20.87
CA GLN E 422 -105.83 105.04 -22.19
C GLN E 422 -105.58 103.92 -23.22
N ARG E 423 -106.65 103.43 -23.84
CA ARG E 423 -106.53 102.35 -24.82
C ARG E 423 -105.74 102.73 -26.07
N SER E 424 -105.89 103.97 -26.53
CA SER E 424 -105.20 104.44 -27.71
C SER E 424 -104.66 105.82 -27.40
N CYS E 425 -103.42 106.10 -27.81
CA CYS E 425 -102.82 107.39 -27.50
C CYS E 425 -101.93 107.93 -28.62
N ASP E 426 -102.33 109.07 -29.17
CA ASP E 426 -101.56 109.74 -30.21
C ASP E 426 -100.50 110.56 -29.48
N LEU E 427 -99.31 109.96 -29.31
CA LEU E 427 -98.21 110.62 -28.60
C LEU E 427 -97.84 112.00 -29.11
N GLY E 428 -97.96 112.23 -30.40
CA GLY E 428 -97.56 113.52 -30.92
C GLY E 428 -98.59 114.62 -30.80
N LEU E 429 -99.84 114.27 -31.03
CA LEU E 429 -100.88 115.28 -31.00
C LEU E 429 -101.69 115.32 -29.71
N GLY E 430 -102.32 114.19 -29.37
CA GLY E 430 -103.14 114.15 -28.18
C GLY E 430 -102.50 114.01 -26.81
N SER E 431 -101.64 113.03 -26.63
CA SER E 431 -101.01 112.80 -25.33
C SER E 431 -100.65 114.05 -24.52
N PRO E 432 -99.95 115.03 -25.11
CA PRO E 432 -99.60 116.23 -24.34
C PRO E 432 -100.84 116.84 -23.69
N PHE E 433 -101.93 116.85 -24.44
CA PHE E 433 -103.18 117.40 -23.96
C PHE E 433 -103.83 116.50 -22.91
N ASN E 434 -103.75 115.18 -23.09
CA ASN E 434 -104.34 114.28 -22.10
C ASN E 434 -103.68 114.45 -20.74
N ILE E 435 -102.35 114.51 -20.76
CA ILE E 435 -101.60 114.69 -19.52
C ILE E 435 -102.14 115.91 -18.78
N ALA E 436 -102.09 117.07 -19.43
CA ALA E 436 -102.57 118.30 -18.84
C ALA E 436 -104.04 118.19 -18.42
N SER E 437 -104.87 117.66 -19.32
CA SER E 437 -106.29 117.51 -19.04
C SER E 437 -106.56 116.78 -17.73
N TYR E 438 -106.12 115.53 -17.61
CA TYR E 438 -106.36 114.78 -16.38
C TYR E 438 -105.67 115.41 -15.16
N ALA E 439 -104.62 116.18 -15.39
CA ALA E 439 -103.94 116.85 -14.29
C ALA E 439 -104.94 117.86 -13.72
N ILE E 440 -105.48 118.67 -14.62
CA ILE E 440 -106.45 119.69 -14.23
C ILE E 440 -107.65 119.05 -13.54
N LEU E 441 -108.22 118.03 -14.18
CA LEU E 441 -109.37 117.35 -13.59
C LEU E 441 -109.06 116.91 -12.17
N THR E 442 -107.86 116.37 -11.97
CA THR E 442 -107.52 115.92 -10.64
C THR E 442 -107.52 117.12 -9.69
N MET E 443 -106.92 118.23 -10.13
CA MET E 443 -106.86 119.43 -9.30
C MET E 443 -108.25 119.90 -8.93
N MET E 444 -109.14 119.92 -9.92
CA MET E 444 -110.51 120.34 -9.68
C MET E 444 -111.15 119.40 -8.65
N LEU E 445 -111.11 118.10 -8.92
CA LEU E 445 -111.70 117.14 -8.00
C LEU E 445 -111.13 117.33 -6.61
N ALA E 446 -109.84 117.65 -6.53
CA ALA E 446 -109.17 117.85 -5.25
C ALA E 446 -109.69 119.09 -4.51
N GLN E 447 -109.82 120.19 -5.23
CA GLN E 447 -110.29 121.41 -4.57
C GLN E 447 -111.69 121.19 -4.02
N VAL E 448 -112.55 120.64 -4.87
CA VAL E 448 -113.94 120.38 -4.50
C VAL E 448 -114.06 119.40 -3.34
N CYS E 449 -113.17 118.43 -3.25
CA CYS E 449 -113.23 117.44 -2.17
C CYS E 449 -112.34 117.80 -1.00
N GLY E 450 -111.79 119.01 -1.03
CA GLY E 450 -110.94 119.48 0.06
C GLY E 450 -109.57 118.82 0.19
N TYR E 451 -108.94 118.50 -0.94
CA TYR E 451 -107.62 117.90 -0.92
C TYR E 451 -106.72 118.71 -1.85
N GLU E 452 -105.52 118.21 -2.08
CA GLU E 452 -104.59 118.86 -2.98
C GLU E 452 -104.03 117.82 -3.93
N PRO E 453 -103.62 118.26 -5.13
CA PRO E 453 -103.07 117.32 -6.11
C PRO E 453 -101.92 116.47 -5.59
N GLY E 454 -101.92 115.20 -6.02
CA GLY E 454 -100.88 114.28 -5.61
C GLY E 454 -100.03 113.87 -6.79
N GLU E 455 -100.25 112.67 -7.31
CA GLU E 455 -99.50 112.17 -8.45
C GLU E 455 -100.42 111.74 -9.56
N LEU E 456 -99.91 111.79 -10.80
CA LEU E 456 -100.66 111.39 -11.98
C LEU E 456 -99.90 110.30 -12.73
N ALA E 457 -100.54 109.13 -12.83
CA ALA E 457 -99.93 108.00 -13.52
C ALA E 457 -100.80 107.63 -14.70
N ILE E 458 -100.19 107.52 -15.87
CA ILE E 458 -100.92 107.17 -17.07
C ILE E 458 -100.43 105.86 -17.68
N PHE E 459 -101.39 104.95 -17.89
CA PHE E 459 -101.11 103.63 -18.47
C PHE E 459 -101.67 103.57 -19.88
N ILE E 460 -100.78 103.45 -20.85
CA ILE E 460 -101.17 103.42 -22.24
C ILE E 460 -101.28 102.00 -22.85
N GLY E 461 -102.28 101.83 -23.70
CA GLY E 461 -102.43 100.57 -24.38
C GLY E 461 -101.60 100.72 -25.64
N ASP E 462 -102.23 101.16 -26.72
CA ASP E 462 -101.55 101.34 -27.99
C ASP E 462 -100.92 102.72 -28.06
N ALA E 463 -99.67 102.82 -27.62
CA ALA E 463 -98.95 104.09 -27.66
C ALA E 463 -98.31 104.18 -29.04
N HIS E 464 -98.73 105.18 -29.81
CA HIS E 464 -98.21 105.30 -31.17
C HIS E 464 -97.86 106.72 -31.63
N ILE E 465 -97.14 106.78 -32.75
CA ILE E 465 -96.73 108.02 -33.38
C ILE E 465 -97.16 107.96 -34.84
N TYR E 466 -97.97 108.92 -35.29
CA TYR E 466 -98.38 108.93 -36.69
C TYR E 466 -97.16 109.30 -37.51
N GLU E 467 -96.97 108.60 -38.63
CA GLU E 467 -95.79 108.83 -39.47
C GLU E 467 -95.60 110.25 -39.98
N ASN E 468 -96.68 111.03 -39.96
CA ASN E 468 -96.59 112.42 -40.43
C ASN E 468 -96.17 113.36 -39.31
N HIS E 469 -95.73 112.81 -38.18
CA HIS E 469 -95.29 113.61 -37.05
C HIS E 469 -93.81 113.39 -36.78
N LEU E 470 -93.22 112.44 -37.50
CA LEU E 470 -91.81 112.12 -37.33
C LEU E 470 -90.84 113.29 -37.31
N THR E 471 -90.92 114.18 -38.29
CA THR E 471 -90.02 115.32 -38.31
C THR E 471 -90.32 116.27 -37.13
N GLN E 472 -91.60 116.53 -36.86
CA GLN E 472 -91.97 117.41 -35.76
C GLN E 472 -91.42 116.91 -34.42
N LEU E 473 -91.68 115.64 -34.11
CA LEU E 473 -91.22 115.04 -32.88
C LEU E 473 -89.69 114.96 -32.79
N LYS E 474 -89.02 114.88 -33.94
CA LYS E 474 -87.56 114.83 -33.93
C LYS E 474 -87.09 116.19 -33.44
N GLU E 475 -87.73 117.24 -33.97
CA GLU E 475 -87.44 118.63 -33.62
C GLU E 475 -87.70 118.82 -32.13
N GLN E 476 -88.88 118.39 -31.68
CA GLN E 476 -89.22 118.51 -30.27
C GLN E 476 -88.13 117.83 -29.42
N LEU E 477 -87.74 116.63 -29.81
CA LEU E 477 -86.72 115.89 -29.07
C LEU E 477 -85.35 116.59 -29.01
N SER E 478 -85.14 117.60 -29.84
CA SER E 478 -83.86 118.28 -29.84
C SER E 478 -83.82 119.37 -28.78
N ARG E 479 -84.95 119.66 -28.16
CA ARG E 479 -85.04 120.71 -27.15
C ARG E 479 -84.88 120.17 -25.73
N THR E 480 -84.05 120.82 -24.93
CA THR E 480 -83.85 120.40 -23.53
C THR E 480 -84.98 120.99 -22.69
N PRO E 481 -85.64 120.15 -21.86
CA PRO E 481 -86.73 120.57 -21.00
C PRO E 481 -86.40 121.73 -20.08
N ARG E 482 -87.42 122.53 -19.78
CA ARG E 482 -87.32 123.66 -18.88
C ARG E 482 -88.25 123.26 -17.74
N PRO E 483 -88.10 123.91 -16.57
CA PRO E 483 -88.98 123.55 -15.45
C PRO E 483 -90.46 123.70 -15.77
N PHE E 484 -91.27 122.78 -15.23
CA PHE E 484 -92.70 122.84 -15.48
C PHE E 484 -93.26 124.12 -14.85
N PRO E 485 -94.41 124.59 -15.34
CA PRO E 485 -95.00 125.79 -14.76
C PRO E 485 -95.84 125.39 -13.56
N GLN E 486 -96.62 126.34 -13.04
CA GLN E 486 -97.51 126.09 -11.92
C GLN E 486 -98.91 126.42 -12.43
N LEU E 487 -99.92 125.73 -11.92
CA LEU E 487 -101.28 126.01 -12.33
C LEU E 487 -102.07 126.21 -11.04
N LYS E 488 -102.77 127.34 -10.93
CA LYS E 488 -103.55 127.63 -9.73
C LYS E 488 -104.94 128.18 -10.04
N PHE E 489 -105.87 127.92 -9.13
CA PHE E 489 -107.23 128.39 -9.26
C PHE E 489 -107.33 129.70 -8.49
N LYS E 490 -107.97 130.70 -9.09
CA LYS E 490 -108.12 132.02 -8.47
C LYS E 490 -109.20 132.09 -7.41
N ARG E 491 -110.07 131.09 -7.31
CA ARG E 491 -111.14 131.12 -6.32
C ARG E 491 -111.60 129.71 -6.05
N LYS E 492 -112.24 129.49 -4.89
CA LYS E 492 -112.73 128.16 -4.60
C LYS E 492 -114.16 128.01 -5.11
N VAL E 493 -114.35 127.25 -6.18
CA VAL E 493 -115.69 127.05 -6.72
C VAL E 493 -116.43 126.12 -5.77
N GLU E 494 -117.75 126.21 -5.76
CA GLU E 494 -118.53 125.35 -4.86
C GLU E 494 -118.90 124.06 -5.57
N ASN E 495 -119.30 124.16 -6.83
CA ASN E 495 -119.62 122.95 -7.58
C ASN E 495 -118.63 122.84 -8.76
N ILE E 496 -118.05 121.65 -8.92
CA ILE E 496 -117.06 121.42 -9.97
C ILE E 496 -117.40 121.98 -11.35
N GLU E 497 -118.68 122.07 -11.70
CA GLU E 497 -119.03 122.59 -13.03
C GLU E 497 -119.03 124.10 -13.13
N ASP E 498 -118.72 124.77 -12.02
CA ASP E 498 -118.69 126.24 -11.99
C ASP E 498 -117.34 126.79 -12.43
N PHE E 499 -116.36 125.92 -12.65
CA PHE E 499 -115.04 126.38 -13.06
C PHE E 499 -115.11 127.15 -14.37
N LYS E 500 -114.41 128.28 -14.42
CA LYS E 500 -114.39 129.11 -15.62
C LYS E 500 -112.94 129.41 -15.95
N TRP E 501 -112.67 129.64 -17.24
CA TRP E 501 -111.31 129.92 -17.70
C TRP E 501 -110.60 130.98 -16.85
N GLU E 502 -111.31 132.05 -16.53
CA GLU E 502 -110.78 133.14 -15.73
C GLU E 502 -110.31 132.70 -14.36
N ASP E 503 -110.83 131.57 -13.89
CA ASP E 503 -110.46 131.04 -12.58
C ASP E 503 -109.06 130.43 -12.58
N ILE E 504 -108.51 130.20 -13.77
CA ILE E 504 -107.21 129.56 -13.91
C ILE E 504 -106.01 130.47 -14.13
N GLU E 505 -104.91 130.16 -13.44
CA GLU E 505 -103.66 130.90 -13.52
C GLU E 505 -102.51 129.99 -13.93
N LEU E 506 -101.90 130.27 -15.07
CA LEU E 506 -100.76 129.49 -15.53
C LEU E 506 -99.53 130.34 -15.26
N ILE E 507 -98.85 130.02 -14.17
CA ILE E 507 -97.67 130.77 -13.73
C ILE E 507 -96.31 130.21 -14.12
N GLY E 508 -95.50 131.05 -14.75
CA GLY E 508 -94.14 130.66 -15.14
C GLY E 508 -93.96 129.65 -16.26
N TYR E 509 -94.84 129.67 -17.25
CA TYR E 509 -94.72 128.75 -18.38
C TYR E 509 -93.84 129.41 -19.43
N TYR E 510 -92.69 128.80 -19.73
CA TYR E 510 -91.78 129.35 -20.72
C TYR E 510 -91.37 128.27 -21.74
N PRO E 511 -92.34 127.75 -22.50
CA PRO E 511 -92.07 126.71 -23.49
C PRO E 511 -91.34 127.16 -24.75
N TYR E 512 -90.86 126.16 -25.50
CA TYR E 512 -90.19 126.42 -26.76
C TYR E 512 -91.34 126.68 -27.74
N PRO E 513 -91.04 127.31 -28.88
CA PRO E 513 -92.11 127.59 -29.86
C PRO E 513 -92.97 126.39 -30.17
N THR E 514 -94.23 126.65 -30.46
CA THR E 514 -95.16 125.57 -30.76
C THR E 514 -94.75 124.85 -32.03
N ILE E 515 -95.10 123.57 -32.13
CA ILE E 515 -94.78 122.78 -33.31
C ILE E 515 -96.09 122.28 -33.90
N LYS E 516 -96.36 122.68 -35.15
CA LYS E 516 -97.59 122.29 -35.82
C LYS E 516 -97.62 120.81 -36.21
N MET E 517 -98.66 120.11 -35.78
CA MET E 517 -98.82 118.68 -36.08
C MET E 517 -100.26 118.36 -36.44
N ASP E 518 -100.46 117.90 -37.68
CA ASP E 518 -101.81 117.62 -38.16
C ASP E 518 -102.42 116.27 -37.77
N MET E 519 -103.71 116.31 -37.46
CA MET E 519 -104.50 115.13 -37.07
C MET E 519 -104.98 114.32 -38.28
N ALA E 520 -105.21 113.03 -38.06
CA ALA E 520 -105.72 112.14 -39.10
C ALA E 520 -107.20 111.92 -38.75
N VAL E 521 -108.11 112.29 -39.68
CA VAL E 521 -109.55 112.18 -39.43
C VAL E 521 -110.07 110.74 -39.21
#